data_2K6Q
#
_entry.id   2K6Q
#
loop_
_entity.id
_entity.type
_entity.pdbx_description
1 polymer 'Microtubule-associated proteins 1A/1B light chain 3B'
2 polymer 'p62_peptide from Sequestosome-1'
#
loop_
_entity_poly.entity_id
_entity_poly.type
_entity_poly.pdbx_seq_one_letter_code
_entity_poly.pdbx_strand_id
1 'polypeptide(L)'
;SMPSEKTFKQRRSFEQRVEDVRLIREQHPTKIPVIIERYKGEKQLPVLDKTKFLVPDHVNMSELIKIIRRRLQLNANQAF
FLLVNGHSMVSVSTPISEVYESERDEDGFLYMVYASQETFG
;
A
2 'polypeptide(L)' MSGGDDDWTHLSSKEVD B
#
# COMPACT_ATOMS: atom_id res chain seq x y z
N SER A 1 15.53 15.33 2.70
CA SER A 1 14.72 14.47 1.88
C SER A 1 14.27 15.20 0.61
N MET A 2 15.06 16.20 0.24
CA MET A 2 14.77 16.98 -0.95
C MET A 2 14.22 16.10 -2.07
N PRO A 3 12.88 16.11 -2.21
CA PRO A 3 12.22 15.31 -3.24
C PRO A 3 12.41 15.96 -4.63
N SER A 4 12.46 15.10 -5.63
CA SER A 4 12.62 15.56 -7.00
C SER A 4 11.43 15.16 -7.85
N GLU A 5 11.19 13.84 -7.90
CA GLU A 5 10.09 13.31 -8.66
C GLU A 5 8.79 13.43 -7.86
N LYS A 6 7.69 13.60 -8.60
CA LYS A 6 6.39 13.72 -7.98
C LYS A 6 6.04 12.41 -7.28
N THR A 7 4.99 12.46 -6.46
CA THR A 7 4.55 11.29 -5.73
C THR A 7 3.20 10.80 -6.29
N PHE A 8 3.00 9.50 -6.17
CA PHE A 8 1.76 8.89 -6.65
C PHE A 8 0.54 9.68 -6.17
N LYS A 9 0.73 10.41 -5.09
CA LYS A 9 -0.34 11.21 -4.53
C LYS A 9 -0.46 12.52 -5.31
N GLN A 10 0.69 13.03 -5.72
CA GLN A 10 0.73 14.27 -6.47
C GLN A 10 0.63 13.98 -7.98
N ARG A 11 1.64 13.29 -8.48
CA ARG A 11 1.68 12.95 -9.90
C ARG A 11 0.28 12.58 -10.39
N ARG A 12 -0.11 11.35 -10.09
CA ARG A 12 -1.42 10.87 -10.50
C ARG A 12 -2.49 11.90 -10.17
N SER A 13 -3.32 12.19 -11.17
CA SER A 13 -4.39 13.16 -10.98
C SER A 13 -5.34 12.69 -9.88
N PHE A 14 -5.40 13.48 -8.82
CA PHE A 14 -6.26 13.17 -7.70
C PHE A 14 -7.58 12.56 -8.16
N GLU A 15 -8.33 13.35 -8.90
CA GLU A 15 -9.62 12.89 -9.42
C GLU A 15 -9.50 11.47 -9.97
N GLN A 16 -8.41 11.24 -10.70
CA GLN A 16 -8.17 9.94 -11.29
C GLN A 16 -7.83 8.92 -10.19
N ARG A 17 -7.14 9.41 -9.17
CA ARG A 17 -6.76 8.55 -8.06
C ARG A 17 -7.96 8.30 -7.14
N VAL A 18 -8.96 9.14 -7.29
CA VAL A 18 -10.16 9.03 -6.48
C VAL A 18 -11.15 8.08 -7.17
N GLU A 19 -11.25 8.23 -8.49
CA GLU A 19 -12.14 7.40 -9.26
C GLU A 19 -11.73 5.92 -9.15
N ASP A 20 -10.44 5.69 -9.35
CA ASP A 20 -9.91 4.34 -9.28
C ASP A 20 -10.45 3.65 -8.03
N VAL A 21 -10.58 4.44 -6.96
CA VAL A 21 -11.09 3.92 -5.70
C VAL A 21 -12.58 3.59 -5.86
N ARG A 22 -13.30 4.51 -6.48
CA ARG A 22 -14.72 4.33 -6.70
C ARG A 22 -15.03 2.87 -7.04
N LEU A 23 -14.26 2.34 -7.98
CA LEU A 23 -14.43 0.96 -8.40
C LEU A 23 -14.36 0.04 -7.18
N ILE A 24 -13.25 0.15 -6.46
CA ILE A 24 -13.05 -0.66 -5.27
C ILE A 24 -14.15 -0.36 -4.26
N ARG A 25 -14.72 0.83 -4.38
CA ARG A 25 -15.79 1.25 -3.49
C ARG A 25 -17.10 0.57 -3.89
N GLU A 26 -17.26 0.38 -5.19
CA GLU A 26 -18.47 -0.24 -5.72
C GLU A 26 -18.22 -1.73 -5.96
N GLN A 27 -16.98 -2.14 -5.75
CA GLN A 27 -16.61 -3.53 -5.94
C GLN A 27 -16.23 -4.16 -4.60
N HIS A 28 -15.24 -3.55 -3.95
CA HIS A 28 -14.76 -4.05 -2.68
C HIS A 28 -15.00 -2.98 -1.59
N PRO A 29 -16.26 -2.93 -1.11
CA PRO A 29 -16.63 -1.97 -0.08
C PRO A 29 -16.08 -2.38 1.28
N THR A 30 -15.99 -3.69 1.47
CA THR A 30 -15.49 -4.23 2.73
C THR A 30 -13.97 -4.42 2.65
N LYS A 31 -13.34 -3.56 1.86
CA LYS A 31 -11.90 -3.62 1.69
C LYS A 31 -11.32 -2.21 1.79
N ILE A 32 -10.12 -2.12 2.34
CA ILE A 32 -9.46 -0.84 2.50
C ILE A 32 -8.43 -0.69 1.38
N PRO A 33 -8.65 0.36 0.54
CA PRO A 33 -7.75 0.64 -0.57
C PRO A 33 -6.45 1.28 -0.07
N VAL A 34 -5.35 0.83 -0.66
CA VAL A 34 -4.04 1.34 -0.29
C VAL A 34 -3.13 1.36 -1.52
N ILE A 35 -2.16 2.25 -1.50
CA ILE A 35 -1.23 2.39 -2.60
C ILE A 35 0.19 2.18 -2.08
N ILE A 36 0.70 0.97 -2.27
CA ILE A 36 2.03 0.63 -1.83
C ILE A 36 3.01 0.78 -3.00
N GLU A 37 4.05 1.56 -2.77
CA GLU A 37 5.05 1.80 -3.80
C GLU A 37 6.45 1.88 -3.17
N ARG A 38 7.45 1.71 -4.01
CA ARG A 38 8.83 1.77 -3.56
C ARG A 38 9.21 3.20 -3.19
N TYR A 39 9.99 3.32 -2.13
CA TYR A 39 10.43 4.63 -1.67
C TYR A 39 11.23 5.35 -2.76
N LYS A 40 10.97 6.65 -2.87
CA LYS A 40 11.65 7.45 -3.87
C LYS A 40 13.16 7.32 -3.68
N GLY A 41 13.75 6.39 -4.43
CA GLY A 41 15.17 6.15 -4.36
C GLY A 41 15.46 4.78 -3.75
N GLU A 42 14.46 3.92 -3.78
CA GLU A 42 14.60 2.58 -3.24
C GLU A 42 15.21 1.65 -4.28
N LYS A 43 16.40 1.16 -3.97
CA LYS A 43 17.11 0.27 -4.87
C LYS A 43 17.23 -1.11 -4.22
N GLN A 44 16.92 -1.15 -2.93
CA GLN A 44 16.99 -2.38 -2.17
C GLN A 44 15.81 -3.30 -2.53
N LEU A 45 14.71 -3.09 -1.84
CA LEU A 45 13.51 -3.88 -2.09
C LEU A 45 13.13 -3.78 -3.56
N PRO A 46 12.61 -4.92 -4.09
CA PRO A 46 12.21 -4.98 -5.49
C PRO A 46 10.90 -4.23 -5.71
N VAL A 47 10.56 -4.05 -6.98
CA VAL A 47 9.33 -3.36 -7.34
C VAL A 47 8.14 -4.28 -7.07
N LEU A 48 7.31 -3.86 -6.13
CA LEU A 48 6.14 -4.63 -5.76
C LEU A 48 5.49 -5.19 -7.02
N ASP A 49 4.86 -6.35 -6.86
CA ASP A 49 4.20 -6.99 -7.98
C ASP A 49 3.04 -6.12 -8.48
N LYS A 50 2.32 -5.55 -7.53
CA LYS A 50 1.20 -4.69 -7.84
C LYS A 50 1.29 -3.40 -7.02
N THR A 51 0.50 -2.41 -7.42
CA THR A 51 0.49 -1.14 -6.73
C THR A 51 -0.76 -1.04 -5.85
N LYS A 52 -1.83 -1.63 -6.32
CA LYS A 52 -3.09 -1.60 -5.60
C LYS A 52 -3.23 -2.89 -4.78
N PHE A 53 -3.70 -2.74 -3.55
CA PHE A 53 -3.87 -3.87 -2.67
C PHE A 53 -5.17 -3.74 -1.88
N LEU A 54 -5.94 -4.82 -1.89
CA LEU A 54 -7.21 -4.85 -1.19
C LEU A 54 -7.01 -5.48 0.20
N VAL A 55 -6.99 -4.63 1.21
CA VAL A 55 -6.81 -5.08 2.57
C VAL A 55 -8.18 -5.36 3.21
N PRO A 56 -8.22 -6.44 4.02
CA PRO A 56 -9.46 -6.82 4.69
C PRO A 56 -9.75 -5.88 5.86
N ASP A 57 -11.01 -5.46 5.95
CA ASP A 57 -11.43 -4.57 7.01
C ASP A 57 -11.83 -5.40 8.24
N HIS A 58 -10.98 -6.37 8.56
CA HIS A 58 -11.24 -7.23 9.70
C HIS A 58 -9.91 -7.72 10.28
N VAL A 59 -8.86 -6.97 9.98
CA VAL A 59 -7.53 -7.31 10.46
C VAL A 59 -6.83 -6.04 10.95
N ASN A 60 -5.53 -6.17 11.17
CA ASN A 60 -4.73 -5.05 11.63
C ASN A 60 -3.69 -4.68 10.57
N MET A 61 -3.34 -3.41 10.54
CA MET A 61 -2.37 -2.92 9.58
C MET A 61 -1.17 -3.87 9.48
N SER A 62 -0.91 -4.56 10.58
CA SER A 62 0.20 -5.49 10.63
C SER A 62 0.07 -6.52 9.50
N GLU A 63 -1.12 -7.12 9.42
CA GLU A 63 -1.38 -8.11 8.40
C GLU A 63 -0.82 -7.65 7.05
N LEU A 64 -1.29 -6.49 6.62
CA LEU A 64 -0.85 -5.92 5.35
C LEU A 64 0.65 -6.16 5.19
N ILE A 65 1.36 -6.03 6.31
CA ILE A 65 2.80 -6.22 6.29
C ILE A 65 3.11 -7.67 5.90
N LYS A 66 2.68 -8.59 6.75
CA LYS A 66 2.90 -10.00 6.51
C LYS A 66 2.43 -10.35 5.10
N ILE A 67 1.52 -9.53 4.59
CA ILE A 67 0.98 -9.74 3.26
C ILE A 67 2.00 -9.25 2.22
N ILE A 68 2.52 -8.06 2.46
CA ILE A 68 3.50 -7.48 1.55
C ILE A 68 4.67 -8.44 1.39
N ARG A 69 5.26 -8.81 2.51
CA ARG A 69 6.38 -9.72 2.50
C ARG A 69 6.16 -10.84 1.48
N ARG A 70 4.98 -11.44 1.56
CA ARG A 70 4.64 -12.52 0.66
C ARG A 70 4.82 -12.07 -0.80
N ARG A 71 4.39 -10.85 -1.08
CA ARG A 71 4.49 -10.29 -2.41
C ARG A 71 5.97 -10.13 -2.80
N LEU A 72 6.70 -9.45 -1.93
CA LEU A 72 8.11 -9.21 -2.16
C LEU A 72 8.87 -10.53 -2.08
N GLN A 73 8.20 -11.53 -1.51
CA GLN A 73 8.79 -12.84 -1.36
C GLN A 73 10.28 -12.72 -1.03
N LEU A 74 10.55 -12.01 0.05
CA LEU A 74 11.92 -11.82 0.50
C LEU A 74 12.32 -12.95 1.43
N ASN A 75 13.62 -13.02 1.72
CA ASN A 75 14.13 -14.04 2.61
C ASN A 75 14.10 -13.53 4.06
N ALA A 76 14.41 -14.43 4.97
CA ALA A 76 14.43 -14.09 6.38
C ALA A 76 15.62 -13.19 6.68
N ASN A 77 16.48 -13.05 5.68
CA ASN A 77 17.66 -12.22 5.81
C ASN A 77 17.35 -10.80 5.34
N GLN A 78 16.51 -10.73 4.32
CA GLN A 78 16.12 -9.45 3.76
C GLN A 78 15.31 -8.64 4.79
N ALA A 79 15.48 -7.33 4.72
CA ALA A 79 14.77 -6.44 5.63
C ALA A 79 13.75 -5.63 4.86
N PHE A 80 12.51 -5.68 5.32
CA PHE A 80 11.43 -4.96 4.68
C PHE A 80 10.57 -4.22 5.72
N PHE A 81 10.25 -2.98 5.40
CA PHE A 81 9.45 -2.16 6.28
C PHE A 81 8.50 -1.25 5.48
N LEU A 82 7.21 -1.49 5.69
CA LEU A 82 6.20 -0.71 5.00
C LEU A 82 5.92 0.57 5.79
N LEU A 83 6.23 1.70 5.15
CA LEU A 83 6.01 2.99 5.78
C LEU A 83 4.61 3.50 5.42
N VAL A 84 3.82 3.72 6.45
CA VAL A 84 2.47 4.21 6.26
C VAL A 84 2.49 5.74 6.20
N ASN A 85 2.19 6.26 5.02
CA ASN A 85 2.17 7.69 4.81
C ASN A 85 3.60 8.24 4.89
N GLY A 86 4.54 7.31 4.88
CA GLY A 86 5.95 7.68 4.95
C GLY A 86 6.51 7.46 6.36
N HIS A 87 5.67 6.89 7.21
CA HIS A 87 6.06 6.62 8.58
C HIS A 87 5.83 5.14 8.91
N SER A 88 6.85 4.53 9.46
CA SER A 88 6.78 3.12 9.82
C SER A 88 5.62 2.89 10.79
N MET A 89 5.36 1.63 11.06
CA MET A 89 4.28 1.26 11.97
C MET A 89 4.83 0.52 13.19
N VAL A 90 5.95 1.02 13.70
CA VAL A 90 6.58 0.42 14.86
C VAL A 90 5.50 0.00 15.86
N SER A 91 4.40 0.74 15.84
CA SER A 91 3.29 0.45 16.74
C SER A 91 2.02 0.17 15.94
N VAL A 92 1.69 -1.11 15.84
CA VAL A 92 0.51 -1.52 15.09
C VAL A 92 -0.58 -1.96 16.08
N SER A 93 -1.39 -1.00 16.49
CA SER A 93 -2.47 -1.27 17.43
C SER A 93 -3.79 -0.76 16.87
N THR A 94 -3.78 -0.50 15.57
CA THR A 94 -4.97 0.00 14.89
C THR A 94 -5.30 -0.87 13.68
N PRO A 95 -6.62 -1.00 13.40
CA PRO A 95 -7.07 -1.79 12.27
C PRO A 95 -6.85 -1.05 10.95
N ILE A 96 -6.49 -1.81 9.93
CA ILE A 96 -6.25 -1.24 8.62
C ILE A 96 -7.44 -0.38 8.21
N SER A 97 -8.58 -0.67 8.83
CA SER A 97 -9.80 0.06 8.54
C SER A 97 -9.71 1.48 9.09
N GLU A 98 -9.15 1.58 10.29
CA GLU A 98 -9.00 2.88 10.93
C GLU A 98 -7.75 3.59 10.40
N VAL A 99 -6.63 2.87 10.45
CA VAL A 99 -5.37 3.42 9.98
C VAL A 99 -5.59 4.10 8.63
N TYR A 100 -6.55 3.58 7.89
CA TYR A 100 -6.86 4.13 6.58
C TYR A 100 -7.63 5.44 6.71
N GLU A 101 -8.75 5.37 7.41
CA GLU A 101 -9.59 6.55 7.61
C GLU A 101 -8.90 7.52 8.58
N SER A 102 -7.77 7.08 9.11
CA SER A 102 -7.02 7.90 10.05
C SER A 102 -5.80 8.49 9.35
N GLU A 103 -5.62 8.10 8.10
CA GLU A 103 -4.49 8.58 7.31
C GLU A 103 -4.96 9.01 5.93
N ARG A 104 -5.53 8.05 5.21
CA ARG A 104 -6.02 8.31 3.87
C ARG A 104 -6.65 9.70 3.79
N ASP A 105 -6.70 10.23 2.58
CA ASP A 105 -7.27 11.55 2.35
C ASP A 105 -8.64 11.40 1.70
N GLU A 106 -9.29 12.54 1.49
CA GLU A 106 -10.60 12.54 0.86
C GLU A 106 -10.61 11.64 -0.37
N ASP A 107 -9.47 11.59 -1.04
CA ASP A 107 -9.33 10.77 -2.23
C ASP A 107 -9.93 9.39 -1.96
N GLY A 108 -9.58 8.84 -0.80
CA GLY A 108 -10.08 7.53 -0.42
C GLY A 108 -9.07 6.44 -0.78
N PHE A 109 -7.81 6.83 -0.82
CA PHE A 109 -6.75 5.90 -1.14
C PHE A 109 -5.53 6.11 -0.23
N LEU A 110 -5.09 5.00 0.37
CA LEU A 110 -3.94 5.05 1.27
C LEU A 110 -2.66 5.09 0.44
N TYR A 111 -1.63 5.68 1.04
CA TYR A 111 -0.34 5.79 0.37
C TYR A 111 0.80 5.42 1.32
N MET A 112 1.38 4.26 1.07
CA MET A 112 2.47 3.77 1.89
C MET A 112 3.70 3.45 1.03
N VAL A 113 4.86 3.74 1.58
CA VAL A 113 6.11 3.50 0.88
C VAL A 113 6.92 2.45 1.64
N TYR A 114 7.24 1.37 0.94
CA TYR A 114 8.01 0.29 1.54
C TYR A 114 9.47 0.33 1.09
N ALA A 115 10.34 -0.18 1.94
CA ALA A 115 11.76 -0.21 1.64
C ALA A 115 12.49 -1.04 2.70
N SER A 116 13.79 -1.19 2.50
CA SER A 116 14.61 -1.95 3.43
C SER A 116 15.18 -1.02 4.51
N GLN A 117 14.43 0.02 4.80
CA GLN A 117 14.86 0.98 5.80
C GLN A 117 13.64 1.61 6.48
N GLU A 118 13.57 1.43 7.80
CA GLU A 118 12.47 1.97 8.56
C GLU A 118 12.93 3.19 9.38
N THR A 119 14.23 3.42 9.33
CA THR A 119 14.81 4.55 10.05
C THR A 119 15.76 5.33 9.14
N PHE A 120 15.24 5.72 7.99
CA PHE A 120 16.02 6.47 7.03
C PHE A 120 15.87 7.98 7.26
N GLY A 121 14.72 8.34 7.81
CA GLY A 121 14.44 9.74 8.08
C GLY A 121 15.70 10.48 8.55
N MET B 1 -5.53 -10.51 -16.42
CA MET B 1 -5.84 -9.40 -17.30
C MET B 1 -5.59 -8.06 -16.59
N SER B 2 -4.84 -7.22 -17.27
CA SER B 2 -4.52 -5.90 -16.72
C SER B 2 -4.96 -4.81 -17.70
N GLY B 3 -6.09 -5.05 -18.34
CA GLY B 3 -6.62 -4.10 -19.31
C GLY B 3 -7.59 -3.13 -18.64
N GLY B 4 -7.53 -3.08 -17.32
CA GLY B 4 -8.39 -2.21 -16.55
C GLY B 4 -8.29 -2.51 -15.05
N ASP B 5 -8.80 -1.57 -14.25
CA ASP B 5 -8.78 -1.73 -12.80
C ASP B 5 -10.08 -2.41 -12.36
N ASP B 6 -10.26 -3.63 -12.82
CA ASP B 6 -11.45 -4.39 -12.46
C ASP B 6 -11.37 -4.81 -10.99
N ASP B 7 -10.21 -5.32 -10.62
CA ASP B 7 -9.99 -5.76 -9.25
C ASP B 7 -8.49 -5.69 -8.93
N TRP B 8 -8.19 -4.99 -7.84
CA TRP B 8 -6.82 -4.84 -7.41
C TRP B 8 -6.31 -6.18 -6.92
N THR B 9 -5.36 -6.14 -6.00
CA THR B 9 -4.79 -7.34 -5.43
C THR B 9 -5.56 -7.76 -4.18
N HIS B 10 -5.46 -9.04 -3.86
CA HIS B 10 -6.14 -9.58 -2.69
C HIS B 10 -5.12 -9.81 -1.57
N LEU B 11 -5.37 -9.16 -0.44
CA LEU B 11 -4.50 -9.27 0.71
C LEU B 11 -5.05 -10.34 1.65
N SER B 12 -4.73 -11.58 1.36
CA SER B 12 -5.19 -12.69 2.18
C SER B 12 -4.13 -13.04 3.24
N SER B 13 -4.60 -13.14 4.47
CA SER B 13 -3.70 -13.46 5.58
C SER B 13 -3.61 -14.98 5.74
N LYS B 14 -4.14 -15.69 4.77
CA LYS B 14 -4.12 -17.14 4.79
C LYS B 14 -2.95 -17.64 3.94
N GLU B 15 -2.53 -16.79 3.02
CA GLU B 15 -1.42 -17.14 2.15
C GLU B 15 -0.10 -16.69 2.76
N VAL B 16 -0.20 -16.08 3.93
CA VAL B 16 0.98 -15.61 4.63
C VAL B 16 1.68 -16.79 5.30
N ASP B 17 2.90 -16.53 5.76
CA ASP B 17 3.68 -17.56 6.42
C ASP B 17 2.99 -17.97 7.71
N SER A 1 13.91 13.38 -18.16
CA SER A 1 14.93 14.40 -17.93
C SER A 1 14.72 15.04 -16.56
N MET A 2 14.79 14.21 -15.53
CA MET A 2 14.61 14.68 -14.17
C MET A 2 15.35 13.79 -13.17
N PRO A 3 15.88 14.44 -12.11
CA PRO A 3 16.62 13.71 -11.08
C PRO A 3 15.66 12.94 -10.17
N SER A 4 14.49 13.53 -9.96
CA SER A 4 13.48 12.90 -9.11
C SER A 4 12.17 12.75 -9.89
N GLU A 5 11.52 11.62 -9.66
CA GLU A 5 10.26 11.34 -10.33
C GLU A 5 9.09 11.55 -9.36
N LYS A 6 8.09 12.26 -9.85
CA LYS A 6 6.91 12.55 -9.05
C LYS A 6 6.36 11.24 -8.49
N THR A 7 5.31 11.37 -7.68
CA THR A 7 4.68 10.21 -7.07
C THR A 7 3.23 10.09 -7.54
N PHE A 8 2.75 8.86 -7.55
CA PHE A 8 1.38 8.59 -7.96
C PHE A 8 0.41 9.56 -7.29
N LYS A 9 0.84 10.10 -6.15
CA LYS A 9 0.02 11.04 -5.42
C LYS A 9 0.12 12.42 -6.07
N GLN A 10 1.32 12.75 -6.51
CA GLN A 10 1.56 14.03 -7.15
C GLN A 10 1.41 13.90 -8.67
N ARG A 11 2.33 13.15 -9.25
CA ARG A 11 2.31 12.93 -10.69
C ARG A 11 0.87 12.74 -11.18
N ARG A 12 0.35 11.55 -10.92
CA ARG A 12 -1.00 11.23 -11.32
C ARG A 12 -2.00 12.21 -10.71
N SER A 13 -2.96 12.60 -11.52
CA SER A 13 -3.98 13.54 -11.07
C SER A 13 -4.82 12.91 -9.95
N PHE A 14 -4.92 13.63 -8.85
CA PHE A 14 -5.68 13.15 -7.71
C PHE A 14 -7.06 12.65 -8.15
N GLU A 15 -7.82 13.55 -8.77
CA GLU A 15 -9.14 13.21 -9.23
C GLU A 15 -9.10 11.96 -10.10
N GLN A 16 -7.90 11.66 -10.59
CA GLN A 16 -7.71 10.49 -11.43
C GLN A 16 -7.72 9.22 -10.57
N ARG A 17 -7.05 9.31 -9.43
CA ARG A 17 -6.97 8.19 -8.52
C ARG A 17 -8.27 8.06 -7.71
N VAL A 18 -8.68 9.17 -7.14
CA VAL A 18 -9.90 9.21 -6.34
C VAL A 18 -10.99 8.42 -7.06
N GLU A 19 -11.05 8.62 -8.37
CA GLU A 19 -12.05 7.94 -9.18
C GLU A 19 -11.82 6.42 -9.16
N ASP A 20 -10.56 6.04 -9.29
CA ASP A 20 -10.19 4.64 -9.28
C ASP A 20 -10.73 3.99 -8.01
N VAL A 21 -10.76 4.77 -6.94
CA VAL A 21 -11.26 4.29 -5.66
C VAL A 21 -12.77 4.06 -5.76
N ARG A 22 -13.45 5.04 -6.35
CA ARG A 22 -14.88 4.95 -6.51
C ARG A 22 -15.30 3.52 -6.85
N LEU A 23 -14.52 2.90 -7.71
CA LEU A 23 -14.79 1.53 -8.12
C LEU A 23 -14.57 0.59 -6.93
N ILE A 24 -13.33 0.57 -6.47
CA ILE A 24 -12.97 -0.28 -5.34
C ILE A 24 -14.01 -0.11 -4.24
N ARG A 25 -14.66 1.04 -4.24
CA ARG A 25 -15.68 1.33 -3.24
C ARG A 25 -17.00 0.65 -3.62
N GLU A 26 -17.29 0.65 -4.91
CA GLU A 26 -18.51 0.04 -5.40
C GLU A 26 -18.26 -1.42 -5.75
N GLN A 27 -17.00 -1.83 -5.61
CA GLN A 27 -16.63 -3.21 -5.90
C GLN A 27 -16.23 -3.92 -4.61
N HIS A 28 -15.26 -3.35 -3.92
CA HIS A 28 -14.79 -3.92 -2.67
C HIS A 28 -15.02 -2.94 -1.52
N PRO A 29 -16.29 -2.92 -1.04
CA PRO A 29 -16.67 -2.03 0.05
C PRO A 29 -16.12 -2.55 1.38
N THR A 30 -16.03 -3.87 1.47
CA THR A 30 -15.52 -4.50 2.69
C THR A 30 -14.01 -4.67 2.62
N LYS A 31 -13.38 -3.77 1.88
CA LYS A 31 -11.94 -3.81 1.71
C LYS A 31 -11.37 -2.40 1.84
N ILE A 32 -10.16 -2.32 2.38
CA ILE A 32 -9.51 -1.05 2.58
C ILE A 32 -8.49 -0.83 1.44
N PRO A 33 -8.75 0.24 0.64
CA PRO A 33 -7.87 0.57 -0.47
C PRO A 33 -6.58 1.21 0.02
N VAL A 34 -5.47 0.79 -0.59
CA VAL A 34 -4.17 1.31 -0.22
C VAL A 34 -3.28 1.38 -1.47
N ILE A 35 -2.28 2.25 -1.39
CA ILE A 35 -1.36 2.42 -2.51
C ILE A 35 0.08 2.30 -2.00
N ILE A 36 0.61 1.10 -2.11
CA ILE A 36 1.97 0.84 -1.67
C ILE A 36 2.94 1.00 -2.85
N GLU A 37 3.87 1.94 -2.67
CA GLU A 37 4.85 2.20 -3.71
C GLU A 37 6.26 2.16 -3.13
N ARG A 38 7.24 2.12 -4.03
CA ARG A 38 8.64 2.07 -3.62
C ARG A 38 9.10 3.47 -3.17
N TYR A 39 9.87 3.48 -2.10
CA TYR A 39 10.39 4.73 -1.56
C TYR A 39 11.22 5.47 -2.61
N LYS A 40 11.03 6.78 -2.64
CA LYS A 40 11.74 7.62 -3.59
C LYS A 40 13.25 7.43 -3.40
N GLY A 41 13.81 6.55 -4.21
CA GLY A 41 15.24 6.26 -4.13
C GLY A 41 15.48 4.84 -3.63
N GLU A 42 14.44 4.03 -3.71
CA GLU A 42 14.54 2.65 -3.26
C GLU A 42 14.59 1.70 -4.46
N LYS A 43 15.77 1.15 -4.69
CA LYS A 43 15.97 0.24 -5.80
C LYS A 43 16.23 -1.17 -5.25
N GLN A 44 16.84 -1.22 -4.09
CA GLN A 44 17.16 -2.48 -3.44
C GLN A 44 16.01 -3.47 -3.64
N LEU A 45 14.97 -3.29 -2.83
CA LEU A 45 13.80 -4.15 -2.90
C LEU A 45 13.20 -4.08 -4.31
N PRO A 46 12.55 -5.20 -4.70
CA PRO A 46 11.93 -5.27 -6.02
C PRO A 46 10.63 -4.45 -6.06
N VAL A 47 10.17 -4.20 -7.28
CA VAL A 47 8.95 -3.44 -7.47
C VAL A 47 7.75 -4.31 -7.09
N LEU A 48 7.06 -3.88 -6.03
CA LEU A 48 5.89 -4.60 -5.56
C LEU A 48 5.08 -5.08 -6.76
N ASP A 49 4.53 -6.29 -6.62
CA ASP A 49 3.73 -6.87 -7.69
C ASP A 49 2.84 -5.79 -8.30
N LYS A 50 2.33 -4.92 -7.43
CA LYS A 50 1.46 -3.85 -7.87
C LYS A 50 1.44 -2.75 -6.81
N THR A 51 0.54 -1.80 -7.01
CA THR A 51 0.40 -0.69 -6.08
C THR A 51 -0.96 -0.74 -5.39
N LYS A 52 -1.93 -1.30 -6.10
CA LYS A 52 -3.27 -1.41 -5.57
C LYS A 52 -3.41 -2.74 -4.82
N PHE A 53 -3.93 -2.65 -3.61
CA PHE A 53 -4.13 -3.84 -2.78
C PHE A 53 -5.45 -3.77 -2.02
N LEU A 54 -6.15 -4.89 -2.00
CA LEU A 54 -7.42 -4.97 -1.31
C LEU A 54 -7.25 -5.74 0.00
N VAL A 55 -7.20 -4.98 1.09
CA VAL A 55 -7.04 -5.59 2.40
C VAL A 55 -8.41 -5.78 3.05
N PRO A 56 -8.54 -6.90 3.80
CA PRO A 56 -9.80 -7.20 4.48
C PRO A 56 -9.99 -6.31 5.71
N ASP A 57 -11.17 -5.72 5.79
CA ASP A 57 -11.48 -4.85 6.90
C ASP A 57 -11.92 -5.70 8.10
N HIS A 58 -11.07 -6.66 8.44
CA HIS A 58 -11.35 -7.54 9.55
C HIS A 58 -10.03 -8.03 10.16
N VAL A 59 -8.98 -7.28 9.90
CA VAL A 59 -7.66 -7.63 10.41
C VAL A 59 -6.96 -6.36 10.90
N ASN A 60 -5.67 -6.50 11.14
CA ASN A 60 -4.87 -5.38 11.61
C ASN A 60 -3.90 -4.95 10.51
N MET A 61 -3.38 -3.74 10.65
CA MET A 61 -2.44 -3.20 9.68
C MET A 61 -1.20 -4.09 9.56
N SER A 62 -0.94 -4.83 10.63
CA SER A 62 0.20 -5.72 10.66
C SER A 62 0.10 -6.75 9.52
N GLU A 63 -1.07 -7.38 9.45
CA GLU A 63 -1.31 -8.38 8.43
C GLU A 63 -0.76 -7.90 7.08
N LEU A 64 -1.17 -6.70 6.70
CA LEU A 64 -0.73 -6.12 5.45
C LEU A 64 0.79 -6.28 5.32
N ILE A 65 1.47 -6.08 6.43
CA ILE A 65 2.92 -6.20 6.47
C ILE A 65 3.31 -7.62 6.04
N LYS A 66 2.53 -8.58 6.50
CA LYS A 66 2.79 -9.97 6.18
C LYS A 66 2.42 -10.23 4.71
N ILE A 67 1.34 -9.60 4.30
CA ILE A 67 0.86 -9.75 2.93
C ILE A 67 1.88 -9.14 1.97
N ILE A 68 2.57 -8.11 2.46
CA ILE A 68 3.57 -7.43 1.66
C ILE A 68 4.84 -8.28 1.61
N ARG A 69 5.50 -8.37 2.76
CA ARG A 69 6.72 -9.14 2.86
C ARG A 69 6.56 -10.49 2.16
N ARG A 70 5.39 -11.08 2.33
CA ARG A 70 5.09 -12.36 1.71
C ARG A 70 5.17 -12.26 0.19
N ARG A 71 4.71 -11.12 -0.31
CA ARG A 71 4.72 -10.88 -1.74
C ARG A 71 6.16 -10.72 -2.24
N LEU A 72 6.90 -9.87 -1.54
CA LEU A 72 8.28 -9.62 -1.90
C LEU A 72 9.08 -10.92 -1.81
N GLN A 73 8.50 -11.88 -1.09
CA GLN A 73 9.14 -13.17 -0.92
C GLN A 73 10.65 -13.00 -0.72
N LEU A 74 10.99 -12.10 0.20
CA LEU A 74 12.39 -11.83 0.48
C LEU A 74 12.95 -12.93 1.40
N ASN A 75 14.20 -12.78 1.76
CA ASN A 75 14.86 -13.75 2.63
C ASN A 75 14.83 -13.24 4.06
N ALA A 76 15.30 -14.08 4.97
CA ALA A 76 15.34 -13.73 6.38
C ALA A 76 16.40 -12.66 6.60
N ASN A 77 17.37 -12.62 5.70
CA ASN A 77 18.45 -11.65 5.79
C ASN A 77 17.94 -10.29 5.31
N GLN A 78 17.11 -10.33 4.28
CA GLN A 78 16.54 -9.12 3.72
C GLN A 78 15.64 -8.42 4.74
N ALA A 79 15.68 -7.10 4.73
CA ALA A 79 14.86 -6.32 5.64
C ALA A 79 13.80 -5.56 4.85
N PHE A 80 12.60 -5.52 5.42
CA PHE A 80 11.50 -4.83 4.78
C PHE A 80 10.63 -4.11 5.81
N PHE A 81 10.24 -2.89 5.47
CA PHE A 81 9.41 -2.08 6.35
C PHE A 81 8.40 -1.26 5.56
N LEU A 82 7.17 -1.26 6.04
CA LEU A 82 6.11 -0.52 5.38
C LEU A 82 5.89 0.80 6.12
N LEU A 83 6.19 1.89 5.42
CA LEU A 83 6.04 3.22 5.99
C LEU A 83 4.65 3.76 5.64
N VAL A 84 3.81 3.84 6.66
CA VAL A 84 2.45 4.34 6.47
C VAL A 84 2.48 5.87 6.44
N ASN A 85 2.19 6.41 5.27
CA ASN A 85 2.18 7.85 5.09
C ASN A 85 3.60 8.39 5.18
N GLY A 86 4.55 7.45 5.21
CA GLY A 86 5.95 7.82 5.31
C GLY A 86 6.49 7.62 6.73
N HIS A 87 5.68 6.96 7.54
CA HIS A 87 6.05 6.70 8.91
C HIS A 87 5.79 5.23 9.25
N SER A 88 6.69 4.67 10.06
CA SER A 88 6.58 3.28 10.46
C SER A 88 5.24 3.05 11.16
N MET A 89 4.91 1.78 11.32
CA MET A 89 3.67 1.40 11.98
C MET A 89 3.94 0.69 13.30
N VAL A 90 5.19 0.76 13.73
CA VAL A 90 5.58 0.12 14.97
C VAL A 90 4.49 0.33 16.02
N SER A 91 4.18 -0.74 16.73
CA SER A 91 3.15 -0.69 17.75
C SER A 91 1.78 -0.94 17.13
N VAL A 92 1.79 -1.57 15.96
CA VAL A 92 0.55 -1.86 15.26
C VAL A 92 -0.51 -2.29 16.28
N SER A 93 -1.37 -1.33 16.61
CA SER A 93 -2.43 -1.59 17.56
C SER A 93 -3.77 -1.06 17.01
N THR A 94 -3.77 -0.78 15.71
CA THR A 94 -4.96 -0.28 15.05
C THR A 94 -5.25 -1.09 13.79
N PRO A 95 -6.58 -1.29 13.55
CA PRO A 95 -7.02 -2.04 12.37
C PRO A 95 -6.87 -1.21 11.10
N ILE A 96 -6.51 -1.90 10.03
CA ILE A 96 -6.32 -1.25 8.75
C ILE A 96 -7.59 -0.46 8.39
N SER A 97 -8.70 -0.86 9.03
CA SER A 97 -9.97 -0.21 8.78
C SER A 97 -9.92 1.23 9.31
N GLU A 98 -9.26 1.39 10.45
CA GLU A 98 -9.14 2.70 11.06
C GLU A 98 -7.90 3.42 10.53
N VAL A 99 -6.77 2.72 10.61
CA VAL A 99 -5.51 3.29 10.14
C VAL A 99 -5.74 4.01 8.82
N TYR A 100 -6.62 3.43 8.01
CA TYR A 100 -6.94 4.01 6.72
C TYR A 100 -7.90 5.18 6.86
N GLU A 101 -8.83 5.04 7.80
CA GLU A 101 -9.82 6.07 8.05
C GLU A 101 -9.22 7.19 8.90
N SER A 102 -7.97 6.97 9.31
CA SER A 102 -7.28 7.94 10.12
C SER A 102 -6.06 8.49 9.36
N GLU A 103 -5.95 8.07 8.12
CA GLU A 103 -4.84 8.50 7.28
C GLU A 103 -5.35 8.89 5.89
N ARG A 104 -6.11 7.99 5.29
CA ARG A 104 -6.67 8.22 3.97
C ARG A 104 -7.03 9.70 3.81
N ASP A 105 -7.01 10.15 2.56
CA ASP A 105 -7.34 11.52 2.26
C ASP A 105 -8.68 11.58 1.51
N GLU A 106 -9.09 12.79 1.18
CA GLU A 106 -10.34 12.99 0.47
C GLU A 106 -10.55 11.87 -0.57
N ASP A 107 -9.55 11.71 -1.41
CA ASP A 107 -9.60 10.68 -2.45
C ASP A 107 -10.14 9.38 -1.84
N GLY A 108 -9.54 9.00 -0.73
CA GLY A 108 -9.93 7.79 -0.04
C GLY A 108 -8.96 6.65 -0.33
N PHE A 109 -7.73 7.04 -0.69
CA PHE A 109 -6.70 6.05 -0.99
C PHE A 109 -5.52 6.20 -0.02
N LEU A 110 -5.10 5.06 0.52
CA LEU A 110 -3.99 5.04 1.46
C LEU A 110 -2.67 5.13 0.67
N TYR A 111 -1.74 5.88 1.24
CA TYR A 111 -0.44 6.06 0.62
C TYR A 111 0.69 5.69 1.58
N MET A 112 1.32 4.56 1.31
CA MET A 112 2.41 4.08 2.14
C MET A 112 3.61 3.69 1.28
N VAL A 113 4.79 4.08 1.75
CA VAL A 113 6.02 3.77 1.04
C VAL A 113 6.74 2.63 1.76
N TYR A 114 7.20 1.66 0.98
CA TYR A 114 7.91 0.53 1.53
C TYR A 114 9.38 0.54 1.10
N ALA A 115 10.23 0.10 2.01
CA ALA A 115 11.66 0.04 1.74
C ALA A 115 12.31 -0.99 2.66
N SER A 116 13.61 -1.15 2.49
CA SER A 116 14.37 -2.10 3.29
C SER A 116 14.87 -1.42 4.57
N GLN A 117 14.25 -0.30 4.89
CA GLN A 117 14.62 0.46 6.07
C GLN A 117 13.41 1.20 6.63
N GLU A 118 13.42 1.40 7.94
CA GLU A 118 12.33 2.09 8.61
C GLU A 118 12.87 3.28 9.40
N THR A 119 14.19 3.43 9.36
CA THR A 119 14.83 4.52 10.06
C THR A 119 15.87 5.20 9.16
N PHE A 120 15.40 5.63 7.99
CA PHE A 120 16.27 6.29 7.04
C PHE A 120 16.21 7.81 7.19
N GLY A 121 15.11 8.26 7.78
CA GLY A 121 14.91 9.69 7.99
C GLY A 121 16.22 10.36 8.41
N MET B 1 0.59 -5.29 -14.35
CA MET B 1 -0.14 -5.03 -15.57
C MET B 1 -0.71 -3.61 -15.58
N SER B 2 -1.34 -3.26 -16.69
CA SER B 2 -1.94 -1.94 -16.83
C SER B 2 -2.94 -1.94 -17.98
N GLY B 3 -3.65 -0.84 -18.10
CA GLY B 3 -4.65 -0.69 -19.16
C GLY B 3 -6.06 -0.77 -18.59
N GLY B 4 -6.17 -1.47 -17.46
CA GLY B 4 -7.46 -1.63 -16.81
C GLY B 4 -7.30 -1.65 -15.29
N ASP B 5 -8.09 -0.82 -14.63
CA ASP B 5 -8.05 -0.73 -13.18
C ASP B 5 -9.46 -0.93 -12.62
N ASP B 6 -9.94 -2.16 -12.75
CA ASP B 6 -11.27 -2.50 -12.27
C ASP B 6 -11.15 -3.13 -10.87
N ASP B 7 -10.40 -4.22 -10.80
CA ASP B 7 -10.20 -4.92 -9.55
C ASP B 7 -8.71 -5.00 -9.24
N TRP B 8 -8.35 -4.52 -8.06
CA TRP B 8 -6.96 -4.53 -7.63
C TRP B 8 -6.62 -5.95 -7.17
N THR B 9 -5.63 -6.03 -6.28
CA THR B 9 -5.20 -7.32 -5.77
C THR B 9 -5.92 -7.63 -4.45
N HIS B 10 -5.92 -8.91 -4.10
CA HIS B 10 -6.57 -9.35 -2.88
C HIS B 10 -5.52 -9.84 -1.89
N LEU B 11 -5.63 -9.35 -0.67
CA LEU B 11 -4.70 -9.72 0.39
C LEU B 11 -5.31 -10.83 1.24
N SER B 12 -4.70 -12.00 1.16
CA SER B 12 -5.17 -13.15 1.91
C SER B 12 -4.25 -13.41 3.10
N SER B 13 -4.86 -13.57 4.27
CA SER B 13 -4.11 -13.82 5.48
C SER B 13 -3.81 -15.32 5.60
N LYS B 14 -4.20 -16.05 4.58
CA LYS B 14 -3.98 -17.49 4.56
C LYS B 14 -2.67 -17.80 3.80
N GLU B 15 -2.36 -16.91 2.86
CA GLU B 15 -1.15 -17.08 2.07
C GLU B 15 0.06 -16.54 2.83
N VAL B 16 -0.21 -16.04 4.02
CA VAL B 16 0.85 -15.49 4.87
C VAL B 16 1.64 -16.64 5.48
N ASP B 17 2.59 -16.27 6.32
CA ASP B 17 3.43 -17.26 6.98
C ASP B 17 2.55 -18.31 7.65
N SER A 1 18.11 10.68 -18.97
CA SER A 1 16.85 10.26 -19.58
C SER A 1 15.68 10.60 -18.66
N MET A 2 15.98 10.67 -17.38
CA MET A 2 14.97 10.99 -16.38
C MET A 2 15.40 12.17 -15.51
N PRO A 3 14.95 13.39 -15.90
CA PRO A 3 15.28 14.59 -15.16
C PRO A 3 14.48 14.67 -13.86
N SER A 4 13.18 14.42 -13.98
CA SER A 4 12.30 14.47 -12.83
C SER A 4 10.91 13.95 -13.21
N GLU A 5 10.38 13.09 -12.35
CA GLU A 5 9.06 12.52 -12.58
C GLU A 5 8.17 12.72 -11.37
N LYS A 6 6.97 13.21 -11.63
CA LYS A 6 6.00 13.45 -10.57
C LYS A 6 5.83 12.18 -9.74
N THR A 7 5.02 12.31 -8.70
CA THR A 7 4.76 11.17 -7.81
C THR A 7 3.30 10.73 -7.92
N PHE A 8 3.06 9.48 -7.59
CA PHE A 8 1.72 8.93 -7.64
C PHE A 8 0.72 9.84 -6.92
N LYS A 9 1.26 10.66 -6.03
CA LYS A 9 0.44 11.59 -5.27
C LYS A 9 0.15 12.82 -6.12
N GLN A 10 1.14 13.19 -6.93
CA GLN A 10 1.01 14.35 -7.80
C GLN A 10 0.55 13.92 -9.19
N ARG A 11 1.41 13.16 -9.86
CA ARG A 11 1.11 12.68 -11.20
C ARG A 11 -0.37 12.30 -11.30
N ARG A 12 -0.69 11.13 -10.77
CA ARG A 12 -2.06 10.65 -10.79
C ARG A 12 -3.02 11.75 -10.34
N SER A 13 -3.78 12.26 -11.32
CA SER A 13 -4.73 13.32 -11.04
C SER A 13 -5.69 12.89 -9.91
N PHE A 14 -5.82 13.76 -8.93
CA PHE A 14 -6.70 13.47 -7.80
C PHE A 14 -8.03 12.90 -8.27
N GLU A 15 -8.56 13.48 -9.34
CA GLU A 15 -9.82 13.04 -9.88
C GLU A 15 -9.70 11.60 -10.40
N GLN A 16 -8.56 11.33 -11.03
CA GLN A 16 -8.31 10.00 -11.57
C GLN A 16 -8.26 8.97 -10.45
N ARG A 17 -7.74 9.40 -9.31
CA ARG A 17 -7.62 8.53 -8.15
C ARG A 17 -8.99 8.32 -7.51
N VAL A 18 -9.58 9.43 -7.08
CA VAL A 18 -10.89 9.38 -6.43
C VAL A 18 -11.81 8.48 -7.25
N GLU A 19 -11.55 8.43 -8.55
CA GLU A 19 -12.36 7.62 -9.44
C GLU A 19 -11.88 6.17 -9.40
N ASP A 20 -10.57 6.01 -9.34
CA ASP A 20 -9.98 4.68 -9.30
C ASP A 20 -10.46 3.95 -8.04
N VAL A 21 -10.71 4.74 -7.00
CA VAL A 21 -11.17 4.19 -5.74
C VAL A 21 -12.68 3.91 -5.84
N ARG A 22 -13.37 4.80 -6.52
CA ARG A 22 -14.81 4.67 -6.69
C ARG A 22 -15.17 3.22 -7.01
N LEU A 23 -14.35 2.61 -7.87
CA LEU A 23 -14.57 1.24 -8.27
C LEU A 23 -14.42 0.32 -7.05
N ILE A 24 -13.20 0.29 -6.53
CA ILE A 24 -12.91 -0.53 -5.36
C ILE A 24 -13.97 -0.28 -4.29
N ARG A 25 -14.57 0.88 -4.36
CA ARG A 25 -15.61 1.25 -3.41
C ARG A 25 -16.95 0.62 -3.80
N GLU A 26 -17.17 0.55 -5.11
CA GLU A 26 -18.40 -0.02 -5.63
C GLU A 26 -18.22 -1.52 -5.88
N GLN A 27 -16.99 -1.98 -5.68
CA GLN A 27 -16.68 -3.38 -5.88
C GLN A 27 -16.27 -4.03 -4.56
N HIS A 28 -15.27 -3.43 -3.93
CA HIS A 28 -14.79 -3.94 -2.66
C HIS A 28 -15.01 -2.89 -1.57
N PRO A 29 -16.26 -2.83 -1.07
CA PRO A 29 -16.61 -1.88 -0.02
C PRO A 29 -16.05 -2.32 1.34
N THR A 30 -15.97 -3.63 1.51
CA THR A 30 -15.46 -4.18 2.74
C THR A 30 -13.94 -4.38 2.65
N LYS A 31 -13.31 -3.52 1.86
CA LYS A 31 -11.87 -3.59 1.68
C LYS A 31 -11.29 -2.18 1.77
N ILE A 32 -10.06 -2.11 2.27
CA ILE A 32 -9.38 -0.83 2.42
C ILE A 32 -8.34 -0.68 1.30
N PRO A 33 -8.57 0.35 0.44
CA PRO A 33 -7.67 0.61 -0.66
C PRO A 33 -6.37 1.25 -0.17
N VAL A 34 -5.26 0.72 -0.67
CA VAL A 34 -3.96 1.24 -0.30
C VAL A 34 -3.05 1.29 -1.54
N ILE A 35 -2.06 2.18 -1.47
CA ILE A 35 -1.14 2.33 -2.58
C ILE A 35 0.29 2.11 -2.07
N ILE A 36 0.79 0.91 -2.29
CA ILE A 36 2.14 0.56 -1.86
C ILE A 36 3.13 0.93 -2.95
N GLU A 37 3.98 1.90 -2.65
CA GLU A 37 4.98 2.35 -3.60
C GLU A 37 6.37 2.27 -2.99
N ARG A 38 7.37 2.20 -3.86
CA ARG A 38 8.75 2.12 -3.42
C ARG A 38 9.20 3.46 -2.83
N TYR A 39 10.00 3.37 -1.77
CA TYR A 39 10.51 4.56 -1.12
C TYR A 39 11.43 5.35 -2.05
N LYS A 40 11.27 6.66 -2.01
CA LYS A 40 12.08 7.54 -2.84
C LYS A 40 13.57 7.28 -2.55
N GLY A 41 14.18 6.51 -3.43
CA GLY A 41 15.58 6.18 -3.28
C GLY A 41 15.77 4.73 -2.84
N GLU A 42 14.71 3.95 -3.03
CA GLU A 42 14.74 2.55 -2.65
C GLU A 42 14.91 1.67 -3.89
N LYS A 43 16.09 1.08 -4.01
CA LYS A 43 16.39 0.22 -5.14
C LYS A 43 16.61 -1.22 -4.65
N GLN A 44 17.23 -1.31 -3.48
CA GLN A 44 17.49 -2.61 -2.88
C GLN A 44 16.31 -3.56 -3.11
N LEU A 45 15.28 -3.36 -2.30
CA LEU A 45 14.10 -4.18 -2.40
C LEU A 45 13.52 -4.08 -3.81
N PRO A 46 12.84 -5.18 -4.25
CA PRO A 46 12.25 -5.21 -5.58
C PRO A 46 10.97 -4.37 -5.62
N VAL A 47 10.50 -4.13 -6.84
CA VAL A 47 9.29 -3.35 -7.03
C VAL A 47 8.07 -4.24 -6.82
N LEU A 48 7.28 -3.87 -5.83
CA LEU A 48 6.08 -4.63 -5.50
C LEU A 48 5.36 -5.01 -6.80
N ASP A 49 4.77 -6.20 -6.79
CA ASP A 49 4.06 -6.69 -7.95
C ASP A 49 3.16 -5.58 -8.50
N LYS A 50 2.47 -4.92 -7.58
CA LYS A 50 1.57 -3.84 -7.95
C LYS A 50 1.52 -2.81 -6.82
N THR A 51 0.65 -1.82 -7.00
CA THR A 51 0.50 -0.77 -6.01
C THR A 51 -0.87 -0.86 -5.35
N LYS A 52 -1.82 -1.42 -6.09
CA LYS A 52 -3.18 -1.56 -5.59
C LYS A 52 -3.30 -2.88 -4.81
N PHE A 53 -3.82 -2.76 -3.60
CA PHE A 53 -4.00 -3.93 -2.76
C PHE A 53 -5.32 -3.87 -1.99
N LEU A 54 -6.06 -4.96 -2.06
CA LEU A 54 -7.35 -5.05 -1.39
C LEU A 54 -7.16 -5.73 -0.04
N VAL A 55 -7.20 -4.92 1.01
CA VAL A 55 -7.04 -5.44 2.36
C VAL A 55 -8.42 -5.51 3.04
N PRO A 56 -8.59 -6.57 3.87
CA PRO A 56 -9.84 -6.78 4.58
C PRO A 56 -9.96 -5.80 5.74
N ASP A 57 -11.15 -5.22 5.87
CA ASP A 57 -11.41 -4.28 6.94
C ASP A 57 -11.88 -5.03 8.18
N HIS A 58 -11.15 -6.10 8.50
CA HIS A 58 -11.48 -6.91 9.65
C HIS A 58 -10.21 -7.52 10.23
N VAL A 59 -9.09 -6.87 9.93
CA VAL A 59 -7.80 -7.33 10.42
C VAL A 59 -7.01 -6.14 10.96
N ASN A 60 -5.71 -6.38 11.16
CA ASN A 60 -4.84 -5.34 11.68
C ASN A 60 -3.83 -4.95 10.60
N MET A 61 -3.44 -3.68 10.62
CA MET A 61 -2.48 -3.18 9.65
C MET A 61 -1.29 -4.13 9.53
N SER A 62 -1.06 -4.88 10.59
CA SER A 62 0.05 -5.83 10.61
C SER A 62 -0.08 -6.80 9.43
N GLU A 63 -1.24 -7.45 9.37
CA GLU A 63 -1.50 -8.41 8.31
C GLU A 63 -0.99 -7.87 6.97
N LEU A 64 -1.49 -6.70 6.61
CA LEU A 64 -1.10 -6.07 5.36
C LEU A 64 0.42 -6.25 5.15
N ILE A 65 1.15 -6.07 6.24
CA ILE A 65 2.59 -6.21 6.19
C ILE A 65 2.95 -7.63 5.75
N LYS A 66 2.42 -8.59 6.49
CA LYS A 66 2.66 -9.99 6.19
C LYS A 66 2.23 -10.28 4.76
N ILE A 67 1.39 -9.41 4.23
CA ILE A 67 0.90 -9.56 2.87
C ILE A 67 1.91 -8.96 1.89
N ILE A 68 2.47 -7.82 2.29
CA ILE A 68 3.44 -7.13 1.48
C ILE A 68 4.72 -7.98 1.38
N ARG A 69 5.22 -8.36 2.54
CA ARG A 69 6.43 -9.16 2.61
C ARG A 69 6.26 -10.42 1.76
N ARG A 70 5.02 -10.79 1.53
CA ARG A 70 4.71 -11.98 0.75
C ARG A 70 4.89 -11.68 -0.74
N ARG A 71 4.69 -10.42 -1.10
CA ARG A 71 4.84 -10.00 -2.48
C ARG A 71 6.32 -9.85 -2.84
N LEU A 72 7.08 -9.32 -1.90
CA LEU A 72 8.49 -9.13 -2.11
C LEU A 72 9.22 -10.46 -1.94
N GLN A 73 8.46 -11.46 -1.51
CA GLN A 73 9.01 -12.79 -1.31
C GLN A 73 10.42 -12.69 -0.69
N LEU A 74 10.53 -11.82 0.30
CA LEU A 74 11.81 -11.62 0.97
C LEU A 74 11.99 -12.70 2.04
N ASN A 75 13.17 -12.70 2.65
CA ASN A 75 13.47 -13.65 3.70
C ASN A 75 14.05 -12.92 4.91
N ALA A 76 14.53 -13.70 5.86
CA ALA A 76 15.11 -13.15 7.07
C ALA A 76 16.35 -12.32 6.70
N ASN A 77 17.06 -12.81 5.68
CA ASN A 77 18.26 -12.14 5.23
C ASN A 77 17.91 -10.72 4.76
N GLN A 78 16.76 -10.61 4.11
CA GLN A 78 16.29 -9.33 3.62
C GLN A 78 15.36 -8.68 4.64
N ALA A 79 15.56 -7.37 4.80
CA ALA A 79 14.74 -6.61 5.74
C ALA A 79 13.71 -5.79 4.97
N PHE A 80 12.48 -5.82 5.46
CA PHE A 80 11.40 -5.09 4.83
C PHE A 80 10.55 -4.36 5.88
N PHE A 81 10.26 -3.10 5.59
CA PHE A 81 9.46 -2.29 6.49
C PHE A 81 8.55 -1.34 5.72
N LEU A 82 7.25 -1.57 5.86
CA LEU A 82 6.27 -0.74 5.17
C LEU A 82 6.00 0.51 6.01
N LEU A 83 6.36 1.65 5.45
CA LEU A 83 6.16 2.92 6.14
C LEU A 83 4.77 3.45 5.82
N VAL A 84 3.96 3.55 6.86
CA VAL A 84 2.60 4.03 6.70
C VAL A 84 2.62 5.55 6.54
N ASN A 85 2.41 5.99 5.31
CA ASN A 85 2.41 7.42 5.00
C ASN A 85 3.83 7.96 5.14
N GLY A 86 4.77 7.04 5.32
CA GLY A 86 6.17 7.42 5.46
C GLY A 86 6.67 7.14 6.87
N HIS A 87 5.76 6.66 7.71
CA HIS A 87 6.09 6.35 9.09
C HIS A 87 5.85 4.86 9.35
N SER A 88 6.88 4.21 9.87
CA SER A 88 6.80 2.80 10.17
C SER A 88 5.64 2.53 11.14
N MET A 89 5.37 1.25 11.35
CA MET A 89 4.29 0.85 12.25
C MET A 89 4.84 0.04 13.42
N VAL A 90 5.97 0.50 13.95
CA VAL A 90 6.59 -0.17 15.07
C VAL A 90 5.51 -0.66 16.04
N SER A 91 4.42 0.08 16.08
CA SER A 91 3.31 -0.27 16.95
C SER A 91 2.04 -0.47 16.13
N VAL A 92 1.68 -1.73 15.93
CA VAL A 92 0.50 -2.08 15.16
C VAL A 92 -0.58 -2.58 16.10
N SER A 93 -1.37 -1.64 16.60
CA SER A 93 -2.45 -1.97 17.52
C SER A 93 -3.77 -1.39 17.02
N THR A 94 -3.78 -1.03 15.74
CA THR A 94 -4.95 -0.47 15.13
C THR A 94 -5.32 -1.24 13.85
N PRO A 95 -6.65 -1.36 13.61
CA PRO A 95 -7.14 -2.06 12.44
C PRO A 95 -6.95 -1.22 11.18
N ILE A 96 -6.53 -1.89 10.11
CA ILE A 96 -6.30 -1.22 8.84
C ILE A 96 -7.51 -0.32 8.52
N SER A 97 -8.65 -0.70 9.08
CA SER A 97 -9.87 0.06 8.86
C SER A 97 -9.71 1.47 9.40
N GLU A 98 -9.12 1.55 10.59
CA GLU A 98 -8.91 2.84 11.23
C GLU A 98 -7.64 3.50 10.66
N VAL A 99 -6.54 2.79 10.75
CA VAL A 99 -5.28 3.29 10.24
C VAL A 99 -5.51 4.01 8.91
N TYR A 100 -6.51 3.52 8.19
CA TYR A 100 -6.86 4.11 6.90
C TYR A 100 -7.69 5.37 7.08
N GLU A 101 -8.71 5.27 7.92
CA GLU A 101 -9.60 6.39 8.19
C GLU A 101 -8.88 7.45 9.02
N SER A 102 -7.66 7.10 9.42
CA SER A 102 -6.86 8.01 10.23
C SER A 102 -5.67 8.53 9.42
N GLU A 103 -5.46 7.90 8.28
CA GLU A 103 -4.37 8.28 7.40
C GLU A 103 -4.90 8.71 6.03
N ARG A 104 -5.62 7.78 5.41
CA ARG A 104 -6.19 8.03 4.10
C ARG A 104 -6.68 9.48 4.00
N ASP A 105 -6.68 9.99 2.77
CA ASP A 105 -7.11 11.36 2.54
C ASP A 105 -8.42 11.33 1.74
N GLU A 106 -8.88 12.53 1.37
CA GLU A 106 -10.10 12.66 0.61
C GLU A 106 -10.14 11.63 -0.53
N ASP A 107 -9.01 11.56 -1.23
CA ASP A 107 -8.90 10.64 -2.35
C ASP A 107 -9.58 9.31 -1.99
N GLY A 108 -9.22 8.81 -0.81
CA GLY A 108 -9.79 7.56 -0.33
C GLY A 108 -8.78 6.41 -0.48
N PHE A 109 -7.62 6.76 -1.01
CA PHE A 109 -6.57 5.77 -1.21
C PHE A 109 -5.43 5.96 -0.22
N LEU A 110 -5.00 4.86 0.37
CA LEU A 110 -3.92 4.90 1.34
C LEU A 110 -2.58 5.00 0.60
N TYR A 111 -1.63 5.66 1.25
CA TYR A 111 -0.32 5.83 0.67
C TYR A 111 0.77 5.34 1.62
N MET A 112 1.43 4.26 1.22
CA MET A 112 2.49 3.68 2.03
C MET A 112 3.77 3.50 1.21
N VAL A 113 4.90 3.62 1.89
CA VAL A 113 6.18 3.47 1.24
C VAL A 113 7.01 2.42 1.99
N TYR A 114 7.30 1.33 1.30
CA TYR A 114 8.08 0.26 1.90
C TYR A 114 9.55 0.32 1.43
N ALA A 115 10.41 -0.25 2.25
CA ALA A 115 11.84 -0.27 1.94
C ALA A 115 12.57 -1.08 3.00
N SER A 116 13.88 -1.20 2.81
CA SER A 116 14.71 -1.94 3.73
C SER A 116 15.25 -1.01 4.83
N GLN A 117 14.43 -0.03 5.16
CA GLN A 117 14.81 0.94 6.19
C GLN A 117 13.56 1.46 6.90
N GLU A 118 13.56 1.29 8.22
CA GLU A 118 12.44 1.73 9.03
C GLU A 118 12.86 2.90 9.92
N THR A 119 14.16 3.18 9.90
CA THR A 119 14.70 4.26 10.70
C THR A 119 15.66 5.11 9.86
N PHE A 120 15.14 5.56 8.73
CA PHE A 120 15.93 6.39 7.82
C PHE A 120 15.82 7.87 8.20
N GLY A 121 14.68 8.21 8.78
CA GLY A 121 14.43 9.59 9.19
C GLY A 121 15.70 10.21 9.78
N MET B 1 -7.61 -9.64 -23.34
CA MET B 1 -8.22 -8.38 -22.94
C MET B 1 -9.64 -8.59 -22.43
N SER B 2 -9.76 -8.67 -21.12
CA SER B 2 -11.06 -8.87 -20.49
C SER B 2 -11.30 -7.80 -19.42
N GLY B 3 -10.40 -6.82 -19.40
CA GLY B 3 -10.50 -5.73 -18.44
C GLY B 3 -9.12 -5.33 -17.93
N GLY B 4 -9.00 -4.06 -17.58
CA GLY B 4 -7.74 -3.53 -17.08
C GLY B 4 -7.57 -3.85 -15.59
N ASP B 5 -7.62 -2.81 -14.78
CA ASP B 5 -7.47 -2.97 -13.34
C ASP B 5 -8.86 -3.05 -12.70
N ASP B 6 -9.75 -3.76 -13.36
CA ASP B 6 -11.10 -3.93 -12.87
C ASP B 6 -11.06 -4.22 -11.37
N ASP B 7 -10.17 -5.14 -11.01
CA ASP B 7 -10.03 -5.52 -9.61
C ASP B 7 -8.54 -5.54 -9.25
N TRP B 8 -8.23 -4.91 -8.13
CA TRP B 8 -6.86 -4.85 -7.65
C TRP B 8 -6.43 -6.25 -7.22
N THR B 9 -5.47 -6.29 -6.32
CA THR B 9 -4.97 -7.56 -5.81
C THR B 9 -5.67 -7.92 -4.50
N HIS B 10 -5.63 -9.21 -4.18
CA HIS B 10 -6.25 -9.69 -2.96
C HIS B 10 -5.18 -9.87 -1.88
N LEU B 11 -5.49 -9.35 -0.69
CA LEU B 11 -4.58 -9.45 0.43
C LEU B 11 -5.02 -10.58 1.35
N SER B 12 -4.57 -11.78 1.01
CA SER B 12 -4.91 -12.96 1.80
C SER B 12 -3.85 -13.20 2.87
N SER B 13 -4.28 -13.17 4.12
CA SER B 13 -3.37 -13.39 5.23
C SER B 13 -3.25 -14.89 5.51
N LYS B 14 -3.72 -15.68 4.56
CA LYS B 14 -3.67 -17.13 4.70
C LYS B 14 -2.49 -17.66 3.90
N GLU B 15 -2.10 -16.90 2.89
CA GLU B 15 -0.99 -17.29 2.03
C GLU B 15 0.33 -16.75 2.60
N VAL B 16 0.21 -16.05 3.72
CA VAL B 16 1.39 -15.49 4.37
C VAL B 16 2.06 -16.56 5.24
N ASP B 17 3.26 -16.25 5.67
CA ASP B 17 4.02 -17.17 6.50
C ASP B 17 3.31 -17.33 7.85
N SER A 1 22.78 10.73 -10.24
CA SER A 1 22.01 11.91 -10.63
C SER A 1 21.03 11.53 -11.74
N MET A 2 20.64 10.26 -11.76
CA MET A 2 19.71 9.77 -12.76
C MET A 2 18.36 10.47 -12.64
N PRO A 3 17.62 10.48 -13.78
CA PRO A 3 16.30 11.11 -13.83
C PRO A 3 15.26 10.25 -13.10
N SER A 4 14.23 10.92 -12.63
CA SER A 4 13.15 10.23 -11.92
C SER A 4 11.80 10.58 -12.55
N GLU A 5 10.78 9.86 -12.11
CA GLU A 5 9.44 10.09 -12.62
C GLU A 5 8.56 10.72 -11.54
N LYS A 6 7.51 11.39 -11.99
CA LYS A 6 6.59 12.05 -11.08
C LYS A 6 6.07 11.03 -10.07
N THR A 7 5.07 11.45 -9.30
CA THR A 7 4.49 10.59 -8.30
C THR A 7 2.97 10.53 -8.47
N PHE A 8 2.39 9.43 -8.00
CA PHE A 8 0.95 9.24 -8.09
C PHE A 8 0.21 10.53 -7.76
N LYS A 9 0.85 11.35 -6.94
CA LYS A 9 0.25 12.62 -6.54
C LYS A 9 0.27 13.59 -7.72
N GLN A 10 1.43 13.69 -8.35
CA GLN A 10 1.59 14.57 -9.49
C GLN A 10 1.12 13.87 -10.77
N ARG A 11 1.76 12.76 -11.08
CA ARG A 11 1.42 12.00 -12.27
C ARG A 11 -0.09 11.73 -12.30
N ARG A 12 -0.52 10.83 -11.43
CA ARG A 12 -1.93 10.48 -11.35
C ARG A 12 -2.74 11.65 -10.79
N SER A 13 -3.67 12.12 -11.61
CA SER A 13 -4.52 13.24 -11.21
C SER A 13 -5.40 12.82 -10.03
N PHE A 14 -5.44 13.70 -9.04
CA PHE A 14 -6.24 13.45 -7.84
C PHE A 14 -7.64 12.97 -8.22
N GLU A 15 -8.24 13.69 -9.15
CA GLU A 15 -9.58 13.35 -9.60
C GLU A 15 -9.61 11.92 -10.17
N GLN A 16 -8.47 11.52 -10.70
CA GLN A 16 -8.35 10.19 -11.28
C GLN A 16 -8.07 9.16 -10.18
N ARG A 17 -7.42 9.62 -9.12
CA ARG A 17 -7.10 8.75 -8.00
C ARG A 17 -8.29 8.65 -7.05
N VAL A 18 -9.15 9.66 -7.10
CA VAL A 18 -10.33 9.68 -6.26
C VAL A 18 -11.43 8.83 -6.89
N GLU A 19 -11.47 8.85 -8.22
CA GLU A 19 -12.46 8.09 -8.96
C GLU A 19 -12.08 6.60 -8.96
N ASP A 20 -10.80 6.35 -9.18
CA ASP A 20 -10.30 4.98 -9.21
C ASP A 20 -10.78 4.24 -7.96
N VAL A 21 -10.63 4.90 -6.83
CA VAL A 21 -11.06 4.32 -5.56
C VAL A 21 -12.57 4.05 -5.60
N ARG A 22 -13.29 5.04 -6.08
CA ARG A 22 -14.73 4.93 -6.18
C ARG A 22 -15.14 3.52 -6.59
N LEU A 23 -14.45 3.02 -7.61
CA LEU A 23 -14.73 1.68 -8.10
C LEU A 23 -14.47 0.66 -6.98
N ILE A 24 -13.31 0.80 -6.36
CA ILE A 24 -12.93 -0.10 -5.28
C ILE A 24 -13.94 0.04 -4.14
N ARG A 25 -14.59 1.19 -4.11
CA ARG A 25 -15.58 1.46 -3.08
C ARG A 25 -16.92 0.82 -3.44
N GLU A 26 -17.23 0.84 -4.73
CA GLU A 26 -18.46 0.27 -5.22
C GLU A 26 -18.28 -1.22 -5.54
N GLN A 27 -17.02 -1.63 -5.58
CA GLN A 27 -16.68 -3.01 -5.86
C GLN A 27 -16.26 -3.73 -4.59
N HIS A 28 -15.32 -3.11 -3.88
CA HIS A 28 -14.81 -3.69 -2.65
C HIS A 28 -15.02 -2.70 -1.50
N PRO A 29 -16.29 -2.62 -1.03
CA PRO A 29 -16.63 -1.72 0.06
C PRO A 29 -16.13 -2.26 1.39
N THR A 30 -16.06 -3.58 1.48
CA THR A 30 -15.60 -4.24 2.68
C THR A 30 -14.08 -4.44 2.64
N LYS A 31 -13.42 -3.59 1.87
CA LYS A 31 -11.98 -3.67 1.73
C LYS A 31 -11.38 -2.27 1.86
N ILE A 32 -10.15 -2.23 2.36
CA ILE A 32 -9.47 -0.96 2.54
C ILE A 32 -8.45 -0.77 1.40
N PRO A 33 -8.69 0.29 0.59
CA PRO A 33 -7.81 0.59 -0.53
C PRO A 33 -6.50 1.21 -0.04
N VAL A 34 -5.41 0.78 -0.67
CA VAL A 34 -4.09 1.29 -0.32
C VAL A 34 -3.25 1.40 -1.58
N ILE A 35 -2.21 2.22 -1.48
CA ILE A 35 -1.31 2.43 -2.60
C ILE A 35 0.14 2.43 -2.10
N ILE A 36 0.76 1.26 -2.20
CA ILE A 36 2.14 1.10 -1.77
C ILE A 36 3.08 1.45 -2.93
N GLU A 37 4.01 2.33 -2.65
CA GLU A 37 4.97 2.75 -3.66
C GLU A 37 6.40 2.65 -3.11
N ARG A 38 7.34 2.45 -4.01
CA ARG A 38 8.74 2.34 -3.63
C ARG A 38 9.24 3.66 -3.04
N TYR A 39 9.98 3.54 -1.95
CA TYR A 39 10.52 4.72 -1.28
C TYR A 39 11.43 5.50 -2.22
N LYS A 40 11.46 6.81 -2.01
CA LYS A 40 12.29 7.68 -2.82
C LYS A 40 13.76 7.43 -2.50
N GLY A 41 14.36 6.55 -3.27
CA GLY A 41 15.77 6.21 -3.08
C GLY A 41 15.92 4.76 -2.60
N GLU A 42 14.89 3.98 -2.87
CA GLU A 42 14.90 2.58 -2.47
C GLU A 42 15.02 1.67 -3.70
N LYS A 43 16.18 1.03 -3.81
CA LYS A 43 16.44 0.14 -4.92
C LYS A 43 16.51 -1.30 -4.41
N GLN A 44 16.97 -1.44 -3.18
CA GLN A 44 17.09 -2.75 -2.57
C GLN A 44 15.85 -3.60 -2.88
N LEU A 45 14.80 -3.37 -2.11
CA LEU A 45 13.56 -4.10 -2.29
C LEU A 45 13.09 -3.93 -3.74
N PRO A 46 12.51 -5.04 -4.28
CA PRO A 46 12.01 -5.02 -5.65
C PRO A 46 10.70 -4.24 -5.74
N VAL A 47 10.30 -3.95 -6.97
CA VAL A 47 9.07 -3.21 -7.20
C VAL A 47 7.88 -4.14 -6.98
N LEU A 48 7.07 -3.78 -6.00
CA LEU A 48 5.89 -4.57 -5.68
C LEU A 48 5.23 -5.05 -6.97
N ASP A 49 4.64 -6.24 -6.89
CA ASP A 49 3.97 -6.81 -8.04
C ASP A 49 2.97 -5.79 -8.61
N LYS A 50 2.22 -5.20 -7.71
CA LYS A 50 1.22 -4.21 -8.10
C LYS A 50 1.29 -3.02 -7.14
N THR A 51 0.49 -2.01 -7.45
CA THR A 51 0.45 -0.81 -6.61
C THR A 51 -0.87 -0.75 -5.84
N LYS A 52 -1.88 -1.39 -6.40
CA LYS A 52 -3.20 -1.42 -5.78
C LYS A 52 -3.35 -2.72 -5.00
N PHE A 53 -3.81 -2.58 -3.76
CA PHE A 53 -4.02 -3.74 -2.90
C PHE A 53 -5.32 -3.59 -2.10
N LEU A 54 -6.04 -4.70 -2.01
CA LEU A 54 -7.30 -4.71 -1.27
C LEU A 54 -7.09 -5.42 0.07
N VAL A 55 -7.01 -4.61 1.12
CA VAL A 55 -6.81 -5.14 2.46
C VAL A 55 -8.17 -5.47 3.08
N PRO A 56 -8.20 -6.60 3.84
CA PRO A 56 -9.43 -7.03 4.49
C PRO A 56 -9.73 -6.17 5.71
N ASP A 57 -10.98 -5.73 5.80
CA ASP A 57 -11.41 -4.90 6.91
C ASP A 57 -11.85 -5.80 8.07
N HIS A 58 -11.02 -6.79 8.35
CA HIS A 58 -11.31 -7.72 9.43
C HIS A 58 -10.00 -8.21 10.04
N VAL A 59 -8.94 -7.46 9.79
CA VAL A 59 -7.62 -7.81 10.31
C VAL A 59 -6.95 -6.55 10.84
N ASN A 60 -5.64 -6.68 11.06
CA ASN A 60 -4.86 -5.56 11.58
C ASN A 60 -3.81 -5.16 10.54
N MET A 61 -3.47 -3.89 10.55
CA MET A 61 -2.47 -3.36 9.61
C MET A 61 -1.25 -4.28 9.55
N SER A 62 -1.06 -5.03 10.62
CA SER A 62 0.07 -5.95 10.70
C SER A 62 0.02 -6.95 9.54
N GLU A 63 -1.12 -7.63 9.46
CA GLU A 63 -1.31 -8.61 8.40
C GLU A 63 -0.78 -8.08 7.07
N LEU A 64 -1.22 -6.87 6.75
CA LEU A 64 -0.80 -6.23 5.51
C LEU A 64 0.70 -6.44 5.32
N ILE A 65 1.44 -6.23 6.40
CA ILE A 65 2.89 -6.37 6.36
C ILE A 65 3.23 -7.80 5.91
N LYS A 66 2.48 -8.75 6.43
CA LYS A 66 2.69 -10.15 6.10
C LYS A 66 2.34 -10.38 4.64
N ILE A 67 1.32 -9.66 4.18
CA ILE A 67 0.87 -9.77 2.81
C ILE A 67 1.94 -9.20 1.88
N ILE A 68 2.56 -8.11 2.33
CA ILE A 68 3.60 -7.46 1.56
C ILE A 68 4.84 -8.38 1.51
N ARG A 69 5.48 -8.50 2.67
CA ARG A 69 6.66 -9.33 2.78
C ARG A 69 6.49 -10.62 1.96
N ARG A 70 5.24 -11.03 1.83
CA ARG A 70 4.93 -12.24 1.09
C ARG A 70 5.15 -12.01 -0.41
N ARG A 71 4.59 -10.92 -0.90
CA ARG A 71 4.73 -10.58 -2.31
C ARG A 71 6.20 -10.43 -2.68
N LEU A 72 6.98 -9.92 -1.74
CA LEU A 72 8.40 -9.73 -1.94
C LEU A 72 9.13 -11.04 -1.70
N GLN A 73 8.43 -11.95 -1.02
CA GLN A 73 9.01 -13.25 -0.70
C GLN A 73 10.49 -13.10 -0.33
N LEU A 74 10.75 -12.15 0.54
CA LEU A 74 12.12 -11.90 0.97
C LEU A 74 12.50 -12.93 2.04
N ASN A 75 13.73 -12.80 2.53
CA ASN A 75 14.23 -13.71 3.56
C ASN A 75 14.62 -12.90 4.79
N ALA A 76 15.17 -13.60 5.76
CA ALA A 76 15.59 -12.97 7.00
C ALA A 76 16.72 -11.98 6.71
N ASN A 77 17.57 -12.36 5.77
CA ASN A 77 18.69 -11.52 5.38
C ASN A 77 18.16 -10.19 4.84
N GLN A 78 17.08 -10.28 4.08
CA GLN A 78 16.47 -9.10 3.50
C GLN A 78 15.47 -8.48 4.48
N ALA A 79 15.75 -7.25 4.86
CA ALA A 79 14.89 -6.53 5.79
C ALA A 79 13.84 -5.75 5.01
N PHE A 80 12.63 -5.75 5.54
CA PHE A 80 11.52 -5.05 4.91
C PHE A 80 10.63 -4.36 5.95
N PHE A 81 10.29 -3.11 5.65
CA PHE A 81 9.45 -2.33 6.55
C PHE A 81 8.50 -1.44 5.76
N LEU A 82 7.22 -1.54 6.13
CA LEU A 82 6.20 -0.74 5.47
C LEU A 82 5.96 0.55 6.27
N LEU A 83 6.21 1.66 5.61
CA LEU A 83 6.03 2.96 6.25
C LEU A 83 4.66 3.52 5.89
N VAL A 84 3.83 3.68 6.90
CA VAL A 84 2.49 4.20 6.71
C VAL A 84 2.52 5.73 6.72
N ASN A 85 2.25 6.30 5.56
CA ASN A 85 2.25 7.75 5.43
C ASN A 85 3.68 8.27 5.55
N GLY A 86 4.62 7.33 5.50
CA GLY A 86 6.03 7.69 5.61
C GLY A 86 6.56 7.39 7.01
N HIS A 87 5.71 6.78 7.82
CA HIS A 87 6.09 6.44 9.19
C HIS A 87 5.82 4.95 9.44
N SER A 88 6.84 4.29 9.98
CA SER A 88 6.74 2.88 10.27
C SER A 88 5.56 2.62 11.21
N MET A 89 5.27 1.34 11.41
CA MET A 89 4.17 0.95 12.29
C MET A 89 4.68 0.08 13.44
N VAL A 90 5.81 0.49 13.99
CA VAL A 90 6.40 -0.24 15.11
C VAL A 90 5.29 -0.71 16.06
N SER A 91 4.23 0.08 16.09
CA SER A 91 3.10 -0.24 16.95
C SER A 91 1.84 -0.48 16.11
N VAL A 92 1.49 -1.74 15.97
CA VAL A 92 0.32 -2.11 15.19
C VAL A 92 -0.79 -2.58 16.13
N SER A 93 -1.57 -1.63 16.61
CA SER A 93 -2.66 -1.93 17.51
C SER A 93 -3.98 -1.38 16.95
N THR A 94 -3.95 -1.11 15.65
CA THR A 94 -5.14 -0.58 14.99
C THR A 94 -5.42 -1.38 13.71
N PRO A 95 -6.74 -1.55 13.42
CA PRO A 95 -7.16 -2.28 12.23
C PRO A 95 -6.95 -1.44 10.98
N ILE A 96 -6.55 -2.12 9.90
CA ILE A 96 -6.31 -1.46 8.63
C ILE A 96 -7.54 -0.61 8.27
N SER A 97 -8.67 -0.99 8.85
CA SER A 97 -9.91 -0.28 8.59
C SER A 97 -9.84 1.13 9.20
N GLU A 98 -9.28 1.19 10.40
CA GLU A 98 -9.15 2.46 11.10
C GLU A 98 -7.91 3.21 10.60
N VAL A 99 -6.78 2.52 10.66
CA VAL A 99 -5.52 3.11 10.23
C VAL A 99 -5.75 3.88 8.92
N TYR A 100 -6.64 3.35 8.10
CA TYR A 100 -6.96 3.97 6.83
C TYR A 100 -7.90 5.16 7.03
N GLU A 101 -8.85 4.98 7.93
CA GLU A 101 -9.81 6.03 8.22
C GLU A 101 -9.19 7.10 9.11
N SER A 102 -7.95 6.84 9.51
CA SER A 102 -7.23 7.77 10.37
C SER A 102 -6.01 8.32 9.62
N GLU A 103 -5.91 7.95 8.36
CA GLU A 103 -4.81 8.41 7.53
C GLU A 103 -5.31 8.82 6.15
N ARG A 104 -6.04 7.92 5.51
CA ARG A 104 -6.58 8.18 4.19
C ARG A 104 -7.00 9.65 4.08
N ASP A 105 -6.96 10.14 2.84
CA ASP A 105 -7.33 11.52 2.58
C ASP A 105 -8.68 11.55 1.85
N GLU A 106 -9.07 12.76 1.46
CA GLU A 106 -10.33 12.95 0.76
C GLU A 106 -10.42 11.96 -0.41
N ASP A 107 -9.26 11.62 -0.96
CA ASP A 107 -9.20 10.70 -2.08
C ASP A 107 -9.74 9.33 -1.64
N GLY A 108 -9.26 8.89 -0.49
CA GLY A 108 -9.69 7.61 0.05
C GLY A 108 -8.66 6.52 -0.25
N PHE A 109 -7.47 6.96 -0.65
CA PHE A 109 -6.40 6.05 -0.96
C PHE A 109 -5.27 6.16 0.07
N LEU A 110 -4.87 5.01 0.59
CA LEU A 110 -3.80 4.95 1.58
C LEU A 110 -2.45 5.08 0.87
N TYR A 111 -1.59 5.91 1.45
CA TYR A 111 -0.27 6.12 0.89
C TYR A 111 0.82 5.66 1.86
N MET A 112 1.45 4.55 1.50
CA MET A 112 2.51 4.00 2.34
C MET A 112 3.73 3.63 1.49
N VAL A 113 4.90 4.00 1.99
CA VAL A 113 6.13 3.72 1.29
C VAL A 113 6.88 2.60 2.03
N TYR A 114 7.38 1.65 1.24
CA TYR A 114 8.12 0.53 1.80
C TYR A 114 9.60 0.60 1.44
N ALA A 115 10.42 0.00 2.29
CA ALA A 115 11.86 -0.01 2.06
C ALA A 115 12.49 -1.08 2.94
N SER A 116 13.80 -1.22 2.80
CA SER A 116 14.54 -2.21 3.56
C SER A 116 15.02 -1.60 4.88
N GLN A 117 14.36 -0.51 5.27
CA GLN A 117 14.71 0.18 6.49
C GLN A 117 13.48 0.86 7.09
N GLU A 118 13.48 0.96 8.42
CA GLU A 118 12.38 1.58 9.12
C GLU A 118 12.88 2.74 9.98
N THR A 119 14.19 2.92 9.97
CA THR A 119 14.81 3.97 10.75
C THR A 119 15.86 4.71 9.92
N PHE A 120 15.40 5.23 8.78
CA PHE A 120 16.29 5.96 7.89
C PHE A 120 16.23 7.47 8.16
N GLY A 121 15.05 7.91 8.54
CA GLY A 121 14.84 9.33 8.84
C GLY A 121 14.29 10.07 7.62
N MET B 1 -9.53 2.87 -22.60
CA MET B 1 -9.68 2.03 -21.42
C MET B 1 -8.68 2.43 -20.33
N SER B 2 -8.27 3.69 -20.37
CA SER B 2 -7.33 4.21 -19.41
C SER B 2 -7.67 3.68 -18.01
N GLY B 3 -8.91 3.94 -17.61
CA GLY B 3 -9.38 3.50 -16.31
C GLY B 3 -9.76 2.01 -16.32
N GLY B 4 -8.80 1.20 -16.74
CA GLY B 4 -9.01 -0.23 -16.81
C GLY B 4 -8.57 -0.93 -15.52
N ASP B 5 -9.15 -0.47 -14.42
CA ASP B 5 -8.83 -1.02 -13.12
C ASP B 5 -10.09 -1.64 -12.51
N ASP B 6 -10.63 -2.62 -13.22
CA ASP B 6 -11.83 -3.30 -12.75
C ASP B 6 -11.71 -3.58 -11.25
N ASP B 7 -10.61 -4.19 -10.89
CA ASP B 7 -10.36 -4.52 -9.49
C ASP B 7 -8.85 -4.61 -9.25
N TRP B 8 -8.47 -4.37 -8.00
CA TRP B 8 -7.06 -4.41 -7.63
C TRP B 8 -6.75 -5.84 -7.17
N THR B 9 -5.75 -5.94 -6.31
CA THR B 9 -5.34 -7.24 -5.78
C THR B 9 -6.01 -7.50 -4.43
N HIS B 10 -6.04 -8.78 -4.07
CA HIS B 10 -6.63 -9.18 -2.81
C HIS B 10 -5.55 -9.65 -1.85
N LEU B 11 -5.53 -9.04 -0.68
CA LEU B 11 -4.54 -9.39 0.35
C LEU B 11 -5.12 -10.47 1.26
N SER B 12 -4.84 -11.72 0.90
CA SER B 12 -5.33 -12.85 1.68
C SER B 12 -4.35 -13.16 2.82
N SER B 13 -4.91 -13.28 4.02
CA SER B 13 -4.11 -13.58 5.19
C SER B 13 -3.93 -15.08 5.34
N LYS B 14 -4.41 -15.81 4.34
CA LYS B 14 -4.30 -17.26 4.34
C LYS B 14 -3.11 -17.69 3.48
N GLU B 15 -2.74 -16.81 2.57
CA GLU B 15 -1.62 -17.07 1.68
C GLU B 15 -0.31 -16.63 2.33
N VAL B 16 -0.44 -16.09 3.54
CA VAL B 16 0.72 -15.63 4.28
C VAL B 16 1.47 -16.84 4.86
N ASP B 17 2.54 -16.54 5.58
CA ASP B 17 3.35 -17.58 6.19
C ASP B 17 2.77 -17.91 7.57
N SER A 1 18.74 17.50 -15.23
CA SER A 1 19.52 16.57 -16.04
C SER A 1 19.83 15.30 -15.24
N MET A 2 18.84 14.88 -14.47
CA MET A 2 18.98 13.69 -13.66
C MET A 2 17.72 12.83 -13.70
N PRO A 3 17.90 11.52 -13.36
CA PRO A 3 16.79 10.58 -13.36
C PRO A 3 15.87 10.81 -12.15
N SER A 4 14.62 11.12 -12.45
CA SER A 4 13.65 11.36 -11.39
C SER A 4 12.26 11.52 -12.01
N GLU A 5 11.25 11.31 -11.17
CA GLU A 5 9.87 11.43 -11.61
C GLU A 5 8.97 11.81 -10.43
N LYS A 6 7.90 12.52 -10.76
CA LYS A 6 6.96 12.96 -9.74
C LYS A 6 6.47 11.74 -8.95
N THR A 7 5.45 11.97 -8.13
CA THR A 7 4.89 10.91 -7.32
C THR A 7 3.39 10.78 -7.57
N PHE A 8 2.86 9.60 -7.29
CA PHE A 8 1.45 9.34 -7.48
C PHE A 8 0.60 10.49 -6.95
N LYS A 9 1.17 11.21 -6.00
CA LYS A 9 0.48 12.35 -5.39
C LYS A 9 0.45 13.51 -6.39
N GLN A 10 1.58 13.72 -7.05
CA GLN A 10 1.70 14.79 -8.03
C GLN A 10 1.34 14.27 -9.42
N ARG A 11 2.16 13.34 -9.90
CA ARG A 11 1.95 12.76 -11.21
C ARG A 11 0.46 12.40 -11.40
N ARG A 12 0.08 11.31 -10.76
CA ARG A 12 -1.31 10.86 -10.86
C ARG A 12 -2.26 11.95 -10.37
N SER A 13 -3.20 12.30 -11.24
CA SER A 13 -4.18 13.32 -10.92
C SER A 13 -5.07 12.86 -9.76
N PHE A 14 -5.08 13.66 -8.71
CA PHE A 14 -5.88 13.35 -7.53
C PHE A 14 -7.23 12.77 -7.94
N GLU A 15 -7.96 13.54 -8.72
CA GLU A 15 -9.27 13.12 -9.18
C GLU A 15 -9.18 11.77 -9.89
N GLN A 16 -8.07 11.59 -10.60
CA GLN A 16 -7.85 10.35 -11.32
C GLN A 16 -7.66 9.19 -10.36
N ARG A 17 -6.92 9.45 -9.29
CA ARG A 17 -6.67 8.44 -8.28
C ARG A 17 -7.96 8.07 -7.55
N VAL A 18 -8.56 9.07 -6.92
CA VAL A 18 -9.79 8.87 -6.19
C VAL A 18 -10.78 8.09 -7.08
N GLU A 19 -11.06 8.67 -8.24
CA GLU A 19 -11.97 8.05 -9.17
C GLU A 19 -11.74 6.54 -9.23
N ASP A 20 -10.50 6.16 -8.97
CA ASP A 20 -10.13 4.75 -8.99
C ASP A 20 -10.68 4.07 -7.74
N VAL A 21 -10.32 4.62 -6.59
CA VAL A 21 -10.77 4.08 -5.32
C VAL A 21 -12.28 3.89 -5.36
N ARG A 22 -12.96 4.89 -5.91
CA ARG A 22 -14.41 4.84 -6.03
C ARG A 22 -14.86 3.46 -6.51
N LEU A 23 -14.04 2.88 -7.37
CA LEU A 23 -14.34 1.56 -7.93
C LEU A 23 -14.35 0.53 -6.79
N ILE A 24 -13.16 0.33 -6.23
CA ILE A 24 -13.02 -0.64 -5.15
C ILE A 24 -14.03 -0.30 -4.04
N ARG A 25 -14.42 0.96 -4.00
CA ARG A 25 -15.37 1.42 -3.00
C ARG A 25 -16.76 0.85 -3.30
N GLU A 26 -17.04 0.67 -4.58
CA GLU A 26 -18.31 0.13 -5.00
C GLU A 26 -18.19 -1.36 -5.34
N GLN A 27 -16.95 -1.80 -5.46
CA GLN A 27 -16.67 -3.19 -5.77
C GLN A 27 -16.36 -3.97 -4.49
N HIS A 28 -15.32 -3.53 -3.80
CA HIS A 28 -14.91 -4.18 -2.56
C HIS A 28 -15.02 -3.19 -1.41
N PRO A 29 -16.28 -3.02 -0.91
CA PRO A 29 -16.56 -2.11 0.18
C PRO A 29 -16.08 -2.71 1.52
N THR A 30 -16.02 -4.04 1.54
CA THR A 30 -15.58 -4.74 2.74
C THR A 30 -14.06 -4.79 2.80
N LYS A 31 -13.42 -4.06 1.89
CA LYS A 31 -11.98 -4.01 1.84
C LYS A 31 -11.52 -2.55 1.85
N ILE A 32 -10.27 -2.37 2.25
CA ILE A 32 -9.69 -1.03 2.33
C ILE A 32 -8.70 -0.85 1.18
N PRO A 33 -8.99 0.18 0.34
CA PRO A 33 -8.14 0.48 -0.81
C PRO A 33 -6.84 1.17 -0.35
N VAL A 34 -5.73 0.61 -0.78
CA VAL A 34 -4.43 1.16 -0.42
C VAL A 34 -3.57 1.26 -1.69
N ILE A 35 -2.60 2.16 -1.63
CA ILE A 35 -1.70 2.36 -2.76
C ILE A 35 -0.25 2.32 -2.26
N ILE A 36 0.36 1.14 -2.40
CA ILE A 36 1.73 0.97 -1.98
C ILE A 36 2.68 1.25 -3.15
N GLU A 37 3.69 2.06 -2.86
CA GLU A 37 4.66 2.42 -3.88
C GLU A 37 6.07 2.44 -3.29
N ARG A 38 7.02 1.94 -4.08
CA ARG A 38 8.40 1.89 -3.64
C ARG A 38 8.88 3.29 -3.22
N TYR A 39 9.66 3.31 -2.15
CA TYR A 39 10.18 4.57 -1.64
C TYR A 39 11.05 5.27 -2.69
N LYS A 40 10.91 6.58 -2.74
CA LYS A 40 11.67 7.38 -3.69
C LYS A 40 13.16 7.15 -3.46
N GLY A 41 13.71 6.23 -4.23
CA GLY A 41 15.12 5.90 -4.13
C GLY A 41 15.32 4.48 -3.60
N GLU A 42 14.26 3.69 -3.69
CA GLU A 42 14.30 2.32 -3.23
C GLU A 42 14.84 1.40 -4.33
N LYS A 43 15.99 0.80 -4.06
CA LYS A 43 16.62 -0.09 -5.00
C LYS A 43 16.74 -1.48 -4.39
N GLN A 44 17.09 -1.49 -3.11
CA GLN A 44 17.24 -2.75 -2.39
C GLN A 44 16.08 -3.68 -2.69
N LEU A 45 15.00 -3.49 -1.94
CA LEU A 45 13.81 -4.31 -2.12
C LEU A 45 13.35 -4.23 -3.58
N PRO A 46 12.70 -5.33 -4.04
CA PRO A 46 12.21 -5.40 -5.40
C PRO A 46 10.95 -4.54 -5.57
N VAL A 47 10.62 -4.29 -6.83
CA VAL A 47 9.44 -3.49 -7.14
C VAL A 47 8.18 -4.34 -6.98
N LEU A 48 7.32 -3.90 -6.06
CA LEU A 48 6.09 -4.61 -5.79
C LEU A 48 5.49 -5.09 -7.12
N ASP A 49 4.66 -6.13 -7.01
CA ASP A 49 4.01 -6.69 -8.19
C ASP A 49 2.94 -5.72 -8.69
N LYS A 50 2.26 -5.10 -7.74
CA LYS A 50 1.21 -4.16 -8.07
C LYS A 50 1.43 -2.86 -7.28
N THR A 51 0.50 -1.93 -7.46
CA THR A 51 0.57 -0.66 -6.77
C THR A 51 -0.56 -0.52 -5.75
N LYS A 52 -1.70 -1.11 -6.11
CA LYS A 52 -2.86 -1.06 -5.23
C LYS A 52 -3.17 -2.48 -4.74
N PHE A 53 -3.68 -2.54 -3.51
CA PHE A 53 -4.02 -3.82 -2.92
C PHE A 53 -5.34 -3.72 -2.14
N LEU A 54 -6.08 -4.81 -2.14
CA LEU A 54 -7.35 -4.86 -1.44
C LEU A 54 -7.17 -5.61 -0.12
N VAL A 55 -7.11 -4.83 0.96
CA VAL A 55 -6.93 -5.40 2.28
C VAL A 55 -8.31 -5.63 2.91
N PRO A 56 -8.42 -6.77 3.66
CA PRO A 56 -9.65 -7.12 4.32
C PRO A 56 -9.89 -6.24 5.55
N ASP A 57 -11.03 -5.57 5.56
CA ASP A 57 -11.39 -4.70 6.66
C ASP A 57 -11.88 -5.54 7.84
N HIS A 58 -11.02 -6.46 8.27
CA HIS A 58 -11.34 -7.34 9.38
C HIS A 58 -10.06 -7.91 9.98
N VAL A 59 -8.99 -7.13 9.86
CA VAL A 59 -7.69 -7.54 10.39
C VAL A 59 -6.95 -6.31 10.90
N ASN A 60 -5.65 -6.50 11.12
CA ASN A 60 -4.82 -5.42 11.61
C ASN A 60 -3.81 -5.03 10.52
N MET A 61 -3.36 -3.78 10.60
CA MET A 61 -2.41 -3.27 9.64
C MET A 61 -1.18 -4.20 9.53
N SER A 62 -0.94 -4.92 10.60
CA SER A 62 0.18 -5.84 10.65
C SER A 62 0.05 -6.88 9.53
N GLU A 63 -1.12 -7.50 9.47
CA GLU A 63 -1.38 -8.51 8.45
C GLU A 63 -0.83 -8.05 7.10
N LEU A 64 -1.31 -6.89 6.66
CA LEU A 64 -0.87 -6.33 5.40
C LEU A 64 0.62 -6.57 5.22
N ILE A 65 1.37 -6.25 6.28
CA ILE A 65 2.80 -6.41 6.26
C ILE A 65 3.14 -7.83 5.80
N LYS A 66 2.70 -8.80 6.60
CA LYS A 66 2.95 -10.19 6.28
C LYS A 66 2.48 -10.48 4.86
N ILE A 67 1.43 -9.78 4.45
CA ILE A 67 0.88 -9.95 3.12
C ILE A 67 1.83 -9.32 2.09
N ILE A 68 2.56 -8.31 2.55
CA ILE A 68 3.50 -7.62 1.69
C ILE A 68 4.79 -8.44 1.59
N ARG A 69 5.51 -8.49 2.69
CA ARG A 69 6.76 -9.23 2.74
C ARG A 69 6.59 -10.60 2.07
N ARG A 70 5.35 -11.07 2.07
CA ARG A 70 5.04 -12.36 1.48
C ARG A 70 5.09 -12.26 -0.06
N ARG A 71 4.57 -11.15 -0.55
CA ARG A 71 4.55 -10.92 -1.99
C ARG A 71 5.96 -10.72 -2.52
N LEU A 72 6.73 -9.92 -1.80
CA LEU A 72 8.11 -9.64 -2.19
C LEU A 72 8.94 -10.90 -2.01
N GLN A 73 8.33 -11.90 -1.38
CA GLN A 73 9.01 -13.17 -1.14
C GLN A 73 10.46 -12.92 -0.75
N LEU A 74 10.64 -12.12 0.29
CA LEU A 74 11.96 -11.80 0.78
C LEU A 74 12.41 -12.85 1.80
N ASN A 75 13.60 -12.66 2.32
CA ASN A 75 14.15 -13.58 3.30
C ASN A 75 14.36 -12.84 4.62
N ALA A 76 14.95 -13.55 5.58
CA ALA A 76 15.22 -12.99 6.88
C ALA A 76 16.42 -12.04 6.79
N ASN A 77 17.19 -12.21 5.73
CA ASN A 77 18.37 -11.38 5.52
C ASN A 77 17.93 -10.06 4.88
N GLN A 78 16.72 -10.07 4.34
CA GLN A 78 16.18 -8.88 3.70
C GLN A 78 15.25 -8.14 4.66
N ALA A 79 15.64 -6.91 4.98
CA ALA A 79 14.84 -6.10 5.88
C ALA A 79 13.78 -5.35 5.08
N PHE A 80 12.55 -5.45 5.56
CA PHE A 80 11.43 -4.79 4.90
C PHE A 80 10.55 -4.05 5.91
N PHE A 81 10.17 -2.83 5.56
CA PHE A 81 9.34 -2.02 6.43
C PHE A 81 8.35 -1.19 5.61
N LEU A 82 7.08 -1.38 5.92
CA LEU A 82 6.02 -0.65 5.23
C LEU A 82 5.75 0.67 5.95
N LEU A 83 6.13 1.76 5.31
CA LEU A 83 5.93 3.08 5.87
C LEU A 83 4.51 3.56 5.56
N VAL A 84 3.72 3.66 6.63
CA VAL A 84 2.35 4.11 6.48
C VAL A 84 2.30 5.64 6.43
N ASN A 85 1.98 6.15 5.25
CA ASN A 85 1.91 7.59 5.05
C ASN A 85 3.31 8.19 5.18
N GLY A 86 4.31 7.32 5.11
CA GLY A 86 5.69 7.75 5.20
C GLY A 86 6.23 7.53 6.62
N HIS A 87 5.42 6.86 7.43
CA HIS A 87 5.80 6.58 8.80
C HIS A 87 5.63 5.08 9.09
N SER A 88 6.69 4.49 9.60
CA SER A 88 6.68 3.07 9.92
C SER A 88 5.55 2.78 10.91
N MET A 89 5.34 1.49 11.15
CA MET A 89 4.30 1.06 12.06
C MET A 89 4.88 0.22 13.21
N VAL A 90 6.02 0.70 13.71
CA VAL A 90 6.70 0.01 14.80
C VAL A 90 5.65 -0.51 15.80
N SER A 91 4.55 0.23 15.88
CA SER A 91 3.48 -0.13 16.80
C SER A 91 2.19 -0.35 16.00
N VAL A 92 1.81 -1.61 15.87
CA VAL A 92 0.60 -1.97 15.15
C VAL A 92 -0.46 -2.43 16.15
N SER A 93 -1.30 -1.48 16.55
CA SER A 93 -2.36 -1.78 17.50
C SER A 93 -3.69 -1.25 16.97
N THR A 94 -3.69 -0.91 15.69
CA THR A 94 -4.89 -0.39 15.06
C THR A 94 -5.23 -1.18 13.80
N PRO A 95 -6.55 -1.37 13.57
CA PRO A 95 -7.02 -2.11 12.41
C PRO A 95 -6.87 -1.28 11.13
N ILE A 96 -6.46 -1.95 10.07
CA ILE A 96 -6.28 -1.29 8.79
C ILE A 96 -7.52 -0.45 8.46
N SER A 97 -8.65 -0.93 8.98
CA SER A 97 -9.91 -0.24 8.76
C SER A 97 -9.84 1.19 9.31
N GLU A 98 -9.21 1.31 10.47
CA GLU A 98 -9.07 2.60 11.12
C GLU A 98 -7.86 3.34 10.56
N VAL A 99 -6.73 2.66 10.59
CA VAL A 99 -5.48 3.23 10.09
C VAL A 99 -5.76 3.96 8.78
N TYR A 100 -6.70 3.41 8.02
CA TYR A 100 -7.06 4.00 6.74
C TYR A 100 -7.98 5.21 6.94
N GLU A 101 -8.91 5.06 7.87
CA GLU A 101 -9.86 6.12 8.16
C GLU A 101 -9.19 7.21 9.01
N SER A 102 -7.94 6.94 9.38
CA SER A 102 -7.19 7.87 10.19
C SER A 102 -5.99 8.41 9.41
N GLU A 103 -5.93 8.00 8.14
CA GLU A 103 -4.85 8.43 7.27
C GLU A 103 -5.40 8.87 5.91
N ARG A 104 -6.17 7.98 5.30
CA ARG A 104 -6.76 8.27 4.01
C ARG A 104 -7.16 9.75 3.92
N ASP A 105 -7.19 10.24 2.70
CA ASP A 105 -7.55 11.63 2.47
C ASP A 105 -8.86 11.69 1.67
N GLU A 106 -9.24 12.90 1.31
CA GLU A 106 -10.47 13.10 0.57
C GLU A 106 -10.60 12.05 -0.53
N ASP A 107 -9.55 11.96 -1.34
CA ASP A 107 -9.54 11.00 -2.44
C ASP A 107 -10.16 9.68 -1.96
N GLY A 108 -9.65 9.19 -0.84
CA GLY A 108 -10.14 7.95 -0.28
C GLY A 108 -9.20 6.78 -0.61
N PHE A 109 -7.92 7.11 -0.73
CA PHE A 109 -6.92 6.11 -1.04
C PHE A 109 -5.73 6.19 -0.08
N LEU A 110 -5.32 5.03 0.41
CA LEU A 110 -4.21 4.96 1.34
C LEU A 110 -2.90 5.09 0.56
N TYR A 111 -1.99 5.88 1.10
CA TYR A 111 -0.70 6.09 0.47
C TYR A 111 0.44 5.72 1.43
N MET A 112 1.07 4.60 1.12
CA MET A 112 2.18 4.13 1.93
C MET A 112 3.38 3.74 1.07
N VAL A 113 4.57 3.95 1.61
CA VAL A 113 5.79 3.62 0.90
C VAL A 113 6.54 2.52 1.65
N TYR A 114 7.19 1.66 0.89
CA TYR A 114 7.94 0.56 1.47
C TYR A 114 9.42 0.64 1.07
N ALA A 115 10.25 0.00 1.88
CA ALA A 115 11.68 -0.01 1.63
C ALA A 115 12.38 -0.87 2.70
N SER A 116 13.68 -0.99 2.54
CA SER A 116 14.47 -1.78 3.48
C SER A 116 15.01 -0.89 4.59
N GLN A 117 14.25 0.16 4.89
CA GLN A 117 14.63 1.09 5.94
C GLN A 117 13.39 1.69 6.60
N GLU A 118 13.39 1.67 7.93
CA GLU A 118 12.29 2.20 8.69
C GLU A 118 12.73 3.43 9.49
N THR A 119 14.04 3.63 9.52
CA THR A 119 14.61 4.75 10.24
C THR A 119 15.54 5.56 9.34
N PHE A 120 14.93 6.29 8.42
CA PHE A 120 15.69 7.10 7.48
C PHE A 120 15.56 8.59 7.81
N GLY A 121 14.36 8.94 8.27
CA GLY A 121 14.09 10.33 8.63
C GLY A 121 12.96 10.90 7.75
N MET B 1 -3.19 -10.96 -16.33
CA MET B 1 -3.24 -9.57 -16.75
C MET B 1 -4.34 -9.36 -17.80
N SER B 2 -5.18 -8.37 -17.54
CA SER B 2 -6.27 -8.05 -18.44
C SER B 2 -6.46 -6.54 -18.52
N GLY B 3 -6.63 -6.06 -19.75
CA GLY B 3 -6.83 -4.63 -19.98
C GLY B 3 -7.90 -4.07 -19.05
N GLY B 4 -7.47 -3.23 -18.13
CA GLY B 4 -8.37 -2.62 -17.18
C GLY B 4 -8.36 -3.37 -15.85
N ASP B 5 -7.77 -2.72 -14.85
CA ASP B 5 -7.68 -3.32 -13.52
C ASP B 5 -8.90 -2.90 -12.70
N ASP B 6 -10.06 -3.39 -13.12
CA ASP B 6 -11.30 -3.08 -12.43
C ASP B 6 -11.25 -3.64 -11.00
N ASP B 7 -10.47 -4.70 -10.85
CA ASP B 7 -10.32 -5.34 -9.56
C ASP B 7 -8.84 -5.57 -9.27
N TRP B 8 -8.34 -4.80 -8.31
CA TRP B 8 -6.94 -4.90 -7.93
C TRP B 8 -6.69 -6.31 -7.40
N THR B 9 -5.69 -6.42 -6.54
CA THR B 9 -5.34 -7.71 -5.96
C THR B 9 -6.02 -7.88 -4.60
N HIS B 10 -6.40 -9.11 -4.31
CA HIS B 10 -7.05 -9.43 -3.05
C HIS B 10 -6.01 -9.90 -2.04
N LEU B 11 -5.97 -9.21 -0.91
CA LEU B 11 -5.04 -9.55 0.15
C LEU B 11 -5.70 -10.55 1.10
N SER B 12 -5.05 -11.71 1.24
CA SER B 12 -5.56 -12.75 2.12
C SER B 12 -4.65 -12.89 3.35
N SER B 13 -5.28 -12.85 4.51
CA SER B 13 -4.55 -12.97 5.76
C SER B 13 -4.38 -14.43 6.12
N LYS B 14 -4.66 -15.29 5.16
CA LYS B 14 -4.55 -16.72 5.36
C LYS B 14 -3.27 -17.23 4.70
N GLU B 15 -2.86 -16.50 3.67
CA GLU B 15 -1.65 -16.87 2.93
C GLU B 15 -0.40 -16.37 3.68
N VAL B 16 -0.65 -15.71 4.80
CA VAL B 16 0.44 -15.19 5.61
C VAL B 16 1.04 -16.31 6.45
N ASP B 17 2.28 -16.09 6.88
CA ASP B 17 2.97 -17.08 7.68
C ASP B 17 2.42 -17.06 9.10
N SER A 1 14.04 9.01 -12.25
CA SER A 1 14.67 10.16 -12.88
C SER A 1 14.74 11.33 -11.89
N MET A 2 15.87 12.01 -11.90
CA MET A 2 16.08 13.14 -11.02
C MET A 2 15.95 12.73 -9.56
N PRO A 3 16.50 13.59 -8.66
CA PRO A 3 16.45 13.32 -7.23
C PRO A 3 15.04 13.57 -6.68
N SER A 4 14.69 14.84 -6.59
CA SER A 4 13.39 15.23 -6.08
C SER A 4 12.32 15.01 -7.15
N GLU A 5 11.17 14.52 -6.71
CA GLU A 5 10.06 14.25 -7.62
C GLU A 5 8.75 14.18 -6.84
N LYS A 6 7.66 14.16 -7.59
CA LYS A 6 6.33 14.10 -6.99
C LYS A 6 6.11 12.69 -6.42
N THR A 7 5.03 12.56 -5.65
CA THR A 7 4.69 11.29 -5.04
C THR A 7 3.45 10.70 -5.71
N PHE A 8 3.40 9.37 -5.70
CA PHE A 8 2.28 8.66 -6.30
C PHE A 8 0.95 9.26 -5.85
N LYS A 9 0.98 9.93 -4.71
CA LYS A 9 -0.20 10.56 -4.16
C LYS A 9 -0.43 11.90 -4.85
N GLN A 10 0.68 12.58 -5.14
CA GLN A 10 0.61 13.87 -5.80
C GLN A 10 0.61 13.70 -7.32
N ARG A 11 1.70 13.15 -7.82
CA ARG A 11 1.84 12.92 -9.25
C ARG A 11 0.48 12.50 -9.85
N ARG A 12 0.12 11.26 -9.58
CA ARG A 12 -1.14 10.72 -10.08
C ARG A 12 -2.23 11.79 -10.02
N SER A 13 -3.10 11.76 -11.02
CA SER A 13 -4.20 12.71 -11.09
C SER A 13 -5.23 12.41 -10.01
N PHE A 14 -5.30 13.31 -9.04
CA PHE A 14 -6.24 13.16 -7.93
C PHE A 14 -7.57 12.57 -8.43
N GLU A 15 -8.20 13.30 -9.33
CA GLU A 15 -9.47 12.86 -9.88
C GLU A 15 -9.41 11.37 -10.24
N GLN A 16 -8.27 10.97 -10.79
CA GLN A 16 -8.07 9.58 -11.18
C GLN A 16 -8.03 8.69 -9.94
N ARG A 17 -7.09 8.99 -9.06
CA ARG A 17 -6.93 8.23 -7.83
C ARG A 17 -8.28 8.05 -7.14
N VAL A 18 -9.08 9.10 -7.20
CA VAL A 18 -10.40 9.08 -6.58
C VAL A 18 -11.34 8.24 -7.45
N GLU A 19 -11.19 8.38 -8.75
CA GLU A 19 -12.01 7.64 -9.69
C GLU A 19 -11.87 6.14 -9.46
N ASP A 20 -10.63 5.70 -9.36
CA ASP A 20 -10.35 4.29 -9.13
C ASP A 20 -10.98 3.85 -7.81
N VAL A 21 -10.89 4.73 -6.83
CA VAL A 21 -11.45 4.45 -5.51
C VAL A 21 -12.94 4.14 -5.65
N ARG A 22 -13.55 4.78 -6.64
CA ARG A 22 -14.97 4.58 -6.88
C ARG A 22 -15.25 3.12 -7.25
N LEU A 23 -14.47 2.62 -8.20
CA LEU A 23 -14.62 1.25 -8.65
C LEU A 23 -14.49 0.31 -7.45
N ILE A 24 -13.38 0.43 -6.74
CA ILE A 24 -13.13 -0.40 -5.58
C ILE A 24 -14.22 -0.14 -4.54
N ARG A 25 -14.73 1.09 -4.55
CA ARG A 25 -15.78 1.48 -3.62
C ARG A 25 -17.08 0.75 -3.95
N GLU A 26 -17.28 0.52 -5.24
CA GLU A 26 -18.47 -0.16 -5.71
C GLU A 26 -18.17 -1.63 -5.99
N GLN A 27 -16.90 -1.98 -5.87
CA GLN A 27 -16.47 -3.34 -6.12
C GLN A 27 -16.13 -4.04 -4.80
N HIS A 28 -15.13 -3.49 -4.12
CA HIS A 28 -14.70 -4.05 -2.84
C HIS A 28 -14.91 -3.02 -1.74
N PRO A 29 -16.19 -2.92 -1.27
CA PRO A 29 -16.54 -1.97 -0.22
C PRO A 29 -16.04 -2.47 1.15
N THR A 30 -15.97 -3.79 1.27
CA THR A 30 -15.52 -4.39 2.51
C THR A 30 -14.00 -4.60 2.48
N LYS A 31 -13.34 -3.75 1.70
CA LYS A 31 -11.90 -3.82 1.58
C LYS A 31 -11.30 -2.42 1.72
N ILE A 32 -10.11 -2.36 2.29
CA ILE A 32 -9.43 -1.09 2.49
C ILE A 32 -8.48 -0.84 1.32
N PRO A 33 -8.81 0.21 0.51
CA PRO A 33 -7.99 0.57 -0.63
C PRO A 33 -6.70 1.25 -0.19
N VAL A 34 -5.59 0.75 -0.71
CA VAL A 34 -4.28 1.31 -0.39
C VAL A 34 -3.41 1.30 -1.63
N ILE A 35 -2.49 2.27 -1.68
CA ILE A 35 -1.58 2.39 -2.81
C ILE A 35 -0.14 2.34 -2.31
N ILE A 36 0.43 1.14 -2.35
CA ILE A 36 1.80 0.95 -1.90
C ILE A 36 2.74 1.02 -3.11
N GLU A 37 3.68 1.95 -3.05
CA GLU A 37 4.64 2.12 -4.12
C GLU A 37 6.07 2.01 -3.57
N ARG A 38 7.03 2.16 -4.49
CA ARG A 38 8.43 2.08 -4.11
C ARG A 38 8.91 3.43 -3.58
N TYR A 39 9.73 3.35 -2.55
CA TYR A 39 10.27 4.55 -1.93
C TYR A 39 11.16 5.33 -2.92
N LYS A 40 11.25 6.62 -2.68
CA LYS A 40 12.06 7.48 -3.54
C LYS A 40 13.54 7.27 -3.21
N GLY A 41 14.16 6.39 -3.99
CA GLY A 41 15.57 6.09 -3.78
C GLY A 41 15.77 4.66 -3.29
N GLU A 42 14.75 3.84 -3.54
CA GLU A 42 14.80 2.45 -3.13
C GLU A 42 14.76 1.53 -4.34
N LYS A 43 15.91 0.99 -4.67
CA LYS A 43 16.03 0.09 -5.81
C LYS A 43 16.33 -1.32 -5.31
N GLN A 44 16.82 -1.39 -4.08
CA GLN A 44 17.17 -2.67 -3.48
C GLN A 44 16.00 -3.66 -3.64
N LEU A 45 15.00 -3.49 -2.81
CA LEU A 45 13.83 -4.36 -2.85
C LEU A 45 13.26 -4.36 -4.26
N PRO A 46 12.60 -5.49 -4.63
CA PRO A 46 12.00 -5.63 -5.94
C PRO A 46 10.71 -4.81 -6.04
N VAL A 47 10.26 -4.63 -7.27
CA VAL A 47 9.04 -3.87 -7.52
C VAL A 47 7.83 -4.73 -7.17
N LEU A 48 7.08 -4.26 -6.18
CA LEU A 48 5.89 -4.98 -5.75
C LEU A 48 5.15 -5.53 -6.96
N ASP A 49 4.55 -6.70 -6.77
CA ASP A 49 3.81 -7.34 -7.84
C ASP A 49 2.84 -6.33 -8.47
N LYS A 50 2.13 -5.63 -7.61
CA LYS A 50 1.18 -4.63 -8.06
C LYS A 50 1.29 -3.38 -7.18
N THR A 51 0.39 -2.45 -7.41
CA THR A 51 0.37 -1.21 -6.66
C THR A 51 -0.91 -1.10 -5.82
N LYS A 52 -1.98 -1.63 -6.39
CA LYS A 52 -3.28 -1.61 -5.72
C LYS A 52 -3.47 -2.91 -4.94
N PHE A 53 -3.78 -2.76 -3.66
CA PHE A 53 -3.98 -3.91 -2.80
C PHE A 53 -5.27 -3.75 -1.98
N LEU A 54 -6.06 -4.83 -1.96
CA LEU A 54 -7.30 -4.82 -1.22
C LEU A 54 -7.10 -5.50 0.14
N VAL A 55 -7.02 -4.69 1.17
CA VAL A 55 -6.82 -5.19 2.52
C VAL A 55 -8.18 -5.57 3.12
N PRO A 56 -8.17 -6.70 3.87
CA PRO A 56 -9.39 -7.18 4.51
C PRO A 56 -9.76 -6.32 5.72
N ASP A 57 -10.95 -5.76 5.68
CA ASP A 57 -11.42 -4.92 6.76
C ASP A 57 -11.87 -5.80 7.93
N HIS A 58 -10.94 -6.61 8.40
CA HIS A 58 -11.21 -7.51 9.52
C HIS A 58 -9.90 -7.97 10.15
N VAL A 59 -8.89 -7.11 10.03
CA VAL A 59 -7.59 -7.40 10.59
C VAL A 59 -6.91 -6.10 11.01
N ASN A 60 -5.60 -6.18 11.16
CA ASN A 60 -4.81 -5.02 11.56
C ASN A 60 -3.81 -4.68 10.46
N MET A 61 -3.34 -3.44 10.49
CA MET A 61 -2.38 -2.98 9.51
C MET A 61 -1.14 -3.88 9.49
N SER A 62 -0.93 -4.56 10.60
CA SER A 62 0.21 -5.46 10.72
C SER A 62 0.14 -6.53 9.65
N GLU A 63 -0.98 -7.24 9.63
CA GLU A 63 -1.18 -8.30 8.66
C GLU A 63 -0.70 -7.86 7.28
N LEU A 64 -1.20 -6.70 6.86
CA LEU A 64 -0.83 -6.16 5.56
C LEU A 64 0.68 -6.36 5.34
N ILE A 65 1.43 -6.06 6.39
CA ILE A 65 2.88 -6.20 6.32
C ILE A 65 3.23 -7.63 5.88
N LYS A 66 2.65 -8.58 6.59
CA LYS A 66 2.90 -9.99 6.30
C LYS A 66 2.45 -10.28 4.86
N ILE A 67 1.40 -9.59 4.45
CA ILE A 67 0.86 -9.76 3.12
C ILE A 67 1.87 -9.25 2.09
N ILE A 68 2.52 -8.16 2.45
CA ILE A 68 3.51 -7.55 1.57
C ILE A 68 4.75 -8.45 1.51
N ARG A 69 5.45 -8.51 2.63
CA ARG A 69 6.65 -9.33 2.72
C ARG A 69 6.45 -10.64 1.97
N ARG A 70 5.20 -11.09 1.93
CA ARG A 70 4.87 -12.33 1.25
C ARG A 70 5.06 -12.17 -0.26
N ARG A 71 4.45 -11.11 -0.79
CA ARG A 71 4.54 -10.83 -2.22
C ARG A 71 5.99 -10.57 -2.61
N LEU A 72 6.79 -10.18 -1.63
CA LEU A 72 8.19 -9.90 -1.86
C LEU A 72 9.01 -11.16 -1.59
N GLN A 73 8.31 -12.19 -1.13
CA GLN A 73 8.97 -13.46 -0.83
C GLN A 73 10.42 -13.22 -0.45
N LEU A 74 10.62 -12.26 0.44
CA LEU A 74 11.97 -11.93 0.89
C LEU A 74 12.41 -12.95 1.96
N ASN A 75 13.56 -12.68 2.54
CA ASN A 75 14.11 -13.56 3.57
C ASN A 75 14.51 -12.72 4.78
N ALA A 76 14.96 -13.42 5.81
CA ALA A 76 15.38 -12.76 7.04
C ALA A 76 16.60 -11.88 6.75
N ASN A 77 17.26 -12.18 5.64
CA ASN A 77 18.43 -11.44 5.24
C ASN A 77 18.01 -10.10 4.64
N GLN A 78 16.86 -10.13 3.97
CA GLN A 78 16.32 -8.93 3.35
C GLN A 78 15.35 -8.24 4.29
N ALA A 79 15.75 -7.05 4.75
CA ALA A 79 14.93 -6.27 5.65
C ALA A 79 13.84 -5.55 4.85
N PHE A 80 12.64 -5.57 5.39
CA PHE A 80 11.51 -4.91 4.74
C PHE A 80 10.64 -4.18 5.76
N PHE A 81 10.28 -2.95 5.39
CA PHE A 81 9.45 -2.12 6.25
C PHE A 81 8.47 -1.28 5.44
N LEU A 82 7.22 -1.32 5.88
CA LEU A 82 6.18 -0.57 5.19
C LEU A 82 5.97 0.76 5.91
N LEU A 83 6.38 1.82 5.23
CA LEU A 83 6.25 3.16 5.79
C LEU A 83 4.85 3.70 5.48
N VAL A 84 4.01 3.71 6.51
CA VAL A 84 2.64 4.19 6.36
C VAL A 84 2.65 5.72 6.34
N ASN A 85 2.33 6.27 5.17
CA ASN A 85 2.29 7.70 5.00
C ASN A 85 3.70 8.27 5.16
N GLY A 86 4.67 7.36 5.19
CA GLY A 86 6.07 7.75 5.34
C GLY A 86 6.55 7.51 6.77
N HIS A 87 5.74 6.80 7.53
CA HIS A 87 6.07 6.51 8.91
C HIS A 87 5.88 5.00 9.16
N SER A 88 6.86 4.43 9.86
CA SER A 88 6.82 3.02 10.17
C SER A 88 5.55 2.70 10.96
N MET A 89 5.34 1.40 11.16
CA MET A 89 4.17 0.95 11.90
C MET A 89 4.56 -0.08 12.96
N VAL A 90 5.75 0.09 13.49
CA VAL A 90 6.27 -0.81 14.52
C VAL A 90 5.32 -0.78 15.72
N SER A 91 4.48 0.24 15.75
CA SER A 91 3.53 0.39 16.84
C SER A 91 2.13 0.03 16.37
N VAL A 92 2.09 -0.78 15.31
CA VAL A 92 0.82 -1.21 14.74
C VAL A 92 -0.15 -1.52 15.87
N SER A 93 -1.01 -0.54 16.18
CA SER A 93 -1.99 -0.70 17.24
C SER A 93 -3.37 -0.27 16.74
N THR A 94 -3.45 -0.08 15.42
CA THR A 94 -4.70 0.33 14.81
C THR A 94 -5.05 -0.59 13.64
N PRO A 95 -6.38 -0.83 13.47
CA PRO A 95 -6.86 -1.69 12.40
C PRO A 95 -6.78 -0.96 11.05
N ILE A 96 -6.36 -1.71 10.04
CA ILE A 96 -6.25 -1.14 8.70
C ILE A 96 -7.52 -0.36 8.36
N SER A 97 -8.61 -0.78 8.98
CA SER A 97 -9.90 -0.14 8.75
C SER A 97 -9.84 1.32 9.23
N GLU A 98 -9.23 1.50 10.40
CA GLU A 98 -9.10 2.82 10.97
C GLU A 98 -7.93 3.58 10.32
N VAL A 99 -6.77 2.95 10.36
CA VAL A 99 -5.58 3.55 9.78
C VAL A 99 -5.94 4.15 8.42
N TYR A 100 -6.93 3.55 7.78
CA TYR A 100 -7.36 4.02 6.47
C TYR A 100 -8.13 5.33 6.59
N GLU A 101 -9.09 5.34 7.52
CA GLU A 101 -9.90 6.52 7.75
C GLU A 101 -9.15 7.52 8.63
N SER A 102 -7.97 7.10 9.08
CA SER A 102 -7.15 7.94 9.93
C SER A 102 -5.91 8.40 9.16
N GLU A 103 -5.83 7.99 7.90
CA GLU A 103 -4.71 8.35 7.06
C GLU A 103 -5.19 8.83 5.70
N ARG A 104 -6.09 8.06 5.11
CA ARG A 104 -6.65 8.40 3.81
C ARG A 104 -6.86 9.91 3.72
N ASP A 105 -6.90 10.39 2.48
CA ASP A 105 -7.10 11.81 2.23
C ASP A 105 -8.43 12.02 1.52
N GLU A 106 -8.69 13.26 1.15
CA GLU A 106 -9.92 13.61 0.47
C GLU A 106 -10.18 12.64 -0.68
N ASP A 107 -9.09 12.10 -1.22
CA ASP A 107 -9.18 11.16 -2.32
C ASP A 107 -9.85 9.87 -1.83
N GLY A 108 -9.40 9.41 -0.68
CA GLY A 108 -9.94 8.19 -0.10
C GLY A 108 -9.02 7.00 -0.35
N PHE A 109 -7.85 7.31 -0.90
CA PHE A 109 -6.88 6.27 -1.19
C PHE A 109 -5.68 6.35 -0.23
N LEU A 110 -5.32 5.19 0.30
CA LEU A 110 -4.21 5.11 1.23
C LEU A 110 -2.88 5.18 0.46
N TYR A 111 -1.91 5.82 1.08
CA TYR A 111 -0.60 5.95 0.45
C TYR A 111 0.51 5.56 1.44
N MET A 112 1.32 4.59 1.02
CA MET A 112 2.40 4.11 1.84
C MET A 112 3.60 3.71 0.97
N VAL A 113 4.79 3.95 1.52
CA VAL A 113 6.02 3.62 0.82
C VAL A 113 6.74 2.49 1.55
N TYR A 114 7.32 1.58 0.77
CA TYR A 114 8.04 0.46 1.34
C TYR A 114 9.50 0.47 0.90
N ALA A 115 10.36 0.01 1.80
CA ALA A 115 11.79 -0.04 1.52
C ALA A 115 12.46 -1.01 2.49
N SER A 116 13.76 -1.17 2.31
CA SER A 116 14.54 -2.05 3.16
C SER A 116 15.06 -1.29 4.38
N GLN A 117 14.37 -0.21 4.71
CA GLN A 117 14.76 0.61 5.84
C GLN A 117 13.53 1.28 6.46
N GLU A 118 13.54 1.38 7.78
CA GLU A 118 12.44 1.99 8.49
C GLU A 118 12.94 3.17 9.33
N THR A 119 14.25 3.37 9.29
CA THR A 119 14.87 4.45 10.05
C THR A 119 15.93 5.14 9.19
N PHE A 120 15.47 5.82 8.16
CA PHE A 120 16.37 6.53 7.26
C PHE A 120 16.42 8.02 7.59
N GLY A 121 15.27 8.53 8.03
CA GLY A 121 15.17 9.94 8.39
C GLY A 121 14.47 10.74 7.29
N MET B 1 -9.39 3.35 -23.17
CA MET B 1 -10.78 3.01 -22.92
C MET B 1 -11.09 3.06 -21.42
N SER B 2 -12.09 3.86 -21.08
CA SER B 2 -12.50 4.02 -19.70
C SER B 2 -12.97 2.67 -19.14
N GLY B 3 -12.01 1.91 -18.63
CA GLY B 3 -12.33 0.60 -18.08
C GLY B 3 -11.05 -0.20 -17.83
N GLY B 4 -10.37 0.13 -16.75
CA GLY B 4 -9.14 -0.55 -16.39
C GLY B 4 -9.04 -0.78 -14.88
N ASP B 5 -8.11 -1.62 -14.50
CA ASP B 5 -7.91 -1.94 -13.09
C ASP B 5 -9.27 -2.05 -12.40
N ASP B 6 -10.14 -2.86 -12.99
CA ASP B 6 -11.47 -3.07 -12.45
C ASP B 6 -11.36 -3.61 -11.02
N ASP B 7 -10.39 -4.48 -10.83
CA ASP B 7 -10.15 -5.08 -9.52
C ASP B 7 -8.67 -5.08 -9.22
N TRP B 8 -8.34 -4.73 -7.98
CA TRP B 8 -6.96 -4.67 -7.55
C TRP B 8 -6.57 -6.06 -7.03
N THR B 9 -5.61 -6.07 -6.12
CA THR B 9 -5.15 -7.32 -5.54
C THR B 9 -5.96 -7.66 -4.29
N HIS B 10 -5.98 -8.95 -3.96
CA HIS B 10 -6.70 -9.42 -2.80
C HIS B 10 -5.72 -9.84 -1.71
N LEU B 11 -5.71 -9.06 -0.63
CA LEU B 11 -4.83 -9.34 0.49
C LEU B 11 -5.56 -10.22 1.51
N SER B 12 -5.12 -11.47 1.59
CA SER B 12 -5.72 -12.42 2.51
C SER B 12 -4.69 -12.88 3.53
N SER B 13 -5.17 -13.13 4.74
CA SER B 13 -4.30 -13.58 5.82
C SER B 13 -4.20 -15.11 5.81
N LYS B 14 -4.80 -15.71 4.79
CA LYS B 14 -4.79 -17.15 4.65
C LYS B 14 -3.76 -17.55 3.59
N GLU B 15 -3.42 -16.59 2.75
CA GLU B 15 -2.45 -16.82 1.69
C GLU B 15 -1.05 -16.41 2.15
N VAL B 16 -0.99 -15.91 3.37
CA VAL B 16 0.27 -15.46 3.95
C VAL B 16 1.09 -16.68 4.38
N ASP B 17 2.19 -16.40 5.05
CA ASP B 17 3.07 -17.46 5.53
C ASP B 17 2.64 -17.87 6.92
N SER A 1 18.29 20.24 -15.34
CA SER A 1 18.40 18.93 -15.97
C SER A 1 17.97 17.84 -14.99
N MET A 2 17.06 18.21 -14.11
CA MET A 2 16.55 17.27 -13.11
C MET A 2 15.05 17.43 -12.93
N PRO A 3 14.29 16.56 -13.66
CA PRO A 3 12.84 16.60 -13.59
C PRO A 3 12.34 15.97 -12.28
N SER A 4 12.10 16.85 -11.30
CA SER A 4 11.63 16.40 -10.00
C SER A 4 10.42 15.49 -10.17
N GLU A 5 10.67 14.19 -10.15
CA GLU A 5 9.62 13.21 -10.31
C GLU A 5 8.54 13.43 -9.24
N LYS A 6 7.31 13.60 -9.72
CA LYS A 6 6.18 13.81 -8.83
C LYS A 6 5.89 12.53 -8.06
N THR A 7 5.12 12.67 -6.99
CA THR A 7 4.77 11.54 -6.15
C THR A 7 3.45 10.92 -6.64
N PHE A 8 3.37 9.60 -6.47
CA PHE A 8 2.18 8.87 -6.90
C PHE A 8 0.91 9.61 -6.48
N LYS A 9 1.06 10.43 -5.44
CA LYS A 9 -0.08 11.20 -4.94
C LYS A 9 -0.27 12.44 -5.82
N GLN A 10 0.85 13.06 -6.16
CA GLN A 10 0.81 14.25 -6.99
C GLN A 10 0.67 13.87 -8.46
N ARG A 11 1.67 13.15 -8.95
CA ARG A 11 1.68 12.71 -10.34
C ARG A 11 0.26 12.34 -10.78
N ARG A 12 -0.19 11.19 -10.32
CA ARG A 12 -1.52 10.71 -10.66
C ARG A 12 -2.56 11.81 -10.42
N SER A 13 -3.57 11.83 -11.28
CA SER A 13 -4.63 12.82 -11.15
C SER A 13 -5.57 12.44 -10.02
N PHE A 14 -5.78 13.39 -9.12
CA PHE A 14 -6.65 13.17 -7.97
C PHE A 14 -8.02 12.66 -8.43
N GLU A 15 -8.55 13.30 -9.46
CA GLU A 15 -9.85 12.91 -9.98
C GLU A 15 -9.79 11.48 -10.53
N GLN A 16 -8.59 11.02 -10.79
CA GLN A 16 -8.38 9.68 -11.30
C GLN A 16 -8.20 8.69 -10.14
N ARG A 17 -7.47 9.13 -9.14
CA ARG A 17 -7.21 8.30 -7.98
C ARG A 17 -8.48 8.17 -7.13
N VAL A 18 -9.31 9.20 -7.20
CA VAL A 18 -10.55 9.21 -6.45
C VAL A 18 -11.55 8.26 -7.11
N GLU A 19 -11.67 8.39 -8.42
CA GLU A 19 -12.59 7.55 -9.18
C GLU A 19 -12.16 6.08 -9.07
N ASP A 20 -10.90 5.84 -9.37
CA ASP A 20 -10.36 4.50 -9.32
C ASP A 20 -10.84 3.81 -8.03
N VAL A 21 -10.92 4.60 -6.98
CA VAL A 21 -11.37 4.08 -5.69
C VAL A 21 -12.86 3.75 -5.77
N ARG A 22 -13.61 4.66 -6.37
CA ARG A 22 -15.04 4.47 -6.51
C ARG A 22 -15.36 3.00 -6.83
N LEU A 23 -14.54 2.44 -7.72
CA LEU A 23 -14.72 1.05 -8.12
C LEU A 23 -14.63 0.15 -6.90
N ILE A 24 -13.42 0.11 -6.34
CA ILE A 24 -13.18 -0.71 -5.16
C ILE A 24 -14.23 -0.39 -4.10
N ARG A 25 -14.78 0.81 -4.19
CA ARG A 25 -15.81 1.24 -3.25
C ARG A 25 -17.14 0.55 -3.56
N GLU A 26 -17.37 0.34 -4.85
CA GLU A 26 -18.60 -0.30 -5.29
C GLU A 26 -18.35 -1.79 -5.57
N GLN A 27 -17.09 -2.18 -5.46
CA GLN A 27 -16.70 -3.55 -5.70
C GLN A 27 -16.28 -4.22 -4.39
N HIS A 28 -15.29 -3.61 -3.74
CA HIS A 28 -14.78 -4.13 -2.49
C HIS A 28 -15.01 -3.11 -1.37
N PRO A 29 -16.26 -3.10 -0.85
CA PRO A 29 -16.63 -2.17 0.21
C PRO A 29 -16.04 -2.62 1.55
N THR A 30 -15.92 -3.93 1.71
CA THR A 30 -15.37 -4.49 2.92
C THR A 30 -13.86 -4.65 2.80
N LYS A 31 -13.26 -3.78 2.00
CA LYS A 31 -11.82 -3.81 1.79
C LYS A 31 -11.26 -2.39 1.87
N ILE A 32 -10.06 -2.29 2.42
CA ILE A 32 -9.42 -0.99 2.56
C ILE A 32 -8.38 -0.83 1.44
N PRO A 33 -8.64 0.18 0.57
CA PRO A 33 -7.74 0.46 -0.54
C PRO A 33 -6.47 1.15 -0.06
N VAL A 34 -5.35 0.73 -0.63
CA VAL A 34 -4.06 1.30 -0.28
C VAL A 34 -3.17 1.40 -1.52
N ILE A 35 -2.17 2.24 -1.43
CA ILE A 35 -1.24 2.43 -2.53
C ILE A 35 0.19 2.42 -2.01
N ILE A 36 0.82 1.25 -2.11
CA ILE A 36 2.19 1.10 -1.64
C ILE A 36 3.15 1.28 -2.83
N GLU A 37 4.17 2.11 -2.60
CA GLU A 37 5.15 2.37 -3.62
C GLU A 37 6.56 2.25 -3.06
N ARG A 38 7.53 2.22 -3.96
CA ARG A 38 8.93 2.10 -3.56
C ARG A 38 9.43 3.43 -3.01
N TYR A 39 10.11 3.34 -1.86
CA TYR A 39 10.66 4.52 -1.23
C TYR A 39 11.63 5.26 -2.16
N LYS A 40 11.55 6.59 -2.12
CA LYS A 40 12.41 7.40 -2.94
C LYS A 40 13.88 7.06 -2.66
N GLY A 41 14.43 6.21 -3.52
CA GLY A 41 15.81 5.78 -3.37
C GLY A 41 15.90 4.31 -3.01
N GLU A 42 14.79 3.62 -3.20
CA GLU A 42 14.72 2.19 -2.91
C GLU A 42 15.04 1.38 -4.16
N LYS A 43 16.20 0.75 -4.14
CA LYS A 43 16.64 -0.06 -5.27
C LYS A 43 16.82 -1.52 -4.80
N GLN A 44 17.35 -1.65 -3.60
CA GLN A 44 17.59 -2.97 -3.03
C GLN A 44 16.36 -3.86 -3.24
N LEU A 45 15.35 -3.63 -2.42
CA LEU A 45 14.12 -4.39 -2.50
C LEU A 45 13.56 -4.30 -3.92
N PRO A 46 12.89 -5.41 -4.35
CA PRO A 46 12.30 -5.46 -5.67
C PRO A 46 11.03 -4.61 -5.75
N VAL A 47 10.57 -4.40 -6.97
CA VAL A 47 9.37 -3.62 -7.19
C VAL A 47 8.14 -4.50 -7.01
N LEU A 48 7.28 -4.09 -6.08
CA LEU A 48 6.07 -4.84 -5.80
C LEU A 48 5.40 -5.22 -7.11
N ASP A 49 4.68 -6.34 -7.07
CA ASP A 49 3.99 -6.83 -8.25
C ASP A 49 3.03 -5.74 -8.75
N LYS A 50 2.48 -5.01 -7.79
CA LYS A 50 1.54 -3.94 -8.11
C LYS A 50 1.51 -2.93 -6.97
N THR A 51 0.63 -1.94 -7.11
CA THR A 51 0.50 -0.91 -6.10
C THR A 51 -0.84 -1.03 -5.38
N LYS A 52 -1.87 -1.34 -6.17
CA LYS A 52 -3.21 -1.50 -5.63
C LYS A 52 -3.28 -2.79 -4.82
N PHE A 53 -3.74 -2.66 -3.58
CA PHE A 53 -3.86 -3.80 -2.70
C PHE A 53 -5.16 -3.74 -1.88
N LEU A 54 -5.90 -4.83 -1.94
CA LEU A 54 -7.16 -4.91 -1.22
C LEU A 54 -6.92 -5.57 0.14
N VAL A 55 -6.92 -4.74 1.17
CA VAL A 55 -6.71 -5.24 2.53
C VAL A 55 -8.06 -5.52 3.18
N PRO A 56 -8.10 -6.62 3.97
CA PRO A 56 -9.32 -7.01 4.65
C PRO A 56 -9.59 -6.10 5.86
N ASP A 57 -10.86 -5.72 6.01
CA ASP A 57 -11.25 -4.86 7.10
C ASP A 57 -11.61 -5.72 8.31
N HIS A 58 -10.78 -6.71 8.56
CA HIS A 58 -11.00 -7.61 9.68
C HIS A 58 -9.65 -8.01 10.29
N VAL A 59 -8.63 -7.23 9.95
CA VAL A 59 -7.29 -7.49 10.45
C VAL A 59 -6.64 -6.18 10.89
N ASN A 60 -5.33 -6.21 11.04
CA ASN A 60 -4.59 -5.03 11.45
C ASN A 60 -3.68 -4.59 10.30
N MET A 61 -3.18 -3.37 10.44
CA MET A 61 -2.31 -2.81 9.42
C MET A 61 -1.06 -3.69 9.22
N SER A 62 -0.66 -4.34 10.29
CA SER A 62 0.50 -5.22 10.25
C SER A 62 0.32 -6.25 9.13
N GLU A 63 -0.82 -6.90 9.14
CA GLU A 63 -1.12 -7.92 8.14
C GLU A 63 -0.68 -7.44 6.75
N LEU A 64 -1.15 -6.26 6.39
CA LEU A 64 -0.81 -5.69 5.10
C LEU A 64 0.66 -5.98 4.79
N ILE A 65 1.51 -5.61 5.74
CA ILE A 65 2.94 -5.82 5.59
C ILE A 65 3.21 -7.31 5.36
N LYS A 66 2.75 -8.11 6.31
CA LYS A 66 2.93 -9.55 6.22
C LYS A 66 2.59 -10.02 4.80
N ILE A 67 1.74 -9.26 4.14
CA ILE A 67 1.33 -9.58 2.78
C ILE A 67 2.37 -9.04 1.80
N ILE A 68 2.69 -7.76 1.98
CA ILE A 68 3.66 -7.11 1.12
C ILE A 68 4.88 -8.01 0.95
N ARG A 69 5.62 -8.18 2.04
CA ARG A 69 6.80 -9.01 2.01
C ARG A 69 6.51 -10.34 1.30
N ARG A 70 5.37 -10.93 1.65
CA ARG A 70 4.97 -12.18 1.05
C ARG A 70 4.92 -12.06 -0.47
N ARG A 71 4.52 -10.87 -0.93
CA ARG A 71 4.44 -10.61 -2.35
C ARG A 71 5.84 -10.52 -2.97
N LEU A 72 6.69 -9.74 -2.31
CA LEU A 72 8.05 -9.56 -2.78
C LEU A 72 8.82 -10.87 -2.58
N GLN A 73 8.19 -11.80 -1.89
CA GLN A 73 8.81 -13.08 -1.63
C GLN A 73 10.25 -12.90 -1.17
N LEU A 74 10.42 -12.02 -0.19
CA LEU A 74 11.73 -11.74 0.35
C LEU A 74 12.22 -12.95 1.15
N ASN A 75 13.50 -12.93 1.49
CA ASN A 75 14.10 -14.01 2.25
C ASN A 75 13.73 -13.86 3.72
N ALA A 76 14.13 -14.85 4.50
CA ALA A 76 13.85 -14.85 5.93
C ALA A 76 14.84 -13.94 6.64
N ASN A 77 15.76 -13.38 5.86
CA ASN A 77 16.77 -12.49 6.40
C ASN A 77 16.51 -11.07 5.89
N GLN A 78 15.98 -10.98 4.69
CA GLN A 78 15.69 -9.69 4.08
C GLN A 78 14.98 -8.78 5.10
N ALA A 79 15.28 -7.50 4.99
CA ALA A 79 14.68 -6.52 5.89
C ALA A 79 13.77 -5.59 5.09
N PHE A 80 12.58 -5.37 5.64
CA PHE A 80 11.61 -4.51 4.98
C PHE A 80 10.70 -3.83 6.01
N PHE A 81 10.33 -2.60 5.71
CA PHE A 81 9.46 -1.83 6.59
C PHE A 81 8.49 -0.96 5.80
N LEU A 82 7.21 -1.17 6.06
CA LEU A 82 6.17 -0.40 5.37
C LEU A 82 5.89 0.87 6.16
N LEU A 83 6.22 1.99 5.55
CA LEU A 83 6.00 3.29 6.18
C LEU A 83 4.63 3.82 5.76
N VAL A 84 3.76 3.97 6.76
CA VAL A 84 2.42 4.47 6.51
C VAL A 84 2.45 6.00 6.49
N ASN A 85 2.34 6.55 5.29
CA ASN A 85 2.35 7.99 5.11
C ASN A 85 3.78 8.51 5.29
N GLY A 86 4.72 7.59 5.24
CA GLY A 86 6.12 7.94 5.40
C GLY A 86 6.60 7.69 6.83
N HIS A 87 5.68 7.17 7.64
CA HIS A 87 5.99 6.88 9.02
C HIS A 87 5.72 5.40 9.31
N SER A 88 6.65 4.80 10.04
CA SER A 88 6.53 3.39 10.39
C SER A 88 5.22 3.15 11.14
N MET A 89 4.93 1.87 11.37
CA MET A 89 3.71 1.49 12.07
C MET A 89 4.04 0.86 13.42
N VAL A 90 5.15 1.29 13.99
CA VAL A 90 5.59 0.77 15.27
C VAL A 90 4.43 0.87 16.27
N SER A 91 4.15 -0.25 16.91
CA SER A 91 3.07 -0.31 17.89
C SER A 91 1.74 -0.59 17.19
N VAL A 92 1.85 -1.11 15.97
CA VAL A 92 0.67 -1.43 15.19
C VAL A 92 -0.42 -1.99 16.12
N SER A 93 -1.39 -1.15 16.43
CA SER A 93 -2.48 -1.55 17.30
C SER A 93 -3.81 -1.00 16.76
N THR A 94 -3.81 -0.72 15.46
CA THR A 94 -5.00 -0.20 14.81
C THR A 94 -5.32 -1.01 13.56
N PRO A 95 -6.64 -1.17 13.29
CA PRO A 95 -7.10 -1.92 12.14
C PRO A 95 -6.90 -1.12 10.85
N ILE A 96 -6.50 -1.83 9.80
CA ILE A 96 -6.27 -1.20 8.52
C ILE A 96 -7.48 -0.35 8.14
N SER A 97 -8.61 -0.70 8.74
CA SER A 97 -9.86 0.01 8.47
C SER A 97 -9.76 1.43 9.03
N GLU A 98 -9.15 1.55 10.19
CA GLU A 98 -9.00 2.83 10.84
C GLU A 98 -7.74 3.53 10.32
N VAL A 99 -6.63 2.82 10.40
CA VAL A 99 -5.35 3.36 9.95
C VAL A 99 -5.55 4.08 8.62
N TYR A 100 -6.49 3.57 7.83
CA TYR A 100 -6.81 4.15 6.54
C TYR A 100 -7.68 5.40 6.69
N GLU A 101 -8.75 5.25 7.46
CA GLU A 101 -9.67 6.34 7.68
C GLU A 101 -9.03 7.38 8.62
N SER A 102 -7.84 7.05 9.08
CA SER A 102 -7.12 7.94 9.98
C SER A 102 -5.90 8.53 9.25
N GLU A 103 -5.68 8.04 8.05
CA GLU A 103 -4.56 8.50 7.25
C GLU A 103 -5.04 8.93 5.87
N ARG A 104 -5.65 7.99 5.15
CA ARG A 104 -6.16 8.26 3.83
C ARG A 104 -6.76 9.66 3.76
N ASP A 105 -6.80 10.21 2.55
CA ASP A 105 -7.35 11.54 2.35
C ASP A 105 -8.68 11.42 1.61
N GLU A 106 -9.26 12.57 1.30
CA GLU A 106 -10.53 12.62 0.59
C GLU A 106 -10.47 11.73 -0.65
N ASP A 107 -9.26 11.50 -1.12
CA ASP A 107 -9.05 10.68 -2.30
C ASP A 107 -9.60 9.27 -2.04
N GLY A 108 -9.25 8.74 -0.88
CA GLY A 108 -9.71 7.41 -0.51
C GLY A 108 -8.63 6.36 -0.76
N PHE A 109 -7.43 6.85 -1.01
CA PHE A 109 -6.30 5.97 -1.28
C PHE A 109 -5.18 6.18 -0.26
N LEU A 110 -4.74 5.07 0.33
CA LEU A 110 -3.69 5.13 1.32
C LEU A 110 -2.34 5.21 0.61
N TYR A 111 -1.43 5.98 1.22
CA TYR A 111 -0.11 6.16 0.66
C TYR A 111 0.97 5.71 1.65
N MET A 112 1.58 4.57 1.33
CA MET A 112 2.62 4.02 2.18
C MET A 112 3.88 3.70 1.37
N VAL A 113 5.02 4.01 1.95
CA VAL A 113 6.29 3.77 1.30
C VAL A 113 7.08 2.72 2.09
N TYR A 114 7.41 1.63 1.41
CA TYR A 114 8.15 0.55 2.03
C TYR A 114 9.61 0.55 1.57
N ALA A 115 10.47 -0.01 2.40
CA ALA A 115 11.88 -0.08 2.09
C ALA A 115 12.61 -0.84 3.20
N SER A 116 13.91 -1.00 3.01
CA SER A 116 14.72 -1.69 3.99
C SER A 116 15.22 -0.71 5.06
N GLN A 117 14.38 0.26 5.35
CA GLN A 117 14.72 1.26 6.35
C GLN A 117 13.46 1.78 7.04
N GLU A 118 13.47 1.69 8.36
CA GLU A 118 12.33 2.14 9.14
C GLU A 118 12.68 3.44 9.89
N THR A 119 13.95 3.80 9.80
CA THR A 119 14.42 5.00 10.46
C THR A 119 15.38 5.76 9.55
N PHE A 120 14.80 6.41 8.54
CA PHE A 120 15.60 7.18 7.60
C PHE A 120 15.61 8.66 7.96
N GLY A 121 14.52 9.10 8.56
CA GLY A 121 14.40 10.49 8.97
C GLY A 121 15.71 11.03 9.52
N MET B 1 -1.44 -1.37 -23.20
CA MET B 1 -1.76 0.04 -23.02
C MET B 1 -3.13 0.21 -22.35
N SER B 2 -3.73 -0.91 -22.02
CA SER B 2 -5.04 -0.90 -21.38
C SER B 2 -4.88 -0.97 -19.86
N GLY B 3 -5.99 -0.79 -19.17
CA GLY B 3 -5.99 -0.83 -17.72
C GLY B 3 -6.37 -2.23 -17.22
N GLY B 4 -7.63 -2.57 -17.43
CA GLY B 4 -8.13 -3.87 -17.00
C GLY B 4 -7.93 -4.06 -15.50
N ASP B 5 -8.30 -3.04 -14.75
CA ASP B 5 -8.16 -3.10 -13.29
C ASP B 5 -9.55 -3.22 -12.67
N ASP B 6 -10.25 -4.27 -13.06
CA ASP B 6 -11.58 -4.51 -12.53
C ASP B 6 -11.49 -4.89 -11.06
N ASP B 7 -10.29 -5.30 -10.66
CA ASP B 7 -10.06 -5.69 -9.28
C ASP B 7 -8.56 -5.58 -8.97
N TRP B 8 -8.26 -4.95 -7.85
CA TRP B 8 -6.88 -4.78 -7.43
C TRP B 8 -6.35 -6.14 -6.98
N THR B 9 -5.37 -6.10 -6.09
CA THR B 9 -4.76 -7.31 -5.57
C THR B 9 -5.48 -7.76 -4.30
N HIS B 10 -5.39 -9.06 -4.04
CA HIS B 10 -6.02 -9.62 -2.85
C HIS B 10 -4.97 -9.87 -1.78
N LEU B 11 -5.25 -9.33 -0.59
CA LEU B 11 -4.34 -9.48 0.52
C LEU B 11 -4.81 -10.63 1.42
N SER B 12 -4.42 -11.84 1.03
CA SER B 12 -4.81 -13.02 1.78
C SER B 12 -3.76 -13.31 2.87
N SER B 13 -4.23 -13.37 4.10
CA SER B 13 -3.36 -13.65 5.23
C SER B 13 -3.20 -15.15 5.41
N LYS B 14 -3.64 -15.90 4.41
CA LYS B 14 -3.56 -17.34 4.45
C LYS B 14 -2.32 -17.80 3.67
N GLU B 15 -2.00 -17.03 2.64
CA GLU B 15 -0.85 -17.35 1.80
C GLU B 15 0.43 -16.84 2.45
N VAL B 16 0.26 -16.21 3.61
CA VAL B 16 1.40 -15.68 4.35
C VAL B 16 1.99 -16.78 5.24
N ASP B 17 2.83 -16.36 6.17
CA ASP B 17 3.46 -17.28 7.08
C ASP B 17 2.39 -17.95 7.95
N SER A 1 19.40 19.26 -10.89
CA SER A 1 18.12 19.06 -11.54
C SER A 1 17.25 18.14 -10.69
N MET A 2 17.73 17.86 -9.49
CA MET A 2 17.00 16.99 -8.59
C MET A 2 16.47 15.75 -9.31
N PRO A 3 17.28 14.65 -9.21
CA PRO A 3 16.91 13.39 -9.85
C PRO A 3 15.79 12.69 -9.08
N SER A 4 14.56 13.07 -9.40
CA SER A 4 13.41 12.48 -8.76
C SER A 4 12.15 12.70 -9.61
N GLU A 5 11.03 12.23 -9.09
CA GLU A 5 9.77 12.37 -9.79
C GLU A 5 8.65 12.72 -8.81
N LYS A 6 7.62 13.37 -9.34
CA LYS A 6 6.49 13.78 -8.52
C LYS A 6 5.95 12.56 -7.77
N THR A 7 4.83 12.78 -7.09
CA THR A 7 4.20 11.71 -6.34
C THR A 7 2.75 11.51 -6.79
N PHE A 8 2.27 10.30 -6.58
CA PHE A 8 0.90 9.96 -6.97
C PHE A 8 -0.07 11.07 -6.56
N LYS A 9 0.32 11.80 -5.53
CA LYS A 9 -0.51 12.89 -5.03
C LYS A 9 -0.37 14.09 -5.96
N GLN A 10 0.85 14.34 -6.39
CA GLN A 10 1.12 15.47 -7.28
C GLN A 10 1.01 15.01 -8.73
N ARG A 11 1.93 14.14 -9.13
CA ARG A 11 1.95 13.62 -10.49
C ARG A 11 0.54 13.23 -10.92
N ARG A 12 0.08 12.10 -10.38
CA ARG A 12 -1.24 11.60 -10.71
C ARG A 12 -2.31 12.60 -10.27
N SER A 13 -3.42 12.61 -11.00
CA SER A 13 -4.51 13.51 -10.70
C SER A 13 -5.32 12.97 -9.52
N PHE A 14 -5.62 13.87 -8.59
CA PHE A 14 -6.39 13.51 -7.41
C PHE A 14 -7.76 12.95 -7.80
N GLU A 15 -8.35 13.57 -8.81
CA GLU A 15 -9.66 13.16 -9.29
C GLU A 15 -9.56 11.80 -9.97
N GLN A 16 -8.33 11.39 -10.24
CA GLN A 16 -8.10 10.12 -10.90
C GLN A 16 -8.06 8.99 -9.86
N ARG A 17 -7.27 9.21 -8.82
CA ARG A 17 -7.14 8.22 -7.77
C ARG A 17 -8.48 8.03 -7.05
N VAL A 18 -9.09 9.14 -6.70
CA VAL A 18 -10.38 9.11 -6.01
C VAL A 18 -11.40 8.42 -6.91
N GLU A 19 -11.13 8.45 -8.20
CA GLU A 19 -12.02 7.84 -9.17
C GLU A 19 -11.70 6.35 -9.33
N ASP A 20 -10.51 5.99 -8.88
CA ASP A 20 -10.07 4.60 -8.95
C ASP A 20 -10.66 3.82 -7.78
N VAL A 21 -10.57 4.41 -6.60
CA VAL A 21 -11.09 3.79 -5.40
C VAL A 21 -12.58 3.51 -5.57
N ARG A 22 -13.30 4.54 -6.00
CA ARG A 22 -14.73 4.42 -6.22
C ARG A 22 -15.07 3.03 -6.76
N LEU A 23 -14.17 2.51 -7.58
CA LEU A 23 -14.37 1.19 -8.17
C LEU A 23 -14.34 0.14 -7.06
N ILE A 24 -13.23 0.11 -6.34
CA ILE A 24 -13.07 -0.84 -5.26
C ILE A 24 -14.15 -0.59 -4.20
N ARG A 25 -14.66 0.64 -4.20
CA ARG A 25 -15.69 1.02 -3.25
C ARG A 25 -17.00 0.32 -3.58
N GLU A 26 -17.17 0.01 -4.86
CA GLU A 26 -18.37 -0.67 -5.31
C GLU A 26 -18.11 -2.15 -5.51
N GLN A 27 -16.85 -2.47 -5.78
CA GLN A 27 -16.44 -3.84 -5.99
C GLN A 27 -16.03 -4.49 -4.67
N HIS A 28 -15.09 -3.84 -4.00
CA HIS A 28 -14.60 -4.34 -2.72
C HIS A 28 -14.91 -3.32 -1.62
N PRO A 29 -16.19 -3.36 -1.16
CA PRO A 29 -16.63 -2.45 -0.11
C PRO A 29 -16.09 -2.88 1.26
N THR A 30 -15.95 -4.19 1.41
CA THR A 30 -15.44 -4.75 2.65
C THR A 30 -13.92 -4.85 2.61
N LYS A 31 -13.32 -3.93 1.89
CA LYS A 31 -11.87 -3.90 1.75
C LYS A 31 -11.39 -2.44 1.84
N ILE A 32 -10.12 -2.30 2.21
CA ILE A 32 -9.53 -0.98 2.35
C ILE A 32 -8.50 -0.78 1.23
N PRO A 33 -8.79 0.24 0.37
CA PRO A 33 -7.90 0.55 -0.73
C PRO A 33 -6.63 1.25 -0.25
N VAL A 34 -5.50 0.81 -0.77
CA VAL A 34 -4.23 1.39 -0.41
C VAL A 34 -3.31 1.41 -1.63
N ILE A 35 -2.31 2.30 -1.57
CA ILE A 35 -1.37 2.44 -2.66
C ILE A 35 0.05 2.26 -2.12
N ILE A 36 0.55 1.03 -2.25
CA ILE A 36 1.88 0.71 -1.78
C ILE A 36 2.87 0.82 -2.96
N GLU A 37 3.85 1.68 -2.78
CA GLU A 37 4.86 1.88 -3.80
C GLU A 37 6.26 1.77 -3.21
N ARG A 38 7.25 1.92 -4.07
CA ARG A 38 8.64 1.84 -3.65
C ARG A 38 9.13 3.21 -3.16
N TYR A 39 9.89 3.18 -2.08
CA TYR A 39 10.43 4.40 -1.51
C TYR A 39 11.32 5.13 -2.52
N LYS A 40 11.25 6.45 -2.49
CA LYS A 40 12.03 7.27 -3.40
C LYS A 40 13.51 6.91 -3.23
N GLY A 41 13.96 5.97 -4.04
CA GLY A 41 15.34 5.53 -4.00
C GLY A 41 15.45 4.09 -3.49
N GLU A 42 14.35 3.38 -3.62
CA GLU A 42 14.29 1.99 -3.17
C GLU A 42 14.77 1.06 -4.29
N LYS A 43 15.96 0.51 -4.10
CA LYS A 43 16.53 -0.40 -5.08
C LYS A 43 16.58 -1.82 -4.49
N GLN A 44 16.76 -1.87 -3.18
CA GLN A 44 16.83 -3.14 -2.49
C GLN A 44 15.61 -4.00 -2.83
N LEU A 45 14.52 -3.73 -2.13
CA LEU A 45 13.28 -4.46 -2.35
C LEU A 45 12.88 -4.35 -3.82
N PRO A 46 12.29 -5.46 -4.33
CA PRO A 46 11.86 -5.52 -5.72
C PRO A 46 10.59 -4.68 -5.93
N VAL A 47 10.17 -4.60 -7.18
CA VAL A 47 8.98 -3.85 -7.53
C VAL A 47 7.74 -4.66 -7.15
N LEU A 48 7.06 -4.18 -6.11
CA LEU A 48 5.85 -4.85 -5.64
C LEU A 48 5.04 -5.33 -6.84
N ASP A 49 4.37 -6.47 -6.65
CA ASP A 49 3.56 -7.04 -7.70
C ASP A 49 2.76 -5.92 -8.39
N LYS A 50 2.37 -4.94 -7.59
CA LYS A 50 1.61 -3.82 -8.12
C LYS A 50 1.60 -2.69 -7.09
N THR A 51 0.72 -1.73 -7.32
CA THR A 51 0.61 -0.59 -6.42
C THR A 51 -0.75 -0.62 -5.70
N LYS A 52 -1.69 -1.31 -6.32
CA LYS A 52 -3.03 -1.43 -5.76
C LYS A 52 -3.12 -2.72 -4.95
N PHE A 53 -3.60 -2.58 -3.72
CA PHE A 53 -3.74 -3.72 -2.84
C PHE A 53 -5.03 -3.62 -2.01
N LEU A 54 -5.76 -4.73 -1.98
CA LEU A 54 -7.01 -4.77 -1.24
C LEU A 54 -6.76 -5.40 0.13
N VAL A 55 -6.72 -4.55 1.15
CA VAL A 55 -6.49 -5.01 2.51
C VAL A 55 -7.83 -5.31 3.17
N PRO A 56 -7.83 -6.40 3.99
CA PRO A 56 -9.04 -6.80 4.70
C PRO A 56 -9.33 -5.87 5.86
N ASP A 57 -10.56 -5.36 5.89
CA ASP A 57 -10.98 -4.45 6.95
C ASP A 57 -11.30 -5.27 8.20
N HIS A 58 -11.10 -6.56 8.09
CA HIS A 58 -11.36 -7.46 9.21
C HIS A 58 -10.06 -7.71 9.98
N VAL A 59 -8.96 -7.29 9.38
CA VAL A 59 -7.66 -7.47 9.98
C VAL A 59 -7.08 -6.10 10.35
N ASN A 60 -5.83 -6.11 10.79
CA ASN A 60 -5.15 -4.89 11.16
C ASN A 60 -4.07 -4.56 10.13
N MET A 61 -3.50 -3.38 10.28
CA MET A 61 -2.45 -2.94 9.37
C MET A 61 -1.25 -3.87 9.41
N SER A 62 -1.10 -4.54 10.54
CA SER A 62 0.00 -5.46 10.73
C SER A 62 -0.06 -6.57 9.67
N GLU A 63 -1.19 -7.27 9.65
CA GLU A 63 -1.38 -8.34 8.69
C GLU A 63 -0.86 -7.93 7.31
N LEU A 64 -1.31 -6.78 6.85
CA LEU A 64 -0.89 -6.26 5.56
C LEU A 64 0.62 -6.47 5.40
N ILE A 65 1.34 -6.20 6.48
CA ILE A 65 2.79 -6.36 6.46
C ILE A 65 3.14 -7.78 6.05
N LYS A 66 2.64 -8.73 6.82
CA LYS A 66 2.89 -10.13 6.55
C LYS A 66 2.47 -10.45 5.10
N ILE A 67 1.39 -9.81 4.68
CA ILE A 67 0.88 -10.01 3.34
C ILE A 67 1.84 -9.39 2.33
N ILE A 68 2.50 -8.32 2.75
CA ILE A 68 3.45 -7.64 1.91
C ILE A 68 4.72 -8.47 1.79
N ARG A 69 5.42 -8.58 2.92
CA ARG A 69 6.66 -9.34 2.97
C ARG A 69 6.50 -10.65 2.18
N ARG A 70 5.35 -11.27 2.36
CA ARG A 70 5.07 -12.52 1.68
C ARG A 70 5.08 -12.32 0.16
N ARG A 71 4.48 -11.22 -0.26
CA ARG A 71 4.42 -10.89 -1.67
C ARG A 71 5.83 -10.71 -2.24
N LEU A 72 6.67 -10.05 -1.45
CA LEU A 72 8.04 -9.80 -1.86
C LEU A 72 8.84 -11.11 -1.76
N GLN A 73 8.24 -12.08 -1.09
CA GLN A 73 8.88 -13.37 -0.92
C GLN A 73 10.38 -13.19 -0.66
N LEU A 74 10.68 -12.32 0.30
CA LEU A 74 12.06 -12.05 0.65
C LEU A 74 12.54 -13.10 1.66
N ASN A 75 13.77 -12.91 2.12
CA ASN A 75 14.35 -13.83 3.08
C ASN A 75 14.63 -13.09 4.39
N ALA A 76 15.26 -13.79 5.31
CA ALA A 76 15.59 -13.22 6.60
C ALA A 76 16.75 -12.22 6.43
N ASN A 77 17.51 -12.43 5.37
CA ASN A 77 18.64 -11.57 5.08
C ASN A 77 18.13 -10.24 4.52
N GLN A 78 16.98 -10.30 3.88
CA GLN A 78 16.37 -9.12 3.30
C GLN A 78 15.41 -8.48 4.30
N ALA A 79 15.71 -7.23 4.66
CA ALA A 79 14.88 -6.50 5.60
C ALA A 79 13.79 -5.76 4.83
N PHE A 80 12.58 -5.80 5.39
CA PHE A 80 11.45 -5.14 4.77
C PHE A 80 10.63 -4.37 5.81
N PHE A 81 10.30 -3.14 5.47
CA PHE A 81 9.51 -2.30 6.36
C PHE A 81 8.54 -1.42 5.57
N LEU A 82 7.27 -1.53 5.94
CA LEU A 82 6.23 -0.76 5.28
C LEU A 82 6.03 0.56 6.03
N LEU A 83 6.35 1.65 5.34
CA LEU A 83 6.20 2.98 5.93
C LEU A 83 4.80 3.52 5.63
N VAL A 84 3.98 3.54 6.65
CA VAL A 84 2.62 4.03 6.51
C VAL A 84 2.63 5.55 6.49
N ASN A 85 2.30 6.09 5.33
CA ASN A 85 2.27 7.53 5.16
C ASN A 85 3.70 8.08 5.27
N GLY A 86 4.66 7.17 5.29
CA GLY A 86 6.05 7.55 5.39
C GLY A 86 6.57 7.33 6.81
N HIS A 87 5.77 6.64 7.61
CA HIS A 87 6.13 6.35 8.99
C HIS A 87 5.91 4.87 9.27
N SER A 88 6.86 4.30 10.01
CA SER A 88 6.79 2.89 10.36
C SER A 88 5.48 2.60 11.11
N MET A 89 5.24 1.32 11.34
CA MET A 89 4.04 0.90 12.04
C MET A 89 4.38 -0.08 13.17
N VAL A 90 5.58 0.10 13.73
CA VAL A 90 6.03 -0.76 14.81
C VAL A 90 5.01 -0.71 15.95
N SER A 91 4.18 0.32 15.93
CA SER A 91 3.17 0.49 16.95
C SER A 91 1.80 0.12 16.39
N VAL A 92 1.81 -0.75 15.40
CA VAL A 92 0.57 -1.20 14.77
C VAL A 92 -0.46 -1.51 15.86
N SER A 93 -1.29 -0.53 16.15
CA SER A 93 -2.32 -0.69 17.16
C SER A 93 -3.67 -0.26 16.59
N THR A 94 -3.68 -0.02 15.30
CA THR A 94 -4.91 0.41 14.62
C THR A 94 -5.22 -0.53 13.45
N PRO A 95 -6.55 -0.74 13.23
CA PRO A 95 -7.00 -1.61 12.15
C PRO A 95 -6.85 -0.92 10.80
N ILE A 96 -6.43 -1.71 9.81
CA ILE A 96 -6.24 -1.19 8.47
C ILE A 96 -7.50 -0.41 8.05
N SER A 97 -8.60 -0.75 8.70
CA SER A 97 -9.87 -0.09 8.41
C SER A 97 -9.83 1.37 8.86
N GLU A 98 -9.22 1.57 10.03
CA GLU A 98 -9.10 2.90 10.59
C GLU A 98 -7.86 3.60 10.04
N VAL A 99 -6.73 2.93 10.19
CA VAL A 99 -5.47 3.47 9.71
C VAL A 99 -5.68 4.12 8.34
N TYR A 100 -6.65 3.59 7.61
CA TYR A 100 -6.96 4.11 6.29
C TYR A 100 -7.75 5.41 6.39
N GLU A 101 -8.90 5.32 7.06
CA GLU A 101 -9.75 6.47 7.23
C GLU A 101 -9.11 7.48 8.19
N SER A 102 -7.97 7.07 8.75
CA SER A 102 -7.25 7.92 9.68
C SER A 102 -5.97 8.45 9.03
N GLU A 103 -5.72 7.96 7.81
CA GLU A 103 -4.54 8.38 7.07
C GLU A 103 -4.93 8.80 5.65
N ARG A 104 -5.53 7.87 4.93
CA ARG A 104 -5.95 8.12 3.56
C ARG A 104 -6.46 9.56 3.43
N ASP A 105 -6.35 10.09 2.23
CA ASP A 105 -6.79 11.44 1.95
C ASP A 105 -8.23 11.41 1.44
N GLU A 106 -8.82 12.59 1.37
CA GLU A 106 -10.19 12.72 0.90
C GLU A 106 -10.41 11.84 -0.33
N ASP A 107 -9.43 11.86 -1.21
CA ASP A 107 -9.50 11.08 -2.43
C ASP A 107 -10.11 9.71 -2.12
N GLY A 108 -9.63 9.12 -1.04
CA GLY A 108 -10.13 7.81 -0.62
C GLY A 108 -9.14 6.71 -1.03
N PHE A 109 -7.87 6.98 -0.80
CA PHE A 109 -6.83 6.01 -1.14
C PHE A 109 -5.64 6.15 -0.20
N LEU A 110 -5.20 5.01 0.32
CA LEU A 110 -4.07 4.99 1.23
C LEU A 110 -2.77 5.08 0.43
N TYR A 111 -1.77 5.70 1.05
CA TYR A 111 -0.48 5.86 0.41
C TYR A 111 0.66 5.52 1.37
N MET A 112 1.28 4.38 1.13
CA MET A 112 2.38 3.93 1.97
C MET A 112 3.59 3.56 1.12
N VAL A 113 4.76 3.85 1.66
CA VAL A 113 6.00 3.56 0.96
C VAL A 113 6.72 2.41 1.67
N TYR A 114 7.23 1.48 0.88
CA TYR A 114 7.94 0.34 1.42
C TYR A 114 9.41 0.36 1.02
N ALA A 115 10.25 -0.06 1.94
CA ALA A 115 11.69 -0.08 1.70
C ALA A 115 12.36 -1.01 2.72
N SER A 116 13.67 -1.14 2.57
CA SER A 116 14.44 -1.99 3.46
C SER A 116 14.94 -1.18 4.66
N GLN A 117 14.15 -0.18 5.02
CA GLN A 117 14.50 0.68 6.14
C GLN A 117 13.24 1.21 6.82
N GLU A 118 13.26 1.21 8.14
CA GLU A 118 12.14 1.68 8.92
C GLU A 118 12.55 2.87 9.79
N THR A 119 13.85 3.14 9.79
CA THR A 119 14.37 4.24 10.57
C THR A 119 15.08 5.25 9.66
N PHE A 120 14.95 5.02 8.36
CA PHE A 120 15.57 5.89 7.38
C PHE A 120 15.49 7.36 7.82
N GLY A 121 14.32 7.72 8.34
CA GLY A 121 14.11 9.08 8.81
C GLY A 121 15.35 9.62 9.50
N MET B 1 -14.58 -8.57 -18.28
CA MET B 1 -13.61 -7.61 -18.76
C MET B 1 -14.24 -6.23 -18.94
N SER B 2 -14.48 -5.58 -17.81
CA SER B 2 -15.08 -4.25 -17.83
C SER B 2 -14.11 -3.22 -17.23
N GLY B 3 -13.27 -2.67 -18.09
CA GLY B 3 -12.30 -1.68 -17.66
C GLY B 3 -10.93 -2.32 -17.44
N GLY B 4 -9.90 -1.50 -17.57
CA GLY B 4 -8.53 -1.97 -17.39
C GLY B 4 -8.31 -2.48 -15.96
N ASP B 5 -8.24 -1.54 -15.04
CA ASP B 5 -8.02 -1.88 -13.64
C ASP B 5 -9.36 -2.22 -13.00
N ASP B 6 -9.94 -3.32 -13.46
CA ASP B 6 -11.22 -3.77 -12.95
C ASP B 6 -11.13 -3.92 -11.42
N ASP B 7 -10.11 -4.65 -11.00
CA ASP B 7 -9.90 -4.89 -9.58
C ASP B 7 -8.39 -4.91 -9.29
N TRP B 8 -8.06 -4.71 -8.03
CA TRP B 8 -6.68 -4.70 -7.61
C TRP B 8 -6.33 -6.10 -7.07
N THR B 9 -5.34 -6.13 -6.20
CA THR B 9 -4.91 -7.38 -5.60
C THR B 9 -5.67 -7.64 -4.29
N HIS B 10 -5.77 -8.92 -3.95
CA HIS B 10 -6.46 -9.32 -2.74
C HIS B 10 -5.44 -9.68 -1.65
N LEU B 11 -5.59 -9.04 -0.50
CA LEU B 11 -4.69 -9.30 0.62
C LEU B 11 -5.43 -10.10 1.69
N SER B 12 -5.08 -11.38 1.76
CA SER B 12 -5.70 -12.27 2.75
C SER B 12 -4.70 -12.61 3.84
N SER B 13 -5.22 -13.14 4.93
CA SER B 13 -4.39 -13.53 6.06
C SER B 13 -3.97 -14.99 5.92
N LYS B 14 -4.56 -15.66 4.94
CA LYS B 14 -4.26 -17.06 4.69
C LYS B 14 -3.05 -17.15 3.76
N GLU B 15 -2.83 -16.08 3.02
CA GLU B 15 -1.72 -16.02 2.09
C GLU B 15 -0.45 -15.57 2.80
N VAL B 16 -0.61 -15.19 4.06
CA VAL B 16 0.50 -14.73 4.86
C VAL B 16 1.50 -15.88 5.04
N ASP B 17 2.53 -15.60 5.82
CA ASP B 17 3.56 -16.59 6.09
C ASP B 17 3.25 -17.30 7.41
N SER A 1 16.41 22.30 -16.51
CA SER A 1 17.02 21.14 -15.88
C SER A 1 16.06 19.95 -15.92
N MET A 2 16.59 18.79 -15.54
CA MET A 2 15.79 17.58 -15.52
C MET A 2 15.62 17.04 -14.10
N PRO A 3 14.49 17.45 -13.46
CA PRO A 3 14.20 17.02 -12.11
C PRO A 3 13.74 15.56 -12.08
N SER A 4 13.25 15.15 -10.92
CA SER A 4 12.77 13.79 -10.75
C SER A 4 11.37 13.65 -11.35
N GLU A 5 10.81 12.46 -11.18
CA GLU A 5 9.48 12.18 -11.71
C GLU A 5 8.41 12.56 -10.67
N LYS A 6 7.21 12.79 -11.16
CA LYS A 6 6.10 13.16 -10.30
C LYS A 6 5.69 11.95 -9.46
N THR A 7 4.99 12.24 -8.37
CA THR A 7 4.54 11.19 -7.47
C THR A 7 3.13 10.74 -7.86
N PHE A 8 2.87 9.46 -7.67
CA PHE A 8 1.57 8.89 -7.99
C PHE A 8 0.45 9.86 -7.62
N LYS A 9 0.71 10.66 -6.59
CA LYS A 9 -0.26 11.64 -6.13
C LYS A 9 -0.28 12.82 -7.09
N GLN A 10 0.90 13.38 -7.32
CA GLN A 10 1.03 14.53 -8.21
C GLN A 10 0.77 14.09 -9.65
N ARG A 11 1.66 13.26 -10.16
CA ARG A 11 1.54 12.77 -11.53
C ARG A 11 0.07 12.50 -11.86
N ARG A 12 -0.47 11.45 -11.24
CA ARG A 12 -1.85 11.08 -11.47
C ARG A 12 -2.80 12.08 -10.78
N SER A 13 -3.62 12.72 -11.59
CA SER A 13 -4.56 13.70 -11.08
C SER A 13 -5.38 13.09 -9.94
N PHE A 14 -5.43 13.81 -8.83
CA PHE A 14 -6.16 13.36 -7.67
C PHE A 14 -7.55 12.85 -8.06
N GLU A 15 -8.35 13.76 -8.60
CA GLU A 15 -9.69 13.41 -9.03
C GLU A 15 -9.67 12.18 -9.94
N GLN A 16 -8.50 11.95 -10.52
CA GLN A 16 -8.33 10.81 -11.41
C GLN A 16 -7.99 9.55 -10.61
N ARG A 17 -7.35 9.76 -9.47
CA ARG A 17 -6.98 8.66 -8.60
C ARG A 17 -8.10 8.34 -7.62
N VAL A 18 -8.95 9.34 -7.41
CA VAL A 18 -10.07 9.18 -6.50
C VAL A 18 -11.15 8.33 -7.16
N GLU A 19 -11.32 8.55 -8.46
CA GLU A 19 -12.31 7.81 -9.21
C GLU A 19 -12.09 6.30 -9.06
N ASP A 20 -10.86 5.89 -9.34
CA ASP A 20 -10.50 4.48 -9.24
C ASP A 20 -11.09 3.91 -7.94
N VAL A 21 -10.78 4.58 -6.83
CA VAL A 21 -11.28 4.15 -5.54
C VAL A 21 -12.77 3.84 -5.65
N ARG A 22 -13.49 4.75 -6.29
CA ARG A 22 -14.93 4.59 -6.46
C ARG A 22 -15.25 3.16 -6.89
N LEU A 23 -14.39 2.60 -7.72
CA LEU A 23 -14.58 1.25 -8.21
C LEU A 23 -14.30 0.27 -7.07
N ILE A 24 -13.08 0.33 -6.56
CA ILE A 24 -12.67 -0.54 -5.47
C ILE A 24 -13.74 -0.50 -4.37
N ARG A 25 -14.46 0.60 -4.33
CA ARG A 25 -15.51 0.76 -3.34
C ARG A 25 -16.76 -0.04 -3.74
N GLU A 26 -17.00 -0.08 -5.04
CA GLU A 26 -18.15 -0.81 -5.56
C GLU A 26 -17.76 -2.26 -5.86
N GLN A 27 -16.46 -2.51 -5.83
CA GLN A 27 -15.95 -3.85 -6.10
C GLN A 27 -15.42 -4.47 -4.81
N HIS A 28 -15.10 -3.61 -3.85
CA HIS A 28 -14.58 -4.07 -2.57
C HIS A 28 -14.81 -2.98 -1.51
N PRO A 29 -16.09 -2.86 -1.08
CA PRO A 29 -16.45 -1.86 -0.08
C PRO A 29 -15.99 -2.31 1.31
N THR A 30 -15.92 -3.61 1.49
CA THR A 30 -15.50 -4.18 2.77
C THR A 30 -13.99 -4.35 2.79
N LYS A 31 -13.32 -3.63 1.92
CA LYS A 31 -11.88 -3.69 1.83
C LYS A 31 -11.29 -2.28 1.92
N ILE A 32 -10.11 -2.20 2.50
CA ILE A 32 -9.43 -0.92 2.66
C ILE A 32 -8.41 -0.74 1.52
N PRO A 33 -8.68 0.27 0.66
CA PRO A 33 -7.81 0.56 -0.45
C PRO A 33 -6.53 1.25 0.01
N VAL A 34 -5.41 0.81 -0.56
CA VAL A 34 -4.12 1.38 -0.20
C VAL A 34 -3.26 1.50 -1.47
N ILE A 35 -2.24 2.34 -1.37
CA ILE A 35 -1.34 2.55 -2.49
C ILE A 35 0.11 2.54 -1.99
N ILE A 36 0.73 1.37 -2.10
CA ILE A 36 2.09 1.20 -1.67
C ILE A 36 3.04 1.45 -2.85
N GLU A 37 3.99 2.35 -2.64
CA GLU A 37 4.94 2.69 -3.67
C GLU A 37 6.37 2.47 -3.17
N ARG A 38 7.32 2.61 -4.08
CA ARG A 38 8.72 2.42 -3.74
C ARG A 38 9.29 3.72 -3.14
N TYR A 39 10.01 3.56 -2.04
CA TYR A 39 10.60 4.69 -1.36
C TYR A 39 11.54 5.45 -2.30
N LYS A 40 11.46 6.78 -2.22
CA LYS A 40 12.29 7.63 -3.06
C LYS A 40 13.76 7.35 -2.76
N GLY A 41 14.35 6.50 -3.59
CA GLY A 41 15.75 6.14 -3.43
C GLY A 41 15.89 4.69 -2.96
N GLU A 42 14.83 3.92 -3.17
CA GLU A 42 14.82 2.52 -2.78
C GLU A 42 14.82 1.63 -4.02
N LYS A 43 15.97 1.03 -4.29
CA LYS A 43 16.10 0.15 -5.44
C LYS A 43 16.36 -1.28 -4.95
N GLN A 44 17.06 -1.37 -3.84
CA GLN A 44 17.38 -2.67 -3.26
C GLN A 44 16.19 -3.61 -3.40
N LEU A 45 15.19 -3.38 -2.56
CA LEU A 45 13.98 -4.20 -2.58
C LEU A 45 13.41 -4.21 -4.01
N PRO A 46 12.70 -5.33 -4.33
CA PRO A 46 12.10 -5.48 -5.64
C PRO A 46 10.84 -4.62 -5.76
N VAL A 47 10.38 -4.48 -6.99
CA VAL A 47 9.19 -3.69 -7.27
C VAL A 47 7.94 -4.52 -6.97
N LEU A 48 7.21 -4.11 -5.95
CA LEU A 48 6.00 -4.82 -5.56
C LEU A 48 5.23 -5.25 -6.82
N ASP A 49 4.58 -6.40 -6.71
CA ASP A 49 3.81 -6.93 -7.83
C ASP A 49 2.93 -5.82 -8.41
N LYS A 50 2.40 -4.99 -7.52
CA LYS A 50 1.55 -3.90 -7.93
C LYS A 50 1.61 -2.79 -6.87
N THR A 51 0.79 -1.76 -7.09
CA THR A 51 0.74 -0.64 -6.17
C THR A 51 -0.62 -0.59 -5.48
N LYS A 52 -1.58 -1.29 -6.05
CA LYS A 52 -2.92 -1.32 -5.50
C LYS A 52 -3.13 -2.65 -4.76
N PHE A 53 -3.64 -2.53 -3.55
CA PHE A 53 -3.90 -3.71 -2.73
C PHE A 53 -5.21 -3.57 -1.96
N LEU A 54 -5.90 -4.69 -1.83
CA LEU A 54 -7.18 -4.70 -1.12
C LEU A 54 -6.98 -5.38 0.24
N VAL A 55 -6.96 -4.56 1.27
CA VAL A 55 -6.78 -5.08 2.62
C VAL A 55 -8.15 -5.43 3.21
N PRO A 56 -8.17 -6.56 3.96
CA PRO A 56 -9.40 -7.02 4.58
C PRO A 56 -9.77 -6.16 5.80
N ASP A 57 -11.01 -5.69 5.80
CA ASP A 57 -11.49 -4.86 6.89
C ASP A 57 -11.95 -5.75 8.05
N HIS A 58 -11.07 -6.66 8.43
CA HIS A 58 -11.37 -7.58 9.52
C HIS A 58 -10.07 -8.08 10.15
N VAL A 59 -9.03 -7.26 10.01
CA VAL A 59 -7.73 -7.61 10.56
C VAL A 59 -7.05 -6.34 11.06
N ASN A 60 -5.73 -6.42 11.19
CA ASN A 60 -4.95 -5.29 11.65
C ASN A 60 -3.88 -4.94 10.60
N MET A 61 -3.51 -3.67 10.60
CA MET A 61 -2.52 -3.18 9.66
C MET A 61 -1.34 -4.17 9.55
N SER A 62 -1.15 -4.92 10.62
CA SER A 62 -0.07 -5.89 10.67
C SER A 62 -0.18 -6.85 9.49
N GLU A 63 -1.33 -7.50 9.41
CA GLU A 63 -1.58 -8.45 8.33
C GLU A 63 -1.06 -7.90 7.00
N LEU A 64 -1.43 -6.66 6.73
CA LEU A 64 -1.01 -6.00 5.50
C LEU A 64 0.48 -6.28 5.27
N ILE A 65 1.25 -6.09 6.32
CA ILE A 65 2.69 -6.32 6.25
C ILE A 65 2.95 -7.78 5.88
N LYS A 66 2.31 -8.67 6.62
CA LYS A 66 2.46 -10.10 6.39
C LYS A 66 2.27 -10.38 4.89
N ILE A 67 1.32 -9.67 4.30
CA ILE A 67 1.02 -9.84 2.89
C ILE A 67 2.17 -9.26 2.06
N ILE A 68 2.38 -7.96 2.24
CA ILE A 68 3.44 -7.28 1.51
C ILE A 68 4.69 -8.16 1.48
N ARG A 69 5.29 -8.32 2.65
CA ARG A 69 6.49 -9.14 2.77
C ARG A 69 6.33 -10.43 1.97
N ARG A 70 5.16 -11.04 2.11
CA ARG A 70 4.86 -12.28 1.42
C ARG A 70 4.92 -12.07 -0.09
N ARG A 71 4.48 -10.89 -0.51
CA ARG A 71 4.49 -10.56 -1.92
C ARG A 71 5.92 -10.41 -2.43
N LEU A 72 6.72 -9.70 -1.67
CA LEU A 72 8.11 -9.48 -2.03
C LEU A 72 8.86 -10.81 -1.97
N GLN A 73 8.22 -11.79 -1.35
CA GLN A 73 8.82 -13.11 -1.22
C GLN A 73 10.30 -12.99 -0.89
N LEU A 74 10.59 -12.10 0.06
CA LEU A 74 11.97 -11.88 0.47
C LEU A 74 12.40 -13.03 1.39
N ASN A 75 13.62 -12.90 1.91
CA ASN A 75 14.17 -13.91 2.80
C ASN A 75 14.23 -13.35 4.21
N ALA A 76 14.81 -14.14 5.10
CA ALA A 76 14.93 -13.75 6.50
C ALA A 76 16.11 -12.77 6.64
N ASN A 77 16.93 -12.74 5.60
CA ASN A 77 18.09 -11.87 5.60
C ASN A 77 17.69 -10.49 5.07
N GLN A 78 16.62 -10.49 4.28
CA GLN A 78 16.12 -9.25 3.70
C GLN A 78 15.13 -8.58 4.66
N ALA A 79 15.48 -7.36 5.04
CA ALA A 79 14.63 -6.60 5.95
C ALA A 79 13.60 -5.81 5.14
N PHE A 80 12.38 -5.78 5.65
CA PHE A 80 11.31 -5.07 4.99
C PHE A 80 10.43 -4.33 6.02
N PHE A 81 10.12 -3.09 5.70
CA PHE A 81 9.29 -2.28 6.56
C PHE A 81 8.37 -1.37 5.76
N LEU A 82 7.08 -1.43 6.10
CA LEU A 82 6.08 -0.62 5.41
C LEU A 82 5.88 0.68 6.17
N LEU A 83 6.34 1.76 5.58
CA LEU A 83 6.21 3.08 6.18
C LEU A 83 4.83 3.66 5.87
N VAL A 84 4.01 3.76 6.90
CA VAL A 84 2.67 4.29 6.74
C VAL A 84 2.73 5.82 6.73
N ASN A 85 2.43 6.38 5.56
CA ASN A 85 2.44 7.82 5.40
C ASN A 85 3.87 8.33 5.55
N GLY A 86 4.81 7.39 5.55
CA GLY A 86 6.21 7.73 5.69
C GLY A 86 6.72 7.44 7.10
N HIS A 87 5.86 6.79 7.88
CA HIS A 87 6.20 6.45 9.25
C HIS A 87 5.95 4.96 9.48
N SER A 88 6.96 4.30 10.04
CA SER A 88 6.85 2.87 10.32
C SER A 88 5.65 2.61 11.24
N MET A 89 5.37 1.33 11.43
CA MET A 89 4.26 0.93 12.27
C MET A 89 4.74 0.02 13.41
N VAL A 90 5.90 0.38 13.96
CA VAL A 90 6.47 -0.39 15.04
C VAL A 90 5.36 -0.83 16.01
N SER A 91 4.33 0.01 16.08
CA SER A 91 3.20 -0.29 16.94
C SER A 91 1.93 -0.48 16.11
N VAL A 92 1.57 -1.74 15.95
CA VAL A 92 0.39 -2.08 15.17
C VAL A 92 -0.73 -2.53 16.12
N SER A 93 -1.49 -1.57 16.59
CA SER A 93 -2.59 -1.84 17.49
C SER A 93 -3.89 -1.27 16.95
N THR A 94 -3.85 -0.91 15.67
CA THR A 94 -5.01 -0.34 15.01
C THR A 94 -5.37 -1.14 13.76
N PRO A 95 -6.70 -1.26 13.50
CA PRO A 95 -7.18 -1.99 12.35
C PRO A 95 -6.96 -1.19 11.06
N ILE A 96 -6.58 -1.91 10.01
CA ILE A 96 -6.34 -1.28 8.73
C ILE A 96 -7.55 -0.43 8.34
N SER A 97 -8.69 -0.77 8.94
CA SER A 97 -9.92 -0.04 8.67
C SER A 97 -9.84 1.36 9.26
N GLU A 98 -9.22 1.45 10.43
CA GLU A 98 -9.06 2.72 11.11
C GLU A 98 -7.80 3.43 10.62
N VAL A 99 -6.70 2.71 10.66
CA VAL A 99 -5.42 3.25 10.23
C VAL A 99 -5.62 4.00 8.91
N TYR A 100 -6.52 3.47 8.09
CA TYR A 100 -6.81 4.08 6.81
C TYR A 100 -7.78 5.26 6.95
N GLU A 101 -8.69 5.12 7.92
CA GLU A 101 -9.67 6.16 8.17
C GLU A 101 -9.04 7.29 8.98
N SER A 102 -7.79 7.08 9.36
CA SER A 102 -7.06 8.08 10.13
C SER A 102 -5.87 8.60 9.32
N GLU A 103 -5.74 8.10 8.11
CA GLU A 103 -4.65 8.49 7.24
C GLU A 103 -5.19 8.88 5.86
N ARG A 104 -6.00 7.99 5.30
CA ARG A 104 -6.60 8.22 4.00
C ARG A 104 -6.94 9.70 3.83
N ASP A 105 -6.98 10.13 2.58
CA ASP A 105 -7.30 11.51 2.26
C ASP A 105 -8.63 11.57 1.50
N GLU A 106 -8.98 12.78 1.09
CA GLU A 106 -10.22 12.98 0.35
C GLU A 106 -10.44 11.82 -0.63
N ASP A 107 -9.47 11.63 -1.50
CA ASP A 107 -9.55 10.56 -2.49
C ASP A 107 -10.00 9.27 -1.81
N GLY A 108 -9.37 8.98 -0.68
CA GLY A 108 -9.69 7.78 0.08
C GLY A 108 -8.66 6.68 -0.19
N PHE A 109 -7.48 7.10 -0.63
CA PHE A 109 -6.41 6.17 -0.91
C PHE A 109 -5.28 6.30 0.09
N LEU A 110 -4.85 5.17 0.63
CA LEU A 110 -3.77 5.16 1.61
C LEU A 110 -2.44 5.29 0.88
N TYR A 111 -1.59 6.17 1.40
CA TYR A 111 -0.29 6.39 0.81
C TYR A 111 0.83 5.97 1.77
N MET A 112 1.46 4.85 1.43
CA MET A 112 2.53 4.33 2.25
C MET A 112 3.73 3.91 1.38
N VAL A 113 4.92 4.09 1.93
CA VAL A 113 6.13 3.73 1.23
C VAL A 113 6.83 2.59 1.97
N TYR A 114 7.41 1.69 1.19
CA TYR A 114 8.12 0.56 1.75
C TYR A 114 9.61 0.60 1.41
N ALA A 115 10.41 0.00 2.28
CA ALA A 115 11.85 -0.03 2.09
C ALA A 115 12.44 -1.13 2.96
N SER A 116 13.76 -1.29 2.84
CA SER A 116 14.47 -2.30 3.60
C SER A 116 14.98 -1.71 4.92
N GLN A 117 14.36 -0.60 5.30
CA GLN A 117 14.73 0.07 6.54
C GLN A 117 13.53 0.79 7.14
N GLU A 118 13.54 0.90 8.46
CA GLU A 118 12.46 1.56 9.17
C GLU A 118 13.01 2.69 10.05
N THR A 119 14.33 2.83 10.02
CA THR A 119 14.99 3.86 10.80
C THR A 119 16.04 4.57 9.95
N PHE A 120 15.61 5.07 8.81
CA PHE A 120 16.50 5.77 7.90
C PHE A 120 16.38 7.29 8.10
N GLY A 121 15.26 7.70 8.65
CA GLY A 121 15.02 9.11 8.89
C GLY A 121 16.29 9.82 9.38
N MET B 1 -6.28 -4.28 -18.73
CA MET B 1 -7.58 -4.93 -18.72
C MET B 1 -8.45 -4.45 -19.89
N SER B 2 -9.67 -4.96 -19.93
CA SER B 2 -10.59 -4.60 -20.99
C SER B 2 -10.67 -3.07 -21.12
N GLY B 3 -10.56 -2.41 -19.98
CA GLY B 3 -10.61 -0.96 -19.95
C GLY B 3 -11.00 -0.45 -18.57
N GLY B 4 -10.13 -0.69 -17.60
CA GLY B 4 -10.37 -0.27 -16.24
C GLY B 4 -9.64 -1.17 -15.24
N ASP B 5 -9.72 -0.79 -13.98
CA ASP B 5 -9.07 -1.55 -12.92
C ASP B 5 -10.12 -2.40 -12.20
N ASP B 6 -10.50 -3.49 -12.85
CA ASP B 6 -11.49 -4.40 -12.29
C ASP B 6 -11.22 -4.57 -10.80
N ASP B 7 -10.13 -5.26 -10.50
CA ASP B 7 -9.74 -5.49 -9.12
C ASP B 7 -8.23 -5.33 -8.97
N TRP B 8 -7.84 -4.66 -7.90
CA TRP B 8 -6.43 -4.42 -7.64
C TRP B 8 -5.78 -5.77 -7.30
N THR B 9 -6.01 -6.21 -6.07
CA THR B 9 -5.46 -7.47 -5.61
C THR B 9 -6.23 -7.97 -4.39
N HIS B 10 -5.77 -9.09 -3.85
CA HIS B 10 -6.39 -9.68 -2.69
C HIS B 10 -5.33 -10.00 -1.63
N LEU B 11 -5.42 -9.30 -0.52
CA LEU B 11 -4.48 -9.50 0.58
C LEU B 11 -4.97 -10.64 1.47
N SER B 12 -4.62 -11.85 1.08
CA SER B 12 -5.02 -13.02 1.84
C SER B 12 -3.94 -13.37 2.87
N SER B 13 -4.37 -13.44 4.12
CA SER B 13 -3.46 -13.75 5.21
C SER B 13 -3.26 -15.26 5.30
N LYS B 14 -3.94 -15.97 4.41
CA LYS B 14 -3.84 -17.43 4.38
C LYS B 14 -2.63 -17.83 3.53
N GLU B 15 -2.38 -17.06 2.49
CA GLU B 15 -1.26 -17.32 1.60
C GLU B 15 0.06 -16.97 2.30
N VAL B 16 -0.06 -16.43 3.50
CA VAL B 16 1.11 -16.05 4.26
C VAL B 16 1.40 -17.13 5.30
N ASP B 17 2.33 -16.82 6.21
CA ASP B 17 2.70 -17.75 7.25
C ASP B 17 2.25 -17.21 8.60
N SER A 1 14.74 20.61 -12.94
CA SER A 1 13.80 19.51 -12.82
C SER A 1 14.22 18.58 -11.68
N MET A 2 15.47 18.75 -11.25
CA MET A 2 16.00 17.93 -10.18
C MET A 2 15.87 16.45 -10.50
N PRO A 3 16.61 15.62 -9.72
CA PRO A 3 16.59 14.17 -9.91
C PRO A 3 15.30 13.57 -9.37
N SER A 4 15.07 13.78 -8.08
CA SER A 4 13.88 13.26 -7.44
C SER A 4 12.67 13.43 -8.36
N GLU A 5 11.65 12.63 -8.10
CA GLU A 5 10.43 12.68 -8.89
C GLU A 5 9.22 12.91 -7.99
N LYS A 6 8.15 13.40 -8.61
CA LYS A 6 6.92 13.66 -7.89
C LYS A 6 6.51 12.41 -7.12
N THR A 7 5.33 12.49 -6.51
CA THR A 7 4.80 11.37 -5.74
C THR A 7 3.45 10.93 -6.30
N PHE A 8 3.12 9.67 -6.06
CA PHE A 8 1.85 9.13 -6.53
C PHE A 8 0.70 10.09 -6.24
N LYS A 9 0.91 10.92 -5.23
CA LYS A 9 -0.11 11.89 -4.85
C LYS A 9 -0.09 13.06 -5.84
N GLN A 10 1.11 13.48 -6.19
CA GLN A 10 1.29 14.58 -7.13
C GLN A 10 1.31 14.05 -8.56
N ARG A 11 2.33 13.26 -8.85
CA ARG A 11 2.48 12.69 -10.18
C ARG A 11 1.11 12.29 -10.75
N ARG A 12 0.60 11.18 -10.24
CA ARG A 12 -0.70 10.68 -10.67
C ARG A 12 -1.79 11.72 -10.40
N SER A 13 -2.67 11.88 -11.38
CA SER A 13 -3.76 12.84 -11.26
C SER A 13 -4.70 12.41 -10.14
N PHE A 14 -4.78 13.26 -9.13
CA PHE A 14 -5.64 12.99 -7.99
C PHE A 14 -6.97 12.41 -8.43
N GLU A 15 -7.67 13.18 -9.27
CA GLU A 15 -8.96 12.76 -9.77
C GLU A 15 -8.88 11.34 -10.35
N GLN A 16 -7.72 11.06 -10.94
CA GLN A 16 -7.49 9.75 -11.54
C GLN A 16 -7.24 8.70 -10.45
N ARG A 17 -6.55 9.13 -9.40
CA ARG A 17 -6.25 8.25 -8.29
C ARG A 17 -7.48 8.07 -7.41
N VAL A 18 -8.45 8.95 -7.59
CA VAL A 18 -9.68 8.89 -6.82
C VAL A 18 -10.59 7.82 -7.42
N GLU A 19 -10.95 8.02 -8.68
CA GLU A 19 -11.82 7.09 -9.38
C GLU A 19 -11.41 5.64 -9.04
N ASP A 20 -10.12 5.46 -8.81
CA ASP A 20 -9.60 4.14 -8.49
C ASP A 20 -10.32 3.61 -7.25
N VAL A 21 -10.09 4.30 -6.14
CA VAL A 21 -10.70 3.90 -4.88
C VAL A 21 -12.21 3.71 -5.08
N ARG A 22 -12.80 4.69 -5.76
CA ARG A 22 -14.24 4.64 -6.03
C ARG A 22 -14.64 3.24 -6.50
N LEU A 23 -13.75 2.64 -7.29
CA LEU A 23 -14.01 1.31 -7.81
C LEU A 23 -14.09 0.32 -6.66
N ILE A 24 -12.97 0.14 -5.98
CA ILE A 24 -12.91 -0.77 -4.84
C ILE A 24 -13.95 -0.35 -3.81
N ARG A 25 -14.41 0.88 -3.93
CA ARG A 25 -15.41 1.40 -3.01
C ARG A 25 -16.79 0.88 -3.37
N GLU A 26 -17.00 0.70 -4.68
CA GLU A 26 -18.28 0.21 -5.17
C GLU A 26 -18.17 -1.29 -5.50
N GLN A 27 -16.94 -1.79 -5.48
CA GLN A 27 -16.70 -3.18 -5.77
C GLN A 27 -16.34 -3.93 -4.49
N HIS A 28 -15.44 -3.34 -3.72
CA HIS A 28 -15.00 -3.94 -2.48
C HIS A 28 -15.23 -2.96 -1.33
N PRO A 29 -16.52 -2.81 -0.94
CA PRO A 29 -16.87 -1.91 0.15
C PRO A 29 -16.51 -2.50 1.50
N THR A 30 -16.45 -3.83 1.54
CA THR A 30 -16.12 -4.54 2.77
C THR A 30 -14.60 -4.71 2.87
N LYS A 31 -13.89 -3.92 2.08
CA LYS A 31 -12.44 -3.98 2.08
C LYS A 31 -11.87 -2.56 2.21
N ILE A 32 -10.60 -2.50 2.55
CA ILE A 32 -9.93 -1.21 2.70
C ILE A 32 -8.90 -1.04 1.58
N PRO A 33 -9.14 0.00 0.74
CA PRO A 33 -8.25 0.29 -0.38
C PRO A 33 -6.96 0.94 0.12
N VAL A 34 -5.86 0.53 -0.49
CA VAL A 34 -4.56 1.06 -0.14
C VAL A 34 -3.67 1.12 -1.38
N ILE A 35 -2.61 1.90 -1.27
CA ILE A 35 -1.67 2.06 -2.38
C ILE A 35 -0.25 1.84 -1.87
N ILE A 36 0.35 0.76 -2.33
CA ILE A 36 1.71 0.43 -1.93
C ILE A 36 2.65 0.69 -3.10
N GLU A 37 3.77 1.33 -2.79
CA GLU A 37 4.76 1.65 -3.80
C GLU A 37 6.15 1.78 -3.17
N ARG A 38 7.17 1.61 -4.00
CA ARG A 38 8.54 1.71 -3.53
C ARG A 38 8.85 3.15 -3.09
N TYR A 39 9.74 3.25 -2.12
CA TYR A 39 10.14 4.55 -1.60
C TYR A 39 10.90 5.36 -2.65
N LYS A 40 10.62 6.66 -2.68
CA LYS A 40 11.26 7.55 -3.63
C LYS A 40 12.78 7.46 -3.45
N GLY A 41 13.38 6.58 -4.24
CA GLY A 41 14.82 6.40 -4.18
C GLY A 41 15.17 5.00 -3.63
N GLU A 42 14.19 4.11 -3.70
CA GLU A 42 14.38 2.76 -3.22
C GLU A 42 14.37 1.78 -4.39
N LYS A 43 15.57 1.32 -4.74
CA LYS A 43 15.71 0.38 -5.83
C LYS A 43 16.14 -0.98 -5.29
N GLN A 44 16.84 -0.94 -4.16
CA GLN A 44 17.31 -2.15 -3.52
C GLN A 44 16.26 -3.25 -3.62
N LEU A 45 15.24 -3.13 -2.78
CA LEU A 45 14.16 -4.10 -2.77
C LEU A 45 13.57 -4.22 -4.16
N PRO A 46 12.91 -5.39 -4.42
CA PRO A 46 12.31 -5.64 -5.72
C PRO A 46 11.01 -4.85 -5.87
N VAL A 47 10.53 -4.80 -7.11
CA VAL A 47 9.31 -4.08 -7.41
C VAL A 47 8.11 -4.89 -6.92
N LEU A 48 7.18 -4.20 -6.28
CA LEU A 48 5.99 -4.84 -5.76
C LEU A 48 5.15 -5.37 -6.92
N ASP A 49 4.58 -6.55 -6.72
CA ASP A 49 3.75 -7.17 -7.74
C ASP A 49 2.81 -6.12 -8.34
N LYS A 50 2.20 -5.35 -7.46
CA LYS A 50 1.28 -4.32 -7.89
C LYS A 50 1.39 -3.12 -6.95
N THR A 51 0.54 -2.13 -7.19
CA THR A 51 0.54 -0.92 -6.37
C THR A 51 -0.80 -0.78 -5.65
N LYS A 52 -1.75 -1.62 -6.04
CA LYS A 52 -3.07 -1.59 -5.44
C LYS A 52 -3.29 -2.89 -4.67
N PHE A 53 -3.78 -2.73 -3.44
CA PHE A 53 -4.05 -3.88 -2.59
C PHE A 53 -5.39 -3.72 -1.86
N LEU A 54 -6.01 -4.85 -1.60
CA LEU A 54 -7.30 -4.86 -0.92
C LEU A 54 -7.15 -5.57 0.43
N VAL A 55 -7.11 -4.78 1.49
CA VAL A 55 -6.97 -5.32 2.83
C VAL A 55 -8.36 -5.62 3.39
N PRO A 56 -8.45 -6.76 4.14
CA PRO A 56 -9.70 -7.17 4.75
C PRO A 56 -10.03 -6.31 5.96
N ASP A 57 -11.22 -5.72 5.92
CA ASP A 57 -11.68 -4.86 7.01
C ASP A 57 -12.12 -5.74 8.18
N HIS A 58 -11.20 -6.57 8.65
CA HIS A 58 -11.47 -7.46 9.76
C HIS A 58 -10.16 -7.98 10.35
N VAL A 59 -9.13 -7.16 10.22
CA VAL A 59 -7.82 -7.52 10.73
C VAL A 59 -7.09 -6.26 11.20
N ASN A 60 -5.77 -6.37 11.26
CA ASN A 60 -4.95 -5.25 11.68
C ASN A 60 -4.00 -4.86 10.55
N MET A 61 -3.58 -3.60 10.57
CA MET A 61 -2.68 -3.09 9.56
C MET A 61 -1.44 -3.98 9.44
N SER A 62 -1.17 -4.72 10.50
CA SER A 62 -0.03 -5.61 10.52
C SER A 62 -0.17 -6.68 9.42
N GLU A 63 -1.40 -7.08 9.19
CA GLU A 63 -1.69 -8.09 8.18
C GLU A 63 -1.14 -7.65 6.83
N LEU A 64 -1.47 -6.42 6.46
CA LEU A 64 -1.02 -5.87 5.19
C LEU A 64 0.50 -5.99 5.11
N ILE A 65 1.14 -5.80 6.25
CA ILE A 65 2.59 -5.88 6.33
C ILE A 65 3.03 -7.30 5.96
N LYS A 66 2.20 -8.26 6.32
CA LYS A 66 2.49 -9.65 6.03
C LYS A 66 2.17 -9.94 4.57
N ILE A 67 1.06 -9.38 4.10
CA ILE A 67 0.64 -9.57 2.73
C ILE A 67 1.66 -8.93 1.79
N ILE A 68 2.29 -7.87 2.28
CA ILE A 68 3.29 -7.17 1.50
C ILE A 68 4.55 -8.02 1.40
N ARG A 69 5.22 -8.16 2.54
CA ARG A 69 6.44 -8.94 2.59
C ARG A 69 6.30 -10.22 1.77
N ARG A 70 5.09 -10.78 1.83
CA ARG A 70 4.81 -12.00 1.09
C ARG A 70 5.06 -11.80 -0.40
N ARG A 71 4.55 -10.68 -0.91
CA ARG A 71 4.73 -10.37 -2.32
C ARG A 71 6.21 -10.24 -2.67
N LEU A 72 6.90 -9.44 -1.87
CA LEU A 72 8.33 -9.22 -2.07
C LEU A 72 9.06 -10.56 -1.94
N GLN A 73 8.38 -11.53 -1.36
CA GLN A 73 8.95 -12.84 -1.17
C GLN A 73 10.44 -12.73 -0.81
N LEU A 74 10.71 -11.86 0.14
CA LEU A 74 12.08 -11.65 0.59
C LEU A 74 12.45 -12.71 1.63
N ASN A 75 13.66 -12.60 2.13
CA ASN A 75 14.15 -13.55 3.14
C ASN A 75 14.74 -12.77 4.32
N ALA A 76 15.30 -13.51 5.25
CA ALA A 76 15.90 -12.91 6.43
C ALA A 76 17.00 -11.94 6.01
N ASN A 77 17.80 -12.39 5.05
CA ASN A 77 18.89 -11.57 4.55
C ASN A 77 18.35 -10.20 4.14
N GLN A 78 17.17 -10.21 3.54
CA GLN A 78 16.54 -8.97 3.11
C GLN A 78 15.62 -8.44 4.21
N ALA A 79 15.68 -7.13 4.40
CA ALA A 79 14.87 -6.48 5.40
C ALA A 79 13.77 -5.65 4.72
N PHE A 80 12.54 -5.89 5.13
CA PHE A 80 11.41 -5.17 4.57
C PHE A 80 10.71 -4.32 5.64
N PHE A 81 10.41 -3.09 5.26
CA PHE A 81 9.75 -2.17 6.17
C PHE A 81 8.75 -1.28 5.42
N LEU A 82 7.49 -1.37 5.84
CA LEU A 82 6.45 -0.58 5.22
C LEU A 82 6.28 0.74 5.99
N LEU A 83 6.16 1.81 5.23
CA LEU A 83 6.00 3.13 5.82
C LEU A 83 4.62 3.69 5.44
N VAL A 84 3.72 3.67 6.39
CA VAL A 84 2.37 4.17 6.17
C VAL A 84 2.40 5.70 6.10
N ASN A 85 2.19 6.22 4.90
CA ASN A 85 2.21 7.65 4.69
C ASN A 85 3.63 8.17 4.84
N GLY A 86 4.59 7.29 4.63
CA GLY A 86 5.99 7.65 4.74
C GLY A 86 6.48 7.51 6.19
N HIS A 87 5.62 6.94 7.02
CA HIS A 87 5.95 6.75 8.42
C HIS A 87 5.65 5.31 8.82
N SER A 88 6.55 4.75 9.62
CA SER A 88 6.39 3.38 10.08
C SER A 88 5.06 3.22 10.82
N MET A 89 4.75 1.98 11.14
CA MET A 89 3.51 1.68 11.84
C MET A 89 3.79 1.00 13.19
N VAL A 90 5.02 1.16 13.65
CA VAL A 90 5.43 0.58 14.92
C VAL A 90 4.29 0.73 15.94
N SER A 91 3.84 -0.41 16.44
CA SER A 91 2.77 -0.42 17.41
C SER A 91 1.41 -0.37 16.70
N VAL A 92 1.29 -1.17 15.66
CA VAL A 92 0.07 -1.24 14.89
C VAL A 92 -1.13 -1.11 15.83
N SER A 93 -1.44 -2.21 16.50
CA SER A 93 -2.55 -2.24 17.43
C SER A 93 -3.71 -1.40 16.87
N THR A 94 -3.80 -1.37 15.55
CA THR A 94 -4.86 -0.63 14.89
C THR A 94 -5.36 -1.38 13.66
N PRO A 95 -6.70 -1.36 13.48
CA PRO A 95 -7.32 -2.03 12.35
C PRO A 95 -7.09 -1.25 11.05
N ILE A 96 -6.77 -1.99 10.00
CA ILE A 96 -6.53 -1.38 8.70
C ILE A 96 -7.72 -0.50 8.33
N SER A 97 -8.86 -0.78 8.96
CA SER A 97 -10.06 -0.03 8.70
C SER A 97 -9.93 1.39 9.27
N GLU A 98 -9.29 1.47 10.42
CA GLU A 98 -9.09 2.75 11.08
C GLU A 98 -7.83 3.43 10.54
N VAL A 99 -6.76 2.65 10.48
CA VAL A 99 -5.50 3.16 9.98
C VAL A 99 -5.72 3.82 8.62
N TYR A 100 -6.69 3.29 7.90
CA TYR A 100 -7.00 3.81 6.58
C TYR A 100 -7.90 5.05 6.68
N GLU A 101 -8.82 5.00 7.63
CA GLU A 101 -9.74 6.11 7.83
C GLU A 101 -9.09 7.18 8.71
N SER A 102 -7.89 6.88 9.16
CA SER A 102 -7.15 7.80 10.01
C SER A 102 -5.92 8.33 9.25
N GLU A 103 -5.84 7.96 7.98
CA GLU A 103 -4.73 8.39 7.15
C GLU A 103 -5.25 8.84 5.78
N ARG A 104 -6.11 8.02 5.21
CA ARG A 104 -6.69 8.33 3.91
C ARG A 104 -6.94 9.83 3.78
N ASP A 105 -6.80 10.32 2.55
CA ASP A 105 -7.02 11.73 2.28
C ASP A 105 -8.23 11.88 1.36
N GLU A 106 -8.46 13.12 0.95
CA GLU A 106 -9.58 13.44 0.08
C GLU A 106 -9.75 12.32 -0.96
N ASP A 107 -8.64 11.95 -1.58
CA ASP A 107 -8.65 10.92 -2.59
C ASP A 107 -9.40 9.69 -2.06
N GLY A 108 -9.04 9.30 -0.84
CA GLY A 108 -9.67 8.15 -0.22
C GLY A 108 -8.80 6.90 -0.38
N PHE A 109 -7.57 7.11 -0.80
CA PHE A 109 -6.65 6.02 -1.00
C PHE A 109 -5.47 6.10 -0.03
N LEU A 110 -5.15 4.97 0.57
CA LEU A 110 -4.06 4.90 1.52
C LEU A 110 -2.73 4.87 0.76
N TYR A 111 -1.79 5.67 1.26
CA TYR A 111 -0.48 5.75 0.64
C TYR A 111 0.61 5.17 1.56
N MET A 112 1.29 4.15 1.05
CA MET A 112 2.34 3.51 1.81
C MET A 112 3.61 3.36 0.98
N VAL A 113 4.74 3.38 1.68
CA VAL A 113 6.03 3.25 1.02
C VAL A 113 6.90 2.27 1.80
N TYR A 114 7.29 1.20 1.12
CA TYR A 114 8.12 0.18 1.73
C TYR A 114 9.58 0.34 1.31
N ALA A 115 10.47 -0.12 2.18
CA ALA A 115 11.89 -0.03 1.92
C ALA A 115 12.65 -0.92 2.90
N SER A 116 13.97 -0.93 2.75
CA SER A 116 14.82 -1.74 3.61
C SER A 116 15.19 -0.93 4.86
N GLN A 117 14.40 0.09 5.13
CA GLN A 117 14.64 0.95 6.28
C GLN A 117 13.32 1.52 6.81
N GLU A 118 13.19 1.50 8.12
CA GLU A 118 11.99 2.01 8.77
C GLU A 118 12.33 3.14 9.72
N THR A 119 13.64 3.37 9.87
CA THR A 119 14.11 4.42 10.76
C THR A 119 14.73 5.56 9.95
N PHE A 120 15.22 5.20 8.76
CA PHE A 120 15.84 6.18 7.89
C PHE A 120 14.89 7.35 7.61
N GLY A 121 13.60 7.06 7.75
CA GLY A 121 12.59 8.08 7.52
C GLY A 121 12.79 8.76 6.16
N MET B 1 -5.78 -10.43 -19.98
CA MET B 1 -6.40 -9.48 -20.88
C MET B 1 -6.55 -8.10 -20.23
N SER B 2 -6.98 -7.14 -21.02
CA SER B 2 -7.18 -5.79 -20.54
C SER B 2 -8.65 -5.54 -20.22
N GLY B 3 -8.95 -5.51 -18.93
CA GLY B 3 -10.31 -5.28 -18.48
C GLY B 3 -10.37 -4.18 -17.43
N GLY B 4 -9.25 -3.51 -17.25
CA GLY B 4 -9.15 -2.43 -16.28
C GLY B 4 -8.75 -2.97 -14.91
N ASP B 5 -8.93 -2.12 -13.90
CA ASP B 5 -8.59 -2.49 -12.54
C ASP B 5 -9.83 -3.06 -11.84
N ASP B 6 -10.36 -4.13 -12.42
CA ASP B 6 -11.54 -4.77 -11.86
C ASP B 6 -11.34 -4.98 -10.37
N ASP B 7 -10.26 -5.70 -10.04
CA ASP B 7 -9.95 -5.98 -8.65
C ASP B 7 -8.44 -5.90 -8.45
N TRP B 8 -8.02 -4.90 -7.69
CA TRP B 8 -6.62 -4.71 -7.42
C TRP B 8 -6.01 -6.05 -7.02
N THR B 9 -6.30 -6.45 -5.79
CA THR B 9 -5.80 -7.71 -5.28
C THR B 9 -6.28 -7.93 -3.84
N HIS B 10 -6.93 -9.06 -3.62
CA HIS B 10 -7.43 -9.39 -2.30
C HIS B 10 -6.29 -9.95 -1.44
N LEU B 11 -6.02 -9.23 -0.36
CA LEU B 11 -4.95 -9.63 0.55
C LEU B 11 -5.49 -10.72 1.49
N SER B 12 -4.90 -11.90 1.37
CA SER B 12 -5.29 -13.02 2.21
C SER B 12 -4.21 -13.32 3.24
N SER B 13 -4.62 -13.38 4.50
CA SER B 13 -3.70 -13.66 5.58
C SER B 13 -3.58 -15.17 5.79
N LYS B 14 -4.10 -15.91 4.83
CA LYS B 14 -4.05 -17.36 4.90
C LYS B 14 -2.96 -17.88 3.96
N GLU B 15 -2.63 -17.06 2.98
CA GLU B 15 -1.61 -17.43 2.01
C GLU B 15 -0.25 -16.88 2.43
N VAL B 16 -0.26 -16.19 3.57
CA VAL B 16 0.97 -15.61 4.10
C VAL B 16 1.81 -16.71 4.76
N ASP B 17 2.94 -16.30 5.30
CA ASP B 17 3.84 -17.23 5.96
C ASP B 17 3.11 -17.87 7.14
N SER A 1 14.07 16.46 -16.62
CA SER A 1 15.27 17.00 -16.00
C SER A 1 15.47 16.36 -14.63
N MET A 2 14.43 16.42 -13.83
CA MET A 2 14.47 15.86 -12.49
C MET A 2 15.19 14.51 -12.48
N PRO A 3 15.71 14.13 -11.29
CA PRO A 3 16.42 12.87 -11.14
C PRO A 3 15.44 11.69 -11.11
N SER A 4 14.99 11.37 -9.91
CA SER A 4 14.05 10.27 -9.73
C SER A 4 12.71 10.63 -10.37
N GLU A 5 11.89 9.61 -10.54
CA GLU A 5 10.57 9.78 -11.14
C GLU A 5 9.54 10.11 -10.08
N LYS A 6 8.53 10.86 -10.48
CA LYS A 6 7.46 11.25 -9.57
C LYS A 6 6.88 10.00 -8.90
N THR A 7 6.06 10.24 -7.89
CA THR A 7 5.43 9.15 -7.17
C THR A 7 3.93 9.10 -7.47
N PHE A 8 3.38 7.89 -7.39
CA PHE A 8 1.97 7.70 -7.64
C PHE A 8 1.13 8.74 -6.88
N LYS A 9 1.71 9.25 -5.81
CA LYS A 9 1.04 10.24 -4.99
C LYS A 9 1.10 11.61 -5.68
N GLN A 10 2.24 11.86 -6.30
CA GLN A 10 2.45 13.12 -7.01
C GLN A 10 2.12 12.95 -8.50
N ARG A 11 2.94 12.15 -9.15
CA ARG A 11 2.75 11.90 -10.58
C ARG A 11 1.26 11.80 -10.91
N ARG A 12 0.70 10.64 -10.59
CA ARG A 12 -0.71 10.40 -10.85
C ARG A 12 -1.55 11.55 -10.29
N SER A 13 -2.54 11.96 -11.09
CA SER A 13 -3.42 13.04 -10.69
C SER A 13 -4.37 12.56 -9.59
N PHE A 14 -4.42 13.33 -8.52
CA PHE A 14 -5.28 12.99 -7.39
C PHE A 14 -6.67 12.57 -7.88
N GLU A 15 -7.36 13.52 -8.50
CA GLU A 15 -8.69 13.26 -9.02
C GLU A 15 -8.68 12.02 -9.91
N GLN A 16 -7.49 11.67 -10.37
CA GLN A 16 -7.33 10.50 -11.24
C GLN A 16 -7.19 9.24 -10.40
N ARG A 17 -6.63 9.41 -9.21
CA ARG A 17 -6.44 8.29 -8.31
C ARG A 17 -7.66 8.11 -7.40
N VAL A 18 -8.42 9.20 -7.26
CA VAL A 18 -9.61 9.17 -6.43
C VAL A 18 -10.72 8.41 -7.17
N GLU A 19 -10.78 8.63 -8.48
CA GLU A 19 -11.79 7.99 -9.30
C GLU A 19 -11.57 6.48 -9.31
N ASP A 20 -10.38 6.08 -8.86
CA ASP A 20 -10.03 4.67 -8.81
C ASP A 20 -10.72 4.02 -7.61
N VAL A 21 -10.39 4.55 -6.43
CA VAL A 21 -10.97 4.03 -5.20
C VAL A 21 -12.48 3.94 -5.34
N ARG A 22 -13.05 5.02 -5.86
CA ARG A 22 -14.49 5.08 -6.04
C ARG A 22 -15.03 3.72 -6.52
N LEU A 23 -14.18 3.01 -7.24
CA LEU A 23 -14.54 1.70 -7.75
C LEU A 23 -14.56 0.70 -6.61
N ILE A 24 -13.38 0.48 -6.04
CA ILE A 24 -13.25 -0.45 -4.93
C ILE A 24 -14.26 -0.09 -3.84
N ARG A 25 -14.72 1.16 -3.88
CA ARG A 25 -15.68 1.64 -2.90
C ARG A 25 -17.06 1.05 -3.19
N GLU A 26 -17.35 0.91 -4.48
CA GLU A 26 -18.63 0.36 -4.90
C GLU A 26 -18.48 -1.11 -5.28
N GLN A 27 -17.23 -1.55 -5.33
CA GLN A 27 -16.94 -2.93 -5.68
C GLN A 27 -16.57 -3.73 -4.43
N HIS A 28 -15.59 -3.22 -3.71
CA HIS A 28 -15.13 -3.87 -2.48
C HIS A 28 -15.36 -2.94 -1.30
N PRO A 29 -16.64 -2.92 -0.81
CA PRO A 29 -17.00 -2.09 0.32
C PRO A 29 -16.47 -2.69 1.62
N THR A 30 -16.34 -4.01 1.63
CA THR A 30 -15.85 -4.71 2.81
C THR A 30 -14.33 -4.82 2.76
N LYS A 31 -13.72 -3.91 2.02
CA LYS A 31 -12.27 -3.90 1.88
C LYS A 31 -11.76 -2.46 2.03
N ILE A 32 -10.47 -2.36 2.28
CA ILE A 32 -9.84 -1.05 2.44
C ILE A 32 -8.83 -0.83 1.32
N PRO A 33 -9.06 0.24 0.53
CA PRO A 33 -8.17 0.56 -0.58
C PRO A 33 -6.87 1.18 -0.07
N VAL A 34 -5.77 0.75 -0.67
CA VAL A 34 -4.46 1.25 -0.30
C VAL A 34 -3.56 1.30 -1.53
N ILE A 35 -2.57 2.17 -1.46
CA ILE A 35 -1.63 2.33 -2.57
C ILE A 35 -0.21 2.22 -2.04
N ILE A 36 0.39 1.05 -2.26
CA ILE A 36 1.75 0.80 -1.82
C ILE A 36 2.71 1.00 -2.99
N GLU A 37 3.71 1.84 -2.75
CA GLU A 37 4.70 2.13 -3.78
C GLU A 37 6.11 2.14 -3.17
N ARG A 38 7.10 2.21 -4.04
CA ARG A 38 8.48 2.22 -3.61
C ARG A 38 8.87 3.61 -3.13
N TYR A 39 9.68 3.64 -2.08
CA TYR A 39 10.13 4.89 -1.51
C TYR A 39 10.95 5.69 -2.53
N LYS A 40 10.80 7.00 -2.46
CA LYS A 40 11.51 7.89 -3.37
C LYS A 40 13.02 7.68 -3.18
N GLY A 41 13.57 6.78 -3.99
CA GLY A 41 14.99 6.49 -3.92
C GLY A 41 15.24 5.06 -3.42
N GLU A 42 14.19 4.25 -3.53
CA GLU A 42 14.28 2.87 -3.08
C GLU A 42 14.25 1.92 -4.29
N LYS A 43 15.42 1.40 -4.62
CA LYS A 43 15.55 0.48 -5.74
C LYS A 43 15.89 -0.91 -5.22
N GLN A 44 16.61 -0.93 -4.10
CA GLN A 44 17.01 -2.20 -3.49
C GLN A 44 15.89 -3.22 -3.59
N LEU A 45 14.90 -3.07 -2.71
CA LEU A 45 13.76 -3.96 -2.70
C LEU A 45 13.10 -3.97 -4.08
N PRO A 46 12.38 -5.09 -4.36
CA PRO A 46 11.69 -5.23 -5.64
C PRO A 46 10.44 -4.35 -5.68
N VAL A 47 9.92 -4.17 -6.89
CA VAL A 47 8.73 -3.37 -7.09
C VAL A 47 7.49 -4.22 -6.78
N LEU A 48 6.70 -3.73 -5.84
CA LEU A 48 5.49 -4.42 -5.44
C LEU A 48 4.81 -4.99 -6.67
N ASP A 49 4.26 -6.18 -6.51
CA ASP A 49 3.57 -6.86 -7.60
C ASP A 49 2.72 -5.84 -8.36
N LYS A 50 2.04 -4.99 -7.59
CA LYS A 50 1.19 -3.96 -8.17
C LYS A 50 1.20 -2.73 -7.28
N THR A 51 0.27 -1.83 -7.55
CA THR A 51 0.16 -0.59 -6.78
C THR A 51 -1.15 -0.57 -6.01
N LYS A 52 -2.15 -1.26 -6.57
CA LYS A 52 -3.46 -1.32 -5.93
C LYS A 52 -3.56 -2.60 -5.11
N PHE A 53 -3.99 -2.43 -3.87
CA PHE A 53 -4.14 -3.57 -2.97
C PHE A 53 -5.39 -3.43 -2.12
N LEU A 54 -6.13 -4.53 -2.00
CA LEU A 54 -7.35 -4.53 -1.22
C LEU A 54 -7.09 -5.23 0.12
N VAL A 55 -6.96 -4.42 1.16
CA VAL A 55 -6.71 -4.95 2.48
C VAL A 55 -8.04 -5.30 3.15
N PRO A 56 -8.01 -6.41 3.93
CA PRO A 56 -9.21 -6.87 4.62
C PRO A 56 -9.50 -5.99 5.85
N ASP A 57 -10.75 -5.59 5.96
CA ASP A 57 -11.17 -4.75 7.06
C ASP A 57 -11.51 -5.63 8.27
N HIS A 58 -11.14 -6.89 8.16
CA HIS A 58 -11.39 -7.85 9.22
C HIS A 58 -10.08 -8.17 9.95
N VAL A 59 -9.00 -7.57 9.45
CA VAL A 59 -7.69 -7.78 10.05
C VAL A 59 -7.13 -6.45 10.53
N ASN A 60 -5.82 -6.43 10.73
CA ASN A 60 -5.16 -5.22 11.20
C ASN A 60 -4.07 -4.82 10.20
N MET A 61 -3.51 -3.65 10.42
CA MET A 61 -2.45 -3.14 9.56
C MET A 61 -1.24 -4.07 9.56
N SER A 62 -1.08 -4.78 10.67
CA SER A 62 0.02 -5.70 10.82
C SER A 62 -0.05 -6.78 9.74
N GLU A 63 -1.17 -7.49 9.73
CA GLU A 63 -1.38 -8.55 8.76
C GLU A 63 -0.90 -8.10 7.37
N LEU A 64 -1.32 -6.91 7.00
CA LEU A 64 -0.96 -6.35 5.70
C LEU A 64 0.56 -6.49 5.51
N ILE A 65 1.28 -6.22 6.58
CA ILE A 65 2.73 -6.31 6.55
C ILE A 65 3.14 -7.70 6.06
N LYS A 66 2.78 -8.70 6.85
CA LYS A 66 3.10 -10.07 6.52
C LYS A 66 2.80 -10.32 5.03
N ILE A 67 1.71 -9.73 4.58
CA ILE A 67 1.31 -9.87 3.19
C ILE A 67 2.38 -9.26 2.29
N ILE A 68 2.63 -7.97 2.50
CA ILE A 68 3.63 -7.27 1.71
C ILE A 68 4.88 -8.14 1.57
N ARG A 69 5.40 -8.56 2.72
CA ARG A 69 6.59 -9.40 2.73
C ARG A 69 6.50 -10.48 1.66
N ARG A 70 5.41 -11.24 1.72
CA ARG A 70 5.18 -12.31 0.77
C ARG A 70 5.28 -11.77 -0.66
N ARG A 71 4.86 -10.51 -0.81
CA ARG A 71 4.89 -9.87 -2.11
C ARG A 71 6.34 -9.58 -2.53
N LEU A 72 7.06 -8.93 -1.63
CA LEU A 72 8.44 -8.59 -1.90
C LEU A 72 9.25 -9.87 -2.11
N GLN A 73 8.72 -10.96 -1.57
CA GLN A 73 9.38 -12.25 -1.69
C GLN A 73 10.88 -12.12 -1.40
N LEU A 74 11.18 -11.57 -0.23
CA LEU A 74 12.56 -11.38 0.18
C LEU A 74 13.01 -12.58 1.01
N ASN A 75 14.20 -12.45 1.57
CA ASN A 75 14.76 -13.51 2.39
C ASN A 75 14.79 -13.06 3.84
N ALA A 76 15.38 -13.91 4.68
CA ALA A 76 15.48 -13.61 6.10
C ALA A 76 16.66 -12.66 6.33
N ASN A 77 17.37 -12.39 5.26
CA ASN A 77 18.53 -11.50 5.34
C ASN A 77 18.09 -10.09 4.92
N GLN A 78 17.11 -10.04 4.05
CA GLN A 78 16.59 -8.76 3.57
C GLN A 78 15.62 -8.16 4.59
N ALA A 79 15.75 -6.86 4.78
CA ALA A 79 14.89 -6.15 5.72
C ALA A 79 13.81 -5.38 4.94
N PHE A 80 12.63 -5.34 5.53
CA PHE A 80 11.51 -4.66 4.91
C PHE A 80 10.66 -3.93 5.96
N PHE A 81 10.34 -2.69 5.66
CA PHE A 81 9.53 -1.88 6.56
C PHE A 81 8.55 -0.99 5.78
N LEU A 82 7.26 -1.27 5.99
CA LEU A 82 6.22 -0.52 5.32
C LEU A 82 5.93 0.75 6.11
N LEU A 83 6.03 1.88 5.43
CA LEU A 83 5.77 3.16 6.06
C LEU A 83 4.37 3.63 5.69
N VAL A 84 3.55 3.79 6.72
CA VAL A 84 2.17 4.23 6.53
C VAL A 84 2.15 5.77 6.46
N ASN A 85 1.94 6.27 5.25
CA ASN A 85 1.89 7.71 5.04
C ASN A 85 3.30 8.29 5.15
N GLY A 86 4.27 7.39 5.22
CA GLY A 86 5.66 7.81 5.33
C GLY A 86 6.19 7.56 6.73
N HIS A 87 5.34 7.00 7.57
CA HIS A 87 5.71 6.70 8.94
C HIS A 87 5.51 5.21 9.23
N SER A 88 6.55 4.60 9.76
CA SER A 88 6.49 3.17 10.09
C SER A 88 5.34 2.90 11.05
N MET A 89 5.10 1.61 11.29
CA MET A 89 4.03 1.21 12.17
C MET A 89 4.59 0.49 13.41
N VAL A 90 5.69 1.03 13.92
CA VAL A 90 6.33 0.46 15.09
C VAL A 90 5.25 -0.03 16.07
N SER A 91 4.13 0.67 16.05
CA SER A 91 3.02 0.34 16.93
C SER A 91 1.76 0.05 16.10
N VAL A 92 1.46 -1.23 15.95
CA VAL A 92 0.30 -1.66 15.20
C VAL A 92 -0.79 -2.12 16.15
N SER A 93 -1.60 -1.15 16.58
CA SER A 93 -2.68 -1.46 17.50
C SER A 93 -4.01 -0.97 16.91
N THR A 94 -3.98 -0.66 15.62
CA THR A 94 -5.16 -0.18 14.94
C THR A 94 -5.44 -1.05 13.71
N PRO A 95 -6.76 -1.25 13.43
CA PRO A 95 -7.18 -2.05 12.30
C PRO A 95 -6.99 -1.29 10.99
N ILE A 96 -6.50 -2.00 9.99
CA ILE A 96 -6.27 -1.40 8.68
C ILE A 96 -7.51 -0.60 8.27
N SER A 97 -8.65 -0.99 8.81
CA SER A 97 -9.89 -0.32 8.51
C SER A 97 -9.85 1.12 9.04
N GLU A 98 -9.35 1.26 10.26
CA GLU A 98 -9.24 2.57 10.88
C GLU A 98 -8.02 3.31 10.34
N VAL A 99 -6.87 2.67 10.47
CA VAL A 99 -5.63 3.25 10.00
C VAL A 99 -5.86 3.94 8.67
N TYR A 100 -6.76 3.35 7.89
CA TYR A 100 -7.08 3.90 6.57
C TYR A 100 -8.03 5.10 6.69
N GLU A 101 -9.06 4.92 7.50
CA GLU A 101 -10.04 5.97 7.71
C GLU A 101 -9.46 7.07 8.60
N SER A 102 -8.24 6.81 9.07
CA SER A 102 -7.57 7.77 9.92
C SER A 102 -6.32 8.32 9.21
N GLU A 103 -6.10 7.83 8.01
CA GLU A 103 -4.96 8.26 7.21
C GLU A 103 -5.42 8.72 5.83
N ARG A 104 -6.09 7.83 5.13
CA ARG A 104 -6.60 8.14 3.80
C ARG A 104 -7.08 9.59 3.75
N ASP A 105 -7.09 10.13 2.54
CA ASP A 105 -7.52 11.50 2.33
C ASP A 105 -8.83 11.51 1.56
N GLU A 106 -9.33 12.70 1.28
CA GLU A 106 -10.57 12.86 0.55
C GLU A 106 -10.67 11.80 -0.56
N ASP A 107 -9.60 11.70 -1.34
CA ASP A 107 -9.55 10.74 -2.42
C ASP A 107 -10.19 9.43 -1.97
N GLY A 108 -9.74 8.95 -0.83
CA GLY A 108 -10.25 7.71 -0.27
C GLY A 108 -9.31 6.54 -0.55
N PHE A 109 -8.04 6.88 -0.74
CA PHE A 109 -7.03 5.88 -1.02
C PHE A 109 -5.82 6.05 -0.10
N LEU A 110 -5.37 4.94 0.46
CA LEU A 110 -4.23 4.95 1.36
C LEU A 110 -2.94 5.02 0.54
N TYR A 111 -1.94 5.66 1.11
CA TYR A 111 -0.65 5.80 0.45
C TYR A 111 0.49 5.48 1.41
N MET A 112 1.11 4.33 1.20
CA MET A 112 2.22 3.91 2.03
C MET A 112 3.46 3.64 1.19
N VAL A 113 4.62 3.89 1.80
CA VAL A 113 5.89 3.68 1.12
C VAL A 113 6.71 2.65 1.89
N TYR A 114 7.13 1.61 1.19
CA TYR A 114 7.94 0.57 1.80
C TYR A 114 9.40 0.66 1.35
N ALA A 115 10.27 0.15 2.20
CA ALA A 115 11.69 0.17 1.91
C ALA A 115 12.45 -0.62 2.98
N SER A 116 13.76 -0.71 2.79
CA SER A 116 14.59 -1.43 3.74
C SER A 116 15.10 -0.48 4.82
N GLN A 117 14.27 0.50 5.13
CA GLN A 117 14.61 1.48 6.15
C GLN A 117 13.34 2.00 6.83
N GLU A 118 13.32 1.87 8.15
CA GLU A 118 12.18 2.31 8.93
C GLU A 118 12.55 3.58 9.72
N THR A 119 13.82 3.91 9.67
CA THR A 119 14.32 5.09 10.38
C THR A 119 15.23 5.92 9.47
N PHE A 120 14.61 6.57 8.49
CA PHE A 120 15.34 7.40 7.56
C PHE A 120 15.24 8.88 7.91
N GLY A 121 14.04 9.24 8.36
CA GLY A 121 13.79 10.64 8.74
C GLY A 121 14.25 11.60 7.64
N MET B 1 -2.65 -12.24 -18.62
CA MET B 1 -2.79 -10.80 -18.50
C MET B 1 -4.25 -10.38 -18.65
N SER B 2 -4.68 -9.48 -17.79
CA SER B 2 -6.05 -8.99 -17.82
C SER B 2 -6.05 -7.47 -18.00
N GLY B 3 -6.89 -7.03 -18.91
CA GLY B 3 -7.01 -5.61 -19.19
C GLY B 3 -8.17 -4.98 -18.41
N GLY B 4 -7.82 -4.20 -17.40
CA GLY B 4 -8.81 -3.54 -16.58
C GLY B 4 -8.38 -3.53 -15.10
N ASP B 5 -8.43 -2.34 -14.52
CA ASP B 5 -8.06 -2.17 -13.13
C ASP B 5 -9.31 -1.97 -12.28
N ASP B 6 -10.35 -2.70 -12.65
CA ASP B 6 -11.62 -2.60 -11.94
C ASP B 6 -11.50 -3.36 -10.61
N ASP B 7 -10.66 -4.38 -10.62
CA ASP B 7 -10.45 -5.19 -9.43
C ASP B 7 -8.95 -5.29 -9.14
N TRP B 8 -8.53 -4.59 -8.09
CA TRP B 8 -7.14 -4.60 -7.71
C TRP B 8 -6.79 -5.99 -7.19
N THR B 9 -5.79 -6.04 -6.32
CA THR B 9 -5.36 -7.30 -5.75
C THR B 9 -6.00 -7.51 -4.38
N HIS B 10 -6.09 -8.77 -3.98
CA HIS B 10 -6.67 -9.12 -2.71
C HIS B 10 -5.58 -9.63 -1.75
N LEU B 11 -5.58 -9.07 -0.55
CA LEU B 11 -4.61 -9.45 0.45
C LEU B 11 -5.23 -10.46 1.41
N SER B 12 -4.58 -11.61 1.51
CA SER B 12 -5.05 -12.66 2.40
C SER B 12 -3.96 -13.06 3.39
N SER B 13 -4.32 -13.04 4.66
CA SER B 13 -3.38 -13.39 5.71
C SER B 13 -3.41 -14.90 5.96
N LYS B 14 -4.07 -15.60 5.05
CA LYS B 14 -4.18 -17.04 5.15
C LYS B 14 -3.20 -17.70 4.19
N GLU B 15 -2.86 -16.96 3.14
CA GLU B 15 -1.92 -17.46 2.14
C GLU B 15 -0.49 -17.03 2.49
N VAL B 16 -0.38 -16.31 3.59
CA VAL B 16 0.92 -15.84 4.04
C VAL B 16 1.72 -17.02 4.59
N ASP B 17 2.87 -16.71 5.17
CA ASP B 17 3.73 -17.73 5.73
C ASP B 17 3.37 -17.96 7.20
N SER A 1 7.29 21.61 -17.85
CA SER A 1 8.58 21.46 -17.22
C SER A 1 8.42 20.97 -15.78
N MET A 2 9.03 19.83 -15.49
CA MET A 2 8.95 19.25 -14.16
C MET A 2 10.35 19.02 -13.58
N PRO A 3 10.40 18.96 -12.22
CA PRO A 3 11.66 18.75 -11.54
C PRO A 3 12.11 17.28 -11.65
N SER A 4 11.67 16.49 -10.69
CA SER A 4 12.00 15.08 -10.67
C SER A 4 10.74 14.23 -10.82
N GLU A 5 10.94 12.93 -10.80
CA GLU A 5 9.82 11.99 -10.94
C GLU A 5 8.84 12.17 -9.78
N LYS A 6 7.59 12.42 -10.13
CA LYS A 6 6.55 12.60 -9.14
C LYS A 6 6.27 11.28 -8.44
N THR A 7 5.43 11.35 -7.41
CA THR A 7 5.09 10.16 -6.65
C THR A 7 3.68 9.70 -7.01
N PHE A 8 3.49 8.38 -6.97
CA PHE A 8 2.21 7.80 -7.29
C PHE A 8 1.06 8.60 -6.66
N LYS A 9 1.39 9.28 -5.57
CA LYS A 9 0.41 10.09 -4.86
C LYS A 9 0.19 11.39 -5.62
N GLN A 10 1.30 11.97 -6.08
CA GLN A 10 1.24 13.22 -6.82
C GLN A 10 0.92 12.95 -8.29
N ARG A 11 1.81 12.21 -8.93
CA ARG A 11 1.63 11.88 -10.33
C ARG A 11 0.15 11.65 -10.64
N ARG A 12 -0.31 10.47 -10.29
CA ARG A 12 -1.70 10.10 -10.52
C ARG A 12 -2.61 11.30 -10.25
N SER A 13 -3.52 11.53 -11.19
CA SER A 13 -4.46 12.64 -11.07
C SER A 13 -5.46 12.35 -9.96
N PHE A 14 -5.57 13.30 -9.04
CA PHE A 14 -6.48 13.16 -7.92
C PHE A 14 -7.85 12.66 -8.39
N GLU A 15 -8.32 13.24 -9.49
CA GLU A 15 -9.60 12.86 -10.05
C GLU A 15 -9.60 11.38 -10.40
N GLN A 16 -8.46 10.89 -10.83
CA GLN A 16 -8.31 9.50 -11.20
C GLN A 16 -8.15 8.63 -9.95
N ARG A 17 -7.49 9.20 -8.96
CA ARG A 17 -7.26 8.50 -7.72
C ARG A 17 -8.55 8.41 -6.90
N VAL A 18 -9.41 9.40 -7.12
CA VAL A 18 -10.68 9.45 -6.41
C VAL A 18 -11.66 8.46 -7.06
N GLU A 19 -11.54 8.33 -8.38
CA GLU A 19 -12.39 7.43 -9.12
C GLU A 19 -11.90 5.98 -8.98
N ASP A 20 -10.58 5.85 -8.97
CA ASP A 20 -9.97 4.53 -8.83
C ASP A 20 -10.46 3.88 -7.54
N VAL A 21 -10.36 4.64 -6.46
CA VAL A 21 -10.79 4.15 -5.16
C VAL A 21 -12.31 3.99 -5.15
N ARG A 22 -12.99 5.04 -5.59
CA ARG A 22 -14.43 5.03 -5.65
C ARG A 22 -14.95 3.70 -6.20
N LEU A 23 -14.10 3.07 -7.00
CA LEU A 23 -14.45 1.80 -7.60
C LEU A 23 -14.36 0.70 -6.54
N ILE A 24 -13.14 0.49 -6.05
CA ILE A 24 -12.90 -0.51 -5.04
C ILE A 24 -13.89 -0.32 -3.88
N ARG A 25 -14.41 0.89 -3.80
CA ARG A 25 -15.37 1.23 -2.75
C ARG A 25 -16.67 0.45 -2.95
N GLU A 26 -17.05 0.32 -4.21
CA GLU A 26 -18.27 -0.40 -4.55
C GLU A 26 -17.96 -1.87 -4.85
N GLN A 27 -16.82 -2.08 -5.49
CA GLN A 27 -16.40 -3.42 -5.85
C GLN A 27 -15.82 -4.13 -4.63
N HIS A 28 -15.38 -3.33 -3.68
CA HIS A 28 -14.80 -3.87 -2.45
C HIS A 28 -15.04 -2.89 -1.30
N PRO A 29 -16.33 -2.82 -0.87
CA PRO A 29 -16.70 -1.94 0.22
C PRO A 29 -16.25 -2.50 1.57
N THR A 30 -16.12 -3.82 1.60
CA THR A 30 -15.70 -4.50 2.82
C THR A 30 -14.18 -4.58 2.88
N LYS A 31 -13.53 -3.83 1.99
CA LYS A 31 -12.08 -3.81 1.94
C LYS A 31 -11.60 -2.37 2.04
N ILE A 32 -10.29 -2.22 2.23
CA ILE A 32 -9.69 -0.90 2.35
C ILE A 32 -8.66 -0.72 1.23
N PRO A 33 -8.90 0.34 0.40
CA PRO A 33 -8.01 0.64 -0.71
C PRO A 33 -6.71 1.27 -0.21
N VAL A 34 -5.59 0.72 -0.68
CA VAL A 34 -4.29 1.22 -0.28
C VAL A 34 -3.36 1.19 -1.49
N ILE A 35 -2.31 1.99 -1.42
CA ILE A 35 -1.33 2.07 -2.49
C ILE A 35 0.07 1.95 -1.91
N ILE A 36 0.76 0.89 -2.34
CA ILE A 36 2.11 0.65 -1.86
C ILE A 36 3.11 1.03 -2.96
N GLU A 37 4.07 1.86 -2.58
CA GLU A 37 5.08 2.32 -3.51
C GLU A 37 6.47 2.21 -2.89
N ARG A 38 7.48 2.24 -3.74
CA ARG A 38 8.86 2.14 -3.29
C ARG A 38 9.36 3.51 -2.81
N TYR A 39 9.86 3.54 -1.59
CA TYR A 39 10.36 4.76 -1.02
C TYR A 39 11.28 5.49 -1.99
N LYS A 40 11.15 6.82 -2.01
CA LYS A 40 11.96 7.64 -2.90
C LYS A 40 13.44 7.36 -2.63
N GLY A 41 14.01 6.51 -3.47
CA GLY A 41 15.42 6.15 -3.33
C GLY A 41 15.57 4.68 -2.93
N GLU A 42 14.49 3.95 -3.07
CA GLU A 42 14.49 2.54 -2.72
C GLU A 42 14.98 1.69 -3.90
N LYS A 43 16.04 0.94 -3.66
CA LYS A 43 16.61 0.09 -4.69
C LYS A 43 16.66 -1.35 -4.19
N GLN A 44 17.06 -1.50 -2.94
CA GLN A 44 17.15 -2.82 -2.33
C GLN A 44 15.93 -3.66 -2.72
N LEU A 45 14.84 -3.42 -2.01
CA LEU A 45 13.61 -4.14 -2.27
C LEU A 45 13.23 -4.01 -3.74
N PRO A 46 12.64 -5.10 -4.29
CA PRO A 46 12.23 -5.11 -5.69
C PRO A 46 10.96 -4.29 -5.89
N VAL A 47 10.66 -4.01 -7.15
CA VAL A 47 9.48 -3.23 -7.49
C VAL A 47 8.23 -4.12 -7.31
N LEU A 48 7.44 -3.75 -6.31
CA LEU A 48 6.22 -4.49 -6.03
C LEU A 48 5.54 -4.88 -7.34
N ASP A 49 4.86 -6.01 -7.31
CA ASP A 49 4.16 -6.50 -8.49
C ASP A 49 3.22 -5.41 -9.00
N LYS A 50 2.53 -4.78 -8.06
CA LYS A 50 1.59 -3.73 -8.40
C LYS A 50 1.64 -2.63 -7.33
N THR A 51 0.76 -1.66 -7.48
CA THR A 51 0.69 -0.56 -6.53
C THR A 51 -0.63 -0.57 -5.78
N LYS A 52 -1.67 -1.04 -6.48
CA LYS A 52 -2.99 -1.11 -5.88
C LYS A 52 -3.12 -2.41 -5.08
N PHE A 53 -3.60 -2.26 -3.85
CA PHE A 53 -3.77 -3.39 -2.98
C PHE A 53 -5.07 -3.28 -2.17
N LEU A 54 -5.79 -4.39 -2.10
CA LEU A 54 -7.04 -4.42 -1.37
C LEU A 54 -6.84 -5.14 -0.04
N VAL A 55 -6.77 -4.36 1.02
CA VAL A 55 -6.57 -4.92 2.35
C VAL A 55 -7.93 -5.27 2.95
N PRO A 56 -7.95 -6.42 3.69
CA PRO A 56 -9.18 -6.88 4.32
C PRO A 56 -9.51 -6.04 5.55
N ASP A 57 -10.76 -5.62 5.63
CA ASP A 57 -11.22 -4.80 6.74
C ASP A 57 -11.69 -5.72 7.87
N HIS A 58 -10.89 -6.75 8.13
CA HIS A 58 -11.22 -7.70 9.18
C HIS A 58 -9.94 -8.12 9.90
N VAL A 59 -8.89 -7.34 9.68
CA VAL A 59 -7.60 -7.62 10.30
C VAL A 59 -6.98 -6.30 10.76
N ASN A 60 -5.68 -6.37 11.04
CA ASN A 60 -4.94 -5.20 11.48
C ASN A 60 -3.94 -4.79 10.40
N MET A 61 -3.49 -3.54 10.50
CA MET A 61 -2.54 -3.01 9.54
C MET A 61 -1.29 -3.88 9.48
N SER A 62 -1.08 -4.66 10.54
CA SER A 62 0.07 -5.54 10.61
C SER A 62 0.01 -6.57 9.50
N GLU A 63 -1.12 -7.27 9.43
CA GLU A 63 -1.32 -8.28 8.42
C GLU A 63 -0.79 -7.79 7.07
N LEU A 64 -1.30 -6.65 6.65
CA LEU A 64 -0.90 -6.07 5.38
C LEU A 64 0.62 -6.24 5.21
N ILE A 65 1.34 -5.91 6.27
CA ILE A 65 2.79 -6.02 6.25
C ILE A 65 3.19 -7.43 5.82
N LYS A 66 2.54 -8.41 6.43
CA LYS A 66 2.82 -9.80 6.12
C LYS A 66 2.46 -10.07 4.66
N ILE A 67 1.52 -9.29 4.16
CA ILE A 67 1.09 -9.43 2.78
C ILE A 67 2.19 -8.91 1.84
N ILE A 68 2.52 -7.64 2.03
CA ILE A 68 3.56 -7.02 1.22
C ILE A 68 4.78 -7.93 1.17
N ARG A 69 5.37 -8.14 2.35
CA ARG A 69 6.54 -8.99 2.46
C ARG A 69 6.30 -10.31 1.75
N ARG A 70 5.08 -10.81 1.86
CA ARG A 70 4.71 -12.07 1.24
C ARG A 70 4.69 -11.92 -0.28
N ARG A 71 4.42 -10.70 -0.71
CA ARG A 71 4.37 -10.40 -2.14
C ARG A 71 5.78 -10.30 -2.72
N LEU A 72 6.64 -9.62 -1.97
CA LEU A 72 8.01 -9.43 -2.40
C LEU A 72 8.76 -10.76 -2.32
N GLN A 73 8.12 -11.71 -1.64
CA GLN A 73 8.72 -13.03 -1.47
C GLN A 73 10.19 -12.91 -1.11
N LEU A 74 10.46 -12.10 -0.10
CA LEU A 74 11.82 -11.88 0.36
C LEU A 74 12.17 -12.95 1.40
N ASN A 75 13.35 -12.80 1.99
CA ASN A 75 13.82 -13.74 2.99
C ASN A 75 14.12 -12.98 4.28
N ALA A 76 14.64 -13.72 5.26
CA ALA A 76 14.99 -13.14 6.54
C ALA A 76 16.18 -12.19 6.36
N ASN A 77 17.04 -12.54 5.43
CA ASN A 77 18.21 -11.74 5.15
C ASN A 77 17.78 -10.36 4.63
N GLN A 78 16.66 -10.37 3.92
CA GLN A 78 16.13 -9.13 3.36
C GLN A 78 15.21 -8.45 4.37
N ALA A 79 15.50 -7.18 4.62
CA ALA A 79 14.72 -6.40 5.56
C ALA A 79 13.70 -5.56 4.79
N PHE A 80 12.46 -5.65 5.25
CA PHE A 80 11.37 -4.91 4.62
C PHE A 80 10.54 -4.16 5.66
N PHE A 81 10.21 -2.92 5.32
CA PHE A 81 9.43 -2.08 6.21
C PHE A 81 8.47 -1.19 5.43
N LEU A 82 7.21 -1.20 5.86
CA LEU A 82 6.19 -0.40 5.21
C LEU A 82 5.91 0.85 6.05
N LEU A 83 6.16 1.99 5.42
CA LEU A 83 5.95 3.27 6.09
C LEU A 83 4.56 3.81 5.72
N VAL A 84 3.63 3.64 6.64
CA VAL A 84 2.27 4.10 6.42
C VAL A 84 2.27 5.63 6.37
N ASN A 85 2.01 6.14 5.17
CA ASN A 85 1.97 7.59 4.98
C ASN A 85 3.37 8.16 5.17
N GLY A 86 4.36 7.30 5.00
CA GLY A 86 5.74 7.71 5.15
C GLY A 86 6.21 7.54 6.60
N HIS A 87 5.33 6.97 7.41
CA HIS A 87 5.64 6.75 8.81
C HIS A 87 5.45 5.26 9.15
N SER A 88 6.41 4.75 9.91
CA SER A 88 6.37 3.35 10.31
C SER A 88 5.07 3.07 11.07
N MET A 89 4.85 1.78 11.34
CA MET A 89 3.67 1.36 12.07
C MET A 89 4.03 0.45 13.24
N VAL A 90 5.31 0.46 13.58
CA VAL A 90 5.80 -0.35 14.68
C VAL A 90 4.79 -0.31 15.83
N SER A 91 4.32 -1.50 16.21
CA SER A 91 3.36 -1.61 17.29
C SER A 91 1.95 -1.35 16.75
N VAL A 92 1.62 -2.04 15.67
CA VAL A 92 0.31 -1.89 15.06
C VAL A 92 -0.75 -1.78 16.16
N SER A 93 -1.17 -0.55 16.41
CA SER A 93 -2.18 -0.29 17.42
C SER A 93 -3.45 0.25 16.78
N THR A 94 -3.61 -0.09 15.50
CA THR A 94 -4.78 0.36 14.75
C THR A 94 -5.04 -0.56 13.56
N PRO A 95 -6.35 -0.85 13.34
CA PRO A 95 -6.74 -1.73 12.24
C PRO A 95 -6.64 -1.00 10.91
N ILE A 96 -6.30 -1.76 9.88
CA ILE A 96 -6.16 -1.20 8.54
C ILE A 96 -7.46 -0.50 8.16
N SER A 97 -8.53 -0.85 8.85
CA SER A 97 -9.82 -0.25 8.60
C SER A 97 -9.84 1.20 9.09
N GLU A 98 -9.11 1.43 10.17
CA GLU A 98 -9.03 2.75 10.75
C GLU A 98 -7.83 3.52 10.18
N VAL A 99 -6.68 2.88 10.27
CA VAL A 99 -5.45 3.47 9.78
C VAL A 99 -5.73 4.14 8.43
N TYR A 100 -6.69 3.60 7.72
CA TYR A 100 -7.06 4.13 6.42
C TYR A 100 -7.87 5.42 6.56
N GLU A 101 -8.99 5.30 7.26
CA GLU A 101 -9.86 6.45 7.47
C GLU A 101 -9.20 7.44 8.43
N SER A 102 -8.06 7.03 8.97
CA SER A 102 -7.32 7.88 9.88
C SER A 102 -6.08 8.43 9.20
N GLU A 103 -5.89 8.03 7.95
CA GLU A 103 -4.75 8.48 7.17
C GLU A 103 -5.21 8.96 5.80
N ARG A 104 -5.80 8.05 5.05
CA ARG A 104 -6.29 8.37 3.72
C ARG A 104 -6.87 9.78 3.70
N ASP A 105 -6.71 10.43 2.55
CA ASP A 105 -7.22 11.79 2.38
C ASP A 105 -8.54 11.74 1.59
N GLU A 106 -9.13 12.91 1.44
CA GLU A 106 -10.39 13.01 0.71
C GLU A 106 -10.38 12.08 -0.50
N ASP A 107 -9.19 11.87 -1.03
CA ASP A 107 -9.04 11.00 -2.19
C ASP A 107 -9.67 9.64 -1.89
N GLY A 108 -9.29 9.08 -0.76
CA GLY A 108 -9.81 7.78 -0.35
C GLY A 108 -8.81 6.67 -0.66
N PHE A 109 -7.59 7.07 -1.00
CA PHE A 109 -6.55 6.13 -1.32
C PHE A 109 -5.37 6.25 -0.34
N LEU A 110 -5.01 5.12 0.25
CA LEU A 110 -3.91 5.09 1.20
C LEU A 110 -2.58 5.08 0.43
N TYR A 111 -1.65 5.88 0.92
CA TYR A 111 -0.34 5.97 0.30
C TYR A 111 0.76 5.55 1.28
N MET A 112 1.31 4.38 1.03
CA MET A 112 2.37 3.85 1.88
C MET A 112 3.68 3.72 1.10
N VAL A 113 4.78 3.90 1.83
CA VAL A 113 6.10 3.81 1.22
C VAL A 113 6.92 2.77 1.97
N TYR A 114 7.24 1.69 1.27
CA TYR A 114 8.03 0.61 1.85
C TYR A 114 9.49 0.68 1.39
N ALA A 115 10.35 0.01 2.13
CA ALA A 115 11.76 -0.02 1.81
C ALA A 115 12.50 -0.88 2.83
N SER A 116 13.80 -1.00 2.64
CA SER A 116 14.62 -1.79 3.53
C SER A 116 15.08 -0.94 4.72
N GLN A 117 14.31 0.10 5.00
CA GLN A 117 14.62 0.99 6.09
C GLN A 117 13.34 1.58 6.68
N GLU A 118 13.25 1.55 8.00
CA GLU A 118 12.08 2.08 8.69
C GLU A 118 12.48 3.28 9.56
N THR A 119 13.79 3.50 9.64
CA THR A 119 14.31 4.60 10.43
C THR A 119 15.32 5.41 9.62
N PHE A 120 15.25 5.24 8.31
CA PHE A 120 16.15 5.94 7.41
C PHE A 120 16.33 7.40 7.86
N GLY A 121 15.21 8.05 8.11
CA GLY A 121 15.24 9.44 8.54
C GLY A 121 16.42 9.71 9.48
N MET B 1 -18.65 -0.15 -23.22
CA MET B 1 -18.40 0.99 -22.36
C MET B 1 -18.05 0.53 -20.94
N SER B 2 -16.87 -0.07 -20.82
CA SER B 2 -16.41 -0.55 -19.53
C SER B 2 -16.60 0.53 -18.46
N GLY B 3 -16.33 0.14 -17.22
CA GLY B 3 -16.47 1.06 -16.11
C GLY B 3 -15.64 0.59 -14.91
N GLY B 4 -14.43 1.11 -14.83
CA GLY B 4 -13.52 0.76 -13.75
C GLY B 4 -12.10 0.58 -14.26
N ASP B 5 -11.15 0.79 -13.36
CA ASP B 5 -9.74 0.64 -13.70
C ASP B 5 -9.43 -0.84 -13.93
N ASP B 6 -9.48 -1.59 -12.84
CA ASP B 6 -9.21 -3.02 -12.92
C ASP B 6 -8.96 -3.56 -11.50
N ASP B 7 -9.91 -4.34 -11.02
CA ASP B 7 -9.81 -4.92 -9.70
C ASP B 7 -8.34 -5.06 -9.32
N TRP B 8 -7.95 -4.36 -8.27
CA TRP B 8 -6.57 -4.40 -7.81
C TRP B 8 -6.29 -5.82 -7.30
N THR B 9 -5.32 -5.91 -6.40
CA THR B 9 -4.95 -7.20 -5.84
C THR B 9 -5.66 -7.41 -4.51
N HIS B 10 -5.91 -8.68 -4.21
CA HIS B 10 -6.59 -9.04 -2.97
C HIS B 10 -5.55 -9.48 -1.93
N LEU B 11 -5.54 -8.76 -0.81
CA LEU B 11 -4.61 -9.07 0.26
C LEU B 11 -5.28 -9.99 1.28
N SER B 12 -4.74 -11.19 1.39
CA SER B 12 -5.28 -12.18 2.32
C SER B 12 -4.28 -12.45 3.44
N SER B 13 -4.75 -12.29 4.67
CA SER B 13 -3.91 -12.53 5.82
C SER B 13 -3.80 -14.03 6.11
N LYS B 14 -4.52 -14.80 5.31
CA LYS B 14 -4.52 -16.24 5.46
C LYS B 14 -3.42 -16.85 4.58
N GLU B 15 -3.14 -16.15 3.49
CA GLU B 15 -2.12 -16.61 2.55
C GLU B 15 -0.73 -16.29 3.10
N VAL B 16 -0.71 -15.55 4.20
CA VAL B 16 0.54 -15.17 4.83
C VAL B 16 1.08 -16.35 5.64
N ASP B 17 2.26 -16.16 6.20
CA ASP B 17 2.90 -17.19 7.00
C ASP B 17 2.58 -16.96 8.47
N SER A 1 11.85 18.66 -8.37
CA SER A 1 12.97 18.95 -9.24
C SER A 1 14.04 17.86 -9.10
N MET A 2 13.62 16.74 -8.50
CA MET A 2 14.51 15.62 -8.31
C MET A 2 14.85 14.94 -9.63
N PRO A 3 16.04 14.30 -9.67
CA PRO A 3 16.48 13.61 -10.88
C PRO A 3 15.73 12.29 -11.06
N SER A 4 14.84 12.02 -10.12
CA SER A 4 14.05 10.81 -10.16
C SER A 4 12.72 11.06 -10.87
N GLU A 5 11.89 10.03 -10.90
CA GLU A 5 10.59 10.14 -11.54
C GLU A 5 9.56 10.71 -10.57
N LYS A 6 8.53 11.33 -11.13
CA LYS A 6 7.47 11.91 -10.32
C LYS A 6 6.96 10.87 -9.33
N THR A 7 5.98 11.29 -8.54
CA THR A 7 5.40 10.39 -7.55
C THR A 7 3.88 10.27 -7.76
N PHE A 8 3.35 9.13 -7.34
CA PHE A 8 1.92 8.89 -7.49
C PHE A 8 1.11 10.09 -7.03
N LYS A 9 1.72 10.90 -6.17
CA LYS A 9 1.06 12.08 -5.65
C LYS A 9 1.09 13.18 -6.71
N GLN A 10 2.24 13.29 -7.38
CA GLN A 10 2.41 14.29 -8.42
C GLN A 10 1.98 13.72 -9.78
N ARG A 11 2.69 12.69 -10.21
CA ARG A 11 2.39 12.06 -11.48
C ARG A 11 0.88 11.81 -11.61
N ARG A 12 0.42 10.80 -10.88
CA ARG A 12 -0.99 10.45 -10.90
C ARG A 12 -1.83 11.59 -10.34
N SER A 13 -2.84 11.98 -11.10
CA SER A 13 -3.72 13.06 -10.69
C SER A 13 -4.70 12.55 -9.61
N PHE A 14 -4.67 13.23 -8.47
CA PHE A 14 -5.55 12.86 -7.38
C PHE A 14 -6.94 12.46 -7.88
N GLU A 15 -7.51 13.34 -8.69
CA GLU A 15 -8.83 13.09 -9.25
C GLU A 15 -8.90 11.68 -9.83
N GLN A 16 -7.83 11.30 -10.52
CA GLN A 16 -7.76 9.99 -11.14
C GLN A 16 -7.74 8.90 -10.06
N ARG A 17 -6.99 9.18 -9.00
CA ARG A 17 -6.89 8.23 -7.90
C ARG A 17 -8.22 8.14 -7.16
N VAL A 18 -8.99 9.21 -7.25
CA VAL A 18 -10.28 9.26 -6.58
C VAL A 18 -11.28 8.37 -7.33
N GLU A 19 -11.25 8.49 -8.65
CA GLU A 19 -12.14 7.70 -9.49
C GLU A 19 -11.93 6.21 -9.22
N ASP A 20 -10.67 5.82 -9.25
CA ASP A 20 -10.32 4.42 -9.02
C ASP A 20 -11.05 3.93 -7.76
N VAL A 21 -11.12 4.79 -6.77
CA VAL A 21 -11.77 4.46 -5.52
C VAL A 21 -13.27 4.31 -5.75
N ARG A 22 -13.79 5.16 -6.63
CA ARG A 22 -15.20 5.14 -6.96
C ARG A 22 -15.62 3.73 -7.36
N LEU A 23 -14.65 2.94 -7.77
CA LEU A 23 -14.91 1.58 -8.18
C LEU A 23 -14.73 0.64 -6.99
N ILE A 24 -13.50 0.60 -6.48
CA ILE A 24 -13.18 -0.24 -5.35
C ILE A 24 -14.20 0.00 -4.24
N ARG A 25 -14.82 1.17 -4.29
CA ARG A 25 -15.82 1.54 -3.31
C ARG A 25 -17.13 0.80 -3.57
N GLU A 26 -17.43 0.65 -4.85
CA GLU A 26 -18.65 -0.03 -5.25
C GLU A 26 -18.36 -1.49 -5.62
N GLN A 27 -17.07 -1.82 -5.58
CA GLN A 27 -16.64 -3.18 -5.90
C GLN A 27 -16.22 -3.91 -4.63
N HIS A 28 -15.32 -3.28 -3.89
CA HIS A 28 -14.83 -3.87 -2.66
C HIS A 28 -15.12 -2.92 -1.49
N PRO A 29 -16.39 -2.98 -1.00
CA PRO A 29 -16.81 -2.14 0.11
C PRO A 29 -16.23 -2.65 1.43
N THR A 30 -16.14 -3.96 1.53
CA THR A 30 -15.61 -4.58 2.73
C THR A 30 -14.10 -4.76 2.62
N LYS A 31 -13.47 -3.81 1.94
CA LYS A 31 -12.03 -3.85 1.75
C LYS A 31 -11.47 -2.43 1.92
N ILE A 32 -10.23 -2.38 2.41
CA ILE A 32 -9.57 -1.11 2.63
C ILE A 32 -8.57 -0.87 1.49
N PRO A 33 -8.86 0.17 0.68
CA PRO A 33 -8.00 0.52 -0.44
C PRO A 33 -6.72 1.21 0.05
N VAL A 34 -5.60 0.80 -0.53
CA VAL A 34 -4.32 1.38 -0.16
C VAL A 34 -3.41 1.42 -1.40
N ILE A 35 -2.55 2.42 -1.41
CA ILE A 35 -1.61 2.57 -2.53
C ILE A 35 -0.18 2.52 -2.00
N ILE A 36 0.40 1.34 -2.07
CA ILE A 36 1.76 1.15 -1.61
C ILE A 36 2.73 1.35 -2.77
N GLU A 37 3.71 2.22 -2.55
CA GLU A 37 4.70 2.50 -3.57
C GLU A 37 6.11 2.33 -3.00
N ARG A 38 7.08 2.33 -3.91
CA ARG A 38 8.47 2.18 -3.52
C ARG A 38 9.03 3.50 -2.99
N TYR A 39 9.69 3.42 -1.84
CA TYR A 39 10.27 4.59 -1.23
C TYR A 39 11.26 5.28 -2.17
N LYS A 40 11.11 6.58 -2.31
CA LYS A 40 11.98 7.36 -3.17
C LYS A 40 13.44 7.05 -2.82
N GLY A 41 14.05 6.22 -3.67
CA GLY A 41 15.44 5.85 -3.46
C GLY A 41 15.55 4.36 -3.10
N GLU A 42 14.45 3.65 -3.31
CA GLU A 42 14.41 2.23 -3.01
C GLU A 42 14.73 1.41 -4.26
N LYS A 43 15.95 0.90 -4.31
CA LYS A 43 16.38 0.10 -5.45
C LYS A 43 16.64 -1.33 -4.99
N GLN A 44 17.11 -1.45 -3.76
CA GLN A 44 17.41 -2.75 -3.20
C GLN A 44 16.20 -3.69 -3.35
N LEU A 45 15.19 -3.43 -2.54
CA LEU A 45 13.97 -4.23 -2.57
C LEU A 45 13.42 -4.24 -4.00
N PRO A 46 12.78 -5.39 -4.36
CA PRO A 46 12.21 -5.54 -5.69
C PRO A 46 10.91 -4.74 -5.81
N VAL A 47 10.43 -4.65 -7.05
CA VAL A 47 9.20 -3.92 -7.32
C VAL A 47 8.00 -4.80 -6.95
N LEU A 48 7.08 -4.20 -6.21
CA LEU A 48 5.89 -4.91 -5.78
C LEU A 48 5.09 -5.34 -7.01
N ASP A 49 4.42 -6.47 -6.88
CA ASP A 49 3.62 -7.01 -7.97
C ASP A 49 2.76 -5.88 -8.55
N LYS A 50 2.22 -5.06 -7.66
CA LYS A 50 1.37 -3.95 -8.07
C LYS A 50 1.43 -2.85 -7.01
N THR A 51 0.60 -1.84 -7.21
CA THR A 51 0.56 -0.73 -6.29
C THR A 51 -0.80 -0.70 -5.56
N LYS A 52 -1.81 -1.20 -6.25
CA LYS A 52 -3.15 -1.24 -5.68
C LYS A 52 -3.33 -2.54 -4.91
N PHE A 53 -3.69 -2.41 -3.65
CA PHE A 53 -3.89 -3.56 -2.79
C PHE A 53 -5.21 -3.44 -2.01
N LEU A 54 -5.83 -4.59 -1.79
CA LEU A 54 -7.10 -4.63 -1.07
C LEU A 54 -6.90 -5.36 0.25
N VAL A 55 -6.83 -4.59 1.32
CA VAL A 55 -6.64 -5.15 2.65
C VAL A 55 -8.00 -5.49 3.25
N PRO A 56 -8.04 -6.64 3.98
CA PRO A 56 -9.27 -7.08 4.62
C PRO A 56 -9.59 -6.24 5.85
N ASP A 57 -10.84 -5.82 5.93
CA ASP A 57 -11.30 -5.01 7.05
C ASP A 57 -11.72 -5.93 8.19
N HIS A 58 -10.88 -6.92 8.46
CA HIS A 58 -11.16 -7.87 9.52
C HIS A 58 -9.84 -8.27 10.20
N VAL A 59 -8.81 -7.49 9.93
CA VAL A 59 -7.50 -7.75 10.50
C VAL A 59 -6.88 -6.43 10.95
N ASN A 60 -5.59 -6.48 11.21
CA ASN A 60 -4.86 -5.30 11.66
C ASN A 60 -3.81 -4.93 10.60
N MET A 61 -3.41 -3.67 10.62
CA MET A 61 -2.41 -3.18 9.69
C MET A 61 -1.22 -4.13 9.61
N SER A 62 -1.03 -4.89 10.68
CA SER A 62 0.07 -5.83 10.75
C SER A 62 -0.05 -6.85 9.61
N GLU A 63 -1.23 -7.46 9.52
CA GLU A 63 -1.48 -8.44 8.49
C GLU A 63 -0.96 -7.95 7.14
N LEU A 64 -1.34 -6.72 6.81
CA LEU A 64 -0.91 -6.13 5.56
C LEU A 64 0.61 -6.28 5.41
N ILE A 65 1.30 -6.09 6.52
CA ILE A 65 2.74 -6.21 6.54
C ILE A 65 3.15 -7.64 6.16
N LYS A 66 2.27 -8.57 6.53
CA LYS A 66 2.52 -9.97 6.24
C LYS A 66 2.26 -10.24 4.76
N ILE A 67 1.33 -9.48 4.21
CA ILE A 67 0.98 -9.63 2.80
C ILE A 67 2.13 -9.09 1.94
N ILE A 68 2.49 -7.85 2.21
CA ILE A 68 3.57 -7.22 1.47
C ILE A 68 4.80 -8.12 1.49
N ARG A 69 5.30 -8.37 2.69
CA ARG A 69 6.47 -9.21 2.85
C ARG A 69 6.23 -10.59 2.23
N ARG A 70 4.95 -10.92 2.08
CA ARG A 70 4.57 -12.20 1.50
C ARG A 70 4.67 -12.13 -0.02
N ARG A 71 4.54 -10.92 -0.54
CA ARG A 71 4.61 -10.70 -1.97
C ARG A 71 6.07 -10.59 -2.43
N LEU A 72 6.82 -9.81 -1.68
CA LEU A 72 8.23 -9.61 -1.99
C LEU A 72 8.98 -10.92 -1.79
N GLN A 73 8.43 -11.76 -0.93
CA GLN A 73 9.03 -13.05 -0.63
C GLN A 73 10.55 -12.92 -0.61
N LEU A 74 11.02 -11.93 0.15
CA LEU A 74 12.45 -11.69 0.28
C LEU A 74 13.06 -12.78 1.15
N ASN A 75 14.34 -12.60 1.45
CA ASN A 75 15.06 -13.55 2.28
C ASN A 75 15.24 -12.98 3.68
N ALA A 76 15.98 -13.71 4.51
CA ALA A 76 16.22 -13.28 5.88
C ALA A 76 17.31 -12.20 5.88
N ASN A 77 17.99 -12.09 4.75
CA ASN A 77 19.06 -11.11 4.60
C ASN A 77 18.45 -9.76 4.22
N GLN A 78 17.31 -9.83 3.54
CA GLN A 78 16.61 -8.63 3.12
C GLN A 78 15.70 -8.11 4.23
N ALA A 79 15.71 -6.80 4.40
CA ALA A 79 14.89 -6.17 5.42
C ALA A 79 13.81 -5.32 4.75
N PHE A 80 12.57 -5.55 5.16
CA PHE A 80 11.45 -4.80 4.62
C PHE A 80 10.71 -4.04 5.72
N PHE A 81 10.27 -2.84 5.37
CA PHE A 81 9.55 -2.01 6.31
C PHE A 81 8.45 -1.21 5.60
N LEU A 82 7.26 -1.23 6.20
CA LEU A 82 6.13 -0.52 5.65
C LEU A 82 5.97 0.82 6.36
N LEU A 83 6.01 1.89 5.57
CA LEU A 83 5.88 3.23 6.12
C LEU A 83 4.48 3.77 5.79
N VAL A 84 3.64 3.78 6.82
CA VAL A 84 2.28 4.27 6.66
C VAL A 84 2.29 5.79 6.59
N ASN A 85 1.96 6.31 5.42
CA ASN A 85 1.93 7.75 5.21
C ASN A 85 3.35 8.30 5.31
N GLY A 86 4.32 7.39 5.32
CA GLY A 86 5.71 7.77 5.42
C GLY A 86 6.24 7.60 6.84
N HIS A 87 5.43 6.93 7.66
CA HIS A 87 5.80 6.69 9.05
C HIS A 87 5.60 5.22 9.39
N SER A 88 6.51 4.71 10.21
CA SER A 88 6.43 3.31 10.62
C SER A 88 5.09 3.03 11.30
N MET A 89 4.80 1.75 11.47
CA MET A 89 3.56 1.33 12.08
C MET A 89 3.83 0.64 13.43
N VAL A 90 5.06 0.76 13.89
CA VAL A 90 5.45 0.16 15.14
C VAL A 90 4.32 0.32 16.15
N SER A 91 4.02 -0.77 16.84
CA SER A 91 2.96 -0.76 17.84
C SER A 91 1.61 -1.03 17.17
N VAL A 92 1.68 -1.65 16.01
CA VAL A 92 0.47 -1.98 15.27
C VAL A 92 -0.63 -2.42 16.23
N SER A 93 -1.49 -1.48 16.58
CA SER A 93 -2.58 -1.77 17.49
C SER A 93 -3.90 -1.23 16.91
N THR A 94 -3.83 -0.81 15.66
CA THR A 94 -5.00 -0.28 15.00
C THR A 94 -5.34 -1.11 13.76
N PRO A 95 -6.67 -1.27 13.51
CA PRO A 95 -7.13 -2.04 12.37
C PRO A 95 -6.94 -1.27 11.06
N ILE A 96 -6.51 -1.99 10.04
CA ILE A 96 -6.29 -1.38 8.73
C ILE A 96 -7.52 -0.56 8.34
N SER A 97 -8.65 -0.93 8.93
CA SER A 97 -9.90 -0.25 8.65
C SER A 97 -9.85 1.17 9.21
N GLU A 98 -9.26 1.30 10.38
CA GLU A 98 -9.15 2.58 11.03
C GLU A 98 -7.91 3.33 10.53
N VAL A 99 -6.79 2.62 10.52
CA VAL A 99 -5.53 3.19 10.07
C VAL A 99 -5.76 3.90 8.73
N TYR A 100 -6.66 3.33 7.93
CA TYR A 100 -6.97 3.90 6.63
C TYR A 100 -7.97 5.04 6.76
N GLU A 101 -8.87 4.89 7.72
CA GLU A 101 -9.89 5.90 7.96
C GLU A 101 -9.32 7.03 8.83
N SER A 102 -8.09 6.83 9.27
CA SER A 102 -7.42 7.80 10.11
C SER A 102 -6.22 8.41 9.38
N GLU A 103 -6.09 8.02 8.11
CA GLU A 103 -5.01 8.50 7.28
C GLU A 103 -5.53 8.93 5.91
N ARG A 104 -6.35 8.07 5.34
CA ARG A 104 -6.93 8.35 4.03
C ARG A 104 -7.24 9.84 3.88
N ASP A 105 -7.23 10.31 2.65
CA ASP A 105 -7.51 11.70 2.37
C ASP A 105 -8.92 11.82 1.77
N GLU A 106 -9.26 13.03 1.38
CA GLU A 106 -10.56 13.30 0.80
C GLU A 106 -10.88 12.26 -0.27
N ASP A 107 -9.89 11.98 -1.10
CA ASP A 107 -10.05 11.01 -2.18
C ASP A 107 -10.56 9.69 -1.59
N GLY A 108 -9.91 9.26 -0.52
CA GLY A 108 -10.29 8.03 0.14
C GLY A 108 -9.30 6.91 -0.19
N PHE A 109 -8.09 7.31 -0.56
CA PHE A 109 -7.06 6.35 -0.90
C PHE A 109 -5.87 6.47 0.05
N LEU A 110 -5.43 5.31 0.54
CA LEU A 110 -4.30 5.28 1.46
C LEU A 110 -3.00 5.42 0.67
N TYR A 111 -2.09 6.20 1.23
CA TYR A 111 -0.80 6.43 0.60
C TYR A 111 0.34 6.10 1.55
N MET A 112 1.01 4.98 1.29
CA MET A 112 2.12 4.56 2.10
C MET A 112 3.31 4.14 1.24
N VAL A 113 4.50 4.25 1.83
CA VAL A 113 5.72 3.88 1.13
C VAL A 113 6.38 2.70 1.83
N TYR A 114 6.96 1.82 1.04
CA TYR A 114 7.63 0.65 1.58
C TYR A 114 9.10 0.62 1.15
N ALA A 115 9.94 0.22 2.10
CA ALA A 115 11.37 0.14 1.85
C ALA A 115 12.04 -0.62 2.99
N SER A 116 13.36 -0.78 2.87
CA SER A 116 14.13 -1.47 3.88
C SER A 116 14.53 -0.51 4.99
N GLN A 117 13.59 0.36 5.34
CA GLN A 117 13.84 1.34 6.39
C GLN A 117 12.53 1.64 7.15
N GLU A 118 12.62 1.54 8.47
CA GLU A 118 11.46 1.80 9.31
C GLU A 118 11.81 2.83 10.38
N THR A 119 13.07 3.23 10.39
CA THR A 119 13.54 4.20 11.36
C THR A 119 14.30 5.34 10.65
N PHE A 120 14.34 5.24 9.33
CA PHE A 120 15.02 6.24 8.53
C PHE A 120 14.70 7.66 9.03
N GLY A 121 13.46 7.83 9.46
CA GLY A 121 13.02 9.12 9.96
C GLY A 121 14.11 9.79 10.79
N MET B 1 -8.72 -8.49 -23.50
CA MET B 1 -9.79 -7.64 -23.99
C MET B 1 -10.31 -6.73 -22.87
N SER B 2 -9.67 -6.83 -21.72
CA SER B 2 -10.05 -6.02 -20.57
C SER B 2 -8.84 -5.27 -20.02
N GLY B 3 -8.76 -3.99 -20.38
CA GLY B 3 -7.66 -3.16 -19.92
C GLY B 3 -8.16 -2.05 -19.00
N GLY B 4 -8.17 -2.35 -17.71
CA GLY B 4 -8.62 -1.39 -16.72
C GLY B 4 -8.21 -1.81 -15.31
N ASP B 5 -8.07 -0.82 -14.44
CA ASP B 5 -7.69 -1.09 -13.06
C ASP B 5 -8.91 -0.93 -12.16
N ASP B 6 -9.90 -1.78 -12.41
CA ASP B 6 -11.12 -1.75 -11.62
C ASP B 6 -10.98 -2.69 -10.42
N ASP B 7 -10.21 -3.75 -10.63
CA ASP B 7 -9.98 -4.73 -9.59
C ASP B 7 -8.49 -4.80 -9.26
N TRP B 8 -8.15 -4.36 -8.06
CA TRP B 8 -6.77 -4.36 -7.62
C TRP B 8 -6.43 -5.78 -7.12
N THR B 9 -5.47 -5.83 -6.22
CA THR B 9 -5.04 -7.11 -5.66
C THR B 9 -5.72 -7.34 -4.31
N HIS B 10 -5.97 -8.61 -4.03
CA HIS B 10 -6.61 -8.99 -2.78
C HIS B 10 -5.56 -9.56 -1.82
N LEU B 11 -5.49 -8.94 -0.65
CA LEU B 11 -4.54 -9.37 0.36
C LEU B 11 -5.20 -10.40 1.28
N SER B 12 -4.60 -11.59 1.31
CA SER B 12 -5.12 -12.66 2.14
C SER B 12 -4.17 -12.95 3.29
N SER B 13 -4.70 -12.84 4.51
CA SER B 13 -3.90 -13.09 5.69
C SER B 13 -3.88 -14.59 6.00
N LYS B 14 -4.37 -15.37 5.05
CA LYS B 14 -4.40 -16.81 5.22
C LYS B 14 -3.19 -17.43 4.52
N GLU B 15 -2.74 -16.75 3.47
CA GLU B 15 -1.59 -17.23 2.72
C GLU B 15 -0.30 -16.69 3.33
N VAL B 16 -0.45 -15.90 4.39
CA VAL B 16 0.68 -15.33 5.08
C VAL B 16 1.34 -16.41 5.95
N ASP B 17 2.43 -16.01 6.60
CA ASP B 17 3.15 -16.92 7.47
C ASP B 17 2.44 -17.00 8.82
N SER A 1 11.82 6.49 -14.62
CA SER A 1 12.89 5.88 -13.86
C SER A 1 14.00 6.91 -13.61
N MET A 2 13.66 8.17 -13.86
CA MET A 2 14.62 9.25 -13.68
C MET A 2 14.67 9.68 -12.20
N PRO A 3 15.76 10.43 -11.86
CA PRO A 3 15.94 10.90 -10.50
C PRO A 3 15.00 12.08 -10.20
N SER A 4 14.64 12.19 -8.93
CA SER A 4 13.76 13.26 -8.50
C SER A 4 12.43 13.19 -9.28
N GLU A 5 11.88 11.98 -9.32
CA GLU A 5 10.62 11.77 -10.02
C GLU A 5 9.45 12.01 -9.08
N LYS A 6 8.35 12.50 -9.66
CA LYS A 6 7.16 12.79 -8.89
C LYS A 6 6.76 11.54 -8.09
N THR A 7 5.68 11.68 -7.34
CA THR A 7 5.19 10.58 -6.53
C THR A 7 3.74 10.24 -6.91
N PHE A 8 3.39 8.98 -6.69
CA PHE A 8 2.05 8.51 -7.00
C PHE A 8 1.00 9.49 -6.48
N LYS A 9 1.39 10.25 -5.47
CA LYS A 9 0.49 11.22 -4.87
C LYS A 9 0.43 12.47 -5.77
N GLN A 10 1.59 12.84 -6.28
CA GLN A 10 1.68 14.01 -7.15
C GLN A 10 1.46 13.60 -8.61
N ARG A 11 2.39 12.79 -9.11
CA ARG A 11 2.32 12.32 -10.48
C ARG A 11 0.87 12.02 -10.85
N ARG A 12 0.42 10.85 -10.43
CA ARG A 12 -0.94 10.41 -10.71
C ARG A 12 -1.94 11.51 -10.31
N SER A 13 -2.91 11.73 -11.18
CA SER A 13 -3.92 12.74 -10.93
C SER A 13 -4.79 12.32 -9.74
N PHE A 14 -4.90 13.23 -8.78
CA PHE A 14 -5.70 12.96 -7.59
C PHE A 14 -7.10 12.49 -7.97
N GLU A 15 -7.65 13.11 -9.01
CA GLU A 15 -8.98 12.75 -9.48
C GLU A 15 -8.99 11.33 -10.02
N GLN A 16 -7.85 10.93 -10.57
CA GLN A 16 -7.72 9.59 -11.12
C GLN A 16 -7.71 8.55 -10.00
N ARG A 17 -6.91 8.83 -8.98
CA ARG A 17 -6.80 7.92 -7.85
C ARG A 17 -8.15 7.78 -7.16
N VAL A 18 -8.71 8.92 -6.77
CA VAL A 18 -9.99 8.95 -6.10
C VAL A 18 -11.04 8.24 -6.97
N GLU A 19 -10.92 8.47 -8.27
CA GLU A 19 -11.84 7.87 -9.21
C GLU A 19 -11.86 6.34 -9.04
N ASP A 20 -10.68 5.75 -9.18
CA ASP A 20 -10.56 4.31 -9.04
C ASP A 20 -11.23 3.86 -7.75
N VAL A 21 -10.82 4.49 -6.65
CA VAL A 21 -11.39 4.17 -5.35
C VAL A 21 -12.89 3.93 -5.49
N ARG A 22 -13.49 4.66 -6.42
CA ARG A 22 -14.92 4.54 -6.67
C ARG A 22 -15.28 3.10 -7.00
N LEU A 23 -14.57 2.55 -8.00
CA LEU A 23 -14.81 1.19 -8.42
C LEU A 23 -14.64 0.25 -7.23
N ILE A 24 -13.51 0.40 -6.56
CA ILE A 24 -13.22 -0.42 -5.39
C ILE A 24 -14.26 -0.17 -4.31
N ARG A 25 -14.82 1.03 -4.35
CA ARG A 25 -15.83 1.41 -3.37
C ARG A 25 -17.15 0.68 -3.66
N GLU A 26 -17.39 0.45 -4.94
CA GLU A 26 -18.60 -0.24 -5.37
C GLU A 26 -18.30 -1.70 -5.68
N GLN A 27 -17.01 -2.03 -5.61
CA GLN A 27 -16.58 -3.40 -5.88
C GLN A 27 -16.19 -4.10 -4.58
N HIS A 28 -15.21 -3.52 -3.90
CA HIS A 28 -14.73 -4.08 -2.65
C HIS A 28 -14.98 -3.09 -1.51
N PRO A 29 -16.26 -3.09 -1.03
CA PRO A 29 -16.64 -2.19 0.05
C PRO A 29 -16.09 -2.69 1.39
N THR A 30 -16.00 -4.01 1.51
CA THR A 30 -15.49 -4.61 2.73
C THR A 30 -13.97 -4.78 2.65
N LYS A 31 -13.35 -3.88 1.92
CA LYS A 31 -11.90 -3.92 1.76
C LYS A 31 -11.34 -2.50 1.86
N ILE A 32 -10.15 -2.42 2.44
CA ILE A 32 -9.48 -1.13 2.61
C ILE A 32 -8.50 -0.92 1.45
N PRO A 33 -8.80 0.11 0.62
CA PRO A 33 -7.96 0.44 -0.51
C PRO A 33 -6.68 1.14 -0.06
N VAL A 34 -5.56 0.66 -0.57
CA VAL A 34 -4.27 1.23 -0.22
C VAL A 34 -3.41 1.34 -1.49
N ILE A 35 -2.39 2.19 -1.40
CA ILE A 35 -1.50 2.39 -2.52
C ILE A 35 -0.05 2.38 -2.02
N ILE A 36 0.57 1.23 -2.13
CA ILE A 36 1.95 1.07 -1.70
C ILE A 36 2.88 1.23 -2.90
N GLU A 37 3.87 2.10 -2.72
CA GLU A 37 4.83 2.35 -3.77
C GLU A 37 6.26 2.29 -3.22
N ARG A 38 7.21 2.21 -4.15
CA ARG A 38 8.62 2.14 -3.77
C ARG A 38 9.10 3.50 -3.26
N TYR A 39 9.84 3.46 -2.16
CA TYR A 39 10.37 4.68 -1.59
C TYR A 39 11.24 5.44 -2.59
N LYS A 40 11.08 6.76 -2.57
CA LYS A 40 11.84 7.61 -3.48
C LYS A 40 13.33 7.40 -3.24
N GLY A 41 13.93 6.58 -4.08
CA GLY A 41 15.35 6.29 -3.98
C GLY A 41 15.58 4.89 -3.44
N GLU A 42 14.55 4.06 -3.55
CA GLU A 42 14.63 2.69 -3.08
C GLU A 42 14.64 1.71 -4.26
N LYS A 43 15.82 1.20 -4.55
CA LYS A 43 15.98 0.25 -5.64
C LYS A 43 16.29 -1.13 -5.07
N GLN A 44 16.81 -1.14 -3.86
CA GLN A 44 17.15 -2.39 -3.19
C GLN A 44 16.03 -3.42 -3.38
N LEU A 45 15.02 -3.31 -2.54
CA LEU A 45 13.89 -4.21 -2.61
C LEU A 45 13.24 -4.13 -3.99
N PRO A 46 12.57 -5.23 -4.39
CA PRO A 46 11.90 -5.28 -5.68
C PRO A 46 10.61 -4.45 -5.66
N VAL A 47 10.09 -4.20 -6.86
CA VAL A 47 8.87 -3.43 -6.99
C VAL A 47 7.66 -4.35 -6.80
N LEU A 48 6.83 -3.99 -5.83
CA LEU A 48 5.65 -4.77 -5.54
C LEU A 48 5.00 -5.23 -6.84
N ASP A 49 4.41 -6.41 -6.79
CA ASP A 49 3.75 -6.97 -7.96
C ASP A 49 2.85 -5.90 -8.59
N LYS A 50 2.11 -5.21 -7.73
CA LYS A 50 1.20 -4.17 -8.18
C LYS A 50 1.26 -2.99 -7.21
N THR A 51 0.37 -2.04 -7.43
CA THR A 51 0.31 -0.86 -6.58
C THR A 51 -1.00 -0.84 -5.79
N LYS A 52 -2.02 -1.44 -6.38
CA LYS A 52 -3.33 -1.50 -5.75
C LYS A 52 -3.46 -2.82 -4.98
N PHE A 53 -3.80 -2.69 -3.70
CA PHE A 53 -3.96 -3.86 -2.85
C PHE A 53 -5.21 -3.73 -1.99
N LEU A 54 -6.05 -4.76 -2.06
CA LEU A 54 -7.28 -4.79 -1.30
C LEU A 54 -7.04 -5.49 0.03
N VAL A 55 -6.93 -4.70 1.09
CA VAL A 55 -6.70 -5.24 2.42
C VAL A 55 -8.04 -5.60 3.06
N PRO A 56 -8.04 -6.73 3.80
CA PRO A 56 -9.24 -7.20 4.47
C PRO A 56 -9.54 -6.35 5.70
N ASP A 57 -10.81 -5.97 5.83
CA ASP A 57 -11.24 -5.16 6.96
C ASP A 57 -11.60 -6.08 8.13
N HIS A 58 -10.72 -7.04 8.38
CA HIS A 58 -10.93 -7.99 9.46
C HIS A 58 -9.60 -8.34 10.10
N VAL A 59 -8.59 -7.51 9.81
CA VAL A 59 -7.26 -7.72 10.36
C VAL A 59 -6.69 -6.39 10.83
N ASN A 60 -5.37 -6.37 11.01
CA ASN A 60 -4.70 -5.17 11.46
C ASN A 60 -3.78 -4.66 10.34
N MET A 61 -3.20 -3.50 10.59
CA MET A 61 -2.30 -2.90 9.61
C MET A 61 -1.01 -3.71 9.48
N SER A 62 -0.68 -4.43 10.53
CA SER A 62 0.52 -5.24 10.55
C SER A 62 0.37 -6.41 9.56
N GLU A 63 -0.80 -7.00 9.57
CA GLU A 63 -1.09 -8.11 8.67
C GLU A 63 -0.79 -7.72 7.23
N LEU A 64 -0.97 -6.45 6.94
CA LEU A 64 -0.72 -5.93 5.61
C LEU A 64 0.77 -6.05 5.29
N ILE A 65 1.58 -5.96 6.33
CA ILE A 65 3.02 -6.06 6.18
C ILE A 65 3.41 -7.52 5.95
N LYS A 66 2.77 -8.40 6.70
CA LYS A 66 3.03 -9.83 6.59
C LYS A 66 2.68 -10.30 5.18
N ILE A 67 1.80 -9.54 4.54
CA ILE A 67 1.35 -9.87 3.20
C ILE A 67 2.28 -9.19 2.19
N ILE A 68 2.30 -7.86 2.23
CA ILE A 68 3.13 -7.09 1.33
C ILE A 68 4.48 -7.78 1.18
N ARG A 69 5.06 -8.14 2.31
CA ARG A 69 6.35 -8.81 2.32
C ARG A 69 6.26 -10.14 1.57
N ARG A 70 5.20 -10.87 1.85
CA ARG A 70 4.97 -12.16 1.22
C ARG A 70 4.94 -12.01 -0.30
N ARG A 71 4.46 -10.85 -0.73
CA ARG A 71 4.37 -10.56 -2.16
C ARG A 71 5.75 -10.31 -2.74
N LEU A 72 6.57 -9.58 -1.96
CA LEU A 72 7.91 -9.26 -2.40
C LEU A 72 8.75 -10.54 -2.40
N GLN A 73 8.18 -11.60 -1.86
CA GLN A 73 8.86 -12.87 -1.80
C GLN A 73 10.29 -12.68 -1.31
N LEU A 74 10.44 -11.79 -0.33
CA LEU A 74 11.75 -11.51 0.23
C LEU A 74 12.20 -12.70 1.09
N ASN A 75 13.44 -12.62 1.54
CA ASN A 75 14.00 -13.67 2.37
C ASN A 75 14.14 -13.17 3.81
N ALA A 76 14.39 -14.11 4.70
CA ALA A 76 14.56 -13.78 6.11
C ALA A 76 15.78 -12.88 6.29
N ASN A 77 16.62 -12.87 5.25
CA ASN A 77 17.83 -12.06 5.27
C ASN A 77 17.50 -10.64 4.82
N GLN A 78 16.41 -10.53 4.05
CA GLN A 78 15.98 -9.24 3.55
C GLN A 78 15.15 -8.51 4.60
N ALA A 79 15.39 -7.21 4.69
CA ALA A 79 14.67 -6.38 5.64
C ALA A 79 13.72 -5.45 4.90
N PHE A 80 12.53 -5.31 5.45
CA PHE A 80 11.52 -4.45 4.85
C PHE A 80 10.70 -3.73 5.92
N PHE A 81 10.27 -2.52 5.58
CA PHE A 81 9.48 -1.72 6.50
C PHE A 81 8.41 -0.92 5.75
N LEU A 82 7.16 -1.19 6.11
CA LEU A 82 6.04 -0.51 5.48
C LEU A 82 5.78 0.81 6.21
N LEU A 83 6.09 1.90 5.54
CA LEU A 83 5.89 3.22 6.12
C LEU A 83 4.50 3.74 5.72
N VAL A 84 3.67 3.92 6.73
CA VAL A 84 2.31 4.41 6.50
C VAL A 84 2.34 5.94 6.46
N ASN A 85 2.10 6.47 5.27
CA ASN A 85 2.08 7.92 5.08
C ASN A 85 3.51 8.45 5.18
N GLY A 86 4.45 7.52 5.25
CA GLY A 86 5.86 7.89 5.34
C GLY A 86 6.39 7.67 6.78
N HIS A 87 5.54 7.08 7.60
CA HIS A 87 5.90 6.81 8.98
C HIS A 87 5.64 5.35 9.31
N SER A 88 6.57 4.76 10.05
CA SER A 88 6.46 3.36 10.43
C SER A 88 5.15 3.14 11.20
N MET A 89 4.86 1.88 11.45
CA MET A 89 3.64 1.51 12.17
C MET A 89 3.98 0.88 13.52
N VAL A 90 5.23 1.06 13.92
CA VAL A 90 5.68 0.51 15.20
C VAL A 90 4.59 0.69 16.25
N SER A 91 4.24 -0.41 16.88
CA SER A 91 3.21 -0.39 17.91
C SER A 91 1.83 -0.62 17.28
N VAL A 92 1.86 -1.21 16.09
CA VAL A 92 0.62 -1.48 15.38
C VAL A 92 -0.45 -1.94 16.37
N SER A 93 -1.40 -1.06 16.61
CA SER A 93 -2.49 -1.36 17.53
C SER A 93 -3.82 -0.89 16.95
N THR A 94 -3.78 -0.55 15.66
CA THR A 94 -4.98 -0.09 14.98
C THR A 94 -5.25 -0.95 13.75
N PRO A 95 -6.57 -1.17 13.49
CA PRO A 95 -6.98 -1.98 12.36
C PRO A 95 -6.83 -1.20 11.05
N ILE A 96 -6.45 -1.91 10.01
CA ILE A 96 -6.26 -1.31 8.70
C ILE A 96 -7.55 -0.57 8.30
N SER A 97 -8.64 -0.97 8.94
CA SER A 97 -9.92 -0.35 8.66
C SER A 97 -9.94 1.09 9.16
N GLU A 98 -9.28 1.29 10.28
CA GLU A 98 -9.21 2.63 10.88
C GLU A 98 -7.97 3.37 10.37
N VAL A 99 -6.84 2.68 10.47
CA VAL A 99 -5.58 3.26 10.02
C VAL A 99 -5.79 3.98 8.69
N TYR A 100 -6.61 3.38 7.85
CA TYR A 100 -6.91 3.94 6.55
C TYR A 100 -7.90 5.09 6.67
N GLU A 101 -8.83 4.94 7.60
CA GLU A 101 -9.85 5.95 7.82
C GLU A 101 -9.29 7.07 8.70
N SER A 102 -8.06 6.88 9.15
CA SER A 102 -7.40 7.85 9.99
C SER A 102 -6.17 8.41 9.30
N GLU A 103 -6.01 8.00 8.04
CA GLU A 103 -4.87 8.44 7.25
C GLU A 103 -5.33 8.87 5.87
N ARG A 104 -6.13 8.02 5.24
CA ARG A 104 -6.64 8.30 3.92
C ARG A 104 -6.95 9.80 3.77
N ASP A 105 -6.82 10.28 2.54
CA ASP A 105 -7.09 11.68 2.26
C ASP A 105 -8.44 11.81 1.56
N GLU A 106 -8.75 13.03 1.16
CA GLU A 106 -10.01 13.31 0.48
C GLU A 106 -10.22 12.31 -0.65
N ASP A 107 -9.18 12.14 -1.45
CA ASP A 107 -9.24 11.23 -2.57
C ASP A 107 -9.86 9.90 -2.12
N GLY A 108 -9.33 9.37 -1.04
CA GLY A 108 -9.82 8.12 -0.49
C GLY A 108 -8.88 6.97 -0.85
N PHE A 109 -7.60 7.21 -0.68
CA PHE A 109 -6.59 6.20 -0.99
C PHE A 109 -5.42 6.29 -0.01
N LEU A 110 -5.05 5.13 0.52
CA LEU A 110 -3.94 5.07 1.46
C LEU A 110 -2.62 5.12 0.69
N TYR A 111 -1.68 5.88 1.24
CA TYR A 111 -0.37 6.01 0.61
C TYR A 111 0.74 5.64 1.58
N MET A 112 1.36 4.50 1.32
CA MET A 112 2.45 4.02 2.17
C MET A 112 3.67 3.64 1.32
N VAL A 113 4.83 4.00 1.84
CA VAL A 113 6.08 3.69 1.16
C VAL A 113 6.84 2.63 1.94
N TYR A 114 7.33 1.63 1.21
CA TYR A 114 8.08 0.55 1.83
C TYR A 114 9.55 0.58 1.38
N ALA A 115 10.40 0.06 2.25
CA ALA A 115 11.83 0.01 1.96
C ALA A 115 12.53 -0.85 3.00
N SER A 116 13.84 -1.00 2.83
CA SER A 116 14.63 -1.80 3.75
C SER A 116 15.12 -0.93 4.91
N GLN A 117 14.37 0.13 5.16
CA GLN A 117 14.70 1.05 6.25
C GLN A 117 13.43 1.68 6.82
N GLU A 118 13.43 1.85 8.13
CA GLU A 118 12.29 2.45 8.80
C GLU A 118 12.72 3.69 9.58
N THR A 119 14.02 3.95 9.54
CA THR A 119 14.58 5.10 10.24
C THR A 119 15.60 5.82 9.35
N PHE A 120 15.10 6.41 8.29
CA PHE A 120 15.94 7.12 7.35
C PHE A 120 15.90 8.63 7.62
N GLY A 121 14.71 9.10 7.96
CA GLY A 121 14.51 10.51 8.25
C GLY A 121 13.93 11.25 7.03
N MET B 1 -15.50 -3.86 -22.95
CA MET B 1 -14.27 -3.43 -22.30
C MET B 1 -14.48 -2.12 -21.54
N SER B 2 -14.40 -2.22 -20.22
CA SER B 2 -14.59 -1.06 -19.37
C SER B 2 -13.42 -0.94 -18.39
N GLY B 3 -12.52 -0.01 -18.70
CA GLY B 3 -11.36 0.20 -17.86
C GLY B 3 -10.31 -0.89 -18.06
N GLY B 4 -9.47 -1.06 -17.05
CA GLY B 4 -8.42 -2.07 -17.11
C GLY B 4 -8.23 -2.73 -15.75
N ASP B 5 -8.16 -1.89 -14.72
CA ASP B 5 -7.97 -2.39 -13.36
C ASP B 5 -9.33 -2.48 -12.67
N ASP B 6 -10.12 -3.45 -13.10
CA ASP B 6 -11.44 -3.65 -12.52
C ASP B 6 -11.30 -4.01 -11.04
N ASP B 7 -10.43 -4.98 -10.78
CA ASP B 7 -10.20 -5.42 -9.41
C ASP B 7 -8.70 -5.37 -9.12
N TRP B 8 -8.36 -4.78 -7.98
CA TRP B 8 -6.97 -4.66 -7.58
C TRP B 8 -6.53 -6.02 -7.04
N THR B 9 -5.55 -5.97 -6.14
CA THR B 9 -5.03 -7.19 -5.55
C THR B 9 -5.81 -7.55 -4.28
N HIS B 10 -5.57 -8.75 -3.80
CA HIS B 10 -6.24 -9.22 -2.60
C HIS B 10 -5.21 -9.67 -1.57
N LEU B 11 -5.27 -9.04 -0.40
CA LEU B 11 -4.36 -9.35 0.67
C LEU B 11 -5.03 -10.29 1.67
N SER B 12 -4.52 -11.51 1.74
CA SER B 12 -5.08 -12.51 2.64
C SER B 12 -4.08 -12.80 3.76
N SER B 13 -4.55 -12.63 4.99
CA SER B 13 -3.71 -12.88 6.15
C SER B 13 -3.61 -14.38 6.41
N LYS B 14 -4.27 -15.14 5.56
CA LYS B 14 -4.26 -16.59 5.69
C LYS B 14 -3.17 -17.17 4.80
N GLU B 15 -2.77 -16.39 3.81
CA GLU B 15 -1.73 -16.82 2.89
C GLU B 15 -0.35 -16.45 3.43
N VAL B 16 -0.36 -15.70 4.53
CA VAL B 16 0.88 -15.29 5.17
C VAL B 16 1.43 -16.43 6.01
N ASP B 17 2.54 -16.16 6.68
CA ASP B 17 3.17 -17.15 7.52
C ASP B 17 2.51 -17.15 8.90
N SER A 1 7.79 21.35 -18.81
CA SER A 1 8.15 19.98 -18.50
C SER A 1 9.58 19.92 -17.95
N MET A 2 9.71 19.32 -16.78
CA MET A 2 11.01 19.19 -16.15
C MET A 2 11.42 17.73 -16.03
N PRO A 3 12.76 17.51 -15.93
CA PRO A 3 13.30 16.17 -15.82
C PRO A 3 13.07 15.60 -14.42
N SER A 4 11.80 15.56 -14.04
CA SER A 4 11.44 15.04 -12.73
C SER A 4 9.96 14.62 -12.73
N GLU A 5 9.71 13.46 -12.14
CA GLU A 5 8.36 12.93 -12.07
C GLU A 5 7.83 13.02 -10.63
N LYS A 6 6.67 13.65 -10.50
CA LYS A 6 6.04 13.81 -9.19
C LYS A 6 5.84 12.42 -8.56
N THR A 7 5.10 12.41 -7.46
CA THR A 7 4.83 11.18 -6.76
C THR A 7 3.36 10.78 -6.93
N PHE A 8 3.12 9.48 -6.82
CA PHE A 8 1.77 8.96 -6.96
C PHE A 8 0.76 9.81 -6.19
N LYS A 9 1.28 10.52 -5.20
CA LYS A 9 0.43 11.39 -4.38
C LYS A 9 0.21 12.71 -5.12
N GLN A 10 1.26 13.19 -5.76
CA GLN A 10 1.19 14.44 -6.49
C GLN A 10 0.83 14.17 -7.96
N ARG A 11 1.74 13.48 -8.64
CA ARG A 11 1.53 13.16 -10.04
C ARG A 11 0.06 12.85 -10.30
N ARG A 12 -0.31 11.60 -10.03
CA ARG A 12 -1.68 11.17 -10.23
C ARG A 12 -2.65 12.26 -9.80
N SER A 13 -3.65 12.50 -10.65
CA SER A 13 -4.64 13.51 -10.36
C SER A 13 -5.55 13.05 -9.21
N PHE A 14 -5.73 13.95 -8.25
CA PHE A 14 -6.56 13.65 -7.11
C PHE A 14 -7.89 13.01 -7.53
N GLU A 15 -8.42 13.52 -8.63
CA GLU A 15 -9.68 13.00 -9.16
C GLU A 15 -9.44 11.74 -9.98
N GLN A 16 -8.20 11.60 -10.44
CA GLN A 16 -7.82 10.45 -11.23
C GLN A 16 -7.49 9.26 -10.33
N ARG A 17 -7.19 9.58 -9.08
CA ARG A 17 -6.86 8.55 -8.11
C ARG A 17 -8.13 8.07 -7.39
N VAL A 18 -9.01 9.02 -7.11
CA VAL A 18 -10.25 8.71 -6.43
C VAL A 18 -11.21 8.04 -7.41
N GLU A 19 -11.14 8.48 -8.66
CA GLU A 19 -11.99 7.94 -9.70
C GLU A 19 -11.94 6.42 -9.69
N ASP A 20 -10.71 5.91 -9.63
CA ASP A 20 -10.50 4.46 -9.62
C ASP A 20 -11.07 3.88 -8.33
N VAL A 21 -10.85 4.61 -7.23
CA VAL A 21 -11.34 4.18 -5.94
C VAL A 21 -12.85 3.95 -6.01
N ARG A 22 -13.47 4.64 -6.96
CA ARG A 22 -14.90 4.53 -7.15
C ARG A 22 -15.29 3.08 -7.43
N LEU A 23 -14.51 2.45 -8.31
CA LEU A 23 -14.75 1.07 -8.67
C LEU A 23 -14.61 0.18 -7.43
N ILE A 24 -13.46 0.29 -6.79
CA ILE A 24 -13.18 -0.50 -5.60
C ILE A 24 -14.19 -0.13 -4.51
N ARG A 25 -14.71 1.09 -4.60
CA ARG A 25 -15.69 1.57 -3.64
C ARG A 25 -17.03 0.88 -3.87
N GLU A 26 -17.31 0.60 -5.13
CA GLU A 26 -18.56 -0.05 -5.50
C GLU A 26 -18.32 -1.55 -5.74
N GLN A 27 -17.06 -1.93 -5.68
CA GLN A 27 -16.69 -3.33 -5.88
C GLN A 27 -16.35 -3.99 -4.55
N HIS A 28 -15.37 -3.42 -3.88
CA HIS A 28 -14.93 -3.94 -2.59
C HIS A 28 -15.17 -2.90 -1.51
N PRO A 29 -16.45 -2.83 -1.03
CA PRO A 29 -16.82 -1.88 0.00
C PRO A 29 -16.30 -2.33 1.36
N THR A 30 -16.25 -3.64 1.55
CA THR A 30 -15.79 -4.21 2.80
C THR A 30 -14.28 -4.44 2.74
N LYS A 31 -13.60 -3.58 1.98
CA LYS A 31 -12.16 -3.68 1.84
C LYS A 31 -11.55 -2.28 1.95
N ILE A 32 -10.31 -2.25 2.42
CA ILE A 32 -9.60 -0.98 2.57
C ILE A 32 -8.58 -0.84 1.44
N PRO A 33 -8.85 0.17 0.57
CA PRO A 33 -7.97 0.43 -0.56
C PRO A 33 -6.68 1.11 -0.10
N VAL A 34 -5.57 0.68 -0.70
CA VAL A 34 -4.28 1.24 -0.36
C VAL A 34 -3.42 1.34 -1.63
N ILE A 35 -2.39 2.15 -1.55
CA ILE A 35 -1.49 2.35 -2.68
C ILE A 35 -0.04 2.32 -2.18
N ILE A 36 0.57 1.15 -2.29
CA ILE A 36 1.95 0.99 -1.86
C ILE A 36 2.88 1.15 -3.06
N GLU A 37 3.90 1.96 -2.86
CA GLU A 37 4.87 2.21 -3.91
C GLU A 37 6.30 2.07 -3.38
N ARG A 38 7.25 2.15 -4.29
CA ARG A 38 8.65 2.05 -3.92
C ARG A 38 9.16 3.38 -3.36
N TYR A 39 9.93 3.28 -2.30
CA TYR A 39 10.49 4.47 -1.66
C TYR A 39 11.41 5.22 -2.63
N LYS A 40 11.26 6.54 -2.62
CA LYS A 40 12.07 7.39 -3.48
C LYS A 40 13.55 7.18 -3.14
N GLY A 41 14.20 6.36 -3.96
CA GLY A 41 15.60 6.07 -3.78
C GLY A 41 15.81 4.64 -3.27
N GLU A 42 14.78 3.83 -3.46
CA GLU A 42 14.83 2.44 -3.04
C GLU A 42 14.90 1.52 -4.26
N LYS A 43 16.08 0.93 -4.45
CA LYS A 43 16.30 0.04 -5.58
C LYS A 43 16.57 -1.37 -5.03
N GLN A 44 17.26 -1.43 -3.91
CA GLN A 44 17.59 -2.70 -3.29
C GLN A 44 16.41 -3.67 -3.42
N LEU A 45 15.41 -3.47 -2.58
CA LEU A 45 14.24 -4.31 -2.59
C LEU A 45 13.64 -4.32 -4.00
N PRO A 46 12.95 -5.45 -4.32
CA PRO A 46 12.33 -5.61 -5.62
C PRO A 46 11.06 -4.76 -5.73
N VAL A 47 10.58 -4.62 -6.96
CA VAL A 47 9.38 -3.84 -7.20
C VAL A 47 8.15 -4.69 -6.90
N LEU A 48 7.33 -4.20 -5.98
CA LEU A 48 6.12 -4.91 -5.58
C LEU A 48 5.47 -5.51 -6.82
N ASP A 49 4.79 -6.63 -6.61
CA ASP A 49 4.11 -7.32 -7.69
C ASP A 49 3.09 -6.37 -8.33
N LYS A 50 2.45 -5.59 -7.48
CA LYS A 50 1.46 -4.63 -7.95
C LYS A 50 1.52 -3.36 -7.09
N THR A 51 0.63 -2.44 -7.40
CA THR A 51 0.57 -1.19 -6.66
C THR A 51 -0.73 -1.09 -5.86
N LYS A 52 -1.77 -1.69 -6.41
CA LYS A 52 -3.07 -1.69 -5.76
C LYS A 52 -3.22 -2.95 -4.90
N PHE A 53 -3.73 -2.75 -3.70
CA PHE A 53 -3.93 -3.86 -2.78
C PHE A 53 -5.25 -3.72 -2.03
N LEU A 54 -5.92 -4.84 -1.86
CA LEU A 54 -7.19 -4.85 -1.15
C LEU A 54 -7.01 -5.54 0.21
N VAL A 55 -6.98 -4.71 1.24
CA VAL A 55 -6.81 -5.22 2.60
C VAL A 55 -8.19 -5.46 3.22
N PRO A 56 -8.28 -6.57 4.00
CA PRO A 56 -9.53 -6.94 4.64
C PRO A 56 -9.80 -6.03 5.85
N ASP A 57 -11.04 -5.58 5.95
CA ASP A 57 -11.43 -4.72 7.04
C ASP A 57 -11.84 -5.56 8.25
N HIS A 58 -10.97 -6.52 8.57
CA HIS A 58 -11.23 -7.41 9.69
C HIS A 58 -9.90 -7.90 10.26
N VAL A 59 -8.85 -7.13 9.98
CA VAL A 59 -7.52 -7.47 10.46
C VAL A 59 -6.83 -6.20 10.97
N ASN A 60 -5.53 -6.33 11.18
CA ASN A 60 -4.74 -5.21 11.67
C ASN A 60 -3.70 -4.83 10.62
N MET A 61 -3.38 -3.54 10.58
CA MET A 61 -2.41 -3.03 9.63
C MET A 61 -1.20 -3.97 9.53
N SER A 62 -0.96 -4.68 10.62
CA SER A 62 0.16 -5.62 10.67
C SER A 62 0.06 -6.61 9.52
N GLU A 63 -1.13 -7.17 9.36
CA GLU A 63 -1.38 -8.14 8.31
C GLU A 63 -0.81 -7.63 6.98
N LEU A 64 -1.20 -6.42 6.64
CA LEU A 64 -0.75 -5.81 5.39
C LEU A 64 0.76 -5.99 5.27
N ILE A 65 1.42 -5.99 6.41
CA ILE A 65 2.87 -6.15 6.45
C ILE A 65 3.22 -7.59 6.09
N LYS A 66 2.44 -8.51 6.63
CA LYS A 66 2.66 -9.92 6.38
C LYS A 66 2.41 -10.21 4.89
N ILE A 67 1.44 -9.52 4.34
CA ILE A 67 1.10 -9.68 2.94
C ILE A 67 2.22 -9.10 2.07
N ILE A 68 2.48 -7.82 2.29
CA ILE A 68 3.51 -7.13 1.54
C ILE A 68 4.77 -8.00 1.50
N ARG A 69 5.39 -8.14 2.65
CA ARG A 69 6.60 -8.94 2.77
C ARG A 69 6.44 -10.25 2.00
N ARG A 70 5.27 -10.85 2.15
CA ARG A 70 4.98 -12.11 1.48
C ARG A 70 5.03 -11.91 -0.04
N ARG A 71 4.58 -10.75 -0.48
CA ARG A 71 4.57 -10.43 -1.91
C ARG A 71 6.00 -10.30 -2.42
N LEU A 72 6.80 -9.57 -1.67
CA LEU A 72 8.19 -9.35 -2.04
C LEU A 72 8.93 -10.68 -2.03
N GLN A 73 8.29 -11.68 -1.44
CA GLN A 73 8.86 -13.01 -1.35
C GLN A 73 10.32 -12.92 -0.89
N LEU A 74 10.55 -12.03 0.06
CA LEU A 74 11.89 -11.83 0.59
C LEU A 74 12.20 -12.93 1.62
N ASN A 75 13.36 -12.83 2.22
CA ASN A 75 13.79 -13.80 3.22
C ASN A 75 14.05 -13.09 4.55
N ALA A 76 14.47 -13.88 5.53
CA ALA A 76 14.77 -13.33 6.84
C ALA A 76 16.04 -12.49 6.78
N ASN A 77 16.81 -12.73 5.73
CA ASN A 77 18.05 -12.00 5.53
C ASN A 77 17.74 -10.61 4.97
N GLN A 78 16.61 -10.52 4.31
CA GLN A 78 16.18 -9.26 3.71
C GLN A 78 15.31 -8.48 4.71
N ALA A 79 15.66 -7.23 4.90
CA ALA A 79 14.93 -6.37 5.81
C ALA A 79 13.88 -5.57 5.02
N PHE A 80 12.65 -5.62 5.50
CA PHE A 80 11.56 -4.91 4.86
C PHE A 80 10.69 -4.18 5.88
N PHE A 81 10.38 -2.94 5.56
CA PHE A 81 9.56 -2.12 6.45
C PHE A 81 8.61 -1.22 5.64
N LEU A 82 7.32 -1.47 5.82
CA LEU A 82 6.31 -0.70 5.13
C LEU A 82 6.01 0.58 5.92
N LEU A 83 6.27 1.70 5.28
CA LEU A 83 6.03 2.99 5.90
C LEU A 83 4.63 3.49 5.53
N VAL A 84 3.83 3.69 6.56
CA VAL A 84 2.46 4.17 6.36
C VAL A 84 2.46 5.69 6.32
N ASN A 85 2.24 6.22 5.12
CA ASN A 85 2.21 7.66 4.93
C ASN A 85 3.64 8.21 5.03
N GLY A 86 4.59 7.30 5.05
CA GLY A 86 6.00 7.68 5.15
C GLY A 86 6.53 7.44 6.55
N HIS A 87 5.67 6.89 7.40
CA HIS A 87 6.05 6.59 8.77
C HIS A 87 5.81 5.11 9.08
N SER A 88 6.83 4.48 9.62
CA SER A 88 6.76 3.07 9.97
C SER A 88 5.59 2.83 10.92
N MET A 89 5.32 1.56 11.17
CA MET A 89 4.23 1.17 12.06
C MET A 89 4.77 0.41 13.27
N VAL A 90 5.88 0.89 13.79
CA VAL A 90 6.51 0.27 14.94
C VAL A 90 5.42 -0.17 15.93
N SER A 91 4.33 0.58 15.92
CA SER A 91 3.21 0.29 16.81
C SER A 91 1.95 0.00 15.98
N VAL A 92 1.62 -1.27 15.89
CA VAL A 92 0.44 -1.69 15.13
C VAL A 92 -0.64 -2.16 16.11
N SER A 93 -1.43 -1.19 16.57
CA SER A 93 -2.50 -1.49 17.50
C SER A 93 -3.83 -0.96 16.95
N THR A 94 -3.84 -0.72 15.65
CA THR A 94 -5.02 -0.21 14.99
C THR A 94 -5.34 -1.05 13.74
N PRO A 95 -6.66 -1.20 13.48
CA PRO A 95 -7.11 -1.98 12.32
C PRO A 95 -6.90 -1.19 11.02
N ILE A 96 -6.53 -1.92 9.98
CA ILE A 96 -6.30 -1.31 8.68
C ILE A 96 -7.51 -0.48 8.28
N SER A 97 -8.64 -0.81 8.90
CA SER A 97 -9.88 -0.11 8.62
C SER A 97 -9.83 1.31 9.20
N GLU A 98 -9.17 1.41 10.35
CA GLU A 98 -9.04 2.70 11.03
C GLU A 98 -7.79 3.42 10.53
N VAL A 99 -6.67 2.71 10.58
CA VAL A 99 -5.41 3.28 10.14
C VAL A 99 -5.60 3.97 8.78
N TYR A 100 -6.51 3.41 7.99
CA TYR A 100 -6.79 3.96 6.68
C TYR A 100 -7.73 5.17 6.78
N GLU A 101 -8.67 5.06 7.71
CA GLU A 101 -9.63 6.14 7.92
C GLU A 101 -8.99 7.27 8.73
N SER A 102 -7.75 7.03 9.13
CA SER A 102 -7.02 8.02 9.91
C SER A 102 -5.81 8.52 9.12
N GLU A 103 -5.70 8.02 7.89
CA GLU A 103 -4.59 8.40 7.02
C GLU A 103 -5.11 8.73 5.62
N ARG A 104 -5.89 7.80 5.08
CA ARG A 104 -6.44 7.98 3.75
C ARG A 104 -6.78 9.46 3.51
N ASP A 105 -6.71 9.84 2.24
CA ASP A 105 -7.00 11.22 1.86
C ASP A 105 -8.45 11.32 1.40
N GLU A 106 -8.81 12.50 0.92
CA GLU A 106 -10.16 12.75 0.45
C GLU A 106 -10.53 11.71 -0.62
N ASP A 107 -9.56 11.40 -1.46
CA ASP A 107 -9.77 10.42 -2.52
C ASP A 107 -10.24 9.10 -1.91
N GLY A 108 -9.53 8.68 -0.88
CA GLY A 108 -9.86 7.43 -0.20
C GLY A 108 -8.82 6.36 -0.50
N PHE A 109 -7.60 6.81 -0.78
CA PHE A 109 -6.52 5.90 -1.07
C PHE A 109 -5.36 6.07 -0.08
N LEU A 110 -4.88 4.94 0.42
CA LEU A 110 -3.79 4.96 1.37
C LEU A 110 -2.46 5.06 0.62
N TYR A 111 -1.50 5.72 1.26
CA TYR A 111 -0.19 5.90 0.65
C TYR A 111 0.91 5.42 1.61
N MET A 112 1.49 4.28 1.27
CA MET A 112 2.56 3.71 2.07
C MET A 112 3.78 3.36 1.22
N VAL A 113 4.94 3.76 1.71
CA VAL A 113 6.18 3.50 1.00
C VAL A 113 7.00 2.46 1.78
N TYR A 114 7.33 1.40 1.08
CA TYR A 114 8.11 0.32 1.68
C TYR A 114 9.57 0.38 1.23
N ALA A 115 10.44 -0.15 2.07
CA ALA A 115 11.86 -0.17 1.77
C ALA A 115 12.59 -0.97 2.84
N SER A 116 13.90 -1.09 2.66
CA SER A 116 14.73 -1.82 3.61
C SER A 116 15.24 -0.88 4.70
N GLN A 117 14.43 0.13 5.00
CA GLN A 117 14.79 1.09 6.02
C GLN A 117 13.53 1.64 6.69
N GLU A 118 13.51 1.55 8.02
CA GLU A 118 12.38 2.02 8.78
C GLU A 118 12.77 3.27 9.58
N THR A 119 14.06 3.58 9.55
CA THR A 119 14.57 4.74 10.25
C THR A 119 15.51 5.55 9.35
N PHE A 120 14.91 6.17 8.33
CA PHE A 120 15.66 6.97 7.40
C PHE A 120 15.60 8.46 7.77
N GLY A 121 14.47 8.84 8.35
CA GLY A 121 14.27 10.22 8.76
C GLY A 121 15.57 10.82 9.31
N MET B 1 -1.80 2.56 -15.01
CA MET B 1 -3.19 2.12 -14.95
C MET B 1 -3.27 0.63 -14.61
N SER B 2 -2.10 -0.01 -14.58
CA SER B 2 -2.04 -1.42 -14.28
C SER B 2 -3.21 -2.16 -14.92
N GLY B 3 -3.38 -1.91 -16.22
CA GLY B 3 -4.45 -2.54 -16.97
C GLY B 3 -5.82 -2.21 -16.36
N GLY B 4 -6.12 -0.92 -16.35
CA GLY B 4 -7.38 -0.45 -15.80
C GLY B 4 -7.60 -1.00 -14.38
N ASP B 5 -8.74 -0.63 -13.81
CA ASP B 5 -9.07 -1.06 -12.47
C ASP B 5 -10.00 -2.28 -12.56
N ASP B 6 -9.40 -3.41 -12.86
CA ASP B 6 -10.16 -4.65 -12.98
C ASP B 6 -9.92 -5.51 -11.74
N ASP B 7 -10.28 -4.97 -10.59
CA ASP B 7 -10.11 -5.67 -9.33
C ASP B 7 -8.61 -5.72 -8.98
N TRP B 8 -8.26 -4.94 -7.97
CA TRP B 8 -6.87 -4.89 -7.53
C TRP B 8 -6.47 -6.29 -7.06
N THR B 9 -5.52 -6.32 -6.14
CA THR B 9 -5.03 -7.57 -5.60
C THR B 9 -5.67 -7.86 -4.24
N HIS B 10 -5.90 -9.13 -3.97
CA HIS B 10 -6.50 -9.55 -2.71
C HIS B 10 -5.41 -10.04 -1.77
N LEU B 11 -5.37 -9.42 -0.59
CA LEU B 11 -4.38 -9.78 0.41
C LEU B 11 -4.96 -10.88 1.31
N SER B 12 -4.29 -12.02 1.31
CA SER B 12 -4.72 -13.14 2.13
C SER B 12 -3.71 -13.42 3.24
N SER B 13 -4.19 -13.32 4.47
CA SER B 13 -3.34 -13.55 5.62
C SER B 13 -3.37 -15.03 6.02
N LYS B 14 -3.74 -15.85 5.04
CA LYS B 14 -3.81 -17.29 5.27
C LYS B 14 -2.63 -17.97 4.58
N GLU B 15 -2.18 -17.35 3.51
CA GLU B 15 -1.05 -17.89 2.76
C GLU B 15 0.26 -17.27 3.24
N VAL B 16 0.12 -16.35 4.19
CA VAL B 16 1.29 -15.67 4.74
C VAL B 16 2.00 -16.60 5.72
N ASP B 17 2.98 -16.04 6.41
CA ASP B 17 3.73 -16.80 7.38
C ASP B 17 3.34 -16.37 8.79
N SER A 1 11.70 18.91 -15.05
CA SER A 1 12.85 18.33 -15.72
C SER A 1 13.86 17.84 -14.70
N MET A 2 13.34 17.34 -13.59
CA MET A 2 14.19 16.84 -12.52
C MET A 2 14.37 15.32 -12.64
N PRO A 3 15.51 14.83 -12.07
CA PRO A 3 15.81 13.41 -12.12
C PRO A 3 14.95 12.63 -11.11
N SER A 4 14.10 13.38 -10.41
CA SER A 4 13.22 12.78 -9.42
C SER A 4 11.82 12.58 -10.02
N GLU A 5 11.50 11.33 -10.28
CA GLU A 5 10.21 10.99 -10.84
C GLU A 5 9.07 11.50 -9.94
N LYS A 6 8.08 12.11 -10.57
CA LYS A 6 6.94 12.63 -9.83
C LYS A 6 6.39 11.55 -8.90
N THR A 7 5.34 11.92 -8.18
CA THR A 7 4.72 10.99 -7.25
C THR A 7 3.23 10.85 -7.57
N PHE A 8 2.71 9.67 -7.27
CA PHE A 8 1.30 9.39 -7.51
C PHE A 8 0.43 10.57 -7.11
N LYS A 9 0.94 11.34 -6.16
CA LYS A 9 0.21 12.51 -5.67
C LYS A 9 0.26 13.61 -6.74
N GLN A 10 1.46 13.85 -7.24
CA GLN A 10 1.65 14.87 -8.26
C GLN A 10 1.39 14.28 -9.65
N ARG A 11 2.23 13.34 -10.03
CA ARG A 11 2.09 12.70 -11.33
C ARG A 11 0.63 12.34 -11.59
N ARG A 12 0.17 11.31 -10.88
CA ARG A 12 -1.20 10.86 -11.03
C ARG A 12 -2.17 11.90 -10.46
N SER A 13 -2.99 12.45 -11.34
CA SER A 13 -3.96 13.46 -10.94
C SER A 13 -4.83 12.91 -9.80
N PHE A 14 -4.93 13.72 -8.75
CA PHE A 14 -5.72 13.34 -7.59
C PHE A 14 -7.08 12.78 -8.01
N GLU A 15 -7.88 13.65 -8.60
CA GLU A 15 -9.21 13.25 -9.06
C GLU A 15 -9.12 12.00 -9.93
N GLN A 16 -7.92 11.77 -10.45
CA GLN A 16 -7.69 10.62 -11.31
C GLN A 16 -7.40 9.38 -10.47
N ARG A 17 -6.80 9.62 -9.31
CA ARG A 17 -6.47 8.53 -8.40
C ARG A 17 -7.61 8.28 -7.42
N VAL A 18 -8.47 9.29 -7.30
CA VAL A 18 -9.62 9.18 -6.41
C VAL A 18 -10.74 8.41 -7.10
N GLU A 19 -10.94 8.74 -8.37
CA GLU A 19 -11.97 8.08 -9.15
C GLU A 19 -11.73 6.57 -9.19
N ASP A 20 -10.49 6.20 -8.97
CA ASP A 20 -10.11 4.80 -8.98
C ASP A 20 -10.78 4.08 -7.81
N VAL A 21 -10.51 4.58 -6.61
CA VAL A 21 -11.09 4.01 -5.41
C VAL A 21 -12.60 3.85 -5.59
N ARG A 22 -13.21 4.90 -6.14
CA ARG A 22 -14.64 4.89 -6.37
C ARG A 22 -15.09 3.51 -6.84
N LEU A 23 -14.26 2.89 -7.66
CA LEU A 23 -14.56 1.57 -8.18
C LEU A 23 -14.53 0.55 -7.04
N ILE A 24 -13.38 0.46 -6.40
CA ILE A 24 -13.21 -0.46 -5.29
C ILE A 24 -14.30 -0.20 -4.25
N ARG A 25 -14.83 1.01 -4.27
CA ARG A 25 -15.88 1.39 -3.34
C ARG A 25 -17.18 0.68 -3.69
N GLU A 26 -17.38 0.47 -4.98
CA GLU A 26 -18.57 -0.20 -5.47
C GLU A 26 -18.27 -1.66 -5.78
N GLN A 27 -17.00 -2.02 -5.67
CA GLN A 27 -16.57 -3.39 -5.93
C GLN A 27 -16.23 -4.10 -4.62
N HIS A 28 -15.25 -3.54 -3.91
CA HIS A 28 -14.82 -4.10 -2.66
C HIS A 28 -15.02 -3.08 -1.54
N PRO A 29 -16.30 -2.96 -1.10
CA PRO A 29 -16.64 -2.03 -0.03
C PRO A 29 -16.19 -2.56 1.33
N THR A 30 -16.08 -3.88 1.41
CA THR A 30 -15.65 -4.52 2.65
C THR A 30 -14.12 -4.64 2.68
N LYS A 31 -13.47 -3.81 1.88
CA LYS A 31 -12.02 -3.82 1.81
C LYS A 31 -11.50 -2.39 1.90
N ILE A 32 -10.25 -2.27 2.32
CA ILE A 32 -9.63 -0.97 2.47
C ILE A 32 -8.60 -0.78 1.34
N PRO A 33 -8.81 0.31 0.55
CA PRO A 33 -7.92 0.61 -0.56
C PRO A 33 -6.60 1.20 -0.05
N VAL A 34 -5.52 0.80 -0.70
CA VAL A 34 -4.19 1.28 -0.33
C VAL A 34 -3.32 1.40 -1.58
N ILE A 35 -2.25 2.16 -1.45
CA ILE A 35 -1.33 2.36 -2.55
C ILE A 35 0.11 2.24 -2.05
N ILE A 36 0.66 1.05 -2.21
CA ILE A 36 2.03 0.79 -1.77
C ILE A 36 2.98 0.98 -2.95
N GLU A 37 3.93 1.89 -2.76
CA GLU A 37 4.90 2.18 -3.80
C GLU A 37 6.32 2.08 -3.24
N ARG A 38 7.29 2.22 -4.13
CA ARG A 38 8.69 2.15 -3.73
C ARG A 38 9.17 3.51 -3.24
N TYR A 39 9.83 3.48 -2.09
CA TYR A 39 10.35 4.71 -1.50
C TYR A 39 11.23 5.47 -2.50
N LYS A 40 11.02 6.78 -2.54
CA LYS A 40 11.79 7.63 -3.43
C LYS A 40 13.28 7.46 -3.14
N GLY A 41 13.95 6.71 -4.00
CA GLY A 41 15.37 6.48 -3.84
C GLY A 41 15.64 5.09 -3.26
N GLU A 42 14.64 4.23 -3.38
CA GLU A 42 14.74 2.88 -2.87
C GLU A 42 14.77 1.87 -4.03
N LYS A 43 15.93 1.27 -4.21
CA LYS A 43 16.10 0.29 -5.27
C LYS A 43 16.29 -1.09 -4.65
N GLN A 44 16.72 -1.10 -3.40
CA GLN A 44 16.94 -2.34 -2.69
C GLN A 44 15.78 -3.31 -2.93
N LEU A 45 14.68 -3.06 -2.22
CA LEU A 45 13.50 -3.90 -2.35
C LEU A 45 13.09 -3.96 -3.83
N PRO A 46 12.50 -5.13 -4.21
CA PRO A 46 12.05 -5.32 -5.57
C PRO A 46 10.77 -4.55 -5.85
N VAL A 47 10.31 -4.63 -7.10
CA VAL A 47 9.10 -3.94 -7.50
C VAL A 47 7.89 -4.75 -7.04
N LEU A 48 7.22 -4.24 -6.02
CA LEU A 48 6.04 -4.90 -5.48
C LEU A 48 5.20 -5.46 -6.63
N ASP A 49 4.58 -6.60 -6.36
CA ASP A 49 3.75 -7.24 -7.36
C ASP A 49 2.87 -6.20 -8.04
N LYS A 50 2.40 -5.24 -7.25
CA LYS A 50 1.55 -4.19 -7.77
C LYS A 50 1.55 -3.02 -6.78
N THR A 51 0.65 -2.08 -7.03
CA THR A 51 0.52 -0.91 -6.17
C THR A 51 -0.83 -0.91 -5.48
N LYS A 52 -1.82 -1.43 -6.18
CA LYS A 52 -3.18 -1.49 -5.64
C LYS A 52 -3.38 -2.83 -4.94
N PHE A 53 -3.87 -2.74 -3.70
CA PHE A 53 -4.12 -3.94 -2.91
C PHE A 53 -5.42 -3.82 -2.12
N LEU A 54 -6.19 -4.89 -2.13
CA LEU A 54 -7.45 -4.92 -1.41
C LEU A 54 -7.27 -5.64 -0.08
N VAL A 55 -7.19 -4.87 0.99
CA VAL A 55 -7.01 -5.43 2.32
C VAL A 55 -8.38 -5.60 2.97
N PRO A 56 -8.50 -6.70 3.76
CA PRO A 56 -9.75 -7.00 4.44
C PRO A 56 -9.94 -6.07 5.65
N ASP A 57 -11.09 -5.43 5.70
CA ASP A 57 -11.41 -4.52 6.79
C ASP A 57 -11.92 -5.32 7.98
N HIS A 58 -11.12 -6.31 8.37
CA HIS A 58 -11.49 -7.16 9.49
C HIS A 58 -10.22 -7.74 10.13
N VAL A 59 -9.14 -7.00 9.99
CA VAL A 59 -7.86 -7.44 10.54
C VAL A 59 -7.09 -6.22 11.05
N ASN A 60 -5.80 -6.43 11.27
CA ASN A 60 -4.94 -5.36 11.76
C ASN A 60 -3.92 -4.99 10.67
N MET A 61 -3.55 -3.72 10.67
CA MET A 61 -2.60 -3.22 9.69
C MET A 61 -1.38 -4.16 9.59
N SER A 62 -1.16 -4.91 10.67
CA SER A 62 -0.04 -5.83 10.71
C SER A 62 -0.16 -6.85 9.58
N GLU A 63 -1.32 -7.50 9.52
CA GLU A 63 -1.57 -8.49 8.50
C GLU A 63 -1.04 -8.01 7.15
N LEU A 64 -1.45 -6.80 6.79
CA LEU A 64 -1.03 -6.21 5.53
C LEU A 64 0.47 -6.44 5.34
N ILE A 65 1.22 -6.19 6.40
CA ILE A 65 2.66 -6.36 6.36
C ILE A 65 2.98 -7.82 6.03
N LYS A 66 2.20 -8.71 6.60
CA LYS A 66 2.39 -10.14 6.37
C LYS A 66 1.99 -10.47 4.93
N ILE A 67 1.14 -9.62 4.37
CA ILE A 67 0.67 -9.83 3.01
C ILE A 67 1.70 -9.25 2.04
N ILE A 68 2.33 -8.17 2.47
CA ILE A 68 3.34 -7.52 1.65
C ILE A 68 4.60 -8.39 1.61
N ARG A 69 5.26 -8.47 2.74
CA ARG A 69 6.48 -9.26 2.85
C ARG A 69 6.28 -10.62 2.19
N ARG A 70 5.06 -11.13 2.31
CA ARG A 70 4.73 -12.42 1.72
C ARG A 70 4.90 -12.37 0.21
N ARG A 71 4.50 -11.26 -0.38
CA ARG A 71 4.59 -11.08 -1.81
C ARG A 71 6.06 -10.95 -2.23
N LEU A 72 6.76 -10.05 -1.55
CA LEU A 72 8.16 -9.82 -1.84
C LEU A 72 8.95 -11.12 -1.59
N GLN A 73 8.35 -11.99 -0.81
CA GLN A 73 8.97 -13.26 -0.48
C GLN A 73 10.47 -13.06 -0.24
N LEU A 74 10.78 -12.01 0.50
CA LEU A 74 12.16 -11.70 0.81
C LEU A 74 12.68 -12.68 1.88
N ASN A 75 13.98 -12.65 2.08
CA ASN A 75 14.61 -13.52 3.07
C ASN A 75 15.07 -12.68 4.27
N ALA A 76 15.60 -13.36 5.27
CA ALA A 76 16.10 -12.70 6.45
C ALA A 76 17.13 -11.66 6.06
N ASN A 77 17.96 -12.03 5.09
CA ASN A 77 19.00 -11.13 4.62
C ASN A 77 18.37 -9.82 4.15
N GLN A 78 17.22 -9.95 3.50
CA GLN A 78 16.50 -8.80 3.00
C GLN A 78 15.48 -8.32 4.04
N ALA A 79 15.59 -7.03 4.37
CA ALA A 79 14.69 -6.44 5.35
C ALA A 79 13.64 -5.59 4.62
N PHE A 80 12.40 -5.74 5.06
CA PHE A 80 11.31 -5.00 4.46
C PHE A 80 10.47 -4.29 5.53
N PHE A 81 10.17 -3.03 5.25
CA PHE A 81 9.38 -2.24 6.18
C PHE A 81 8.43 -1.30 5.43
N LEU A 82 7.14 -1.52 5.65
CA LEU A 82 6.12 -0.70 5.00
C LEU A 82 5.88 0.55 5.84
N LEU A 83 6.23 1.69 5.25
CA LEU A 83 6.05 2.97 5.93
C LEU A 83 4.67 3.52 5.61
N VAL A 84 3.86 3.65 6.66
CA VAL A 84 2.52 4.16 6.51
C VAL A 84 2.55 5.68 6.46
N ASN A 85 2.20 6.22 5.30
CA ASN A 85 2.18 7.66 5.10
C ASN A 85 3.60 8.19 5.25
N GLY A 86 4.56 7.30 5.10
CA GLY A 86 5.97 7.67 5.22
C GLY A 86 6.48 7.43 6.64
N HIS A 87 5.62 6.82 7.45
CA HIS A 87 5.98 6.52 8.83
C HIS A 87 5.73 5.04 9.11
N SER A 88 6.76 4.39 9.63
CA SER A 88 6.67 2.98 9.97
C SER A 88 5.51 2.75 10.95
N MET A 89 5.24 1.47 11.19
CA MET A 89 4.17 1.10 12.10
C MET A 89 4.72 0.27 13.27
N VAL A 90 5.85 0.72 13.79
CA VAL A 90 6.48 0.04 14.92
C VAL A 90 5.40 -0.43 15.89
N SER A 91 4.32 0.33 15.93
CA SER A 91 3.21 -0.01 16.82
C SER A 91 1.94 -0.25 16.01
N VAL A 92 1.59 -1.53 15.89
CA VAL A 92 0.41 -1.92 15.14
C VAL A 92 -0.66 -2.42 16.11
N SER A 93 -1.45 -1.47 16.60
CA SER A 93 -2.52 -1.81 17.53
C SER A 93 -3.85 -1.24 17.04
N THR A 94 -3.88 -0.96 15.74
CA THR A 94 -5.08 -0.43 15.13
C THR A 94 -5.44 -1.22 13.87
N PRO A 95 -6.77 -1.36 13.64
CA PRO A 95 -7.26 -2.09 12.48
C PRO A 95 -7.09 -1.26 11.20
N ILE A 96 -6.66 -1.94 10.15
CA ILE A 96 -6.46 -1.29 8.87
C ILE A 96 -7.68 -0.42 8.55
N SER A 97 -8.83 -0.86 9.01
CA SER A 97 -10.06 -0.14 8.79
C SER A 97 -9.94 1.29 9.34
N GLU A 98 -9.36 1.37 10.54
CA GLU A 98 -9.18 2.65 11.18
C GLU A 98 -7.93 3.35 10.66
N VAL A 99 -6.81 2.63 10.75
CA VAL A 99 -5.54 3.15 10.29
C VAL A 99 -5.75 3.89 8.96
N TYR A 100 -6.71 3.40 8.19
CA TYR A 100 -7.02 4.00 6.91
C TYR A 100 -7.87 5.25 7.08
N GLU A 101 -8.89 5.13 7.91
CA GLU A 101 -9.78 6.25 8.16
C GLU A 101 -9.08 7.31 9.02
N SER A 102 -7.85 6.98 9.42
CA SER A 102 -7.07 7.89 10.24
C SER A 102 -5.88 8.41 9.43
N GLU A 103 -5.70 7.83 8.25
CA GLU A 103 -4.61 8.22 7.37
C GLU A 103 -5.14 8.65 6.02
N ARG A 104 -5.85 7.72 5.38
CA ARG A 104 -6.42 7.99 4.07
C ARG A 104 -6.93 9.43 3.99
N ASP A 105 -7.00 9.95 2.77
CA ASP A 105 -7.45 11.31 2.55
C ASP A 105 -8.79 11.27 1.80
N GLU A 106 -9.27 12.45 1.47
CA GLU A 106 -10.54 12.58 0.75
C GLU A 106 -10.59 11.57 -0.40
N ASP A 107 -9.52 11.58 -1.20
CA ASP A 107 -9.44 10.68 -2.33
C ASP A 107 -10.01 9.31 -1.93
N GLY A 108 -9.51 8.80 -0.81
CA GLY A 108 -9.95 7.51 -0.32
C GLY A 108 -8.94 6.41 -0.65
N PHE A 109 -7.68 6.81 -0.70
CA PHE A 109 -6.61 5.87 -1.01
C PHE A 109 -5.45 6.02 -0.03
N LEU A 110 -5.04 4.89 0.52
CA LEU A 110 -3.94 4.88 1.47
C LEU A 110 -2.61 5.00 0.73
N TYR A 111 -1.71 5.78 1.29
CA TYR A 111 -0.40 5.98 0.69
C TYR A 111 0.71 5.51 1.62
N MET A 112 1.31 4.38 1.26
CA MET A 112 2.39 3.81 2.05
C MET A 112 3.60 3.51 1.18
N VAL A 113 4.77 3.81 1.73
CA VAL A 113 6.03 3.58 1.03
C VAL A 113 6.83 2.52 1.76
N TYR A 114 7.13 1.45 1.04
CA TYR A 114 7.91 0.35 1.61
C TYR A 114 9.37 0.43 1.18
N ALA A 115 10.23 -0.10 2.05
CA ALA A 115 11.66 -0.09 1.77
C ALA A 115 12.37 -0.96 2.80
N SER A 116 13.69 -1.04 2.66
CA SER A 116 14.49 -1.84 3.56
C SER A 116 14.93 -0.99 4.77
N GLN A 117 14.14 0.06 5.02
CA GLN A 117 14.44 0.96 6.13
C GLN A 117 13.13 1.44 6.76
N GLU A 118 13.03 1.22 8.07
CA GLU A 118 11.85 1.63 8.80
C GLU A 118 12.17 2.85 9.68
N THR A 119 13.46 3.12 9.82
CA THR A 119 13.90 4.24 10.62
C THR A 119 14.75 5.19 9.77
N PHE A 120 14.33 5.37 8.54
CA PHE A 120 15.03 6.25 7.62
C PHE A 120 15.80 7.34 8.38
N GLY A 121 15.06 8.38 8.76
CA GLY A 121 15.66 9.48 9.49
C GLY A 121 16.72 8.99 10.47
N MET B 1 -8.36 -10.93 -20.18
CA MET B 1 -9.50 -10.34 -19.49
C MET B 1 -9.48 -8.81 -19.61
N SER B 2 -9.75 -8.34 -20.83
CA SER B 2 -9.76 -6.91 -21.09
C SER B 2 -10.65 -6.21 -20.06
N GLY B 3 -10.73 -4.89 -20.20
CA GLY B 3 -11.53 -4.09 -19.30
C GLY B 3 -10.68 -3.03 -18.61
N GLY B 4 -10.15 -3.40 -17.45
CA GLY B 4 -9.33 -2.49 -16.68
C GLY B 4 -8.89 -3.13 -15.36
N ASP B 5 -8.62 -2.27 -14.38
CA ASP B 5 -8.21 -2.73 -13.07
C ASP B 5 -9.42 -2.80 -12.14
N ASP B 6 -10.44 -3.49 -12.61
CA ASP B 6 -11.66 -3.64 -11.83
C ASP B 6 -11.32 -4.11 -10.42
N ASP B 7 -10.50 -5.16 -10.37
CA ASP B 7 -10.09 -5.73 -9.10
C ASP B 7 -8.57 -5.59 -8.96
N TRP B 8 -8.17 -4.71 -8.05
CA TRP B 8 -6.76 -4.48 -7.81
C TRP B 8 -6.10 -5.83 -7.51
N THR B 9 -6.28 -6.28 -6.27
CA THR B 9 -5.71 -7.55 -5.84
C THR B 9 -6.48 -8.10 -4.64
N HIS B 10 -5.91 -9.13 -4.05
CA HIS B 10 -6.53 -9.76 -2.88
C HIS B 10 -5.44 -10.10 -1.85
N LEU B 11 -5.57 -9.48 -0.68
CA LEU B 11 -4.62 -9.70 0.39
C LEU B 11 -5.15 -10.81 1.30
N SER B 12 -4.88 -12.05 0.90
CA SER B 12 -5.33 -13.19 1.69
C SER B 12 -4.31 -13.50 2.79
N SER B 13 -4.83 -13.78 3.97
CA SER B 13 -4.00 -14.08 5.11
C SER B 13 -3.77 -15.60 5.20
N LYS B 14 -4.19 -16.29 4.16
CA LYS B 14 -4.05 -17.74 4.10
C LYS B 14 -2.86 -18.08 3.20
N GLU B 15 -2.66 -17.25 2.18
CA GLU B 15 -1.56 -17.47 1.25
C GLU B 15 -0.25 -17.00 1.87
N VAL B 16 -0.37 -16.29 2.98
CA VAL B 16 0.80 -15.79 3.68
C VAL B 16 1.68 -16.96 4.12
N ASP B 17 2.68 -16.64 4.93
CA ASP B 17 3.59 -17.65 5.43
C ASP B 17 3.42 -17.79 6.95
N SER A 1 5.73 11.63 -21.21
CA SER A 1 6.65 12.44 -22.00
C SER A 1 7.23 13.57 -21.14
N MET A 2 8.09 13.18 -20.21
CA MET A 2 8.71 14.14 -19.32
C MET A 2 10.05 13.62 -18.79
N PRO A 3 10.92 14.58 -18.36
CA PRO A 3 12.23 14.23 -17.84
C PRO A 3 12.11 13.64 -16.43
N SER A 4 11.44 14.40 -15.57
CA SER A 4 11.24 13.97 -14.19
C SER A 4 9.80 13.49 -13.99
N GLU A 5 9.68 12.28 -13.46
CA GLU A 5 8.39 11.70 -13.20
C GLU A 5 7.88 12.11 -11.82
N LYS A 6 6.69 12.69 -11.80
CA LYS A 6 6.09 13.13 -10.55
C LYS A 6 5.77 11.91 -9.68
N THR A 7 5.07 12.17 -8.59
CA THR A 7 4.71 11.11 -7.67
C THR A 7 3.22 10.77 -7.81
N PHE A 8 2.89 9.54 -7.48
CA PHE A 8 1.51 9.07 -7.57
C PHE A 8 0.54 10.12 -7.00
N LYS A 9 1.08 10.94 -6.11
CA LYS A 9 0.28 11.99 -5.48
C LYS A 9 0.16 13.18 -6.44
N GLN A 10 1.25 13.46 -7.13
CA GLN A 10 1.27 14.55 -8.08
C GLN A 10 0.88 14.06 -9.48
N ARG A 11 1.74 13.20 -10.02
CA ARG A 11 1.50 12.65 -11.35
C ARG A 11 0.02 12.32 -11.52
N ARG A 12 -0.38 11.21 -10.94
CA ARG A 12 -1.77 10.77 -11.02
C ARG A 12 -2.71 11.91 -10.62
N SER A 13 -3.73 12.12 -11.43
CA SER A 13 -4.71 13.16 -11.17
C SER A 13 -5.62 12.74 -10.02
N PHE A 14 -5.68 13.59 -9.00
CA PHE A 14 -6.50 13.32 -7.84
C PHE A 14 -7.83 12.66 -8.25
N GLU A 15 -8.54 13.35 -9.13
CA GLU A 15 -9.82 12.85 -9.62
C GLU A 15 -9.69 11.38 -10.01
N GLN A 16 -8.60 11.07 -10.68
CA GLN A 16 -8.34 9.71 -11.12
C GLN A 16 -8.07 8.81 -9.92
N ARG A 17 -7.27 9.33 -8.99
CA ARG A 17 -6.92 8.58 -7.80
C ARG A 17 -8.18 8.30 -6.96
N VAL A 18 -9.16 9.17 -7.12
CA VAL A 18 -10.41 9.03 -6.39
C VAL A 18 -11.34 8.09 -7.16
N GLU A 19 -11.32 8.24 -8.47
CA GLU A 19 -12.15 7.40 -9.33
C GLU A 19 -11.84 5.93 -9.11
N ASP A 20 -10.55 5.61 -9.13
CA ASP A 20 -10.11 4.24 -8.93
C ASP A 20 -10.67 3.72 -7.61
N VAL A 21 -10.84 4.64 -6.66
CA VAL A 21 -11.36 4.29 -5.36
C VAL A 21 -12.88 4.08 -5.47
N ARG A 22 -13.47 4.78 -6.41
CA ARG A 22 -14.91 4.68 -6.62
C ARG A 22 -15.30 3.25 -7.01
N LEU A 23 -14.42 2.63 -7.80
CA LEU A 23 -14.66 1.27 -8.25
C LEU A 23 -14.39 0.31 -7.10
N ILE A 24 -13.16 0.38 -6.58
CA ILE A 24 -12.76 -0.48 -5.47
C ILE A 24 -13.78 -0.36 -4.34
N ARG A 25 -14.43 0.80 -4.29
CA ARG A 25 -15.43 1.04 -3.27
C ARG A 25 -16.70 0.23 -3.55
N GLU A 26 -16.96 0.05 -4.83
CA GLU A 26 -18.14 -0.70 -5.25
C GLU A 26 -17.73 -2.13 -5.65
N GLN A 27 -16.43 -2.38 -5.62
CA GLN A 27 -15.91 -3.68 -5.99
C GLN A 27 -15.30 -4.35 -4.75
N HIS A 28 -15.02 -3.55 -3.74
CA HIS A 28 -14.45 -4.06 -2.51
C HIS A 28 -14.68 -3.05 -1.38
N PRO A 29 -15.97 -2.90 -1.00
CA PRO A 29 -16.34 -1.98 0.07
C PRO A 29 -15.96 -2.54 1.44
N THR A 30 -15.89 -3.86 1.50
CA THR A 30 -15.53 -4.53 2.75
C THR A 30 -14.02 -4.66 2.87
N LYS A 31 -13.33 -3.94 1.99
CA LYS A 31 -11.87 -3.96 1.99
C LYS A 31 -11.34 -2.52 2.09
N ILE A 32 -10.07 -2.43 2.42
CA ILE A 32 -9.43 -1.13 2.55
C ILE A 32 -8.42 -0.93 1.41
N PRO A 33 -8.73 0.06 0.54
CA PRO A 33 -7.87 0.35 -0.60
C PRO A 33 -6.60 1.08 -0.15
N VAL A 34 -5.48 0.67 -0.73
CA VAL A 34 -4.20 1.27 -0.41
C VAL A 34 -3.34 1.36 -1.68
N ILE A 35 -2.36 2.25 -1.62
CA ILE A 35 -1.46 2.43 -2.76
C ILE A 35 -0.01 2.45 -2.25
N ILE A 36 0.61 1.29 -2.33
CA ILE A 36 2.00 1.16 -1.88
C ILE A 36 2.93 1.52 -3.04
N GLU A 37 3.92 2.33 -2.72
CA GLU A 37 4.89 2.76 -3.72
C GLU A 37 6.31 2.65 -3.16
N ARG A 38 7.27 2.58 -4.08
CA ARG A 38 8.66 2.48 -3.69
C ARG A 38 9.15 3.78 -3.06
N TYR A 39 9.90 3.63 -1.99
CA TYR A 39 10.43 4.79 -1.28
C TYR A 39 11.38 5.59 -2.17
N LYS A 40 11.41 6.89 -1.93
CA LYS A 40 12.26 7.78 -2.70
C LYS A 40 13.72 7.39 -2.46
N GLY A 41 14.25 6.60 -3.38
CA GLY A 41 15.62 6.15 -3.29
C GLY A 41 15.70 4.70 -2.79
N GLU A 42 14.62 3.98 -3.02
CA GLU A 42 14.55 2.58 -2.62
C GLU A 42 15.19 1.68 -3.68
N LYS A 43 16.27 1.03 -3.29
CA LYS A 43 16.98 0.14 -4.19
C LYS A 43 16.94 -1.29 -3.63
N GLN A 44 17.09 -1.38 -2.31
CA GLN A 44 17.08 -2.67 -1.65
C GLN A 44 15.82 -3.45 -2.04
N LEU A 45 14.73 -3.14 -1.36
CA LEU A 45 13.46 -3.80 -1.63
C LEU A 45 13.13 -3.68 -3.12
N PRO A 46 12.60 -4.79 -3.68
CA PRO A 46 12.24 -4.82 -5.09
C PRO A 46 10.94 -4.04 -5.34
N VAL A 47 10.70 -3.76 -6.60
CA VAL A 47 9.50 -3.02 -6.98
C VAL A 47 8.27 -3.92 -6.80
N LEU A 48 7.42 -3.53 -5.87
CA LEU A 48 6.21 -4.28 -5.59
C LEU A 48 5.61 -4.78 -6.90
N ASP A 49 5.02 -5.96 -6.83
CA ASP A 49 4.40 -6.56 -8.01
C ASP A 49 3.34 -5.61 -8.56
N LYS A 50 2.55 -5.05 -7.65
CA LYS A 50 1.51 -4.12 -8.04
C LYS A 50 1.53 -2.92 -7.09
N THR A 51 0.64 -1.97 -7.37
CA THR A 51 0.56 -0.77 -6.56
C THR A 51 -0.79 -0.72 -5.82
N LYS A 52 -1.73 -1.50 -6.32
CA LYS A 52 -3.06 -1.57 -5.73
C LYS A 52 -3.20 -2.88 -4.97
N PHE A 53 -3.72 -2.77 -3.76
CA PHE A 53 -3.92 -3.94 -2.91
C PHE A 53 -5.24 -3.84 -2.15
N LEU A 54 -5.94 -4.97 -2.10
CA LEU A 54 -7.22 -5.02 -1.41
C LEU A 54 -7.05 -5.78 -0.09
N VAL A 55 -6.99 -5.02 0.99
CA VAL A 55 -6.83 -5.61 2.31
C VAL A 55 -8.21 -5.79 2.96
N PRO A 56 -8.35 -6.90 3.72
CA PRO A 56 -9.60 -7.19 4.40
C PRO A 56 -9.79 -6.29 5.62
N ASP A 57 -10.96 -5.68 5.69
CA ASP A 57 -11.28 -4.79 6.80
C ASP A 57 -11.67 -5.63 8.02
N HIS A 58 -10.80 -6.56 8.37
CA HIS A 58 -11.04 -7.43 9.51
C HIS A 58 -9.70 -7.91 10.08
N VAL A 59 -8.66 -7.16 9.78
CA VAL A 59 -7.33 -7.50 10.25
C VAL A 59 -6.62 -6.24 10.74
N ASN A 60 -5.32 -6.37 10.98
CA ASN A 60 -4.53 -5.25 11.44
C ASN A 60 -3.59 -4.78 10.32
N MET A 61 -3.10 -3.57 10.47
CA MET A 61 -2.20 -2.99 9.48
C MET A 61 -0.96 -3.86 9.31
N SER A 62 -0.60 -4.54 10.39
CA SER A 62 0.57 -5.41 10.37
C SER A 62 0.32 -6.59 9.44
N GLU A 63 -0.87 -7.14 9.52
CA GLU A 63 -1.25 -8.27 8.70
C GLU A 63 -0.99 -7.96 7.23
N LEU A 64 -1.17 -6.69 6.88
CA LEU A 64 -0.95 -6.26 5.51
C LEU A 64 0.52 -6.43 5.15
N ILE A 65 1.37 -6.33 6.15
CA ILE A 65 2.80 -6.48 5.95
C ILE A 65 3.13 -7.95 5.74
N LYS A 66 2.60 -8.78 6.62
CA LYS A 66 2.82 -10.21 6.55
C LYS A 66 2.51 -10.70 5.14
N ILE A 67 1.64 -9.95 4.47
CA ILE A 67 1.25 -10.29 3.10
C ILE A 67 2.20 -9.61 2.12
N ILE A 68 2.29 -8.29 2.25
CA ILE A 68 3.15 -7.52 1.39
C ILE A 68 4.48 -8.26 1.19
N ARG A 69 5.03 -8.73 2.31
CA ARG A 69 6.28 -9.46 2.27
C ARG A 69 6.15 -10.71 1.41
N ARG A 70 5.03 -11.40 1.59
CA ARG A 70 4.77 -12.61 0.83
C ARG A 70 4.77 -12.32 -0.67
N ARG A 71 4.46 -11.07 -0.99
CA ARG A 71 4.43 -10.65 -2.38
C ARG A 71 5.84 -10.41 -2.91
N LEU A 72 6.64 -9.74 -2.08
CA LEU A 72 8.01 -9.44 -2.44
C LEU A 72 8.81 -10.75 -2.52
N GLN A 73 8.19 -11.82 -2.05
CA GLN A 73 8.83 -13.12 -2.06
C GLN A 73 10.27 -13.01 -1.57
N LEU A 74 10.43 -12.30 -0.46
CA LEU A 74 11.75 -12.11 0.12
C LEU A 74 12.08 -13.29 1.04
N ASN A 75 13.18 -13.16 1.75
CA ASN A 75 13.61 -14.20 2.66
C ASN A 75 13.60 -13.67 4.09
N ALA A 76 14.09 -14.50 5.01
CA ALA A 76 14.14 -14.11 6.41
C ALA A 76 15.22 -13.04 6.59
N ASN A 77 16.25 -13.14 5.78
CA ASN A 77 17.35 -12.19 5.85
C ASN A 77 16.86 -10.82 5.35
N GLN A 78 16.06 -10.87 4.32
CA GLN A 78 15.51 -9.65 3.74
C GLN A 78 14.67 -8.90 4.77
N ALA A 79 14.76 -7.57 4.71
CA ALA A 79 14.02 -6.73 5.63
C ALA A 79 13.08 -5.82 4.84
N PHE A 80 11.83 -5.78 5.29
CA PHE A 80 10.83 -4.95 4.63
C PHE A 80 10.05 -4.12 5.65
N PHE A 81 10.14 -2.80 5.48
CA PHE A 81 9.46 -1.89 6.38
C PHE A 81 8.43 -1.04 5.62
N LEU A 82 7.18 -1.27 5.95
CA LEU A 82 6.10 -0.54 5.31
C LEU A 82 5.80 0.73 6.11
N LEU A 83 6.15 1.85 5.52
CA LEU A 83 5.94 3.15 6.16
C LEU A 83 4.54 3.65 5.81
N VAL A 84 3.70 3.75 6.82
CA VAL A 84 2.34 4.22 6.64
C VAL A 84 2.33 5.74 6.65
N ASN A 85 2.09 6.31 5.48
CA ASN A 85 2.04 7.76 5.34
C ASN A 85 3.46 8.32 5.47
N GLY A 86 4.42 7.41 5.55
CA GLY A 86 5.81 7.80 5.67
C GLY A 86 6.34 7.47 7.07
N HIS A 87 5.49 6.85 7.87
CA HIS A 87 5.86 6.47 9.22
C HIS A 87 5.68 4.97 9.41
N SER A 88 6.72 4.33 9.93
CA SER A 88 6.68 2.90 10.16
C SER A 88 5.50 2.54 11.08
N MET A 89 5.28 1.25 11.24
CA MET A 89 4.20 0.78 12.08
C MET A 89 4.74 -0.07 13.24
N VAL A 90 5.87 0.38 13.77
CA VAL A 90 6.49 -0.32 14.87
C VAL A 90 5.54 -0.33 16.07
N SER A 91 4.51 0.50 15.98
CA SER A 91 3.52 0.59 17.04
C SER A 91 2.14 0.17 16.51
N VAL A 92 2.18 -0.72 15.53
CA VAL A 92 0.95 -1.21 14.93
C VAL A 92 -0.03 -1.58 16.04
N SER A 93 -0.91 -0.65 16.35
CA SER A 93 -1.91 -0.86 17.39
C SER A 93 -3.29 -0.42 16.90
N THR A 94 -3.42 -0.39 15.57
CA THR A 94 -4.68 0.02 14.97
C THR A 94 -4.97 -0.84 13.72
N PRO A 95 -6.28 -1.12 13.52
CA PRO A 95 -6.70 -1.94 12.39
C PRO A 95 -6.65 -1.12 11.09
N ILE A 96 -6.24 -1.80 10.02
CA ILE A 96 -6.14 -1.15 8.73
C ILE A 96 -7.40 -0.33 8.47
N SER A 97 -8.50 -0.81 9.03
CA SER A 97 -9.78 -0.14 8.87
C SER A 97 -9.68 1.30 9.39
N GLU A 98 -9.08 1.43 10.57
CA GLU A 98 -8.92 2.74 11.18
C GLU A 98 -7.70 3.46 10.58
N VAL A 99 -6.60 2.74 10.52
CA VAL A 99 -5.37 3.30 9.98
C VAL A 99 -5.68 3.97 8.63
N TYR A 100 -6.74 3.49 8.00
CA TYR A 100 -7.14 4.04 6.71
C TYR A 100 -7.94 5.33 6.88
N GLU A 101 -8.94 5.26 7.75
CA GLU A 101 -9.77 6.42 8.02
C GLU A 101 -9.04 7.40 8.94
N SER A 102 -7.86 6.98 9.37
CA SER A 102 -7.06 7.81 10.27
C SER A 102 -5.82 8.33 9.52
N GLU A 103 -5.76 8.00 8.24
CA GLU A 103 -4.64 8.42 7.40
C GLU A 103 -5.14 8.89 6.04
N ARG A 104 -5.90 8.02 5.39
CA ARG A 104 -6.44 8.34 4.07
C ARG A 104 -6.79 9.82 4.00
N ASP A 105 -6.71 10.35 2.78
CA ASP A 105 -7.01 11.75 2.55
C ASP A 105 -8.34 11.87 1.81
N GLU A 106 -8.68 13.10 1.45
CA GLU A 106 -9.91 13.36 0.73
C GLU A 106 -10.08 12.36 -0.43
N ASP A 107 -8.95 12.08 -1.08
CA ASP A 107 -8.96 11.15 -2.20
C ASP A 107 -9.65 9.86 -1.77
N GLY A 108 -9.22 9.33 -0.63
CA GLY A 108 -9.79 8.09 -0.11
C GLY A 108 -8.88 6.91 -0.40
N PHE A 109 -7.62 7.22 -0.71
CA PHE A 109 -6.64 6.19 -1.00
C PHE A 109 -5.48 6.25 -0.01
N LEU A 110 -5.09 5.07 0.47
CA LEU A 110 -4.00 4.98 1.42
C LEU A 110 -2.67 5.09 0.68
N TYR A 111 -1.74 5.80 1.29
CA TYR A 111 -0.43 6.00 0.70
C TYR A 111 0.67 5.60 1.68
N MET A 112 1.33 4.48 1.38
CA MET A 112 2.40 3.99 2.22
C MET A 112 3.65 3.67 1.39
N VAL A 113 4.78 4.08 1.91
CA VAL A 113 6.06 3.85 1.24
C VAL A 113 6.84 2.76 1.98
N TYR A 114 7.32 1.80 1.21
CA TYR A 114 8.08 0.70 1.78
C TYR A 114 9.57 0.85 1.47
N ALA A 115 10.37 0.14 2.26
CA ALA A 115 11.81 0.19 2.08
C ALA A 115 12.47 -0.73 3.10
N SER A 116 13.76 -0.96 2.90
CA SER A 116 14.51 -1.82 3.79
C SER A 116 15.10 -1.00 4.94
N GLN A 117 14.50 0.15 5.18
CA GLN A 117 14.95 1.03 6.24
C GLN A 117 13.76 1.76 6.86
N GLU A 118 13.58 1.52 8.15
CA GLU A 118 12.48 2.14 8.88
C GLU A 118 13.01 3.25 9.80
N THR A 119 14.33 3.34 9.87
CA THR A 119 14.98 4.34 10.69
C THR A 119 16.08 5.05 9.91
N PHE A 120 15.68 5.62 8.78
CA PHE A 120 16.63 6.32 7.92
C PHE A 120 16.48 7.84 8.09
N GLY A 121 15.29 8.25 8.51
CA GLY A 121 15.00 9.65 8.71
C GLY A 121 16.23 10.38 9.26
N MET B 1 -12.68 1.64 -24.46
CA MET B 1 -12.13 1.04 -23.25
C MET B 1 -13.21 0.28 -22.49
N SER B 2 -12.76 -0.46 -21.49
CA SER B 2 -13.68 -1.25 -20.67
C SER B 2 -13.70 -0.68 -19.24
N GLY B 3 -12.53 -0.33 -18.76
CA GLY B 3 -12.39 0.22 -17.41
C GLY B 3 -10.93 0.23 -16.97
N GLY B 4 -10.21 -0.78 -17.40
CA GLY B 4 -8.80 -0.90 -17.05
C GLY B 4 -8.62 -1.50 -15.65
N ASP B 5 -8.79 -0.64 -14.65
CA ASP B 5 -8.66 -1.06 -13.27
C ASP B 5 -9.93 -1.79 -12.84
N ASP B 6 -10.13 -2.97 -13.42
CA ASP B 6 -11.31 -3.77 -13.11
C ASP B 6 -11.28 -4.13 -11.63
N ASP B 7 -10.10 -4.51 -11.16
CA ASP B 7 -9.94 -4.88 -9.77
C ASP B 7 -8.44 -4.95 -9.43
N TRP B 8 -8.13 -4.64 -8.19
CA TRP B 8 -6.74 -4.68 -7.73
C TRP B 8 -6.44 -6.10 -7.26
N THR B 9 -5.49 -6.19 -6.34
CA THR B 9 -5.08 -7.48 -5.80
C THR B 9 -5.82 -7.75 -4.49
N HIS B 10 -5.88 -9.03 -4.13
CA HIS B 10 -6.55 -9.44 -2.91
C HIS B 10 -5.51 -9.91 -1.89
N LEU B 11 -5.61 -9.35 -0.69
CA LEU B 11 -4.68 -9.72 0.37
C LEU B 11 -5.35 -10.76 1.28
N SER B 12 -4.68 -11.88 1.42
CA SER B 12 -5.19 -12.96 2.25
C SER B 12 -4.21 -13.24 3.40
N SER B 13 -4.77 -13.48 4.57
CA SER B 13 -3.98 -13.76 5.75
C SER B 13 -3.93 -15.26 6.00
N LYS B 14 -4.14 -16.02 4.93
CA LYS B 14 -4.12 -17.47 5.03
C LYS B 14 -2.92 -18.01 4.26
N GLU B 15 -2.56 -17.29 3.20
CA GLU B 15 -1.43 -17.69 2.37
C GLU B 15 -0.12 -17.25 3.03
N VAL B 16 -0.25 -16.43 4.07
CA VAL B 16 0.91 -15.94 4.78
C VAL B 16 1.61 -17.12 5.48
N ASP B 17 2.74 -16.80 6.10
CA ASP B 17 3.51 -17.82 6.80
C ASP B 17 3.05 -17.89 8.25
N SER A 1 13.86 18.08 -19.33
CA SER A 1 14.37 16.87 -18.71
C SER A 1 14.30 16.99 -17.19
N MET A 2 13.08 16.88 -16.67
CA MET A 2 12.85 16.96 -15.25
C MET A 2 13.53 15.81 -14.51
N PRO A 3 13.85 16.06 -13.21
CA PRO A 3 14.49 15.05 -12.39
C PRO A 3 13.50 13.97 -11.98
N SER A 4 12.62 14.33 -11.06
CA SER A 4 11.61 13.40 -10.57
C SER A 4 10.29 13.64 -11.28
N GLU A 5 9.57 12.55 -11.51
CA GLU A 5 8.28 12.62 -12.18
C GLU A 5 7.17 12.94 -11.17
N LYS A 6 6.00 13.25 -11.71
CA LYS A 6 4.86 13.57 -10.86
C LYS A 6 4.56 12.39 -9.93
N THR A 7 3.80 12.67 -8.90
CA THR A 7 3.44 11.64 -7.93
C THR A 7 2.03 11.11 -8.21
N PHE A 8 1.84 9.84 -7.88
CA PHE A 8 0.55 9.21 -8.08
C PHE A 8 -0.60 10.16 -7.72
N LYS A 9 -0.31 11.07 -6.80
CA LYS A 9 -1.29 12.03 -6.36
C LYS A 9 -1.38 13.17 -7.38
N GLN A 10 -0.23 13.78 -7.63
CA GLN A 10 -0.17 14.88 -8.58
C GLN A 10 -0.41 14.38 -10.01
N ARG A 11 0.48 13.51 -10.45
CA ARG A 11 0.38 12.94 -11.78
C ARG A 11 -1.08 12.66 -12.13
N ARG A 12 -1.59 11.56 -11.58
CA ARG A 12 -2.97 11.18 -11.81
C ARG A 12 -3.92 12.24 -11.27
N SER A 13 -4.76 12.76 -12.18
CA SER A 13 -5.72 13.78 -11.81
C SER A 13 -6.43 13.38 -10.52
N PHE A 14 -6.19 14.17 -9.48
CA PHE A 14 -6.81 13.91 -8.19
C PHE A 14 -8.24 13.39 -8.35
N GLU A 15 -8.94 13.99 -9.30
CA GLU A 15 -10.32 13.61 -9.57
C GLU A 15 -10.37 12.19 -10.15
N GLN A 16 -9.71 12.02 -11.29
CA GLN A 16 -9.67 10.72 -11.94
C GLN A 16 -9.16 9.66 -10.97
N ARG A 17 -8.49 10.12 -9.94
CA ARG A 17 -7.94 9.22 -8.94
C ARG A 17 -8.99 8.89 -7.87
N VAL A 18 -9.64 9.95 -7.40
CA VAL A 18 -10.67 9.79 -6.38
C VAL A 18 -11.69 8.75 -6.85
N GLU A 19 -11.97 8.80 -8.15
CA GLU A 19 -12.93 7.87 -8.73
C GLU A 19 -12.38 6.44 -8.70
N ASP A 20 -11.11 6.33 -9.10
CA ASP A 20 -10.46 5.03 -9.12
C ASP A 20 -10.83 4.26 -7.86
N VAL A 21 -10.89 4.97 -6.76
CA VAL A 21 -11.23 4.37 -5.48
C VAL A 21 -12.72 4.01 -5.47
N ARG A 22 -13.52 4.97 -5.91
CA ARG A 22 -14.97 4.77 -5.96
C ARG A 22 -15.29 3.38 -6.51
N LEU A 23 -14.37 2.85 -7.32
CA LEU A 23 -14.54 1.55 -7.90
C LEU A 23 -14.40 0.48 -6.81
N ILE A 24 -13.27 0.54 -6.13
CA ILE A 24 -13.00 -0.42 -5.06
C ILE A 24 -14.01 -0.21 -3.93
N ARG A 25 -14.63 0.96 -3.95
CA ARG A 25 -15.62 1.28 -2.93
C ARG A 25 -16.95 0.59 -3.24
N GLU A 26 -17.21 0.45 -4.53
CA GLU A 26 -18.45 -0.18 -4.97
C GLU A 26 -18.18 -1.64 -5.35
N GLN A 27 -16.90 -1.99 -5.40
CA GLN A 27 -16.50 -3.34 -5.74
C GLN A 27 -16.01 -4.08 -4.49
N HIS A 28 -15.08 -3.44 -3.80
CA HIS A 28 -14.51 -4.02 -2.58
C HIS A 28 -14.63 -3.02 -1.43
N PRO A 29 -15.89 -2.86 -0.95
CA PRO A 29 -16.16 -1.95 0.16
C PRO A 29 -15.68 -2.53 1.49
N THR A 30 -15.61 -3.85 1.52
CA THR A 30 -15.17 -4.54 2.72
C THR A 30 -13.64 -4.63 2.76
N LYS A 31 -13.02 -3.88 1.85
CA LYS A 31 -11.57 -3.86 1.77
C LYS A 31 -11.07 -2.42 1.87
N ILE A 32 -9.81 -2.28 2.23
CA ILE A 32 -9.20 -0.97 2.37
C ILE A 32 -8.19 -0.76 1.24
N PRO A 33 -8.41 0.33 0.46
CA PRO A 33 -7.52 0.65 -0.64
C PRO A 33 -6.20 1.24 -0.14
N VAL A 34 -5.12 0.81 -0.77
CA VAL A 34 -3.80 1.28 -0.39
C VAL A 34 -2.92 1.35 -1.64
N ILE A 35 -1.83 2.11 -1.51
CA ILE A 35 -0.90 2.26 -2.62
C ILE A 35 0.54 2.23 -2.08
N ILE A 36 1.12 1.04 -2.13
CA ILE A 36 2.49 0.87 -1.65
C ILE A 36 3.47 1.17 -2.79
N GLU A 37 4.47 1.97 -2.47
CA GLU A 37 5.48 2.33 -3.45
C GLU A 37 6.88 2.19 -2.85
N ARG A 38 7.88 2.33 -3.71
CA ARG A 38 9.26 2.22 -3.29
C ARG A 38 9.73 3.54 -2.67
N TYR A 39 10.47 3.42 -1.59
CA TYR A 39 10.98 4.59 -0.89
C TYR A 39 11.90 5.40 -1.81
N LYS A 40 11.75 6.72 -1.74
CA LYS A 40 12.56 7.61 -2.54
C LYS A 40 14.04 7.36 -2.25
N GLY A 41 14.64 6.52 -3.08
CA GLY A 41 16.05 6.18 -2.93
C GLY A 41 16.21 4.74 -2.47
N GLU A 42 15.17 3.95 -2.69
CA GLU A 42 15.20 2.55 -2.31
C GLU A 42 15.23 1.66 -3.55
N LYS A 43 16.41 1.09 -3.81
CA LYS A 43 16.58 0.22 -4.95
C LYS A 43 16.81 -1.21 -4.47
N GLN A 44 17.42 -1.30 -3.29
CA GLN A 44 17.71 -2.61 -2.72
C GLN A 44 16.52 -3.56 -2.92
N LEU A 45 15.52 -3.40 -2.06
CA LEU A 45 14.33 -4.23 -2.14
C LEU A 45 13.74 -4.14 -3.54
N PRO A 46 13.08 -5.25 -3.97
CA PRO A 46 12.47 -5.30 -5.28
C PRO A 46 11.17 -4.48 -5.32
N VAL A 47 10.69 -4.25 -6.53
CA VAL A 47 9.47 -3.48 -6.71
C VAL A 47 8.26 -4.40 -6.54
N LEU A 48 7.42 -4.04 -5.58
CA LEU A 48 6.23 -4.83 -5.30
C LEU A 48 5.61 -5.29 -6.61
N ASP A 49 5.00 -6.46 -6.57
CA ASP A 49 4.36 -7.02 -7.75
C ASP A 49 3.44 -5.98 -8.37
N LYS A 50 2.65 -5.33 -7.51
CA LYS A 50 1.72 -4.31 -7.96
C LYS A 50 1.77 -3.13 -6.99
N THR A 51 0.87 -2.18 -7.22
CA THR A 51 0.79 -1.00 -6.38
C THR A 51 -0.54 -0.97 -5.63
N LYS A 52 -1.56 -1.49 -6.30
CA LYS A 52 -2.90 -1.52 -5.71
C LYS A 52 -3.09 -2.85 -4.97
N PHE A 53 -3.59 -2.74 -3.75
CA PHE A 53 -3.83 -3.92 -2.94
C PHE A 53 -5.15 -3.79 -2.16
N LEU A 54 -5.90 -4.88 -2.16
CA LEU A 54 -7.17 -4.90 -1.46
C LEU A 54 -7.02 -5.67 -0.13
N VAL A 55 -6.93 -4.90 0.94
CA VAL A 55 -6.79 -5.48 2.27
C VAL A 55 -8.16 -5.65 2.91
N PRO A 56 -8.32 -6.76 3.68
CA PRO A 56 -9.57 -7.05 4.35
C PRO A 56 -9.75 -6.14 5.57
N ASP A 57 -10.88 -5.45 5.59
CA ASP A 57 -11.20 -4.56 6.69
C ASP A 57 -11.76 -5.36 7.87
N HIS A 58 -11.03 -6.40 8.23
CA HIS A 58 -11.44 -7.26 9.33
C HIS A 58 -10.20 -7.82 10.04
N VAL A 59 -9.09 -7.14 9.84
CA VAL A 59 -7.84 -7.55 10.45
C VAL A 59 -7.10 -6.30 10.95
N ASN A 60 -5.80 -6.48 11.18
CA ASN A 60 -4.97 -5.39 11.66
C ASN A 60 -3.90 -5.07 10.61
N MET A 61 -3.50 -3.80 10.58
CA MET A 61 -2.50 -3.35 9.63
C MET A 61 -1.30 -4.30 9.61
N SER A 62 -1.10 -4.98 10.74
CA SER A 62 0.01 -5.91 10.87
C SER A 62 -0.08 -6.96 9.75
N GLU A 63 -1.29 -7.41 9.49
CA GLU A 63 -1.51 -8.41 8.45
C GLU A 63 -0.95 -7.92 7.11
N LEU A 64 -1.43 -6.76 6.71
CA LEU A 64 -1.00 -6.16 5.46
C LEU A 64 0.50 -6.42 5.27
N ILE A 65 1.24 -6.28 6.36
CA ILE A 65 2.68 -6.50 6.33
C ILE A 65 2.97 -7.92 5.84
N LYS A 66 2.45 -8.88 6.60
CA LYS A 66 2.63 -10.28 6.25
C LYS A 66 2.22 -10.51 4.80
N ILE A 67 1.39 -9.60 4.30
CA ILE A 67 0.92 -9.69 2.93
C ILE A 67 1.97 -9.10 1.99
N ILE A 68 2.63 -8.06 2.48
CA ILE A 68 3.67 -7.39 1.68
C ILE A 68 4.87 -8.33 1.55
N ARG A 69 5.55 -8.54 2.66
CA ARG A 69 6.72 -9.40 2.67
C ARG A 69 6.47 -10.65 1.81
N ARG A 70 5.21 -11.02 1.73
CA ARG A 70 4.82 -12.18 0.95
C ARG A 70 5.06 -11.92 -0.54
N ARG A 71 4.63 -10.74 -0.99
CA ARG A 71 4.81 -10.37 -2.38
C ARG A 71 6.29 -10.36 -2.76
N LEU A 72 7.07 -9.68 -1.93
CA LEU A 72 8.50 -9.58 -2.16
C LEU A 72 9.12 -10.98 -2.11
N GLN A 73 8.42 -11.86 -1.41
CA GLN A 73 8.89 -13.23 -1.26
C GLN A 73 10.38 -13.26 -0.93
N LEU A 74 10.76 -12.35 -0.03
CA LEU A 74 12.16 -12.26 0.39
C LEU A 74 12.48 -13.43 1.31
N ASN A 75 13.62 -13.31 1.99
CA ASN A 75 14.06 -14.35 2.90
C ASN A 75 14.14 -13.77 4.32
N ALA A 76 14.64 -14.60 5.22
CA ALA A 76 14.77 -14.18 6.61
C ALA A 76 16.01 -13.29 6.75
N ASN A 77 16.84 -13.33 5.73
CA ASN A 77 18.06 -12.54 5.72
C ASN A 77 17.73 -11.12 5.24
N GLN A 78 16.60 -11.01 4.56
CA GLN A 78 16.16 -9.72 4.04
C GLN A 78 15.26 -9.02 5.06
N ALA A 79 15.52 -7.73 5.25
CA ALA A 79 14.75 -6.94 6.19
C ALA A 79 13.75 -6.07 5.42
N PHE A 80 12.49 -6.14 5.84
CA PHE A 80 11.45 -5.38 5.20
C PHE A 80 10.61 -4.62 6.24
N PHE A 81 10.35 -3.35 5.94
CA PHE A 81 9.56 -2.52 6.83
C PHE A 81 8.66 -1.58 6.04
N LEU A 82 7.38 -1.62 6.36
CA LEU A 82 6.40 -0.78 5.69
C LEU A 82 6.22 0.52 6.49
N LEU A 83 6.50 1.63 5.83
CA LEU A 83 6.37 2.93 6.47
C LEU A 83 5.02 3.54 6.10
N VAL A 84 4.13 3.53 7.07
CA VAL A 84 2.79 4.08 6.86
C VAL A 84 2.88 5.60 6.83
N ASN A 85 2.71 6.15 5.63
CA ASN A 85 2.76 7.60 5.45
C ASN A 85 4.20 8.08 5.68
N GLY A 86 5.10 7.12 5.80
CA GLY A 86 6.50 7.43 6.02
C GLY A 86 6.90 7.13 7.47
N HIS A 87 5.97 6.54 8.20
CA HIS A 87 6.23 6.20 9.59
C HIS A 87 5.95 4.71 9.81
N SER A 88 6.82 4.09 10.59
CA SER A 88 6.66 2.68 10.89
C SER A 88 5.30 2.41 11.54
N MET A 89 4.95 1.14 11.61
CA MET A 89 3.68 0.74 12.19
C MET A 89 3.90 -0.26 13.34
N VAL A 90 5.12 -0.29 13.83
CA VAL A 90 5.47 -1.20 14.91
C VAL A 90 4.40 -1.09 16.01
N SER A 91 3.75 0.06 16.05
CA SER A 91 2.70 0.29 17.03
C SER A 91 1.32 0.14 16.39
N VAL A 92 1.22 -0.84 15.51
CA VAL A 92 -0.03 -1.10 14.81
C VAL A 92 -1.19 -0.91 15.79
N SER A 93 -1.46 -1.96 16.55
CA SER A 93 -2.55 -1.92 17.52
C SER A 93 -3.74 -1.15 16.95
N THR A 94 -3.87 -1.22 15.63
CA THR A 94 -4.96 -0.54 14.94
C THR A 94 -5.30 -1.26 13.65
N PRO A 95 -6.63 -1.34 13.38
CA PRO A 95 -7.12 -2.00 12.18
C PRO A 95 -6.88 -1.13 10.94
N ILE A 96 -6.43 -1.77 9.88
CA ILE A 96 -6.16 -1.07 8.64
C ILE A 96 -7.31 -0.12 8.33
N SER A 97 -8.50 -0.53 8.75
CA SER A 97 -9.69 0.28 8.53
C SER A 97 -9.52 1.65 9.16
N GLU A 98 -9.00 1.64 10.38
CA GLU A 98 -8.77 2.89 11.11
C GLU A 98 -7.51 3.59 10.59
N VAL A 99 -6.44 2.83 10.53
CA VAL A 99 -5.17 3.35 10.05
C VAL A 99 -5.39 4.07 8.72
N TYR A 100 -6.31 3.53 7.93
CA TYR A 100 -6.62 4.11 6.63
C TYR A 100 -7.54 5.32 6.79
N GLU A 101 -8.48 5.20 7.72
CA GLU A 101 -9.41 6.28 7.97
C GLU A 101 -8.74 7.40 8.78
N SER A 102 -7.50 7.15 9.14
CA SER A 102 -6.74 8.12 9.90
C SER A 102 -5.50 8.56 9.11
N GLU A 103 -5.43 8.08 7.88
CA GLU A 103 -4.31 8.40 7.01
C GLU A 103 -4.82 8.80 5.62
N ARG A 104 -5.64 7.93 5.06
CA ARG A 104 -6.20 8.18 3.74
C ARG A 104 -6.46 9.67 3.55
N ASP A 105 -6.28 10.12 2.31
CA ASP A 105 -6.49 11.51 1.97
C ASP A 105 -7.84 11.67 1.29
N GLU A 106 -8.11 12.89 0.83
CA GLU A 106 -9.36 13.18 0.16
C GLU A 106 -9.66 12.11 -0.89
N ASP A 107 -8.63 11.76 -1.64
CA ASP A 107 -8.76 10.76 -2.68
C ASP A 107 -9.35 9.48 -2.08
N GLY A 108 -8.78 9.08 -0.95
CA GLY A 108 -9.25 7.88 -0.26
C GLY A 108 -8.23 6.75 -0.41
N PHE A 109 -7.07 7.10 -0.94
CA PHE A 109 -6.01 6.12 -1.14
C PHE A 109 -4.97 6.21 -0.03
N LEU A 110 -4.42 5.06 0.32
CA LEU A 110 -3.41 4.99 1.36
C LEU A 110 -2.02 5.02 0.73
N TYR A 111 -1.16 5.85 1.30
CA TYR A 111 0.20 5.99 0.80
C TYR A 111 1.21 5.47 1.83
N MET A 112 1.86 4.37 1.47
CA MET A 112 2.85 3.77 2.35
C MET A 112 4.13 3.42 1.57
N VAL A 113 5.26 3.83 2.13
CA VAL A 113 6.53 3.57 1.51
C VAL A 113 7.23 2.42 2.25
N TYR A 114 7.67 1.43 1.47
CA TYR A 114 8.35 0.28 2.03
C TYR A 114 9.83 0.30 1.69
N ALA A 115 10.62 -0.29 2.58
CA ALA A 115 12.06 -0.35 2.38
C ALA A 115 12.68 -1.28 3.44
N SER A 116 13.99 -1.44 3.34
CA SER A 116 14.71 -2.29 4.27
C SER A 116 15.19 -1.47 5.47
N GLN A 117 14.40 -0.46 5.81
CA GLN A 117 14.74 0.41 6.93
C GLN A 117 13.47 0.95 7.59
N GLU A 118 13.44 0.86 8.91
CA GLU A 118 12.30 1.32 9.66
C GLU A 118 12.72 2.45 10.63
N THR A 119 14.02 2.67 10.68
CA THR A 119 14.56 3.70 11.55
C THR A 119 15.63 4.51 10.81
N PHE A 120 15.61 4.40 9.49
CA PHE A 120 16.57 5.11 8.67
C PHE A 120 16.87 6.50 9.25
N GLY A 121 15.81 7.21 9.54
CA GLY A 121 15.94 8.55 10.09
C GLY A 121 14.57 9.23 10.21
N MET B 1 -5.31 -8.57 -17.30
CA MET B 1 -6.56 -8.78 -18.00
C MET B 1 -7.73 -8.16 -17.23
N SER B 2 -7.96 -6.88 -17.48
CA SER B 2 -9.04 -6.16 -16.81
C SER B 2 -9.25 -4.81 -17.49
N GLY B 3 -10.46 -4.29 -17.32
CA GLY B 3 -10.81 -3.01 -17.91
C GLY B 3 -9.83 -1.92 -17.48
N GLY B 4 -9.10 -2.21 -16.40
CA GLY B 4 -8.12 -1.27 -15.88
C GLY B 4 -8.08 -1.32 -14.35
N ASP B 5 -8.14 -0.14 -13.76
CA ASP B 5 -8.11 -0.03 -12.31
C ASP B 5 -9.49 -0.38 -11.75
N ASP B 6 -9.91 -1.60 -12.04
CA ASP B 6 -11.21 -2.07 -11.57
C ASP B 6 -11.01 -2.97 -10.34
N ASP B 7 -10.33 -4.09 -10.57
CA ASP B 7 -10.07 -5.04 -9.51
C ASP B 7 -8.56 -5.08 -9.24
N TRP B 8 -8.19 -4.52 -8.10
CA TRP B 8 -6.79 -4.49 -7.70
C TRP B 8 -6.39 -5.90 -7.26
N THR B 9 -5.43 -5.95 -6.34
CA THR B 9 -4.95 -7.22 -5.83
C THR B 9 -5.71 -7.59 -4.55
N HIS B 10 -5.62 -8.86 -4.20
CA HIS B 10 -6.28 -9.36 -3.00
C HIS B 10 -5.24 -9.75 -1.95
N LEU B 11 -5.44 -9.25 -0.75
CA LEU B 11 -4.53 -9.52 0.35
C LEU B 11 -5.15 -10.57 1.28
N SER B 12 -4.59 -11.77 1.23
CA SER B 12 -5.08 -12.86 2.05
C SER B 12 -4.05 -13.20 3.13
N SER B 13 -4.55 -13.32 4.36
CA SER B 13 -3.68 -13.64 5.48
C SER B 13 -3.66 -15.16 5.70
N LYS B 14 -4.12 -15.88 4.69
CA LYS B 14 -4.16 -17.33 4.76
C LYS B 14 -2.98 -17.91 3.97
N GLU B 15 -2.54 -17.14 2.99
CA GLU B 15 -1.43 -17.55 2.15
C GLU B 15 -0.11 -16.96 2.68
N VAL B 16 -0.24 -16.18 3.75
CA VAL B 16 0.92 -15.55 4.35
C VAL B 16 1.77 -16.61 5.06
N ASP B 17 2.81 -16.14 5.72
CA ASP B 17 3.70 -17.04 6.43
C ASP B 17 3.16 -17.26 7.85
N SER A 1 14.13 11.43 -17.18
CA SER A 1 15.52 11.79 -16.94
C SER A 1 15.61 12.86 -15.87
N MET A 2 14.74 12.75 -14.88
CA MET A 2 14.71 13.71 -13.78
C MET A 2 15.12 13.04 -12.47
N PRO A 3 15.66 13.88 -11.54
CA PRO A 3 16.09 13.39 -10.25
C PRO A 3 14.90 13.09 -9.34
N SER A 4 14.42 14.14 -8.69
CA SER A 4 13.28 14.00 -7.80
C SER A 4 11.99 13.86 -8.61
N GLU A 5 11.31 12.75 -8.38
CA GLU A 5 10.05 12.48 -9.07
C GLU A 5 8.92 12.28 -8.08
N LYS A 6 7.85 13.05 -8.28
CA LYS A 6 6.70 12.96 -7.40
C LYS A 6 6.27 11.50 -7.27
N THR A 7 5.24 11.29 -6.46
CA THR A 7 4.72 9.95 -6.24
C THR A 7 3.31 9.82 -6.81
N PHE A 8 2.93 8.58 -7.08
CA PHE A 8 1.61 8.31 -7.64
C PHE A 8 0.55 9.21 -6.98
N LYS A 9 0.68 9.36 -5.67
CA LYS A 9 -0.25 10.18 -4.91
C LYS A 9 -0.27 11.59 -5.50
N GLN A 10 0.92 12.11 -5.76
CA GLN A 10 1.05 13.45 -6.32
C GLN A 10 0.99 13.38 -7.84
N ARG A 11 2.00 12.76 -8.43
CA ARG A 11 2.07 12.63 -9.88
C ARG A 11 0.68 12.36 -10.45
N ARG A 12 0.30 11.09 -10.41
CA ARG A 12 -1.00 10.69 -10.92
C ARG A 12 -2.07 11.71 -10.53
N SER A 13 -2.85 12.12 -11.52
CA SER A 13 -3.91 13.08 -11.29
C SER A 13 -4.79 12.63 -10.12
N PHE A 14 -4.97 13.54 -9.18
CA PHE A 14 -5.79 13.25 -8.01
C PHE A 14 -7.11 12.60 -8.41
N GLU A 15 -7.91 13.37 -9.14
CA GLU A 15 -9.20 12.89 -9.59
C GLU A 15 -9.04 11.55 -10.31
N GLN A 16 -7.83 11.29 -10.75
CA GLN A 16 -7.53 10.06 -11.46
C GLN A 16 -7.22 8.94 -10.46
N ARG A 17 -6.67 9.33 -9.32
CA ARG A 17 -6.32 8.38 -8.28
C ARG A 17 -7.49 8.20 -7.31
N VAL A 18 -8.40 9.17 -7.35
CA VAL A 18 -9.58 9.12 -6.49
C VAL A 18 -10.64 8.23 -7.12
N GLU A 19 -10.75 8.33 -8.44
CA GLU A 19 -11.72 7.54 -9.17
C GLU A 19 -11.38 6.06 -9.07
N ASP A 20 -10.11 5.78 -8.81
CA ASP A 20 -9.65 4.42 -8.69
C ASP A 20 -10.31 3.77 -7.47
N VAL A 21 -10.04 4.35 -6.31
CA VAL A 21 -10.60 3.84 -5.06
C VAL A 21 -12.11 3.67 -5.22
N ARG A 22 -12.72 4.69 -5.82
CA ARG A 22 -14.17 4.67 -6.04
C ARG A 22 -14.60 3.28 -6.55
N LEU A 23 -13.72 2.67 -7.33
CA LEU A 23 -14.00 1.36 -7.88
C LEU A 23 -14.12 0.34 -6.75
N ILE A 24 -12.99 0.14 -6.07
CA ILE A 24 -12.96 -0.79 -4.95
C ILE A 24 -14.03 -0.41 -3.93
N ARG A 25 -14.41 0.85 -3.98
CA ARG A 25 -15.42 1.36 -3.06
C ARG A 25 -16.80 0.82 -3.43
N GLU A 26 -16.97 0.57 -4.73
CA GLU A 26 -18.24 0.06 -5.23
C GLU A 26 -18.14 -1.45 -5.47
N GLN A 27 -16.91 -1.92 -5.55
CA GLN A 27 -16.66 -3.34 -5.77
C GLN A 27 -16.37 -4.04 -4.44
N HIS A 28 -15.36 -3.51 -3.75
CA HIS A 28 -14.96 -4.07 -2.47
C HIS A 28 -15.17 -3.03 -1.37
N PRO A 29 -16.45 -2.92 -0.93
CA PRO A 29 -16.79 -1.97 0.13
C PRO A 29 -16.33 -2.46 1.49
N THR A 30 -16.31 -3.78 1.63
CA THR A 30 -15.89 -4.39 2.87
C THR A 30 -14.38 -4.65 2.87
N LYS A 31 -13.67 -3.81 2.12
CA LYS A 31 -12.23 -3.93 2.02
C LYS A 31 -11.60 -2.53 2.13
N ILE A 32 -10.37 -2.52 2.62
CA ILE A 32 -9.65 -1.27 2.78
C ILE A 32 -8.68 -1.08 1.61
N PRO A 33 -8.99 -0.07 0.76
CA PRO A 33 -8.16 0.21 -0.40
C PRO A 33 -6.87 0.92 0.01
N VAL A 34 -5.77 0.43 -0.55
CA VAL A 34 -4.47 1.00 -0.24
C VAL A 34 -3.63 1.03 -1.52
N ILE A 35 -2.65 1.93 -1.53
CA ILE A 35 -1.77 2.08 -2.68
C ILE A 35 -0.31 2.12 -2.19
N ILE A 36 0.35 0.99 -2.30
CA ILE A 36 1.74 0.89 -1.89
C ILE A 36 2.65 1.16 -3.08
N GLU A 37 3.58 2.07 -2.88
CA GLU A 37 4.52 2.42 -3.94
C GLU A 37 5.96 2.28 -3.44
N ARG A 38 6.90 2.41 -4.36
CA ARG A 38 8.30 2.31 -4.03
C ARG A 38 8.81 3.63 -3.45
N TYR A 39 9.59 3.50 -2.38
CA TYR A 39 10.14 4.67 -1.71
C TYR A 39 11.12 5.41 -2.63
N LYS A 40 11.11 6.73 -2.50
CA LYS A 40 11.99 7.56 -3.30
C LYS A 40 13.44 7.33 -2.87
N GLY A 41 14.13 6.47 -3.60
CA GLY A 41 15.52 6.16 -3.31
C GLY A 41 15.66 4.72 -2.83
N GLU A 42 14.64 3.93 -3.11
CA GLU A 42 14.65 2.53 -2.72
C GLU A 42 14.80 1.63 -3.96
N LYS A 43 15.99 1.06 -4.08
CA LYS A 43 16.30 0.18 -5.20
C LYS A 43 16.53 -1.23 -4.69
N GLN A 44 17.14 -1.31 -3.51
CA GLN A 44 17.44 -2.59 -2.90
C GLN A 44 16.28 -3.56 -3.13
N LEU A 45 15.20 -3.32 -2.40
CA LEU A 45 14.01 -4.16 -2.50
C LEU A 45 13.50 -4.12 -3.94
N PRO A 46 12.87 -5.25 -4.36
CA PRO A 46 12.33 -5.35 -5.71
C PRO A 46 11.03 -4.55 -5.84
N VAL A 47 10.60 -4.36 -7.07
CA VAL A 47 9.38 -3.62 -7.35
C VAL A 47 8.18 -4.52 -7.09
N LEU A 48 7.18 -3.95 -6.43
CA LEU A 48 5.96 -4.69 -6.11
C LEU A 48 5.29 -5.12 -7.41
N ASP A 49 4.56 -6.22 -7.33
CA ASP A 49 3.86 -6.76 -8.48
C ASP A 49 2.74 -5.80 -8.88
N LYS A 50 2.11 -5.22 -7.87
CA LYS A 50 1.03 -4.28 -8.10
C LYS A 50 1.31 -2.98 -7.34
N THR A 51 0.31 -2.12 -7.31
CA THR A 51 0.43 -0.85 -6.62
C THR A 51 -0.64 -0.71 -5.55
N LYS A 52 -1.83 -1.20 -5.88
CA LYS A 52 -2.95 -1.13 -4.94
C LYS A 52 -3.21 -2.53 -4.38
N PHE A 53 -3.71 -2.56 -3.16
CA PHE A 53 -4.01 -3.82 -2.50
C PHE A 53 -5.32 -3.73 -1.71
N LEU A 54 -6.05 -4.84 -1.69
CA LEU A 54 -7.31 -4.89 -0.98
C LEU A 54 -7.12 -5.63 0.35
N VAL A 55 -7.08 -4.85 1.42
CA VAL A 55 -6.91 -5.41 2.74
C VAL A 55 -8.27 -5.73 3.35
N PRO A 56 -8.33 -6.86 4.10
CA PRO A 56 -9.57 -7.28 4.73
C PRO A 56 -9.87 -6.42 5.96
N ASP A 57 -11.07 -5.87 5.99
CA ASP A 57 -11.49 -5.04 7.09
C ASP A 57 -11.83 -5.92 8.30
N HIS A 58 -10.84 -6.67 8.73
CA HIS A 58 -11.01 -7.57 9.87
C HIS A 58 -9.64 -8.03 10.37
N VAL A 59 -8.65 -7.16 10.19
CA VAL A 59 -7.31 -7.47 10.62
C VAL A 59 -6.60 -6.19 11.05
N ASN A 60 -5.29 -6.26 11.11
CA ASN A 60 -4.49 -5.11 11.51
C ASN A 60 -3.64 -4.64 10.33
N MET A 61 -3.13 -3.43 10.45
CA MET A 61 -2.30 -2.86 9.39
C MET A 61 -1.08 -3.74 9.12
N SER A 62 -0.65 -4.44 10.15
CA SER A 62 0.50 -5.32 10.04
C SER A 62 0.28 -6.33 8.91
N GLU A 63 -0.91 -6.92 8.91
CA GLU A 63 -1.26 -7.89 7.88
C GLU A 63 -0.81 -7.40 6.50
N LEU A 64 -1.25 -6.20 6.16
CA LEU A 64 -0.90 -5.61 4.89
C LEU A 64 0.57 -5.92 4.57
N ILE A 65 1.40 -5.77 5.59
CA ILE A 65 2.82 -6.03 5.43
C ILE A 65 3.04 -7.52 5.21
N LYS A 66 2.39 -8.31 6.05
CA LYS A 66 2.50 -9.76 5.97
C LYS A 66 2.22 -10.21 4.53
N ILE A 67 1.46 -9.37 3.83
CA ILE A 67 1.10 -9.67 2.45
C ILE A 67 2.17 -9.09 1.52
N ILE A 68 2.64 -7.90 1.87
CA ILE A 68 3.65 -7.22 1.08
C ILE A 68 4.90 -8.11 1.00
N ARG A 69 5.53 -8.28 2.16
CA ARG A 69 6.73 -9.10 2.23
C ARG A 69 6.52 -10.43 1.51
N ARG A 70 5.27 -10.86 1.47
CA ARG A 70 4.92 -12.10 0.82
C ARG A 70 4.99 -11.95 -0.70
N ARG A 71 4.60 -10.76 -1.15
CA ARG A 71 4.62 -10.47 -2.58
C ARG A 71 6.06 -10.32 -3.08
N LEU A 72 6.85 -9.63 -2.27
CA LEU A 72 8.24 -9.41 -2.61
C LEU A 72 9.03 -10.70 -2.43
N GLN A 73 8.34 -11.71 -1.90
CA GLN A 73 8.95 -13.00 -1.66
C GLN A 73 10.32 -12.83 -1.00
N LEU A 74 10.37 -11.90 -0.05
CA LEU A 74 11.60 -11.62 0.66
C LEU A 74 11.90 -12.77 1.61
N ASN A 75 13.08 -12.71 2.21
CA ASN A 75 13.50 -13.75 3.15
C ASN A 75 13.81 -13.11 4.50
N ALA A 76 14.29 -13.94 5.42
CA ALA A 76 14.62 -13.48 6.75
C ALA A 76 15.90 -12.66 6.70
N ASN A 77 16.58 -12.76 5.57
CA ASN A 77 17.83 -12.04 5.37
C ASN A 77 17.53 -10.64 4.84
N GLN A 78 16.40 -10.53 4.15
CA GLN A 78 15.99 -9.26 3.58
C GLN A 78 15.16 -8.47 4.61
N ALA A 79 15.38 -7.15 4.61
CA ALA A 79 14.68 -6.28 5.53
C ALA A 79 13.68 -5.42 4.75
N PHE A 80 12.57 -5.12 5.39
CA PHE A 80 11.54 -4.32 4.77
C PHE A 80 10.66 -3.64 5.83
N PHE A 81 10.22 -2.43 5.51
CA PHE A 81 9.38 -1.66 6.43
C PHE A 81 8.33 -0.86 5.65
N LEU A 82 7.08 -1.11 5.99
CA LEU A 82 5.97 -0.41 5.34
C LEU A 82 5.72 0.90 6.06
N LEU A 83 6.06 1.99 5.38
CA LEU A 83 5.87 3.32 5.94
C LEU A 83 4.47 3.82 5.59
N VAL A 84 3.62 3.86 6.61
CA VAL A 84 2.25 4.31 6.43
C VAL A 84 2.24 5.84 6.36
N ASN A 85 1.93 6.34 5.16
CA ASN A 85 1.87 7.78 4.95
C ASN A 85 3.28 8.36 5.09
N GLY A 86 4.26 7.47 5.14
CA GLY A 86 5.64 7.88 5.28
C GLY A 86 6.14 7.70 6.70
N HIS A 87 5.32 7.03 7.50
CA HIS A 87 5.66 6.78 8.88
C HIS A 87 5.49 5.29 9.20
N SER A 88 6.46 4.76 9.93
CA SER A 88 6.43 3.36 10.30
C SER A 88 5.15 3.04 11.08
N MET A 89 4.93 1.75 11.29
CA MET A 89 3.74 1.31 12.02
C MET A 89 4.12 0.63 13.33
N VAL A 90 5.33 0.92 13.78
CA VAL A 90 5.84 0.35 15.02
C VAL A 90 4.71 0.36 16.06
N SER A 91 4.50 -0.81 16.66
CA SER A 91 3.47 -0.94 17.68
C SER A 91 2.08 -0.92 17.02
N VAL A 92 2.00 -1.57 15.86
CA VAL A 92 0.75 -1.63 15.13
C VAL A 92 -0.41 -1.82 16.11
N SER A 93 -1.05 -0.71 16.45
CA SER A 93 -2.16 -0.75 17.38
C SER A 93 -3.43 -0.20 16.71
N THR A 94 -3.33 -0.05 15.39
CA THR A 94 -4.45 0.47 14.62
C THR A 94 -4.76 -0.48 13.45
N PRO A 95 -6.06 -0.86 13.35
CA PRO A 95 -6.50 -1.75 12.29
C PRO A 95 -6.57 -1.00 10.95
N ILE A 96 -6.22 -1.72 9.89
CA ILE A 96 -6.25 -1.15 8.56
C ILE A 96 -7.55 -0.37 8.36
N SER A 97 -8.57 -0.80 9.11
CA SER A 97 -9.87 -0.16 9.03
C SER A 97 -9.77 1.29 9.51
N GLU A 98 -9.08 1.46 10.62
CA GLU A 98 -8.89 2.78 11.20
C GLU A 98 -7.74 3.51 10.50
N VAL A 99 -6.62 2.82 10.40
CA VAL A 99 -5.44 3.39 9.77
C VAL A 99 -5.84 4.01 8.42
N TYR A 100 -6.93 3.48 7.86
CA TYR A 100 -7.42 3.97 6.59
C TYR A 100 -8.22 5.26 6.77
N GLU A 101 -9.16 5.21 7.71
CA GLU A 101 -9.99 6.36 8.00
C GLU A 101 -9.22 7.38 8.85
N SER A 102 -8.02 7.00 9.22
CA SER A 102 -7.18 7.86 10.04
C SER A 102 -5.96 8.33 9.24
N GLU A 103 -5.97 7.96 7.96
CA GLU A 103 -4.88 8.34 7.08
C GLU A 103 -5.43 8.76 5.71
N ARG A 104 -6.26 7.90 5.14
CA ARG A 104 -6.85 8.18 3.85
C ARG A 104 -7.14 9.67 3.70
N ASP A 105 -7.11 10.13 2.46
CA ASP A 105 -7.36 11.53 2.18
C ASP A 105 -8.61 11.66 1.31
N GLU A 106 -8.89 12.88 0.88
CA GLU A 106 -10.05 13.14 0.06
C GLU A 106 -10.28 11.99 -0.92
N ASP A 107 -9.25 11.70 -1.71
CA ASP A 107 -9.33 10.63 -2.68
C ASP A 107 -9.96 9.40 -2.03
N GLY A 108 -9.45 9.06 -0.85
CA GLY A 108 -9.95 7.92 -0.12
C GLY A 108 -9.00 6.71 -0.24
N PHE A 109 -7.92 6.94 -1.00
CA PHE A 109 -6.93 5.89 -1.20
C PHE A 109 -5.77 6.04 -0.22
N LEU A 110 -5.36 4.91 0.35
CA LEU A 110 -4.27 4.90 1.31
C LEU A 110 -2.94 4.98 0.54
N TYR A 111 -2.05 5.81 1.06
CA TYR A 111 -0.74 5.98 0.44
C TYR A 111 0.38 5.65 1.42
N MET A 112 1.10 4.58 1.11
CA MET A 112 2.19 4.15 1.95
C MET A 112 3.41 3.75 1.11
N VAL A 113 4.58 4.08 1.64
CA VAL A 113 5.83 3.78 0.95
C VAL A 113 6.57 2.69 1.71
N TYR A 114 7.17 1.79 0.96
CA TYR A 114 7.93 0.70 1.54
C TYR A 114 9.40 0.75 1.14
N ALA A 115 10.25 0.21 2.00
CA ALA A 115 11.68 0.18 1.73
C ALA A 115 12.38 -0.64 2.80
N SER A 116 13.69 -0.77 2.65
CA SER A 116 14.48 -1.54 3.60
C SER A 116 14.99 -0.62 4.72
N GLN A 117 14.18 0.40 5.01
CA GLN A 117 14.54 1.35 6.05
C GLN A 117 13.28 1.91 6.70
N GLU A 118 13.26 1.88 8.02
CA GLU A 118 12.12 2.38 8.77
C GLU A 118 12.51 3.63 9.55
N THR A 119 13.81 3.88 9.61
CA THR A 119 14.33 5.05 10.30
C THR A 119 15.30 5.82 9.41
N PHE A 120 14.73 6.64 8.55
CA PHE A 120 15.54 7.45 7.63
C PHE A 120 15.42 8.93 7.97
N GLY A 121 14.28 9.30 8.52
CA GLY A 121 14.04 10.69 8.89
C GLY A 121 15.30 11.33 9.46
N MET B 1 -2.15 3.68 -21.93
CA MET B 1 -3.19 2.67 -22.10
C MET B 1 -4.37 2.92 -21.16
N SER B 2 -5.50 2.33 -21.50
CA SER B 2 -6.70 2.49 -20.71
C SER B 2 -7.42 1.14 -20.58
N GLY B 3 -8.45 1.14 -19.75
CA GLY B 3 -9.24 -0.06 -19.53
C GLY B 3 -9.66 -0.19 -18.06
N GLY B 4 -8.65 -0.16 -17.20
CA GLY B 4 -8.90 -0.27 -15.77
C GLY B 4 -8.74 -1.72 -15.30
N ASP B 5 -8.19 -1.85 -14.10
CA ASP B 5 -7.97 -3.17 -13.51
C ASP B 5 -9.31 -3.74 -13.04
N ASP B 6 -10.26 -2.84 -12.82
CA ASP B 6 -11.58 -3.23 -12.36
C ASP B 6 -11.44 -4.23 -11.22
N ASP B 7 -10.34 -4.11 -10.50
CA ASP B 7 -10.07 -4.99 -9.37
C ASP B 7 -8.56 -5.04 -9.12
N TRP B 8 -8.20 -4.80 -7.87
CA TRP B 8 -6.81 -4.82 -7.47
C TRP B 8 -6.48 -6.21 -6.93
N THR B 9 -5.47 -6.26 -6.07
CA THR B 9 -5.05 -7.51 -5.48
C THR B 9 -5.81 -7.77 -4.18
N HIS B 10 -6.06 -9.05 -3.92
CA HIS B 10 -6.78 -9.45 -2.71
C HIS B 10 -5.80 -10.08 -1.72
N LEU B 11 -5.63 -9.41 -0.59
CA LEU B 11 -4.73 -9.90 0.44
C LEU B 11 -5.43 -11.02 1.22
N SER B 12 -4.89 -12.23 1.06
CA SER B 12 -5.45 -13.39 1.75
C SER B 12 -5.16 -13.29 3.25
N SER B 13 -3.88 -13.35 3.57
CA SER B 13 -3.46 -13.28 4.96
C SER B 13 -3.46 -14.67 5.58
N LYS B 14 -4.02 -15.62 4.84
CA LYS B 14 -4.09 -16.99 5.30
C LYS B 14 -2.89 -17.77 4.76
N GLU B 15 -2.41 -17.32 3.61
CA GLU B 15 -1.26 -17.97 2.98
C GLU B 15 0.04 -17.32 3.47
N VAL B 16 -0.12 -16.25 4.22
CA VAL B 16 1.04 -15.53 4.75
C VAL B 16 1.80 -16.44 5.73
N ASP B 17 2.92 -15.94 6.21
CA ASP B 17 3.74 -16.69 7.15
C ASP B 17 3.10 -16.63 8.54
N SER A 1 12.96 9.26 -22.33
CA SER A 1 14.24 9.95 -22.36
C SER A 1 14.39 10.84 -21.13
N MET A 2 13.24 11.19 -20.55
CA MET A 2 13.23 12.04 -19.38
C MET A 2 14.12 11.46 -18.27
N PRO A 3 14.64 12.38 -17.41
CA PRO A 3 15.50 11.97 -16.31
C PRO A 3 14.69 11.31 -15.19
N SER A 4 14.07 12.16 -14.39
CA SER A 4 13.25 11.68 -13.28
C SER A 4 11.77 11.71 -13.66
N GLU A 5 10.94 11.33 -12.70
CA GLU A 5 9.50 11.31 -12.91
C GLU A 5 8.78 11.85 -11.69
N LYS A 6 7.46 11.91 -11.80
CA LYS A 6 6.63 12.39 -10.71
C LYS A 6 6.28 11.23 -9.78
N THR A 7 5.62 11.57 -8.68
CA THR A 7 5.21 10.56 -7.71
C THR A 7 3.74 10.20 -7.90
N PHE A 8 3.43 8.96 -7.57
CA PHE A 8 2.06 8.47 -7.70
C PHE A 8 1.06 9.57 -7.37
N LYS A 9 1.45 10.42 -6.43
CA LYS A 9 0.59 11.51 -6.01
C LYS A 9 0.45 12.52 -7.16
N GLN A 10 1.60 12.97 -7.65
CA GLN A 10 1.62 13.93 -8.74
C GLN A 10 1.23 13.25 -10.05
N ARG A 11 1.97 12.20 -10.39
CA ARG A 11 1.71 11.46 -11.61
C ARG A 11 0.20 11.40 -11.88
N ARG A 12 -0.48 10.63 -11.06
CA ARG A 12 -1.92 10.47 -11.20
C ARG A 12 -2.65 11.70 -10.64
N SER A 13 -3.63 12.17 -11.40
CA SER A 13 -4.40 13.33 -10.99
C SER A 13 -5.38 12.95 -9.90
N PHE A 14 -5.27 13.64 -8.76
CA PHE A 14 -6.14 13.38 -7.63
C PHE A 14 -7.56 13.06 -8.10
N GLU A 15 -8.18 14.04 -8.74
CA GLU A 15 -9.53 13.88 -9.25
C GLU A 15 -9.71 12.49 -9.86
N GLN A 16 -8.67 12.06 -10.57
CA GLN A 16 -8.69 10.76 -11.21
C GLN A 16 -8.51 9.64 -10.18
N ARG A 17 -7.63 9.89 -9.22
CA ARG A 17 -7.36 8.93 -8.18
C ARG A 17 -8.61 8.73 -7.31
N VAL A 18 -9.43 9.77 -7.26
CA VAL A 18 -10.65 9.73 -6.48
C VAL A 18 -11.70 8.90 -7.22
N GLU A 19 -11.65 8.97 -8.54
CA GLU A 19 -12.58 8.24 -9.38
C GLU A 19 -12.16 6.77 -9.47
N ASP A 20 -10.85 6.56 -9.50
CA ASP A 20 -10.31 5.21 -9.58
C ASP A 20 -10.80 4.40 -8.40
N VAL A 21 -10.59 4.94 -7.21
CA VAL A 21 -11.01 4.28 -5.99
C VAL A 21 -12.52 3.99 -6.06
N ARG A 22 -13.25 4.96 -6.57
CA ARG A 22 -14.69 4.84 -6.69
C ARG A 22 -15.05 3.42 -7.15
N LEU A 23 -14.20 2.86 -7.98
CA LEU A 23 -14.41 1.52 -8.49
C LEU A 23 -14.32 0.51 -7.34
N ILE A 24 -13.23 0.63 -6.60
CA ILE A 24 -13.00 -0.26 -5.47
C ILE A 24 -14.07 0.00 -4.40
N ARG A 25 -14.61 1.21 -4.44
CA ARG A 25 -15.63 1.59 -3.48
C ARG A 25 -16.95 0.85 -3.77
N GLU A 26 -17.17 0.60 -5.05
CA GLU A 26 -18.37 -0.10 -5.48
C GLU A 26 -18.07 -1.59 -5.69
N GLN A 27 -16.79 -1.89 -5.85
CA GLN A 27 -16.37 -3.25 -6.05
C GLN A 27 -16.05 -3.92 -4.72
N HIS A 28 -15.11 -3.32 -4.00
CA HIS A 28 -14.70 -3.85 -2.70
C HIS A 28 -14.94 -2.79 -1.63
N PRO A 29 -16.24 -2.69 -1.21
CA PRO A 29 -16.62 -1.71 -0.19
C PRO A 29 -16.17 -2.18 1.19
N THR A 30 -16.15 -3.50 1.37
CA THR A 30 -15.75 -4.08 2.64
C THR A 30 -14.24 -4.33 2.65
N LYS A 31 -13.53 -3.48 1.92
CA LYS A 31 -12.08 -3.60 1.84
C LYS A 31 -11.45 -2.21 1.98
N ILE A 32 -10.25 -2.19 2.54
CA ILE A 32 -9.53 -0.94 2.73
C ILE A 32 -8.53 -0.76 1.59
N PRO A 33 -8.80 0.27 0.75
CA PRO A 33 -7.93 0.56 -0.38
C PRO A 33 -6.63 1.24 0.09
N VAL A 34 -5.53 0.83 -0.52
CA VAL A 34 -4.23 1.38 -0.18
C VAL A 34 -3.36 1.43 -1.42
N ILE A 35 -2.32 2.25 -1.34
CA ILE A 35 -1.39 2.39 -2.46
C ILE A 35 0.04 2.23 -1.96
N ILE A 36 0.59 1.05 -2.20
CA ILE A 36 1.95 0.75 -1.78
C ILE A 36 2.93 1.22 -2.86
N GLU A 37 3.79 2.15 -2.45
CA GLU A 37 4.78 2.68 -3.37
C GLU A 37 6.19 2.54 -2.78
N ARG A 38 7.16 2.50 -3.67
CA ARG A 38 8.55 2.36 -3.25
C ARG A 38 9.04 3.67 -2.61
N TYR A 39 9.78 3.51 -1.51
CA TYR A 39 10.31 4.65 -0.80
C TYR A 39 11.26 5.45 -1.69
N LYS A 40 11.25 6.76 -1.50
CA LYS A 40 12.11 7.65 -2.26
C LYS A 40 13.57 7.26 -2.03
N GLY A 41 14.10 6.49 -2.96
CA GLY A 41 15.49 6.04 -2.88
C GLY A 41 15.56 4.54 -2.67
N GLU A 42 14.42 3.89 -2.87
CA GLU A 42 14.34 2.44 -2.71
C GLU A 42 14.76 1.74 -4.00
N LYS A 43 15.97 1.19 -3.98
CA LYS A 43 16.49 0.49 -5.14
C LYS A 43 16.60 -1.00 -4.81
N GLN A 44 16.82 -1.29 -3.54
CA GLN A 44 16.94 -2.67 -3.09
C GLN A 44 15.65 -3.43 -3.36
N LEU A 45 14.64 -3.15 -2.54
CA LEU A 45 13.35 -3.80 -2.69
C LEU A 45 12.85 -3.61 -4.12
N PRO A 46 12.04 -4.61 -4.58
CA PRO A 46 11.49 -4.57 -5.93
C PRO A 46 10.34 -3.56 -6.01
N VAL A 47 9.78 -3.44 -7.21
CA VAL A 47 8.68 -2.52 -7.44
C VAL A 47 7.36 -3.22 -7.12
N LEU A 48 7.46 -4.29 -6.34
CA LEU A 48 6.29 -5.06 -5.96
C LEU A 48 5.59 -5.57 -7.22
N ASP A 49 4.84 -6.65 -7.04
CA ASP A 49 4.12 -7.25 -8.15
C ASP A 49 2.89 -6.39 -8.47
N LYS A 50 2.64 -5.41 -7.61
CA LYS A 50 1.52 -4.52 -7.79
C LYS A 50 1.63 -3.35 -6.80
N THR A 51 0.93 -2.28 -7.13
CA THR A 51 0.94 -1.10 -6.28
C THR A 51 -0.38 -0.98 -5.51
N LYS A 52 -1.42 -1.54 -6.10
CA LYS A 52 -2.73 -1.52 -5.48
C LYS A 52 -2.94 -2.77 -4.64
N PHE A 53 -3.52 -2.59 -3.47
CA PHE A 53 -3.78 -3.70 -2.57
C PHE A 53 -5.13 -3.56 -1.89
N LEU A 54 -5.75 -4.71 -1.62
CA LEU A 54 -7.05 -4.72 -0.98
C LEU A 54 -6.95 -5.46 0.36
N VAL A 55 -6.95 -4.68 1.43
CA VAL A 55 -6.85 -5.24 2.76
C VAL A 55 -8.26 -5.48 3.32
N PRO A 56 -8.40 -6.61 4.05
CA PRO A 56 -9.68 -6.97 4.63
C PRO A 56 -10.00 -6.09 5.85
N ASP A 57 -11.24 -5.64 5.92
CA ASP A 57 -11.68 -4.80 7.02
C ASP A 57 -12.08 -5.68 8.20
N HIS A 58 -11.19 -6.60 8.54
CA HIS A 58 -11.44 -7.52 9.64
C HIS A 58 -10.11 -8.02 10.19
N VAL A 59 -9.08 -7.21 10.02
CA VAL A 59 -7.75 -7.57 10.50
C VAL A 59 -7.05 -6.31 11.02
N ASN A 60 -5.73 -6.40 11.09
CA ASN A 60 -4.93 -5.29 11.58
C ASN A 60 -3.93 -4.88 10.50
N MET A 61 -3.45 -3.65 10.61
CA MET A 61 -2.49 -3.12 9.65
C MET A 61 -1.28 -4.04 9.55
N SER A 62 -1.08 -4.83 10.59
CA SER A 62 0.04 -5.75 10.64
C SER A 62 -0.08 -6.78 9.51
N GLU A 63 -1.32 -7.07 9.15
CA GLU A 63 -1.59 -8.03 8.09
C GLU A 63 -0.94 -7.58 6.79
N LEU A 64 -1.37 -6.42 6.32
CA LEU A 64 -0.84 -5.86 5.08
C LEU A 64 0.68 -6.01 5.08
N ILE A 65 1.26 -6.01 6.27
CA ILE A 65 2.69 -6.15 6.41
C ILE A 65 3.09 -7.61 6.13
N LYS A 66 2.46 -8.52 6.85
CA LYS A 66 2.73 -9.93 6.69
C LYS A 66 2.46 -10.33 5.23
N ILE A 67 1.57 -9.57 4.60
CA ILE A 67 1.22 -9.84 3.21
C ILE A 67 2.32 -9.31 2.30
N ILE A 68 2.55 -8.01 2.38
CA ILE A 68 3.56 -7.37 1.57
C ILE A 68 4.83 -8.23 1.57
N ARG A 69 5.38 -8.41 2.76
CA ARG A 69 6.59 -9.21 2.91
C ARG A 69 6.42 -10.56 2.22
N ARG A 70 5.23 -11.12 2.38
CA ARG A 70 4.92 -12.41 1.78
C ARG A 70 4.90 -12.30 0.25
N ARG A 71 4.52 -11.12 -0.22
CA ARG A 71 4.44 -10.87 -1.65
C ARG A 71 5.86 -10.75 -2.23
N LEU A 72 6.75 -10.20 -1.43
CA LEU A 72 8.13 -10.02 -1.85
C LEU A 72 8.89 -11.33 -1.66
N GLN A 73 8.33 -12.19 -0.81
CA GLN A 73 8.93 -13.48 -0.53
C GLN A 73 10.45 -13.33 -0.41
N LEU A 74 10.86 -12.30 0.32
CA LEU A 74 12.28 -12.04 0.53
C LEU A 74 12.83 -13.02 1.55
N ASN A 75 14.13 -12.93 1.77
CA ASN A 75 14.79 -13.79 2.73
C ASN A 75 15.27 -12.97 3.93
N ALA A 76 15.65 -13.68 4.98
CA ALA A 76 16.11 -13.02 6.19
C ALA A 76 17.17 -11.98 5.82
N ASN A 77 18.06 -12.38 4.93
CA ASN A 77 19.13 -11.50 4.48
C ASN A 77 18.53 -10.15 4.06
N GLN A 78 17.35 -10.24 3.47
CA GLN A 78 16.66 -9.04 3.00
C GLN A 78 15.78 -8.48 4.12
N ALA A 79 15.80 -7.15 4.24
CA ALA A 79 15.01 -6.48 5.26
C ALA A 79 13.86 -5.72 4.59
N PHE A 80 12.70 -5.80 5.21
CA PHE A 80 11.53 -5.12 4.69
C PHE A 80 10.83 -4.30 5.78
N PHE A 81 10.60 -3.04 5.47
CA PHE A 81 9.93 -2.15 6.41
C PHE A 81 8.85 -1.32 5.73
N LEU A 82 7.62 -1.56 6.16
CA LEU A 82 6.48 -0.85 5.59
C LEU A 82 6.24 0.44 6.39
N LEU A 83 6.26 1.55 5.69
CA LEU A 83 6.03 2.84 6.31
C LEU A 83 4.65 3.36 5.94
N VAL A 84 3.81 3.49 6.96
CA VAL A 84 2.46 3.97 6.75
C VAL A 84 2.45 5.50 6.75
N ASN A 85 2.23 6.05 5.57
CA ASN A 85 2.19 7.50 5.42
C ASN A 85 3.62 8.05 5.53
N GLY A 86 4.57 7.13 5.51
CA GLY A 86 5.98 7.51 5.60
C GLY A 86 6.53 7.23 7.00
N HIS A 87 5.68 6.62 7.82
CA HIS A 87 6.08 6.29 9.18
C HIS A 87 5.82 4.80 9.45
N SER A 88 6.83 4.15 10.00
CA SER A 88 6.73 2.73 10.29
C SER A 88 5.56 2.47 11.23
N MET A 89 5.27 1.20 11.45
CA MET A 89 4.18 0.81 12.33
C MET A 89 4.69 0.11 13.58
N VAL A 90 5.78 0.64 14.11
CA VAL A 90 6.38 0.08 15.31
C VAL A 90 5.28 -0.40 16.26
N SER A 91 4.16 0.30 16.21
CA SER A 91 3.03 -0.04 17.05
C SER A 91 1.78 -0.27 16.20
N VAL A 92 1.46 -1.55 16.01
CA VAL A 92 0.31 -1.92 15.21
C VAL A 92 -0.79 -2.44 16.13
N SER A 93 -1.61 -1.52 16.61
CA SER A 93 -2.71 -1.88 17.50
C SER A 93 -4.02 -1.32 16.96
N THR A 94 -4.00 -0.98 15.68
CA THR A 94 -5.18 -0.44 15.04
C THR A 94 -5.51 -1.21 13.76
N PRO A 95 -6.83 -1.35 13.49
CA PRO A 95 -7.29 -2.08 12.31
C PRO A 95 -7.07 -1.25 11.04
N ILE A 96 -6.62 -1.92 10.00
CA ILE A 96 -6.37 -1.26 8.72
C ILE A 96 -7.57 -0.38 8.37
N SER A 97 -8.73 -0.75 8.91
CA SER A 97 -9.95 -0.01 8.66
C SER A 97 -9.84 1.40 9.25
N GLU A 98 -9.29 1.45 10.46
CA GLU A 98 -9.12 2.73 11.14
C GLU A 98 -7.87 3.44 10.62
N VAL A 99 -6.76 2.73 10.70
CA VAL A 99 -5.49 3.28 10.24
C VAL A 99 -5.69 4.01 8.91
N TYR A 100 -6.65 3.51 8.15
CA TYR A 100 -6.95 4.10 6.86
C TYR A 100 -7.86 5.32 7.02
N GLU A 101 -8.88 5.16 7.84
CA GLU A 101 -9.82 6.24 8.09
C GLU A 101 -9.17 7.33 8.95
N SER A 102 -7.94 7.06 9.37
CA SER A 102 -7.20 7.99 10.19
C SER A 102 -6.00 8.54 9.41
N GLU A 103 -5.79 7.96 8.23
CA GLU A 103 -4.68 8.37 7.38
C GLU A 103 -5.20 8.76 6.00
N ARG A 104 -5.88 7.82 5.37
CA ARG A 104 -6.42 8.04 4.04
C ARG A 104 -6.93 9.48 3.91
N ASP A 105 -6.89 9.98 2.69
CA ASP A 105 -7.34 11.33 2.42
C ASP A 105 -8.73 11.29 1.78
N GLU A 106 -9.25 12.47 1.47
CA GLU A 106 -10.56 12.58 0.86
C GLU A 106 -10.67 11.62 -0.34
N ASP A 107 -9.60 11.58 -1.12
CA ASP A 107 -9.56 10.72 -2.29
C ASP A 107 -10.11 9.34 -1.91
N GLY A 108 -9.65 8.84 -0.78
CA GLY A 108 -10.08 7.53 -0.30
C GLY A 108 -9.01 6.48 -0.57
N PHE A 109 -7.83 6.94 -0.90
CA PHE A 109 -6.72 6.05 -1.18
C PHE A 109 -5.60 6.22 -0.16
N LEU A 110 -5.16 5.09 0.38
CA LEU A 110 -4.09 5.10 1.37
C LEU A 110 -2.73 5.16 0.66
N TYR A 111 -1.83 5.93 1.25
CA TYR A 111 -0.50 6.08 0.69
C TYR A 111 0.57 5.56 1.66
N MET A 112 1.21 4.48 1.24
CA MET A 112 2.25 3.88 2.06
C MET A 112 3.56 3.76 1.28
N VAL A 113 4.65 3.77 2.02
CA VAL A 113 5.97 3.67 1.42
C VAL A 113 6.76 2.55 2.11
N TYR A 114 7.28 1.64 1.30
CA TYR A 114 8.06 0.54 1.83
C TYR A 114 9.51 0.60 1.34
N ALA A 115 10.39 0.00 2.12
CA ALA A 115 11.81 -0.01 1.78
C ALA A 115 12.53 -0.99 2.71
N SER A 116 13.84 -1.10 2.49
CA SER A 116 14.66 -1.99 3.29
C SER A 116 15.14 -1.27 4.55
N GLN A 117 14.38 -0.25 4.94
CA GLN A 117 14.72 0.53 6.12
C GLN A 117 13.45 1.06 6.78
N GLU A 118 13.53 1.21 8.09
CA GLU A 118 12.39 1.71 8.85
C GLU A 118 12.80 2.95 9.65
N THR A 119 14.07 3.31 9.53
CA THR A 119 14.59 4.47 10.23
C THR A 119 15.48 5.30 9.30
N PHE A 120 14.84 6.21 8.59
CA PHE A 120 15.57 7.07 7.67
C PHE A 120 15.47 8.53 8.09
N GLY A 121 14.34 8.87 8.70
CA GLY A 121 14.12 10.23 9.16
C GLY A 121 12.62 10.50 9.32
N MET B 1 1.32 -8.74 -17.13
CA MET B 1 0.13 -9.33 -16.55
C MET B 1 -0.63 -8.31 -15.71
N SER B 2 -0.97 -7.19 -16.34
CA SER B 2 -1.69 -6.14 -15.67
C SER B 2 -2.92 -5.73 -16.51
N GLY B 3 -3.65 -6.74 -16.95
CA GLY B 3 -4.84 -6.51 -17.76
C GLY B 3 -5.99 -5.99 -16.89
N GLY B 4 -6.28 -4.71 -17.04
CA GLY B 4 -7.34 -4.08 -16.28
C GLY B 4 -6.98 -4.00 -14.79
N ASP B 5 -7.51 -2.97 -14.15
CA ASP B 5 -7.25 -2.76 -12.74
C ASP B 5 -8.58 -2.68 -11.99
N ASP B 6 -9.64 -3.06 -12.69
CA ASP B 6 -10.98 -3.03 -12.10
C ASP B 6 -10.93 -3.68 -10.72
N ASP B 7 -10.01 -4.61 -10.57
CA ASP B 7 -9.86 -5.31 -9.30
C ASP B 7 -8.38 -5.34 -8.92
N TRP B 8 -8.06 -4.63 -7.85
CA TRP B 8 -6.69 -4.58 -7.37
C TRP B 8 -6.28 -5.99 -6.95
N THR B 9 -5.34 -6.04 -6.01
CA THR B 9 -4.85 -7.32 -5.52
C THR B 9 -5.75 -7.83 -4.39
N HIS B 10 -5.28 -8.89 -3.75
CA HIS B 10 -6.03 -9.49 -2.65
C HIS B 10 -5.06 -9.86 -1.52
N LEU B 11 -5.25 -9.21 -0.39
CA LEU B 11 -4.41 -9.46 0.77
C LEU B 11 -5.03 -10.57 1.61
N SER B 12 -4.53 -11.78 1.40
CA SER B 12 -5.02 -12.94 2.13
C SER B 12 -4.10 -13.24 3.31
N SER B 13 -4.69 -13.22 4.50
CA SER B 13 -3.93 -13.50 5.71
C SER B 13 -3.72 -15.00 5.86
N LYS B 14 -4.25 -15.75 4.90
CA LYS B 14 -4.12 -17.19 4.92
C LYS B 14 -2.89 -17.60 4.11
N GLU B 15 -2.55 -16.75 3.15
CA GLU B 15 -1.39 -17.01 2.31
C GLU B 15 -0.10 -16.61 3.03
N VAL B 16 -0.27 -16.08 4.23
CA VAL B 16 0.86 -15.65 5.02
C VAL B 16 1.47 -16.87 5.73
N ASP B 17 2.54 -16.61 6.46
CA ASP B 17 3.22 -17.67 7.19
C ASP B 17 2.28 -18.24 8.25
#